data_2JR0
#
_entry.id   2JR0
#
_entity_poly.entity_id   1
_entity_poly.type   'polypeptide(L)'
_entity_poly.pdbx_seq_one_letter_code
;MRYRKGARDTAFLVLYRWDLRGENPGELFKEVVEEKNIKNKDAYEYAKKLVDTAVRHIEEIDSIIEKHLKGWSIDRLGYV
ERNALRLGVAELIFLKSKEPGRVFIDIVDLVKKYADEKAGKFVNGVLSAIYKAYITSSKEEKPSLKSE
;
_entity_poly.pdbx_strand_id   A
#
# COMPACT_ATOMS: atom_id res chain seq x y z
N MET A 1 7.81 -6.85 -22.55
CA MET A 1 7.10 -5.76 -21.84
C MET A 1 6.98 -6.10 -20.35
N ARG A 2 7.27 -5.12 -19.50
CA ARG A 2 7.19 -5.34 -18.06
C ARG A 2 5.74 -5.35 -17.60
N TYR A 3 5.04 -6.44 -17.89
CA TYR A 3 3.64 -6.58 -17.50
C TYR A 3 3.48 -6.43 -15.99
N ARG A 4 4.46 -6.95 -15.25
CA ARG A 4 4.41 -6.87 -13.79
C ARG A 4 4.29 -5.42 -13.33
N LYS A 5 4.89 -4.52 -14.09
CA LYS A 5 4.83 -3.09 -13.75
C LYS A 5 3.38 -2.62 -13.67
N GLY A 6 2.57 -3.09 -14.60
CA GLY A 6 1.16 -2.70 -14.63
C GLY A 6 0.38 -3.38 -13.50
N ALA A 7 0.66 -4.66 -13.27
CA ALA A 7 -0.02 -5.41 -12.22
C ALA A 7 0.17 -4.73 -10.87
N ARG A 8 1.33 -4.11 -10.68
CA ARG A 8 1.63 -3.45 -9.41
C ARG A 8 0.87 -2.13 -9.28
N ASP A 9 0.86 -1.35 -10.36
CA ASP A 9 0.17 -0.07 -10.36
C ASP A 9 -1.33 -0.25 -10.07
N THR A 10 -1.93 -1.25 -10.70
CA THR A 10 -3.35 -1.53 -10.54
C THR A 10 -3.69 -1.87 -9.09
N ALA A 11 -2.68 -2.28 -8.32
CA ALA A 11 -2.90 -2.65 -6.92
C ALA A 11 -3.64 -1.56 -6.17
N PHE A 12 -3.20 -0.33 -6.37
CA PHE A 12 -3.81 0.80 -5.66
C PHE A 12 -5.31 0.91 -5.96
N LEU A 13 -5.67 0.82 -7.23
CA LEU A 13 -7.07 0.94 -7.62
C LEU A 13 -7.93 -0.06 -6.85
N VAL A 14 -7.41 -1.27 -6.62
CA VAL A 14 -8.19 -2.26 -5.89
C VAL A 14 -8.48 -1.75 -4.49
N LEU A 15 -7.45 -1.22 -3.86
CA LEU A 15 -7.57 -0.68 -2.53
C LEU A 15 -8.49 0.53 -2.57
N TYR A 16 -8.45 1.26 -3.68
CA TYR A 16 -9.31 2.42 -3.82
C TYR A 16 -10.78 2.00 -3.81
N ARG A 17 -11.04 0.84 -4.38
CA ARG A 17 -12.40 0.32 -4.45
C ARG A 17 -12.93 0.04 -3.04
N TRP A 18 -12.03 -0.35 -2.14
CA TRP A 18 -12.44 -0.66 -0.77
C TRP A 18 -13.01 0.59 -0.10
N ASP A 19 -12.50 1.74 -0.48
CA ASP A 19 -12.97 3.00 0.10
C ASP A 19 -14.42 3.27 -0.29
N LEU A 20 -14.79 2.85 -1.50
CA LEU A 20 -16.15 3.06 -1.99
C LEU A 20 -17.05 1.88 -1.66
N ARG A 21 -16.56 0.67 -1.91
CA ARG A 21 -17.34 -0.54 -1.65
C ARG A 21 -16.96 -1.18 -0.32
N GLY A 22 -15.66 -1.32 -0.07
CA GLY A 22 -15.19 -1.92 1.17
C GLY A 22 -15.61 -3.38 1.24
N GLU A 23 -15.44 -4.11 0.14
CA GLU A 23 -15.81 -5.52 0.11
C GLU A 23 -14.69 -6.37 -0.51
N ASN A 24 -14.85 -7.69 -0.46
CA ASN A 24 -13.86 -8.62 -1.01
C ASN A 24 -13.16 -8.03 -2.23
N PRO A 25 -12.00 -7.45 -2.06
CA PRO A 25 -11.22 -6.84 -3.19
C PRO A 25 -11.04 -7.81 -4.36
N GLY A 26 -11.25 -9.10 -4.09
CA GLY A 26 -11.09 -10.11 -5.14
C GLY A 26 -12.17 -9.98 -6.20
N GLU A 27 -13.43 -9.85 -5.77
CA GLU A 27 -14.54 -9.72 -6.69
C GLU A 27 -14.48 -8.36 -7.40
N LEU A 28 -14.22 -7.33 -6.62
CA LEU A 28 -14.13 -5.97 -7.15
C LEU A 28 -13.12 -5.88 -8.28
N PHE A 29 -11.99 -6.54 -8.10
CA PHE A 29 -10.94 -6.52 -9.11
C PHE A 29 -11.51 -7.00 -10.44
N LYS A 30 -12.36 -8.02 -10.38
CA LYS A 30 -12.97 -8.58 -11.58
C LYS A 30 -13.74 -7.51 -12.36
N GLU A 31 -14.32 -6.57 -11.63
CA GLU A 31 -15.11 -5.50 -12.26
C GLU A 31 -14.26 -4.56 -13.13
N VAL A 32 -13.09 -4.18 -12.63
CA VAL A 32 -12.22 -3.25 -13.36
C VAL A 32 -11.53 -3.91 -14.55
N VAL A 33 -11.00 -5.11 -14.34
CA VAL A 33 -10.31 -5.80 -15.42
C VAL A 33 -11.16 -5.74 -16.68
N GLU A 34 -12.46 -5.81 -16.48
CA GLU A 34 -13.40 -5.75 -17.59
C GLU A 34 -13.25 -4.45 -18.36
N GLU A 35 -13.23 -3.34 -17.64
CA GLU A 35 -13.09 -2.03 -18.27
C GLU A 35 -11.66 -1.80 -18.76
N LYS A 36 -10.70 -2.14 -17.92
CA LYS A 36 -9.29 -1.96 -18.29
C LYS A 36 -8.79 -3.15 -19.09
N ASN A 37 -8.40 -2.89 -20.34
CA ASN A 37 -7.91 -3.93 -21.22
C ASN A 37 -6.61 -4.53 -20.70
N ILE A 38 -6.60 -4.88 -19.42
CA ILE A 38 -5.40 -5.48 -18.83
C ILE A 38 -4.81 -6.52 -19.76
N LYS A 39 -5.68 -7.28 -20.42
CA LYS A 39 -5.27 -8.32 -21.34
C LYS A 39 -4.37 -9.34 -20.65
N ASN A 40 -3.08 -9.04 -20.56
CA ASN A 40 -2.13 -9.94 -19.92
C ASN A 40 -2.71 -10.49 -18.63
N LYS A 41 -3.42 -11.61 -18.72
CA LYS A 41 -4.03 -12.24 -17.55
C LYS A 41 -2.98 -12.45 -16.46
N ASP A 42 -1.76 -12.74 -16.89
CA ASP A 42 -0.67 -12.94 -15.94
C ASP A 42 -0.58 -11.74 -15.02
N ALA A 43 -0.74 -10.58 -15.62
CA ALA A 43 -0.68 -9.32 -14.91
C ALA A 43 -1.85 -9.15 -13.95
N TYR A 44 -3.05 -9.42 -14.46
CA TYR A 44 -4.25 -9.28 -13.64
C TYR A 44 -4.18 -10.19 -12.41
N GLU A 45 -3.72 -11.42 -12.62
CA GLU A 45 -3.61 -12.35 -11.51
C GLU A 45 -2.50 -11.89 -10.58
N TYR A 46 -1.37 -11.55 -11.17
CA TYR A 46 -0.24 -11.08 -10.40
C TYR A 46 -0.64 -9.86 -9.59
N ALA A 47 -1.47 -9.01 -10.21
CA ALA A 47 -1.94 -7.80 -9.57
C ALA A 47 -2.77 -8.12 -8.33
N LYS A 48 -3.60 -9.14 -8.44
CA LYS A 48 -4.45 -9.52 -7.34
C LYS A 48 -3.61 -9.84 -6.12
N LYS A 49 -2.64 -10.71 -6.31
CA LYS A 49 -1.75 -11.08 -5.22
C LYS A 49 -1.07 -9.85 -4.64
N LEU A 50 -0.70 -8.92 -5.51
CA LEU A 50 -0.02 -7.72 -5.06
C LEU A 50 -0.88 -6.95 -4.07
N VAL A 51 -2.16 -6.80 -4.36
CA VAL A 51 -3.04 -6.08 -3.47
C VAL A 51 -3.24 -6.85 -2.17
N ASP A 52 -3.24 -8.18 -2.27
CA ASP A 52 -3.44 -8.99 -1.09
C ASP A 52 -2.34 -8.75 -0.07
N THR A 53 -1.18 -8.36 -0.55
CA THR A 53 -0.06 -8.07 0.32
C THR A 53 -0.49 -6.97 1.28
N ALA A 54 -1.35 -6.13 0.77
CA ALA A 54 -1.89 -5.02 1.53
C ALA A 54 -2.99 -5.48 2.48
N VAL A 55 -3.79 -6.42 2.00
CA VAL A 55 -4.92 -6.93 2.77
C VAL A 55 -4.49 -7.92 3.85
N ARG A 56 -3.26 -8.40 3.78
CA ARG A 56 -2.78 -9.35 4.78
C ARG A 56 -3.06 -8.86 6.19
N HIS A 57 -3.39 -7.57 6.31
CA HIS A 57 -3.68 -6.98 7.62
C HIS A 57 -4.08 -5.51 7.46
N ILE A 58 -4.72 -5.20 6.35
CA ILE A 58 -5.15 -3.84 6.03
C ILE A 58 -5.42 -2.98 7.26
N GLU A 59 -6.30 -3.42 8.15
CA GLU A 59 -6.63 -2.62 9.32
C GLU A 59 -5.39 -2.34 10.14
N GLU A 60 -4.64 -3.39 10.42
CA GLU A 60 -3.40 -3.23 11.18
C GLU A 60 -2.49 -2.24 10.48
N ILE A 61 -2.48 -2.28 9.15
CA ILE A 61 -1.64 -1.38 8.39
C ILE A 61 -2.00 0.06 8.71
N ASP A 62 -3.30 0.36 8.71
CA ASP A 62 -3.73 1.71 9.03
C ASP A 62 -3.17 2.07 10.39
N SER A 63 -3.30 1.13 11.32
CA SER A 63 -2.78 1.31 12.66
C SER A 63 -1.28 1.58 12.59
N ILE A 64 -0.60 0.79 11.78
CA ILE A 64 0.84 0.92 11.60
C ILE A 64 1.16 2.33 11.10
N ILE A 65 0.32 2.85 10.23
CA ILE A 65 0.50 4.21 9.72
C ILE A 65 0.19 5.23 10.81
N GLU A 66 -0.84 4.94 11.59
CA GLU A 66 -1.28 5.84 12.64
C GLU A 66 -0.22 6.09 13.70
N LYS A 67 0.54 5.05 14.05
CA LYS A 67 1.55 5.18 15.08
C LYS A 67 2.55 6.28 14.73
N HIS A 68 2.75 6.53 13.45
CA HIS A 68 3.70 7.56 13.01
C HIS A 68 2.99 8.84 12.59
N LEU A 69 1.69 8.76 12.29
CA LEU A 69 0.95 9.95 11.87
C LEU A 69 1.05 11.05 12.93
N LYS A 70 1.78 10.78 14.01
CA LYS A 70 1.95 11.75 15.07
C LYS A 70 0.60 12.23 15.59
N GLY A 71 -0.45 11.47 15.28
CA GLY A 71 -1.81 11.83 15.71
C GLY A 71 -2.70 12.09 14.50
N TRP A 72 -2.10 12.62 13.43
CA TRP A 72 -2.86 12.92 12.22
C TRP A 72 -3.65 11.69 11.76
N SER A 73 -4.39 11.86 10.67
CA SER A 73 -5.19 10.78 10.12
C SER A 73 -4.73 10.46 8.70
N ILE A 74 -4.57 9.18 8.40
CA ILE A 74 -4.14 8.77 7.07
C ILE A 74 -5.09 9.32 6.02
N ASP A 75 -6.32 9.58 6.43
CA ASP A 75 -7.31 10.13 5.53
C ASP A 75 -6.85 11.50 5.03
N ARG A 76 -5.99 12.14 5.82
CA ARG A 76 -5.47 13.46 5.47
C ARG A 76 -6.49 14.25 4.65
N LEU A 77 -6.31 14.25 3.33
CA LEU A 77 -7.21 14.96 2.43
C LEU A 77 -7.46 14.14 1.18
N GLY A 78 -6.41 13.97 0.37
CA GLY A 78 -6.53 13.19 -0.86
C GLY A 78 -7.05 11.79 -0.57
N TYR A 79 -8.02 11.35 -1.36
CA TYR A 79 -8.61 10.03 -1.18
C TYR A 79 -7.66 8.92 -1.64
N VAL A 80 -7.14 9.05 -2.86
CA VAL A 80 -6.25 8.04 -3.41
C VAL A 80 -5.14 7.72 -2.43
N GLU A 81 -4.49 8.76 -1.94
CA GLU A 81 -3.39 8.58 -1.00
C GLU A 81 -3.76 7.62 0.11
N ARG A 82 -4.91 7.85 0.73
CA ARG A 82 -5.34 6.99 1.83
C ARG A 82 -5.27 5.53 1.43
N ASN A 83 -5.86 5.20 0.29
CA ASN A 83 -5.85 3.82 -0.17
C ASN A 83 -4.45 3.43 -0.64
N ALA A 84 -3.83 4.33 -1.40
CA ALA A 84 -2.51 4.09 -1.92
C ALA A 84 -1.53 3.80 -0.79
N LEU A 85 -1.70 4.50 0.32
CA LEU A 85 -0.79 4.33 1.45
C LEU A 85 -0.70 2.87 1.86
N ARG A 86 -1.84 2.22 1.96
CA ARG A 86 -1.84 0.81 2.36
C ARG A 86 -1.04 -0.04 1.38
N LEU A 87 -1.22 0.20 0.10
CA LEU A 87 -0.52 -0.58 -0.90
C LEU A 87 0.99 -0.41 -0.81
N GLY A 88 1.45 0.79 -0.45
CA GLY A 88 2.87 1.03 -0.34
C GLY A 88 3.49 0.24 0.80
N VAL A 89 2.84 0.31 1.95
CA VAL A 89 3.32 -0.40 3.14
C VAL A 89 3.27 -1.90 2.93
N ALA A 90 2.32 -2.35 2.13
CA ALA A 90 2.20 -3.77 1.87
C ALA A 90 3.58 -4.37 1.62
N GLU A 91 4.40 -3.66 0.88
CA GLU A 91 5.73 -4.16 0.60
C GLU A 91 6.58 -4.18 1.87
N LEU A 92 6.76 -3.00 2.46
CA LEU A 92 7.55 -2.84 3.68
C LEU A 92 8.07 -4.19 4.21
N ILE A 93 7.24 -4.88 4.99
CA ILE A 93 7.65 -6.17 5.57
C ILE A 93 6.74 -7.29 5.12
N PHE A 94 5.48 -6.95 4.88
CA PHE A 94 4.50 -7.95 4.48
C PHE A 94 5.00 -8.76 3.30
N LEU A 95 5.69 -8.08 2.39
CA LEU A 95 6.24 -8.73 1.21
C LEU A 95 7.74 -8.98 1.38
N LYS A 96 8.23 -8.71 2.59
CA LYS A 96 9.65 -8.88 2.93
C LYS A 96 10.37 -7.53 2.86
N SER A 97 10.30 -6.89 1.69
CA SER A 97 10.93 -5.57 1.48
C SER A 97 11.50 -5.47 0.06
N LYS A 98 12.82 -5.37 -0.04
CA LYS A 98 13.48 -5.25 -1.34
C LYS A 98 13.42 -3.80 -1.83
N GLU A 99 14.51 -3.06 -1.62
CA GLU A 99 14.56 -1.66 -2.03
C GLU A 99 13.26 -0.96 -1.69
N PRO A 100 13.03 -0.72 -0.42
CA PRO A 100 11.79 -0.07 0.08
C PRO A 100 11.65 1.38 -0.38
N GLY A 101 12.74 2.14 -0.32
CA GLY A 101 12.70 3.55 -0.73
C GLY A 101 12.26 3.70 -2.17
N ARG A 102 12.88 2.93 -3.06
CA ARG A 102 12.56 2.98 -4.48
C ARG A 102 11.19 2.37 -4.75
N VAL A 103 10.86 1.33 -3.98
CA VAL A 103 9.58 0.64 -4.16
C VAL A 103 8.41 1.60 -4.01
N PHE A 104 8.44 2.45 -2.98
CA PHE A 104 7.35 3.40 -2.79
C PHE A 104 7.32 4.41 -3.92
N ILE A 105 8.47 5.00 -4.22
CA ILE A 105 8.55 6.01 -5.24
C ILE A 105 7.81 5.61 -6.50
N ASP A 106 8.13 4.44 -7.02
CA ASP A 106 7.47 3.98 -8.23
C ASP A 106 5.97 3.97 -8.00
N ILE A 107 5.58 3.38 -6.89
CA ILE A 107 4.18 3.33 -6.53
C ILE A 107 3.64 4.74 -6.40
N VAL A 108 4.43 5.59 -5.76
CA VAL A 108 4.04 6.97 -5.57
C VAL A 108 4.03 7.70 -6.90
N ASP A 109 4.98 7.37 -7.76
CA ASP A 109 5.02 7.99 -9.07
C ASP A 109 3.71 7.69 -9.76
N LEU A 110 3.22 6.48 -9.53
CA LEU A 110 1.96 6.04 -10.11
C LEU A 110 0.84 6.99 -9.67
N VAL A 111 0.94 7.46 -8.44
CA VAL A 111 -0.05 8.38 -7.89
C VAL A 111 -0.02 9.70 -8.63
N LYS A 112 1.19 10.17 -8.96
CA LYS A 112 1.34 11.43 -9.66
C LYS A 112 0.51 11.43 -10.93
N LYS A 113 0.47 10.29 -11.58
CA LYS A 113 -0.29 10.14 -12.82
C LYS A 113 -1.79 10.16 -12.53
N TYR A 114 -2.19 9.43 -11.51
CA TYR A 114 -3.60 9.36 -11.15
C TYR A 114 -4.01 10.53 -10.24
N ALA A 115 -3.46 10.55 -9.04
CA ALA A 115 -3.78 11.60 -8.08
C ALA A 115 -2.82 12.78 -8.22
N ASP A 116 -3.20 13.91 -7.62
CA ASP A 116 -2.37 15.11 -7.67
C ASP A 116 -0.91 14.81 -7.35
N GLU A 117 0.00 15.46 -8.07
CA GLU A 117 1.43 15.26 -7.87
C GLU A 117 1.84 15.69 -6.46
N LYS A 118 1.21 16.75 -5.95
CA LYS A 118 1.53 17.25 -4.62
C LYS A 118 1.29 16.17 -3.57
N ALA A 119 0.27 15.36 -3.81
CA ALA A 119 -0.05 14.28 -2.89
C ALA A 119 1.06 13.24 -2.87
N GLY A 120 1.69 13.07 -4.02
CA GLY A 120 2.77 12.11 -4.15
C GLY A 120 3.89 12.43 -3.15
N LYS A 121 4.13 13.72 -2.92
CA LYS A 121 5.16 14.12 -1.98
C LYS A 121 4.82 13.62 -0.59
N PHE A 122 3.57 13.80 -0.20
CA PHE A 122 3.10 13.36 1.11
C PHE A 122 3.01 11.83 1.17
N VAL A 123 2.60 11.22 0.06
CA VAL A 123 2.47 9.76 0.01
C VAL A 123 3.81 9.07 0.28
N ASN A 124 4.87 9.54 -0.37
CA ASN A 124 6.18 8.94 -0.17
C ASN A 124 6.70 9.19 1.25
N GLY A 125 6.64 10.44 1.68
CA GLY A 125 7.10 10.80 3.01
C GLY A 125 6.38 10.00 4.08
N VAL A 126 5.06 10.00 4.02
CA VAL A 126 4.26 9.26 5.00
C VAL A 126 4.57 7.76 4.94
N LEU A 127 4.94 7.27 3.75
CA LEU A 127 5.26 5.86 3.59
C LEU A 127 6.44 5.49 4.48
N SER A 128 7.48 6.31 4.42
CA SER A 128 8.68 6.10 5.21
C SER A 128 8.32 6.13 6.70
N ALA A 129 7.27 6.86 7.04
CA ALA A 129 6.85 6.98 8.43
C ALA A 129 6.59 5.61 9.03
N ILE A 130 6.02 4.71 8.25
CA ILE A 130 5.74 3.36 8.73
C ILE A 130 7.07 2.62 8.96
N TYR A 131 8.02 2.82 8.05
CA TYR A 131 9.31 2.16 8.15
C TYR A 131 9.96 2.41 9.52
N LYS A 132 10.05 3.68 9.90
CA LYS A 132 10.65 4.02 11.18
C LYS A 132 9.85 3.38 12.33
N ALA A 133 8.54 3.45 12.23
CA ALA A 133 7.67 2.88 13.27
C ALA A 133 7.86 1.37 13.36
N TYR A 134 8.13 0.74 12.23
CA TYR A 134 8.33 -0.71 12.20
C TYR A 134 9.52 -1.11 13.07
N ILE A 135 10.66 -0.47 12.84
CA ILE A 135 11.86 -0.78 13.60
C ILE A 135 11.58 -0.69 15.10
N THR A 136 10.67 0.22 15.47
CA THR A 136 10.31 0.39 16.87
C THR A 136 9.28 -0.66 17.29
N SER A 137 8.41 -1.02 16.35
CA SER A 137 7.37 -2.01 16.62
C SER A 137 7.94 -3.42 16.52
N SER A 138 9.22 -3.52 16.16
CA SER A 138 9.87 -4.82 16.02
C SER A 138 9.34 -5.82 17.04
N LYS A 139 10.04 -5.98 18.15
CA LYS A 139 9.62 -6.91 19.19
C LYS A 139 10.53 -6.81 20.41
N GLU A 140 9.96 -7.07 21.58
CA GLU A 140 10.73 -7.01 22.82
C GLU A 140 10.75 -8.37 23.50
N GLU A 141 9.77 -9.21 23.14
CA GLU A 141 9.70 -10.55 23.72
C GLU A 141 9.78 -10.50 25.24
N LYS A 142 8.63 -10.34 25.88
CA LYS A 142 8.59 -10.29 27.34
C LYS A 142 8.78 -11.68 27.93
N PRO A 143 9.27 -11.76 29.14
CA PRO A 143 9.50 -13.07 29.82
C PRO A 143 8.19 -13.82 30.07
N SER A 144 8.26 -15.15 30.00
CA SER A 144 7.08 -15.98 30.21
C SER A 144 6.31 -15.50 31.44
N LEU A 145 7.00 -15.41 32.57
CA LEU A 145 6.37 -14.97 33.81
C LEU A 145 7.42 -14.81 34.91
N LYS A 146 8.57 -15.44 34.72
CA LYS A 146 9.64 -15.35 35.70
C LYS A 146 9.10 -15.60 37.11
N SER A 147 8.77 -14.52 37.82
CA SER A 147 8.24 -14.65 39.17
C SER A 147 9.19 -15.46 40.05
N GLU A 148 10.37 -15.74 39.53
CA GLU A 148 11.36 -16.51 40.28
C GLU A 148 12.06 -15.62 41.31
N MET A 1 10.23 -6.89 -14.20
CA MET A 1 10.11 -5.41 -14.05
C MET A 1 9.34 -4.85 -15.24
N ARG A 2 8.25 -5.52 -15.61
CA ARG A 2 7.43 -5.08 -16.73
C ARG A 2 5.96 -5.41 -16.48
N TYR A 3 5.61 -6.69 -16.57
CA TYR A 3 4.23 -7.10 -16.36
C TYR A 3 3.81 -6.81 -14.92
N ARG A 4 4.65 -7.18 -13.97
CA ARG A 4 4.35 -6.96 -12.56
C ARG A 4 4.11 -5.47 -12.31
N LYS A 5 4.80 -4.62 -13.06
CA LYS A 5 4.65 -3.18 -12.91
C LYS A 5 3.19 -2.79 -13.08
N GLY A 6 2.54 -3.38 -14.08
CA GLY A 6 1.14 -3.08 -14.33
C GLY A 6 0.27 -3.66 -13.22
N ALA A 7 0.59 -4.88 -12.80
CA ALA A 7 -0.16 -5.53 -11.75
C ALA A 7 0.05 -4.82 -10.42
N ARG A 8 1.26 -4.32 -10.21
CA ARG A 8 1.59 -3.61 -8.98
C ARG A 8 0.99 -2.22 -8.96
N ASP A 9 1.13 -1.50 -10.07
CA ASP A 9 0.59 -0.14 -10.16
C ASP A 9 -0.93 -0.15 -10.04
N THR A 10 -1.56 -1.04 -10.77
CA THR A 10 -3.02 -1.16 -10.76
C THR A 10 -3.53 -1.51 -9.36
N ALA A 11 -2.65 -2.04 -8.53
CA ALA A 11 -3.03 -2.43 -7.17
C ALA A 11 -3.71 -1.29 -6.42
N PHE A 12 -3.23 -0.08 -6.61
CA PHE A 12 -3.80 1.06 -5.92
C PHE A 12 -5.29 1.21 -6.23
N LEU A 13 -5.63 1.15 -7.50
CA LEU A 13 -7.02 1.30 -7.92
C LEU A 13 -7.95 0.31 -7.22
N VAL A 14 -7.51 -0.94 -7.03
CA VAL A 14 -8.35 -1.92 -6.37
C VAL A 14 -8.49 -1.57 -4.91
N LEU A 15 -7.40 -1.11 -4.32
CA LEU A 15 -7.42 -0.71 -2.93
C LEU A 15 -8.47 0.37 -2.76
N TYR A 16 -8.60 1.21 -3.79
CA TYR A 16 -9.57 2.29 -3.77
C TYR A 16 -10.98 1.73 -3.63
N ARG A 17 -11.27 0.67 -4.37
CA ARG A 17 -12.58 0.03 -4.32
C ARG A 17 -12.86 -0.52 -2.94
N TRP A 18 -11.82 -0.97 -2.23
CA TRP A 18 -12.01 -1.52 -0.91
C TRP A 18 -12.58 -0.46 0.03
N ASP A 19 -12.18 0.79 -0.20
CA ASP A 19 -12.66 1.89 0.63
C ASP A 19 -14.15 2.11 0.41
N LEU A 20 -14.61 1.89 -0.82
CA LEU A 20 -16.03 2.09 -1.15
C LEU A 20 -16.83 0.80 -0.97
N ARG A 21 -16.30 -0.30 -1.48
CA ARG A 21 -16.97 -1.59 -1.39
C ARG A 21 -16.47 -2.40 -0.20
N GLY A 22 -15.16 -2.48 -0.05
CA GLY A 22 -14.56 -3.22 1.06
C GLY A 22 -15.09 -4.65 1.13
N GLU A 23 -15.52 -5.19 -0.02
CA GLU A 23 -16.05 -6.55 -0.06
C GLU A 23 -15.45 -7.33 -1.22
N ASN A 24 -14.95 -8.54 -0.92
CA ASN A 24 -14.35 -9.40 -1.94
C ASN A 24 -13.53 -8.57 -2.94
N PRO A 25 -12.30 -8.29 -2.60
CA PRO A 25 -11.39 -7.50 -3.50
C PRO A 25 -11.29 -8.11 -4.89
N GLY A 26 -11.33 -9.44 -4.95
CA GLY A 26 -11.23 -10.15 -6.23
C GLY A 26 -12.40 -9.79 -7.14
N GLU A 27 -13.60 -9.72 -6.57
CA GLU A 27 -14.78 -9.38 -7.35
C GLU A 27 -14.65 -7.98 -7.93
N LEU A 28 -14.34 -7.03 -7.07
CA LEU A 28 -14.17 -5.64 -7.50
C LEU A 28 -13.11 -5.53 -8.59
N PHE A 29 -12.06 -6.34 -8.46
CA PHE A 29 -11.00 -6.34 -9.44
C PHE A 29 -11.51 -6.80 -10.79
N LYS A 30 -12.41 -7.78 -10.76
CA LYS A 30 -12.98 -8.35 -11.98
C LYS A 30 -13.65 -7.26 -12.82
N GLU A 31 -14.22 -6.26 -12.16
CA GLU A 31 -14.92 -5.18 -12.87
C GLU A 31 -13.97 -4.30 -13.69
N VAL A 32 -12.82 -3.95 -13.13
CA VAL A 32 -11.86 -3.09 -13.81
C VAL A 32 -11.13 -3.81 -14.94
N VAL A 33 -10.70 -5.05 -14.69
CA VAL A 33 -9.97 -5.77 -15.70
C VAL A 33 -10.72 -5.64 -17.02
N GLU A 34 -12.03 -5.63 -16.91
CA GLU A 34 -12.90 -5.49 -18.07
C GLU A 34 -12.65 -4.15 -18.76
N GLU A 35 -12.59 -3.09 -17.96
CA GLU A 35 -12.36 -1.75 -18.48
C GLU A 35 -10.91 -1.54 -18.91
N LYS A 36 -9.99 -1.98 -18.06
CA LYS A 36 -8.57 -1.83 -18.35
C LYS A 36 -8.04 -3.04 -19.12
N ASN A 37 -7.20 -2.78 -20.12
CA ASN A 37 -6.63 -3.84 -20.94
C ASN A 37 -5.44 -4.49 -20.24
N ILE A 38 -5.64 -4.92 -19.00
CA ILE A 38 -4.57 -5.55 -18.24
C ILE A 38 -3.87 -6.61 -19.08
N LYS A 39 -2.69 -6.27 -19.58
CA LYS A 39 -1.92 -7.21 -20.38
C LYS A 39 -1.43 -8.36 -19.51
N ASN A 40 -1.18 -9.51 -20.13
CA ASN A 40 -0.69 -10.67 -19.39
C ASN A 40 -1.68 -11.05 -18.27
N LYS A 41 -2.45 -12.12 -18.50
CA LYS A 41 -3.40 -12.56 -17.51
C LYS A 41 -2.70 -12.72 -16.16
N ASP A 42 -1.44 -13.11 -16.23
CA ASP A 42 -0.62 -13.28 -15.03
C ASP A 42 -0.64 -12.00 -14.22
N ALA A 43 -0.52 -10.91 -14.95
CA ALA A 43 -0.49 -9.59 -14.34
C ALA A 43 -1.76 -9.28 -13.57
N TYR A 44 -2.90 -9.63 -14.15
CA TYR A 44 -4.18 -9.38 -13.49
C TYR A 44 -4.29 -10.17 -12.20
N GLU A 45 -3.88 -11.43 -12.22
CA GLU A 45 -3.94 -12.26 -11.03
C GLU A 45 -2.92 -11.76 -10.03
N TYR A 46 -1.72 -11.49 -10.53
CA TYR A 46 -0.66 -10.99 -9.69
C TYR A 46 -1.11 -9.71 -9.00
N ALA A 47 -1.87 -8.90 -9.72
CA ALA A 47 -2.37 -7.65 -9.18
C ALA A 47 -3.30 -7.89 -8.00
N LYS A 48 -4.15 -8.89 -8.13
CA LYS A 48 -5.10 -9.22 -7.09
C LYS A 48 -4.36 -9.57 -5.81
N LYS A 49 -3.41 -10.47 -5.92
CA LYS A 49 -2.65 -10.89 -4.75
C LYS A 49 -1.97 -9.67 -4.12
N LEU A 50 -1.60 -8.70 -4.94
CA LEU A 50 -0.94 -7.50 -4.43
C LEU A 50 -1.80 -6.80 -3.39
N VAL A 51 -3.07 -6.59 -3.69
CA VAL A 51 -3.94 -5.91 -2.73
C VAL A 51 -4.10 -6.76 -1.48
N ASP A 52 -4.10 -8.07 -1.65
CA ASP A 52 -4.28 -8.94 -0.50
C ASP A 52 -3.21 -8.67 0.54
N THR A 53 -2.01 -8.35 0.08
CA THR A 53 -0.92 -8.05 0.97
C THR A 53 -1.32 -6.87 1.83
N ALA A 54 -2.10 -6.02 1.22
CA ALA A 54 -2.60 -4.83 1.88
C ALA A 54 -3.72 -5.19 2.84
N VAL A 55 -4.56 -6.11 2.39
CA VAL A 55 -5.70 -6.56 3.18
C VAL A 55 -5.28 -7.57 4.24
N ARG A 56 -4.06 -8.08 4.10
CA ARG A 56 -3.55 -9.07 5.05
C ARG A 56 -3.75 -8.59 6.48
N HIS A 57 -3.92 -7.29 6.65
CA HIS A 57 -4.12 -6.69 7.97
C HIS A 57 -4.35 -5.19 7.83
N ILE A 58 -5.03 -4.82 6.76
CA ILE A 58 -5.33 -3.42 6.46
C ILE A 58 -5.50 -2.57 7.72
N GLU A 59 -6.31 -3.04 8.66
CA GLU A 59 -6.53 -2.25 9.88
C GLU A 59 -5.22 -2.01 10.59
N GLU A 60 -4.47 -3.07 10.77
CA GLU A 60 -3.17 -2.95 11.43
C GLU A 60 -2.30 -1.97 10.66
N ILE A 61 -2.43 -1.99 9.34
CA ILE A 61 -1.64 -1.08 8.53
C ILE A 61 -1.97 0.35 8.91
N ASP A 62 -3.26 0.65 9.02
CA ASP A 62 -3.66 1.99 9.40
C ASP A 62 -2.99 2.31 10.72
N SER A 63 -3.06 1.36 11.64
CA SER A 63 -2.44 1.50 12.95
C SER A 63 -0.94 1.74 12.78
N ILE A 64 -0.33 0.96 11.89
CA ILE A 64 1.10 1.07 11.62
C ILE A 64 1.40 2.48 11.14
N ILE A 65 0.50 3.02 10.35
CA ILE A 65 0.65 4.39 9.85
C ILE A 65 0.51 5.39 10.99
N GLU A 66 -0.42 5.12 11.88
CA GLU A 66 -0.70 6.01 13.00
C GLU A 66 0.50 6.17 13.92
N LYS A 67 1.26 5.10 14.10
CA LYS A 67 2.41 5.15 14.99
C LYS A 67 3.35 6.30 14.61
N HIS A 68 3.33 6.69 13.34
CA HIS A 68 4.18 7.78 12.87
C HIS A 68 3.39 9.09 12.71
N LEU A 69 2.16 9.00 12.18
CA LEU A 69 1.34 10.20 11.98
C LEU A 69 1.52 11.19 13.13
N LYS A 70 1.91 10.68 14.29
CA LYS A 70 2.11 11.53 15.46
C LYS A 70 0.78 11.86 16.12
N GLY A 71 -0.29 11.85 15.33
CA GLY A 71 -1.61 12.15 15.85
C GLY A 71 -2.57 12.49 14.72
N TRP A 72 -2.04 12.55 13.50
CA TRP A 72 -2.87 12.88 12.34
C TRP A 72 -3.61 11.64 11.84
N SER A 73 -4.17 11.75 10.64
CA SER A 73 -4.91 10.65 10.05
C SER A 73 -4.37 10.32 8.66
N ILE A 74 -4.30 9.03 8.34
CA ILE A 74 -3.80 8.61 7.04
C ILE A 74 -4.61 9.26 5.93
N ASP A 75 -5.84 9.63 6.25
CA ASP A 75 -6.71 10.28 5.28
C ASP A 75 -6.16 11.66 4.92
N ARG A 76 -5.38 12.23 5.84
CA ARG A 76 -4.77 13.55 5.64
C ARG A 76 -5.46 14.31 4.50
N LEU A 77 -4.82 14.32 3.33
CA LEU A 77 -5.37 14.99 2.16
C LEU A 77 -5.28 14.10 0.93
N GLY A 78 -6.40 13.93 0.24
CA GLY A 78 -6.43 13.09 -0.96
C GLY A 78 -7.06 11.73 -0.65
N TYR A 79 -8.03 11.34 -1.47
CA TYR A 79 -8.71 10.06 -1.27
C TYR A 79 -7.81 8.90 -1.68
N VAL A 80 -7.28 8.97 -2.90
CA VAL A 80 -6.40 7.91 -3.40
C VAL A 80 -5.30 7.64 -2.40
N GLU A 81 -4.68 8.71 -1.92
CA GLU A 81 -3.59 8.58 -0.97
C GLU A 81 -3.94 7.60 0.13
N ARG A 82 -5.10 7.77 0.74
CA ARG A 82 -5.51 6.90 1.83
C ARG A 82 -5.42 5.44 1.40
N ASN A 83 -6.03 5.13 0.26
CA ASN A 83 -6.01 3.76 -0.24
C ASN A 83 -4.62 3.40 -0.76
N ALA A 84 -4.01 4.33 -1.47
CA ALA A 84 -2.69 4.11 -2.02
C ALA A 84 -1.70 3.83 -0.91
N LEU A 85 -1.86 4.54 0.19
CA LEU A 85 -0.95 4.38 1.31
C LEU A 85 -0.91 2.93 1.75
N ARG A 86 -2.07 2.30 1.84
CA ARG A 86 -2.11 0.91 2.26
C ARG A 86 -1.33 0.04 1.28
N LEU A 87 -1.52 0.29 0.00
CA LEU A 87 -0.82 -0.49 -1.00
C LEU A 87 0.69 -0.29 -0.92
N GLY A 88 1.11 0.92 -0.58
CA GLY A 88 2.54 1.21 -0.49
C GLY A 88 3.17 0.43 0.64
N VAL A 89 2.53 0.47 1.80
CA VAL A 89 3.05 -0.24 2.95
C VAL A 89 2.97 -1.75 2.72
N ALA A 90 1.96 -2.18 1.98
CA ALA A 90 1.82 -3.59 1.70
C ALA A 90 3.16 -4.16 1.29
N GLU A 91 3.89 -3.41 0.49
CA GLU A 91 5.18 -3.89 0.04
C GLU A 91 6.18 -3.92 1.19
N LEU A 92 6.43 -2.76 1.78
CA LEU A 92 7.37 -2.62 2.89
C LEU A 92 7.91 -3.97 3.35
N ILE A 93 7.15 -4.65 4.22
CA ILE A 93 7.59 -5.95 4.74
C ILE A 93 6.59 -7.05 4.40
N PHE A 94 5.33 -6.67 4.29
CA PHE A 94 4.27 -7.64 4.03
C PHE A 94 4.58 -8.48 2.80
N LEU A 95 5.23 -7.87 1.83
CA LEU A 95 5.58 -8.58 0.60
C LEU A 95 7.05 -9.00 0.64
N LYS A 96 7.83 -8.34 1.50
CA LYS A 96 9.25 -8.66 1.64
C LYS A 96 9.97 -8.45 0.32
N SER A 97 10.32 -7.20 0.04
CA SER A 97 11.02 -6.87 -1.20
C SER A 97 12.51 -6.60 -0.92
N LYS A 98 13.30 -6.53 -1.98
CA LYS A 98 14.73 -6.26 -1.85
C LYS A 98 15.02 -4.77 -2.01
N GLU A 99 14.02 -4.03 -2.49
CA GLU A 99 14.18 -2.58 -2.69
C GLU A 99 12.91 -1.84 -2.28
N PRO A 100 12.55 -1.90 -1.03
CA PRO A 100 11.33 -1.22 -0.51
C PRO A 100 11.31 0.27 -0.86
N GLY A 101 12.48 0.89 -0.91
CA GLY A 101 12.57 2.31 -1.21
C GLY A 101 12.09 2.60 -2.64
N ARG A 102 12.63 1.86 -3.59
CA ARG A 102 12.26 2.04 -5.00
C ARG A 102 10.86 1.48 -5.28
N VAL A 103 10.54 0.36 -4.64
CA VAL A 103 9.24 -0.28 -4.85
C VAL A 103 8.10 0.67 -4.45
N PHE A 104 8.20 1.21 -3.24
CA PHE A 104 7.17 2.13 -2.77
C PHE A 104 7.21 3.43 -3.55
N ILE A 105 8.41 3.98 -3.72
CA ILE A 105 8.53 5.24 -4.41
C ILE A 105 7.75 5.23 -5.72
N ASP A 106 8.02 4.22 -6.54
CA ASP A 106 7.37 4.12 -7.83
C ASP A 106 5.86 4.11 -7.65
N ILE A 107 5.39 3.37 -6.67
CA ILE A 107 3.97 3.30 -6.42
C ILE A 107 3.45 4.71 -6.17
N VAL A 108 4.14 5.46 -5.34
CA VAL A 108 3.72 6.81 -5.05
C VAL A 108 3.87 7.68 -6.29
N ASP A 109 4.92 7.42 -7.07
CA ASP A 109 5.11 8.17 -8.29
C ASP A 109 3.91 7.92 -9.19
N LEU A 110 3.42 6.69 -9.12
CA LEU A 110 2.25 6.29 -9.91
C LEU A 110 1.04 7.12 -9.48
N VAL A 111 0.99 7.47 -8.20
CA VAL A 111 -0.10 8.26 -7.66
C VAL A 111 -0.09 9.65 -8.29
N LYS A 112 1.10 10.20 -8.49
CA LYS A 112 1.23 11.53 -9.07
C LYS A 112 0.44 11.62 -10.37
N LYS A 113 0.47 10.52 -11.11
CA LYS A 113 -0.23 10.45 -12.39
C LYS A 113 -1.74 10.56 -12.18
N TYR A 114 -2.25 9.83 -11.20
CA TYR A 114 -3.68 9.84 -10.91
C TYR A 114 -4.03 10.95 -9.94
N ALA A 115 -3.59 10.81 -8.69
CA ALA A 115 -3.87 11.81 -7.67
C ALA A 115 -2.96 13.03 -7.81
N ASP A 116 -3.48 14.19 -7.45
CA ASP A 116 -2.73 15.44 -7.56
C ASP A 116 -1.28 15.25 -7.10
N GLU A 117 -0.37 16.00 -7.72
CA GLU A 117 1.04 15.92 -7.37
C GLU A 117 1.27 16.35 -5.93
N LYS A 118 0.44 17.27 -5.45
CA LYS A 118 0.57 17.76 -4.08
C LYS A 118 0.41 16.61 -3.10
N ALA A 119 -0.56 15.74 -3.37
CA ALA A 119 -0.80 14.58 -2.52
C ALA A 119 0.38 13.63 -2.58
N GLY A 120 0.95 13.50 -3.77
CA GLY A 120 2.10 12.61 -3.97
C GLY A 120 3.23 12.98 -3.03
N LYS A 121 3.40 14.28 -2.79
CA LYS A 121 4.45 14.74 -1.90
C LYS A 121 4.18 14.19 -0.49
N PHE A 122 2.94 14.30 -0.05
CA PHE A 122 2.56 13.80 1.26
C PHE A 122 2.53 12.27 1.27
N VAL A 123 2.03 11.67 0.18
CA VAL A 123 1.96 10.22 0.09
C VAL A 123 3.36 9.62 0.21
N ASN A 124 4.34 10.26 -0.43
CA ASN A 124 5.70 9.75 -0.38
C ASN A 124 6.28 9.90 1.04
N GLY A 125 6.18 11.11 1.58
CA GLY A 125 6.70 11.38 2.91
C GLY A 125 6.06 10.47 3.96
N VAL A 126 4.74 10.44 3.98
CA VAL A 126 4.02 9.61 4.95
C VAL A 126 4.39 8.14 4.77
N LEU A 127 4.75 7.74 3.55
CA LEU A 127 5.12 6.35 3.30
C LEU A 127 6.36 5.98 4.10
N SER A 128 7.36 6.86 4.05
CA SER A 128 8.60 6.63 4.78
C SER A 128 8.32 6.53 6.27
N ALA A 129 7.28 7.22 6.72
CA ALA A 129 6.92 7.23 8.13
C ALA A 129 6.71 5.81 8.64
N ILE A 130 6.08 4.96 7.84
CA ILE A 130 5.86 3.59 8.25
C ILE A 130 7.20 2.85 8.33
N TYR A 131 8.09 3.14 7.38
CA TYR A 131 9.40 2.48 7.35
C TYR A 131 10.13 2.67 8.68
N LYS A 132 10.12 3.89 9.18
CA LYS A 132 10.78 4.19 10.44
C LYS A 132 10.09 3.47 11.60
N ALA A 133 8.76 3.42 11.54
CA ALA A 133 7.99 2.74 12.59
C ALA A 133 8.30 1.25 12.60
N TYR A 134 8.55 0.69 11.43
CA TYR A 134 8.85 -0.74 11.31
C TYR A 134 10.08 -1.09 12.13
N ILE A 135 11.17 -0.37 11.89
CA ILE A 135 12.42 -0.62 12.60
C ILE A 135 12.19 -0.62 14.11
N THR A 136 12.65 -1.68 14.77
CA THR A 136 12.48 -1.79 16.22
C THR A 136 13.79 -1.50 16.94
N SER A 137 14.90 -1.98 16.38
CA SER A 137 16.22 -1.78 16.98
C SER A 137 17.08 -0.85 16.14
N SER A 138 16.73 -0.71 14.87
CA SER A 138 17.47 0.15 13.96
C SER A 138 18.69 -0.58 13.40
N LYS A 139 19.68 0.19 12.94
CA LYS A 139 20.90 -0.38 12.37
C LYS A 139 22.13 0.28 12.98
N GLU A 140 23.05 -0.53 13.46
CA GLU A 140 24.27 -0.01 14.07
C GLU A 140 25.48 -0.88 13.68
N GLU A 141 26.44 -0.98 14.60
CA GLU A 141 27.63 -1.78 14.35
C GLU A 141 27.95 -2.66 15.55
N LYS A 142 27.83 -2.09 16.74
CA LYS A 142 28.11 -2.83 17.97
C LYS A 142 26.85 -3.58 18.42
N PRO A 143 27.01 -4.73 19.03
CA PRO A 143 25.85 -5.54 19.51
C PRO A 143 25.08 -4.84 20.62
N SER A 144 23.76 -5.04 20.64
CA SER A 144 22.91 -4.43 21.66
C SER A 144 22.85 -5.29 22.90
N LEU A 145 23.81 -5.10 23.80
CA LEU A 145 23.85 -5.88 25.04
C LEU A 145 24.63 -5.13 26.12
N LYS A 146 23.93 -4.27 26.85
CA LYS A 146 24.56 -3.49 27.92
C LYS A 146 24.53 -4.27 29.23
N SER A 147 25.64 -4.90 29.58
CA SER A 147 25.72 -5.68 30.81
C SER A 147 24.69 -6.81 30.80
N GLU A 148 24.85 -7.75 31.71
CA GLU A 148 23.93 -8.89 31.79
C GLU A 148 23.78 -9.54 30.42
N MET A 1 7.03 -7.47 -20.46
CA MET A 1 6.75 -6.25 -21.27
C MET A 1 6.33 -5.11 -20.34
N ARG A 2 7.12 -4.89 -19.29
CA ARG A 2 6.82 -3.83 -18.33
C ARG A 2 5.38 -3.96 -17.83
N TYR A 3 4.74 -5.07 -18.17
CA TYR A 3 3.36 -5.31 -17.75
C TYR A 3 3.26 -5.32 -16.23
N ARG A 4 4.29 -5.84 -15.57
CA ARG A 4 4.30 -5.91 -14.12
C ARG A 4 4.14 -4.53 -13.51
N LYS A 5 4.76 -3.52 -14.13
CA LYS A 5 4.67 -2.16 -13.64
C LYS A 5 3.20 -1.73 -13.56
N GLY A 6 2.41 -2.16 -14.54
CA GLY A 6 0.99 -1.82 -14.57
C GLY A 6 0.24 -2.55 -13.47
N ALA A 7 0.55 -3.84 -13.30
CA ALA A 7 -0.09 -4.64 -12.28
C ALA A 7 0.08 -4.00 -10.91
N ARG A 8 1.23 -3.36 -10.70
CA ARG A 8 1.51 -2.72 -9.43
C ARG A 8 0.72 -1.43 -9.29
N ASP A 9 0.68 -0.64 -10.36
CA ASP A 9 -0.05 0.63 -10.35
C ASP A 9 -1.54 0.38 -10.15
N THR A 10 -2.05 -0.62 -10.85
CA THR A 10 -3.47 -0.97 -10.77
C THR A 10 -3.85 -1.39 -9.35
N ALA A 11 -2.84 -1.78 -8.56
CA ALA A 11 -3.08 -2.24 -7.20
C ALA A 11 -3.90 -1.21 -6.43
N PHE A 12 -3.53 0.04 -6.55
CA PHE A 12 -4.23 1.09 -5.83
C PHE A 12 -5.72 1.11 -6.19
N LEU A 13 -6.01 1.04 -7.48
CA LEU A 13 -7.39 1.10 -7.93
C LEU A 13 -8.27 0.07 -7.23
N VAL A 14 -7.80 -1.16 -7.05
CA VAL A 14 -8.63 -2.15 -6.36
C VAL A 14 -8.88 -1.71 -4.94
N LEU A 15 -7.80 -1.28 -4.31
CA LEU A 15 -7.87 -0.81 -2.94
C LEU A 15 -8.72 0.44 -2.88
N TYR A 16 -8.69 1.23 -3.96
CA TYR A 16 -9.46 2.46 -4.02
C TYR A 16 -10.95 2.13 -3.94
N ARG A 17 -11.33 1.02 -4.55
CA ARG A 17 -12.72 0.59 -4.54
C ARG A 17 -13.14 0.23 -3.11
N TRP A 18 -12.20 -0.28 -2.34
CA TRP A 18 -12.47 -0.66 -0.96
C TRP A 18 -12.89 0.56 -0.16
N ASP A 19 -12.35 1.72 -0.51
CA ASP A 19 -12.68 2.95 0.18
C ASP A 19 -14.15 3.32 -0.05
N LEU A 20 -14.65 3.02 -1.23
CA LEU A 20 -16.05 3.34 -1.57
C LEU A 20 -16.97 2.18 -1.23
N ARG A 21 -16.57 0.97 -1.61
CA ARG A 21 -17.40 -0.21 -1.35
C ARG A 21 -16.98 -0.89 -0.05
N GLY A 22 -15.67 -1.08 0.12
CA GLY A 22 -15.16 -1.72 1.34
C GLY A 22 -15.74 -3.13 1.50
N GLU A 23 -16.06 -3.77 0.37
CA GLU A 23 -16.63 -5.12 0.41
C GLU A 23 -15.92 -6.02 -0.60
N ASN A 24 -15.38 -7.14 -0.11
CA ASN A 24 -14.68 -8.09 -0.97
C ASN A 24 -13.84 -7.36 -2.03
N PRO A 25 -12.56 -7.21 -1.80
CA PRO A 25 -11.66 -6.51 -2.77
C PRO A 25 -11.29 -7.40 -3.96
N GLY A 26 -11.36 -8.72 -3.76
CA GLY A 26 -11.03 -9.65 -4.83
C GLY A 26 -12.11 -9.65 -5.91
N GLU A 27 -13.36 -9.74 -5.47
CA GLU A 27 -14.48 -9.74 -6.41
C GLU A 27 -14.51 -8.45 -7.21
N LEU A 28 -14.37 -7.34 -6.51
CA LEU A 28 -14.38 -6.03 -7.15
C LEU A 28 -13.31 -5.95 -8.23
N PHE A 29 -12.16 -6.56 -7.97
CA PHE A 29 -11.07 -6.55 -8.94
C PHE A 29 -11.53 -7.26 -10.20
N LYS A 30 -12.15 -8.41 -10.03
CA LYS A 30 -12.63 -9.21 -11.16
C LYS A 30 -13.60 -8.42 -12.03
N GLU A 31 -14.36 -7.52 -11.41
CA GLU A 31 -15.34 -6.72 -12.14
C GLU A 31 -14.69 -5.65 -13.03
N VAL A 32 -13.62 -5.02 -12.55
CA VAL A 32 -12.95 -3.97 -13.33
C VAL A 32 -12.18 -4.55 -14.49
N VAL A 33 -11.45 -5.65 -14.24
CA VAL A 33 -10.67 -6.26 -15.29
C VAL A 33 -11.54 -6.37 -16.53
N GLU A 34 -12.81 -6.63 -16.31
CA GLU A 34 -13.78 -6.76 -17.38
C GLU A 34 -14.02 -5.42 -18.04
N GLU A 35 -14.26 -4.39 -17.23
CA GLU A 35 -14.52 -3.04 -17.74
C GLU A 35 -13.24 -2.43 -18.30
N LYS A 36 -12.15 -2.58 -17.56
CA LYS A 36 -10.87 -2.02 -17.99
C LYS A 36 -10.37 -2.75 -19.24
N ASN A 37 -9.05 -2.70 -19.47
CA ASN A 37 -8.47 -3.36 -20.62
C ASN A 37 -7.16 -4.03 -20.25
N ILE A 38 -7.17 -4.77 -19.15
CA ILE A 38 -5.97 -5.48 -18.71
C ILE A 38 -5.79 -6.75 -19.51
N LYS A 39 -5.10 -6.64 -20.65
CA LYS A 39 -4.86 -7.79 -21.50
C LYS A 39 -4.08 -8.87 -20.76
N ASN A 40 -2.78 -8.65 -20.61
CA ASN A 40 -1.92 -9.60 -19.92
C ASN A 40 -2.58 -10.07 -18.61
N LYS A 41 -3.29 -11.18 -18.68
CA LYS A 41 -3.96 -11.71 -17.49
C LYS A 41 -2.95 -11.83 -16.36
N ASP A 42 -1.71 -12.12 -16.72
CA ASP A 42 -0.64 -12.25 -15.75
C ASP A 42 -0.59 -11.00 -14.89
N ALA A 43 -0.70 -9.87 -15.57
CA ALA A 43 -0.67 -8.58 -14.92
C ALA A 43 -1.81 -8.43 -13.92
N TYR A 44 -3.02 -8.77 -14.35
CA TYR A 44 -4.18 -8.66 -13.48
C TYR A 44 -4.01 -9.53 -12.25
N GLU A 45 -3.50 -10.74 -12.43
CA GLU A 45 -3.29 -11.63 -11.31
C GLU A 45 -2.19 -11.09 -10.43
N TYR A 46 -1.09 -10.69 -11.06
CA TYR A 46 0.02 -10.13 -10.33
C TYR A 46 -0.45 -8.93 -9.54
N ALA A 47 -1.35 -8.17 -10.14
CA ALA A 47 -1.89 -6.98 -9.51
C ALA A 47 -2.71 -7.36 -8.29
N LYS A 48 -3.48 -8.43 -8.43
CA LYS A 48 -4.31 -8.90 -7.33
C LYS A 48 -3.45 -9.24 -6.14
N LYS A 49 -2.44 -10.04 -6.36
CA LYS A 49 -1.54 -10.43 -5.28
C LYS A 49 -0.95 -9.19 -4.64
N LEU A 50 -0.68 -8.17 -5.45
CA LEU A 50 -0.09 -6.95 -4.93
C LEU A 50 -0.95 -6.35 -3.83
N VAL A 51 -2.25 -6.23 -4.10
CA VAL A 51 -3.15 -5.68 -3.11
C VAL A 51 -3.29 -6.65 -1.94
N ASP A 52 -3.21 -7.93 -2.25
CA ASP A 52 -3.38 -8.92 -1.20
C ASP A 52 -2.35 -8.74 -0.11
N THR A 53 -1.16 -8.27 -0.49
CA THR A 53 -0.11 -8.04 0.49
C THR A 53 -0.61 -7.01 1.47
N ALA A 54 -1.40 -6.10 0.94
CA ALA A 54 -1.96 -5.03 1.73
C ALA A 54 -3.11 -5.54 2.58
N VAL A 55 -3.87 -6.47 2.02
CA VAL A 55 -5.03 -7.03 2.69
C VAL A 55 -4.61 -8.08 3.72
N ARG A 56 -3.38 -8.55 3.62
CA ARG A 56 -2.88 -9.55 4.56
C ARG A 56 -3.13 -9.09 5.99
N HIS A 57 -3.45 -7.81 6.17
CA HIS A 57 -3.70 -7.25 7.49
C HIS A 57 -4.88 -6.29 7.46
N ILE A 58 -4.79 -5.27 6.59
CA ILE A 58 -5.86 -4.27 6.43
C ILE A 58 -5.82 -3.20 7.52
N GLU A 59 -6.61 -3.41 8.56
CA GLU A 59 -6.71 -2.44 9.66
C GLU A 59 -5.37 -2.21 10.31
N GLU A 60 -4.66 -3.29 10.60
CA GLU A 60 -3.36 -3.18 11.24
C GLU A 60 -2.49 -2.19 10.47
N ILE A 61 -2.59 -2.19 9.15
CA ILE A 61 -1.80 -1.27 8.37
C ILE A 61 -2.17 0.16 8.72
N ASP A 62 -3.48 0.45 8.72
CA ASP A 62 -3.92 1.78 9.08
C ASP A 62 -3.37 2.11 10.45
N SER A 63 -3.49 1.14 11.36
CA SER A 63 -2.97 1.31 12.70
C SER A 63 -1.47 1.60 12.61
N ILE A 64 -0.78 0.81 11.79
CA ILE A 64 0.65 0.97 11.60
C ILE A 64 0.93 2.38 11.09
N ILE A 65 0.05 2.87 10.23
CA ILE A 65 0.17 4.21 9.70
C ILE A 65 -0.14 5.24 10.79
N GLU A 66 -1.17 4.96 11.57
CA GLU A 66 -1.61 5.89 12.60
C GLU A 66 -0.56 6.08 13.69
N LYS A 67 0.14 5.00 14.03
CA LYS A 67 1.14 5.07 15.09
C LYS A 67 2.16 6.17 14.81
N HIS A 68 2.34 6.50 13.53
CA HIS A 68 3.30 7.54 13.15
C HIS A 68 2.59 8.86 12.82
N LEU A 69 1.41 8.78 12.22
CA LEU A 69 0.67 10.00 11.86
C LEU A 69 0.79 11.04 12.96
N LYS A 70 1.05 10.60 14.18
CA LYS A 70 1.19 11.52 15.31
C LYS A 70 -0.18 11.92 15.84
N GLY A 71 -1.13 12.12 14.92
CA GLY A 71 -2.48 12.50 15.31
C GLY A 71 -3.30 12.96 14.10
N TRP A 72 -3.57 12.03 13.18
CA TRP A 72 -4.34 12.36 11.99
C TRP A 72 -5.04 11.11 11.45
N SER A 73 -5.66 11.25 10.28
CA SER A 73 -6.36 10.12 9.66
C SER A 73 -5.56 9.56 8.49
N ILE A 74 -5.86 8.32 8.12
CA ILE A 74 -5.16 7.67 7.01
C ILE A 74 -5.28 8.52 5.75
N ASP A 75 -6.44 9.11 5.56
CA ASP A 75 -6.69 9.94 4.39
C ASP A 75 -5.77 11.16 4.38
N ARG A 76 -5.47 11.70 5.56
CA ARG A 76 -4.60 12.86 5.69
C ARG A 76 -4.68 13.73 4.43
N LEU A 77 -5.90 13.93 3.93
CA LEU A 77 -6.10 14.73 2.73
C LEU A 77 -5.59 13.99 1.50
N GLY A 78 -6.51 13.39 0.75
CA GLY A 78 -6.14 12.63 -0.45
C GLY A 78 -6.50 11.17 -0.30
N TYR A 79 -7.45 10.71 -1.11
CA TYR A 79 -7.89 9.32 -1.05
C TYR A 79 -6.84 8.40 -1.67
N VAL A 80 -6.41 8.72 -2.89
CA VAL A 80 -5.42 7.90 -3.57
C VAL A 80 -4.21 7.66 -2.67
N GLU A 81 -3.74 8.72 -2.04
CA GLU A 81 -2.58 8.62 -1.18
C GLU A 81 -2.74 7.44 -0.22
N ARG A 82 -3.87 7.37 0.46
CA ARG A 82 -4.09 6.26 1.38
C ARG A 82 -3.93 4.94 0.66
N ASN A 83 -4.58 4.82 -0.49
CA ASN A 83 -4.50 3.60 -1.26
C ASN A 83 -3.08 3.36 -1.74
N ALA A 84 -2.46 4.41 -2.29
CA ALA A 84 -1.10 4.29 -2.78
C ALA A 84 -0.18 3.85 -1.65
N LEU A 85 -0.25 4.54 -0.53
CA LEU A 85 0.58 4.21 0.61
C LEU A 85 0.32 2.77 1.04
N ARG A 86 -0.92 2.32 0.89
CA ARG A 86 -1.26 0.96 1.29
C ARG A 86 -0.38 -0.05 0.56
N LEU A 87 -0.22 0.10 -0.74
CA LEU A 87 0.62 -0.84 -1.47
C LEU A 87 2.06 -0.72 -1.01
N GLY A 88 2.49 0.50 -0.72
CA GLY A 88 3.85 0.73 -0.28
C GLY A 88 4.14 0.01 1.03
N VAL A 89 3.24 0.16 1.99
CA VAL A 89 3.42 -0.49 3.28
C VAL A 89 3.35 -1.98 3.12
N ALA A 90 2.45 -2.44 2.28
CA ALA A 90 2.30 -3.86 2.05
C ALA A 90 3.68 -4.47 1.84
N GLU A 91 4.52 -3.79 1.09
CA GLU A 91 5.85 -4.31 0.85
C GLU A 91 6.72 -4.20 2.10
N LEU A 92 6.86 -2.97 2.61
CA LEU A 92 7.68 -2.68 3.79
C LEU A 92 8.19 -3.96 4.47
N ILE A 93 7.33 -4.62 5.24
CA ILE A 93 7.75 -5.82 5.96
C ILE A 93 6.95 -7.05 5.52
N PHE A 94 5.70 -6.82 5.17
CA PHE A 94 4.83 -7.93 4.77
C PHE A 94 5.49 -8.77 3.68
N LEU A 95 6.27 -8.13 2.82
CA LEU A 95 6.97 -8.85 1.75
C LEU A 95 8.44 -9.08 2.14
N LYS A 96 8.93 -8.29 3.08
CA LYS A 96 10.32 -8.42 3.52
C LYS A 96 11.26 -8.13 2.35
N SER A 97 11.08 -6.98 1.71
CA SER A 97 11.92 -6.59 0.58
C SER A 97 13.29 -6.11 1.06
N LYS A 98 14.04 -5.49 0.15
CA LYS A 98 15.37 -4.98 0.49
C LYS A 98 15.60 -3.61 -0.16
N GLU A 99 14.58 -3.08 -0.82
CA GLU A 99 14.68 -1.77 -1.47
C GLU A 99 13.37 -1.01 -1.35
N PRO A 100 13.05 -0.56 -0.17
CA PRO A 100 11.78 0.19 0.10
C PRO A 100 11.75 1.56 -0.58
N GLY A 101 12.90 2.24 -0.59
CA GLY A 101 12.98 3.57 -1.19
C GLY A 101 12.53 3.57 -2.65
N ARG A 102 13.07 2.64 -3.44
CA ARG A 102 12.72 2.55 -4.86
C ARG A 102 11.30 2.03 -5.04
N VAL A 103 10.90 1.10 -4.17
CA VAL A 103 9.57 0.52 -4.27
C VAL A 103 8.50 1.61 -4.16
N PHE A 104 8.64 2.47 -3.14
CA PHE A 104 7.68 3.54 -2.96
C PHE A 104 7.53 4.36 -4.23
N ILE A 105 8.67 4.74 -4.82
CA ILE A 105 8.63 5.55 -6.02
C ILE A 105 7.65 5.00 -7.02
N ASP A 106 7.77 3.72 -7.32
CA ASP A 106 6.89 3.09 -8.28
C ASP A 106 5.45 3.35 -7.87
N ILE A 107 5.16 3.08 -6.60
CA ILE A 107 3.83 3.31 -6.08
C ILE A 107 3.46 4.76 -6.28
N VAL A 108 4.39 5.65 -5.94
CA VAL A 108 4.16 7.06 -6.08
C VAL A 108 4.05 7.46 -7.54
N ASP A 109 4.82 6.80 -8.39
CA ASP A 109 4.74 7.10 -9.81
C ASP A 109 3.32 6.85 -10.27
N LEU A 110 2.72 5.80 -9.72
CA LEU A 110 1.34 5.45 -10.07
C LEU A 110 0.40 6.61 -9.73
N VAL A 111 0.73 7.34 -8.68
CA VAL A 111 -0.08 8.47 -8.26
C VAL A 111 -0.02 9.58 -9.31
N LYS A 112 1.17 9.80 -9.86
CA LYS A 112 1.35 10.84 -10.87
C LYS A 112 0.36 10.65 -12.01
N LYS A 113 0.13 9.40 -12.34
CA LYS A 113 -0.79 9.06 -13.43
C LYS A 113 -2.22 9.48 -13.10
N TYR A 114 -2.65 9.18 -11.88
CA TYR A 114 -4.01 9.52 -11.46
C TYR A 114 -4.03 10.77 -10.58
N ALA A 115 -3.60 10.62 -9.33
CA ALA A 115 -3.59 11.73 -8.39
C ALA A 115 -2.51 12.74 -8.76
N ASP A 116 -2.51 13.89 -8.08
CA ASP A 116 -1.54 14.94 -8.33
C ASP A 116 -0.18 14.61 -7.71
N GLU A 117 0.86 15.28 -8.19
CA GLU A 117 2.21 15.07 -7.69
C GLU A 117 2.31 15.44 -6.21
N LYS A 118 1.52 16.42 -5.80
CA LYS A 118 1.53 16.86 -4.40
C LYS A 118 1.17 15.70 -3.48
N ALA A 119 0.22 14.89 -3.90
CA ALA A 119 -0.21 13.75 -3.13
C ALA A 119 0.91 12.72 -3.05
N GLY A 120 1.62 12.57 -4.16
CA GLY A 120 2.72 11.62 -4.23
C GLY A 120 3.79 11.94 -3.19
N LYS A 121 4.03 13.22 -2.97
CA LYS A 121 5.03 13.64 -1.99
C LYS A 121 4.63 13.16 -0.61
N PHE A 122 3.36 13.37 -0.26
CA PHE A 122 2.86 12.97 1.05
C PHE A 122 2.94 11.45 1.21
N VAL A 123 2.68 10.73 0.12
CA VAL A 123 2.72 9.27 0.16
C VAL A 123 4.12 8.79 0.56
N ASN A 124 5.15 9.42 0.01
CA ASN A 124 6.51 9.04 0.33
C ASN A 124 6.83 9.34 1.78
N GLY A 125 6.54 10.57 2.21
CA GLY A 125 6.81 10.98 3.58
C GLY A 125 6.09 10.07 4.57
N VAL A 126 4.81 9.79 4.31
CA VAL A 126 4.04 8.94 5.19
C VAL A 126 4.56 7.50 5.14
N LEU A 127 5.11 7.12 3.98
CA LEU A 127 5.63 5.75 3.82
C LEU A 127 6.76 5.50 4.82
N SER A 128 7.69 6.45 4.89
CA SER A 128 8.81 6.32 5.81
C SER A 128 8.32 6.28 7.24
N ALA A 129 7.22 6.97 7.50
CA ALA A 129 6.65 7.02 8.84
C ALA A 129 6.35 5.61 9.34
N ILE A 130 5.85 4.76 8.44
CA ILE A 130 5.56 3.38 8.81
C ILE A 130 6.85 2.63 9.11
N TYR A 131 7.88 2.90 8.32
CA TYR A 131 9.17 2.21 8.49
C TYR A 131 9.68 2.36 9.93
N LYS A 132 9.77 3.59 10.41
CA LYS A 132 10.26 3.83 11.76
C LYS A 132 9.41 3.07 12.78
N ALA A 133 8.11 3.00 12.51
CA ALA A 133 7.20 2.29 13.41
C ALA A 133 7.64 0.84 13.57
N TYR A 134 8.10 0.24 12.49
CA TYR A 134 8.55 -1.14 12.52
C TYR A 134 9.80 -1.28 13.37
N ILE A 135 10.75 -0.36 13.18
CA ILE A 135 12.00 -0.40 13.95
C ILE A 135 11.80 0.30 15.29
N THR A 136 12.04 -0.44 16.38
CA THR A 136 11.89 0.12 17.72
C THR A 136 13.25 0.47 18.30
N SER A 137 14.30 -0.19 17.81
CA SER A 137 15.65 0.06 18.30
C SER A 137 16.16 1.40 17.77
N SER A 138 15.40 2.01 16.87
CA SER A 138 15.78 3.29 16.29
C SER A 138 15.80 4.38 17.37
N LYS A 139 15.55 3.98 18.61
CA LYS A 139 15.53 4.93 19.72
C LYS A 139 16.52 4.50 20.81
N GLU A 140 16.80 5.41 21.74
CA GLU A 140 17.72 5.12 22.83
C GLU A 140 16.97 4.46 24.00
N GLU A 141 15.65 4.39 23.88
CA GLU A 141 14.84 3.79 24.93
C GLU A 141 14.99 2.27 24.92
N LYS A 142 15.09 1.68 26.11
CA LYS A 142 15.24 0.24 26.24
C LYS A 142 13.87 -0.45 26.10
N PRO A 143 13.83 -1.63 25.54
CA PRO A 143 12.56 -2.39 25.35
C PRO A 143 11.94 -2.79 26.68
N SER A 144 10.62 -2.91 26.70
CA SER A 144 9.91 -3.31 27.92
C SER A 144 8.56 -3.94 27.57
N LEU A 145 8.58 -5.24 27.30
CA LEU A 145 7.37 -5.97 26.95
C LEU A 145 6.65 -6.45 28.21
N LYS A 146 7.19 -6.10 29.37
CA LYS A 146 6.59 -6.50 30.63
C LYS A 146 5.32 -5.69 30.92
N SER A 147 4.21 -6.14 30.33
CA SER A 147 2.94 -5.45 30.52
C SER A 147 2.63 -5.30 32.01
N GLU A 148 1.64 -4.46 32.32
CA GLU A 148 1.25 -4.24 33.71
C GLU A 148 -0.17 -3.69 33.79
N MET A 1 7.26 -6.47 -21.47
CA MET A 1 7.89 -7.32 -20.41
C MET A 1 7.63 -6.69 -19.05
N ARG A 2 7.15 -5.45 -19.04
CA ARG A 2 6.88 -4.74 -17.80
C ARG A 2 5.45 -5.01 -17.33
N TYR A 3 5.02 -6.26 -17.46
CA TYR A 3 3.67 -6.64 -17.05
C TYR A 3 3.49 -6.47 -15.54
N ARG A 4 4.48 -6.92 -14.78
CA ARG A 4 4.41 -6.83 -13.32
C ARG A 4 4.22 -5.38 -12.89
N LYS A 5 4.83 -4.46 -13.63
CA LYS A 5 4.72 -3.04 -13.31
C LYS A 5 3.25 -2.62 -13.25
N GLY A 6 2.47 -3.08 -14.22
CA GLY A 6 1.05 -2.75 -14.26
C GLY A 6 0.30 -3.39 -13.10
N ALA A 7 0.63 -4.64 -12.81
CA ALA A 7 -0.02 -5.36 -11.72
C ALA A 7 0.15 -4.61 -10.40
N ARG A 8 1.33 -4.01 -10.22
CA ARG A 8 1.61 -3.27 -8.99
C ARG A 8 0.85 -1.94 -8.97
N ASP A 9 0.90 -1.23 -10.09
CA ASP A 9 0.21 0.06 -10.18
C ASP A 9 -1.30 -0.14 -10.13
N THR A 10 -1.76 -1.20 -10.78
CA THR A 10 -3.18 -1.53 -10.82
C THR A 10 -3.72 -1.82 -9.43
N ALA A 11 -2.81 -2.16 -8.50
CA ALA A 11 -3.21 -2.50 -7.13
C ALA A 11 -3.88 -1.34 -6.41
N PHE A 12 -3.39 -0.13 -6.61
CA PHE A 12 -3.95 1.03 -5.92
C PHE A 12 -5.44 1.21 -6.19
N LEU A 13 -5.83 1.18 -7.45
CA LEU A 13 -7.24 1.35 -7.79
C LEU A 13 -8.11 0.32 -7.07
N VAL A 14 -7.61 -0.88 -6.91
CA VAL A 14 -8.37 -1.93 -6.22
C VAL A 14 -8.53 -1.54 -4.76
N LEU A 15 -7.46 -1.05 -4.18
CA LEU A 15 -7.47 -0.61 -2.80
C LEU A 15 -8.51 0.50 -2.65
N TYR A 16 -8.64 1.31 -3.69
CA TYR A 16 -9.58 2.41 -3.68
C TYR A 16 -11.01 1.88 -3.55
N ARG A 17 -11.29 0.79 -4.24
CA ARG A 17 -12.62 0.19 -4.20
C ARG A 17 -12.94 -0.29 -2.78
N TRP A 18 -11.91 -0.69 -2.04
CA TRP A 18 -12.11 -1.17 -0.68
C TRP A 18 -12.69 -0.07 0.19
N ASP A 19 -12.27 1.16 -0.07
CA ASP A 19 -12.75 2.31 0.69
C ASP A 19 -14.24 2.53 0.43
N LEU A 20 -14.68 2.23 -0.78
CA LEU A 20 -16.08 2.43 -1.15
C LEU A 20 -16.92 1.18 -0.86
N ARG A 21 -16.41 0.03 -1.25
CA ARG A 21 -17.13 -1.23 -1.05
C ARG A 21 -16.60 -1.98 0.17
N GLY A 22 -15.28 -2.09 0.27
CA GLY A 22 -14.67 -2.81 1.40
C GLY A 22 -15.14 -4.25 1.43
N GLU A 23 -15.23 -4.87 0.26
CA GLU A 23 -15.67 -6.26 0.16
C GLU A 23 -14.73 -7.06 -0.74
N ASN A 24 -14.84 -8.38 -0.69
CA ASN A 24 -14.00 -9.28 -1.50
C ASN A 24 -13.37 -8.53 -2.68
N PRO A 25 -12.24 -7.92 -2.47
CA PRO A 25 -11.53 -7.16 -3.54
C PRO A 25 -11.29 -8.01 -4.78
N GLY A 26 -11.28 -9.33 -4.61
CA GLY A 26 -11.06 -10.23 -5.72
C GLY A 26 -12.20 -10.15 -6.73
N GLU A 27 -13.43 -10.22 -6.22
CA GLU A 27 -14.60 -10.14 -7.09
C GLU A 27 -14.62 -8.82 -7.83
N LEU A 28 -14.44 -7.74 -7.07
CA LEU A 28 -14.44 -6.40 -7.64
C LEU A 28 -13.36 -6.29 -8.72
N PHE A 29 -12.23 -6.94 -8.49
CA PHE A 29 -11.13 -6.91 -9.43
C PHE A 29 -11.61 -7.39 -10.80
N LYS A 30 -12.47 -8.41 -10.79
CA LYS A 30 -12.99 -8.98 -12.03
C LYS A 30 -13.70 -7.93 -12.88
N GLU A 31 -14.33 -6.96 -12.21
CA GLU A 31 -15.07 -5.92 -12.93
C GLU A 31 -14.16 -4.95 -13.69
N VAL A 32 -13.04 -4.57 -13.08
CA VAL A 32 -12.12 -3.63 -13.71
C VAL A 32 -11.34 -4.27 -14.85
N VAL A 33 -10.86 -5.49 -14.63
CA VAL A 33 -10.10 -6.16 -15.67
C VAL A 33 -10.81 -6.00 -17.00
N GLU A 34 -12.14 -6.03 -16.91
CA GLU A 34 -12.98 -5.88 -18.08
C GLU A 34 -12.85 -4.49 -18.69
N GLU A 35 -12.94 -3.46 -17.85
CA GLU A 35 -12.85 -2.08 -18.32
C GLU A 35 -11.41 -1.70 -18.66
N LYS A 36 -10.47 -2.08 -17.82
CA LYS A 36 -9.06 -1.76 -18.05
C LYS A 36 -8.44 -2.73 -19.04
N ASN A 37 -9.19 -3.76 -19.41
CA ASN A 37 -8.69 -4.75 -20.35
C ASN A 37 -7.22 -5.07 -20.09
N ILE A 38 -6.88 -5.33 -18.83
CA ILE A 38 -5.51 -5.65 -18.46
C ILE A 38 -4.85 -6.51 -19.53
N LYS A 39 -4.16 -5.87 -20.46
CA LYS A 39 -3.50 -6.59 -21.56
C LYS A 39 -2.40 -7.50 -21.01
N ASN A 40 -2.80 -8.47 -20.20
CA ASN A 40 -1.85 -9.42 -19.62
C ASN A 40 -2.49 -10.10 -18.41
N LYS A 41 -3.15 -11.24 -18.65
CA LYS A 41 -3.80 -11.96 -17.57
C LYS A 41 -2.80 -12.31 -16.48
N ASP A 42 -1.58 -12.61 -16.88
CA ASP A 42 -0.53 -12.94 -15.92
C ASP A 42 -0.45 -11.85 -14.87
N ALA A 43 -0.56 -10.63 -15.36
CA ALA A 43 -0.49 -9.44 -14.52
C ALA A 43 -1.73 -9.31 -13.65
N TYR A 44 -2.91 -9.48 -14.26
CA TYR A 44 -4.15 -9.35 -13.52
C TYR A 44 -4.19 -10.29 -12.32
N GLU A 45 -3.73 -11.52 -12.52
CA GLU A 45 -3.72 -12.49 -11.44
C GLU A 45 -2.69 -12.06 -10.42
N TYR A 46 -1.51 -11.71 -10.91
CA TYR A 46 -0.44 -11.26 -10.04
C TYR A 46 -0.88 -10.03 -9.28
N ALA A 47 -1.64 -9.18 -9.95
CA ALA A 47 -2.14 -7.96 -9.35
C ALA A 47 -3.05 -8.25 -8.17
N LYS A 48 -3.87 -9.28 -8.31
CA LYS A 48 -4.79 -9.65 -7.24
C LYS A 48 -4.02 -9.96 -5.98
N LYS A 49 -3.05 -10.83 -6.10
CA LYS A 49 -2.23 -11.20 -4.97
C LYS A 49 -1.54 -9.97 -4.39
N LEU A 50 -1.16 -9.04 -5.27
CA LEU A 50 -0.49 -7.83 -4.83
C LEU A 50 -1.36 -7.05 -3.87
N VAL A 51 -2.64 -6.94 -4.18
CA VAL A 51 -3.56 -6.22 -3.33
C VAL A 51 -3.70 -6.91 -1.98
N ASP A 52 -3.66 -8.23 -1.99
CA ASP A 52 -3.81 -8.96 -0.74
C ASP A 52 -2.72 -8.60 0.25
N THR A 53 -1.56 -8.25 -0.28
CA THR A 53 -0.45 -7.86 0.59
C THR A 53 -0.90 -6.67 1.40
N ALA A 54 -1.77 -5.90 0.79
CA ALA A 54 -2.33 -4.73 1.42
C ALA A 54 -3.39 -5.13 2.44
N VAL A 55 -4.22 -6.08 2.03
CA VAL A 55 -5.31 -6.58 2.87
C VAL A 55 -4.80 -7.57 3.91
N ARG A 56 -3.59 -8.07 3.71
CA ARG A 56 -3.00 -9.04 4.63
C ARG A 56 -3.11 -8.56 6.09
N HIS A 57 -3.41 -7.28 6.28
CA HIS A 57 -3.53 -6.73 7.63
C HIS A 57 -4.77 -5.85 7.73
N ILE A 58 -5.06 -5.11 6.66
CA ILE A 58 -6.24 -4.24 6.63
C ILE A 58 -6.13 -3.07 7.60
N GLU A 59 -6.95 -3.10 8.65
CA GLU A 59 -6.98 -2.02 9.65
C GLU A 59 -5.63 -1.84 10.31
N GLU A 60 -5.00 -2.94 10.66
CA GLU A 60 -3.70 -2.87 11.31
C GLU A 60 -2.75 -1.98 10.53
N ILE A 61 -2.82 -2.03 9.20
CA ILE A 61 -1.96 -1.19 8.40
C ILE A 61 -2.23 0.27 8.72
N ASP A 62 -3.51 0.65 8.72
CA ASP A 62 -3.87 2.02 9.05
C ASP A 62 -3.29 2.34 10.42
N SER A 63 -3.46 1.40 11.35
CA SER A 63 -2.93 1.58 12.70
C SER A 63 -1.41 1.74 12.63
N ILE A 64 -0.78 0.93 11.79
CA ILE A 64 0.66 0.98 11.61
C ILE A 64 1.03 2.38 11.13
N ILE A 65 0.17 2.95 10.31
CA ILE A 65 0.36 4.30 9.80
C ILE A 65 0.28 5.32 10.94
N GLU A 66 -0.73 5.15 11.80
CA GLU A 66 -0.97 6.07 12.89
C GLU A 66 0.20 6.16 13.87
N LYS A 67 0.88 5.03 14.08
CA LYS A 67 1.99 5.00 15.03
C LYS A 67 3.02 6.08 14.70
N HIS A 68 3.09 6.47 13.43
CA HIS A 68 4.05 7.51 13.03
C HIS A 68 3.36 8.87 12.84
N LEU A 69 2.18 8.85 12.22
CA LEU A 69 1.44 10.10 11.99
C LEU A 69 1.65 11.09 13.13
N LYS A 70 1.50 10.60 14.36
CA LYS A 70 1.67 11.44 15.54
C LYS A 70 0.50 12.41 15.68
N GLY A 71 -0.70 11.87 15.81
CA GLY A 71 -1.90 12.69 15.95
C GLY A 71 -2.68 12.78 14.65
N TRP A 72 -1.97 13.08 13.56
CA TRP A 72 -2.61 13.19 12.25
C TRP A 72 -3.29 11.89 11.86
N SER A 73 -4.07 11.94 10.78
CA SER A 73 -4.77 10.76 10.29
C SER A 73 -4.39 10.49 8.84
N ILE A 74 -4.30 9.20 8.48
CA ILE A 74 -3.94 8.84 7.11
C ILE A 74 -4.94 9.49 6.15
N ASP A 75 -6.11 9.80 6.67
CA ASP A 75 -7.15 10.45 5.88
C ASP A 75 -6.64 11.80 5.36
N ARG A 76 -5.65 12.34 6.07
CA ARG A 76 -5.06 13.64 5.70
C ARG A 76 -5.32 13.99 4.24
N LEU A 77 -6.51 14.55 3.98
CA LEU A 77 -6.88 14.95 2.62
C LEU A 77 -6.48 13.88 1.61
N GLY A 78 -6.64 14.20 0.32
CA GLY A 78 -6.29 13.28 -0.74
C GLY A 78 -6.94 11.92 -0.53
N TYR A 79 -7.89 11.59 -1.40
CA TYR A 79 -8.58 10.31 -1.32
C TYR A 79 -7.68 9.17 -1.78
N VAL A 80 -7.11 9.33 -2.98
CA VAL A 80 -6.22 8.31 -3.53
C VAL A 80 -5.16 7.94 -2.52
N GLU A 81 -4.52 8.95 -1.95
CA GLU A 81 -3.47 8.73 -0.98
C GLU A 81 -3.91 7.72 0.07
N ARG A 82 -5.09 7.93 0.61
CA ARG A 82 -5.61 7.04 1.65
C ARG A 82 -5.52 5.58 1.20
N ASN A 83 -6.04 5.29 0.02
CA ASN A 83 -5.98 3.93 -0.49
C ASN A 83 -4.58 3.57 -0.90
N ALA A 84 -3.92 4.49 -1.59
CA ALA A 84 -2.57 4.26 -2.06
C ALA A 84 -1.66 3.95 -0.89
N LEU A 85 -1.88 4.65 0.22
CA LEU A 85 -1.03 4.45 1.38
C LEU A 85 -1.02 2.99 1.78
N ARG A 86 -2.19 2.38 1.83
CA ARG A 86 -2.27 0.98 2.21
C ARG A 86 -1.44 0.14 1.24
N LEU A 87 -1.60 0.41 -0.04
CA LEU A 87 -0.87 -0.35 -1.04
C LEU A 87 0.63 -0.12 -0.92
N GLY A 88 1.03 1.09 -0.56
CA GLY A 88 2.44 1.41 -0.43
C GLY A 88 3.09 0.61 0.68
N VAL A 89 2.45 0.60 1.83
CA VAL A 89 2.97 -0.11 2.98
C VAL A 89 3.00 -1.61 2.69
N ALA A 90 2.01 -2.08 1.96
CA ALA A 90 1.92 -3.48 1.63
C ALA A 90 3.29 -4.00 1.21
N GLU A 91 3.99 -3.23 0.40
CA GLU A 91 5.29 -3.67 -0.04
C GLU A 91 6.34 -3.54 1.07
N LEU A 92 6.51 -2.32 1.56
CA LEU A 92 7.50 -2.02 2.58
C LEU A 92 8.06 -3.29 3.25
N ILE A 93 7.27 -3.92 4.10
CA ILE A 93 7.76 -5.11 4.81
C ILE A 93 6.91 -6.33 4.51
N PHE A 94 5.63 -6.10 4.27
CA PHE A 94 4.70 -7.19 4.03
C PHE A 94 5.18 -8.10 2.90
N LEU A 95 5.88 -7.53 1.93
CA LEU A 95 6.39 -8.32 0.82
C LEU A 95 7.80 -8.83 1.13
N LYS A 96 8.46 -8.19 2.09
CA LYS A 96 9.81 -8.59 2.47
C LYS A 96 10.75 -8.43 1.27
N SER A 97 10.72 -7.26 0.66
CA SER A 97 11.57 -6.98 -0.50
C SER A 97 13.00 -6.69 -0.07
N LYS A 98 13.94 -6.87 -0.99
CA LYS A 98 15.35 -6.63 -0.70
C LYS A 98 15.67 -5.14 -0.85
N GLU A 99 14.83 -4.44 -1.61
CA GLU A 99 15.00 -3.01 -1.84
C GLU A 99 13.64 -2.31 -1.85
N PRO A 100 13.02 -2.22 -0.69
CA PRO A 100 11.68 -1.58 -0.55
C PRO A 100 11.68 -0.10 -0.92
N GLY A 101 12.84 0.54 -0.78
CA GLY A 101 12.95 1.96 -1.08
C GLY A 101 12.46 2.28 -2.49
N ARG A 102 12.96 1.54 -3.48
CA ARG A 102 12.56 1.77 -4.87
C ARG A 102 11.14 1.27 -5.15
N VAL A 103 10.81 0.11 -4.60
CA VAL A 103 9.48 -0.47 -4.82
C VAL A 103 8.40 0.47 -4.33
N PHE A 104 8.55 0.97 -3.11
CA PHE A 104 7.56 1.87 -2.54
C PHE A 104 7.57 3.20 -3.31
N ILE A 105 8.76 3.74 -3.54
CA ILE A 105 8.86 5.01 -4.24
C ILE A 105 8.05 5.00 -5.52
N ASP A 106 8.28 4.00 -6.35
CA ASP A 106 7.59 3.89 -7.62
C ASP A 106 6.09 3.92 -7.42
N ILE A 107 5.63 3.21 -6.40
CA ILE A 107 4.22 3.17 -6.13
C ILE A 107 3.68 4.58 -5.95
N VAL A 108 4.39 5.37 -5.15
CA VAL A 108 3.98 6.74 -4.93
C VAL A 108 4.15 7.54 -6.21
N ASP A 109 5.19 7.25 -6.96
CA ASP A 109 5.41 7.93 -8.21
C ASP A 109 4.20 7.70 -9.09
N LEU A 110 3.66 6.50 -8.98
CA LEU A 110 2.48 6.13 -9.75
C LEU A 110 1.31 7.05 -9.38
N VAL A 111 1.26 7.45 -8.13
CA VAL A 111 0.21 8.34 -7.64
C VAL A 111 0.31 9.69 -8.33
N LYS A 112 1.52 10.16 -8.54
CA LYS A 112 1.74 11.45 -9.18
C LYS A 112 0.97 11.52 -10.50
N LYS A 113 0.95 10.40 -11.19
CA LYS A 113 0.27 10.30 -12.47
C LYS A 113 -1.25 10.39 -12.30
N TYR A 114 -1.77 9.67 -11.31
CA TYR A 114 -3.20 9.65 -11.05
C TYR A 114 -3.61 10.84 -10.19
N ALA A 115 -3.14 10.86 -8.94
CA ALA A 115 -3.48 11.94 -8.03
C ALA A 115 -2.51 13.11 -8.18
N ASP A 116 -3.01 14.32 -7.97
CA ASP A 116 -2.20 15.53 -8.10
C ASP A 116 -0.80 15.30 -7.53
N GLU A 117 0.17 16.02 -8.08
CA GLU A 117 1.56 15.90 -7.64
C GLU A 117 1.71 16.32 -6.18
N LYS A 118 0.90 17.28 -5.75
CA LYS A 118 0.97 17.74 -4.37
C LYS A 118 0.69 16.61 -3.39
N ALA A 119 -0.21 15.71 -3.78
CA ALA A 119 -0.56 14.56 -2.96
C ALA A 119 0.62 13.60 -2.88
N GLY A 120 1.33 13.49 -3.99
CA GLY A 120 2.49 12.59 -4.06
C GLY A 120 3.50 12.96 -3.00
N LYS A 121 3.67 14.25 -2.74
CA LYS A 121 4.61 14.70 -1.73
C LYS A 121 4.22 14.16 -0.37
N PHE A 122 2.94 14.30 -0.05
CA PHE A 122 2.42 13.80 1.23
C PHE A 122 2.48 12.29 1.27
N VAL A 123 2.08 11.66 0.17
CA VAL A 123 2.08 10.19 0.08
C VAL A 123 3.48 9.64 0.29
N ASN A 124 4.48 10.26 -0.32
CA ASN A 124 5.85 9.79 -0.19
C ASN A 124 6.36 9.98 1.24
N GLY A 125 6.22 11.19 1.76
CA GLY A 125 6.68 11.50 3.11
C GLY A 125 6.03 10.59 4.14
N VAL A 126 4.71 10.49 4.08
CA VAL A 126 3.97 9.66 5.03
C VAL A 126 4.34 8.19 4.86
N LEU A 127 4.71 7.79 3.65
CA LEU A 127 5.07 6.39 3.40
C LEU A 127 6.26 6.00 4.27
N SER A 128 7.26 6.87 4.30
CA SER A 128 8.46 6.62 5.10
C SER A 128 8.09 6.50 6.58
N ALA A 129 7.01 7.18 6.96
CA ALA A 129 6.58 7.17 8.36
C ALA A 129 6.36 5.74 8.85
N ILE A 130 5.76 4.90 8.02
CA ILE A 130 5.54 3.51 8.40
C ILE A 130 6.88 2.78 8.50
N TYR A 131 7.79 3.08 7.59
CA TYR A 131 9.10 2.41 7.57
C TYR A 131 9.79 2.54 8.94
N LYS A 132 9.90 3.76 9.43
CA LYS A 132 10.54 3.98 10.73
C LYS A 132 9.85 3.16 11.82
N ALA A 133 8.53 3.06 11.74
CA ALA A 133 7.77 2.30 12.72
C ALA A 133 8.28 0.87 12.80
N TYR A 134 8.54 0.27 11.63
CA TYR A 134 9.05 -1.10 11.58
C TYR A 134 10.36 -1.20 12.34
N ILE A 135 11.25 -0.24 12.12
CA ILE A 135 12.54 -0.24 12.78
C ILE A 135 12.43 0.41 14.17
N THR A 136 11.94 -0.38 15.13
CA THR A 136 11.77 0.11 16.50
C THR A 136 12.89 -0.42 17.39
N SER A 137 13.43 -1.58 17.03
CA SER A 137 14.50 -2.19 17.81
C SER A 137 15.82 -1.47 17.58
N SER A 138 15.91 -0.74 16.47
CA SER A 138 17.13 0.00 16.14
C SER A 138 17.65 0.74 17.36
N LYS A 139 17.15 1.95 17.57
CA LYS A 139 17.58 2.76 18.70
C LYS A 139 17.63 1.93 19.97
N GLU A 140 16.47 1.56 20.48
CA GLU A 140 16.40 0.76 21.70
C GLU A 140 16.84 -0.68 21.43
N GLU A 141 18.00 -1.05 21.96
CA GLU A 141 18.52 -2.40 21.77
C GLU A 141 17.95 -3.35 22.82
N LYS A 142 18.22 -3.06 24.09
CA LYS A 142 17.73 -3.91 25.18
C LYS A 142 16.31 -3.49 25.57
N PRO A 143 15.59 -4.37 26.21
CA PRO A 143 14.19 -4.11 26.65
C PRO A 143 14.12 -3.01 27.72
N SER A 144 13.13 -2.14 27.60
CA SER A 144 12.96 -1.05 28.55
C SER A 144 12.01 -1.45 29.67
N LEU A 145 11.26 -0.48 30.19
CA LEU A 145 10.30 -0.75 31.25
C LEU A 145 9.17 -1.64 30.75
N LYS A 146 9.18 -2.90 31.19
CA LYS A 146 8.15 -3.84 30.78
C LYS A 146 7.01 -3.87 31.80
N SER A 147 5.78 -3.93 31.31
CA SER A 147 4.62 -3.96 32.19
C SER A 147 4.39 -5.37 32.72
N GLU A 148 3.64 -5.47 33.82
CA GLU A 148 3.35 -6.77 34.42
C GLU A 148 2.25 -6.63 35.47
N MET A 1 8.64 -8.64 -18.39
CA MET A 1 9.68 -7.84 -17.67
C MET A 1 9.17 -6.41 -17.48
N ARG A 2 7.86 -6.23 -17.60
CA ARG A 2 7.27 -4.92 -17.42
C ARG A 2 5.79 -5.03 -17.04
N TYR A 3 5.21 -6.18 -17.33
CA TYR A 3 3.80 -6.41 -17.02
C TYR A 3 3.60 -6.43 -15.50
N ARG A 4 4.55 -7.04 -14.79
CA ARG A 4 4.48 -7.12 -13.33
C ARG A 4 4.40 -5.73 -12.72
N LYS A 5 5.17 -4.79 -13.27
CA LYS A 5 5.18 -3.43 -12.77
C LYS A 5 3.76 -2.85 -12.82
N GLY A 6 3.01 -3.21 -13.85
CA GLY A 6 1.65 -2.71 -14.00
C GLY A 6 0.72 -3.37 -12.99
N ALA A 7 0.95 -4.64 -12.71
CA ALA A 7 0.13 -5.37 -11.75
C ALA A 7 0.11 -4.66 -10.41
N ARG A 8 1.24 -4.02 -10.06
CA ARG A 8 1.33 -3.31 -8.80
C ARG A 8 0.55 -2.00 -8.86
N ASP A 9 0.60 -1.34 -10.00
CA ASP A 9 -0.11 -0.07 -10.17
C ASP A 9 -1.62 -0.26 -9.99
N THR A 10 -2.15 -1.28 -10.65
CA THR A 10 -3.58 -1.57 -10.55
C THR A 10 -3.98 -1.92 -9.12
N ALA A 11 -3.00 -2.31 -8.31
CA ALA A 11 -3.27 -2.69 -6.93
C ALA A 11 -4.01 -1.57 -6.20
N PHE A 12 -3.51 -0.35 -6.35
CA PHE A 12 -4.13 0.79 -5.68
C PHE A 12 -5.58 0.92 -6.10
N LEU A 13 -5.83 0.73 -7.38
CA LEU A 13 -7.17 0.84 -7.92
C LEU A 13 -8.13 -0.05 -7.12
N VAL A 14 -7.72 -1.27 -6.87
CA VAL A 14 -8.57 -2.19 -6.11
C VAL A 14 -8.77 -1.65 -4.70
N LEU A 15 -7.69 -1.20 -4.10
CA LEU A 15 -7.75 -0.65 -2.76
C LEU A 15 -8.61 0.60 -2.78
N TYR A 16 -8.55 1.33 -3.88
CA TYR A 16 -9.35 2.54 -4.02
C TYR A 16 -10.83 2.20 -3.99
N ARG A 17 -11.17 1.07 -4.60
CA ARG A 17 -12.56 0.63 -4.62
C ARG A 17 -13.02 0.27 -3.21
N TRP A 18 -12.07 -0.21 -2.40
CA TRP A 18 -12.39 -0.59 -1.03
C TRP A 18 -12.84 0.63 -0.24
N ASP A 19 -12.32 1.80 -0.59
CA ASP A 19 -12.69 3.03 0.10
C ASP A 19 -14.16 3.35 -0.14
N LEU A 20 -14.65 3.02 -1.33
CA LEU A 20 -16.04 3.31 -1.67
C LEU A 20 -16.95 2.13 -1.32
N ARG A 21 -16.51 0.93 -1.69
CA ARG A 21 -17.30 -0.28 -1.43
C ARG A 21 -16.82 -0.98 -0.17
N GLY A 22 -15.51 -1.15 -0.04
CA GLY A 22 -14.95 -1.82 1.13
C GLY A 22 -15.29 -3.31 1.11
N GLU A 23 -15.85 -3.77 0.00
CA GLU A 23 -16.23 -5.17 -0.13
C GLU A 23 -15.07 -5.98 -0.70
N ASN A 24 -15.24 -7.30 -0.74
CA ASN A 24 -14.20 -8.19 -1.25
C ASN A 24 -13.51 -7.55 -2.47
N PRO A 25 -12.21 -7.41 -2.44
CA PRO A 25 -11.45 -6.79 -3.57
C PRO A 25 -11.28 -7.76 -4.74
N GLY A 26 -11.28 -9.05 -4.45
CA GLY A 26 -11.13 -10.06 -5.49
C GLY A 26 -12.28 -10.01 -6.48
N GLU A 27 -13.50 -9.95 -5.95
CA GLU A 27 -14.69 -9.89 -6.79
C GLU A 27 -14.71 -8.60 -7.60
N LEU A 28 -14.49 -7.49 -6.91
CA LEU A 28 -14.49 -6.18 -7.56
C LEU A 28 -13.47 -6.14 -8.68
N PHE A 29 -12.33 -6.78 -8.47
CA PHE A 29 -11.28 -6.80 -9.47
C PHE A 29 -11.83 -7.36 -10.78
N LYS A 30 -12.63 -8.40 -10.67
CA LYS A 30 -13.22 -9.04 -11.85
C LYS A 30 -14.02 -8.03 -12.67
N GLU A 31 -14.63 -7.07 -12.00
CA GLU A 31 -15.45 -6.06 -12.68
C GLU A 31 -14.61 -5.12 -13.57
N VAL A 32 -13.46 -4.69 -13.06
CA VAL A 32 -12.61 -3.76 -13.82
C VAL A 32 -11.90 -4.45 -14.98
N VAL A 33 -11.36 -5.64 -14.73
CA VAL A 33 -10.64 -6.35 -15.78
C VAL A 33 -11.47 -6.31 -17.05
N GLU A 34 -12.79 -6.41 -16.85
CA GLU A 34 -13.72 -6.37 -17.97
C GLU A 34 -13.61 -5.05 -18.72
N GLU A 35 -13.64 -3.94 -17.97
CA GLU A 35 -13.55 -2.62 -18.57
C GLU A 35 -12.12 -2.34 -19.02
N LYS A 36 -11.17 -2.69 -18.16
CA LYS A 36 -9.76 -2.46 -18.47
C LYS A 36 -9.11 -3.77 -18.89
N ASN A 37 -8.74 -3.84 -20.17
CA ASN A 37 -8.11 -5.04 -20.71
C ASN A 37 -6.76 -5.30 -20.06
N ILE A 38 -6.72 -5.27 -18.73
CA ILE A 38 -5.49 -5.52 -17.99
C ILE A 38 -4.53 -6.40 -18.80
N LYS A 39 -3.68 -5.76 -19.59
CA LYS A 39 -2.73 -6.50 -20.41
C LYS A 39 -2.07 -7.60 -19.57
N ASN A 40 -1.63 -8.67 -20.24
CA ASN A 40 -0.99 -9.77 -19.54
C ASN A 40 -1.90 -10.33 -18.45
N LYS A 41 -2.61 -11.42 -18.76
CA LYS A 41 -3.50 -12.04 -17.79
C LYS A 41 -2.72 -12.27 -16.49
N ASP A 42 -1.43 -12.55 -16.65
CA ASP A 42 -0.56 -12.77 -15.50
C ASP A 42 -0.65 -11.60 -14.56
N ALA A 43 -0.65 -10.41 -15.15
CA ALA A 43 -0.70 -9.18 -14.40
C ALA A 43 -1.97 -9.08 -13.57
N TYR A 44 -3.11 -9.38 -14.19
CA TYR A 44 -4.38 -9.30 -13.49
C TYR A 44 -4.38 -10.24 -12.29
N GLU A 45 -3.95 -11.48 -12.50
CA GLU A 45 -3.91 -12.44 -11.41
C GLU A 45 -2.83 -12.03 -10.43
N TYR A 46 -1.66 -11.76 -10.97
CA TYR A 46 -0.55 -11.34 -10.13
C TYR A 46 -0.90 -10.07 -9.40
N ALA A 47 -1.63 -9.21 -10.08
CA ALA A 47 -2.06 -7.95 -9.50
C ALA A 47 -2.92 -8.19 -8.27
N LYS A 48 -3.80 -9.15 -8.37
CA LYS A 48 -4.69 -9.47 -7.26
C LYS A 48 -3.88 -9.84 -6.04
N LYS A 49 -2.97 -10.77 -6.22
CA LYS A 49 -2.14 -11.21 -5.12
C LYS A 49 -1.38 -10.03 -4.54
N LEU A 50 -0.97 -9.11 -5.41
CA LEU A 50 -0.22 -7.94 -4.96
C LEU A 50 -1.03 -7.13 -3.96
N VAL A 51 -2.30 -6.92 -4.28
CA VAL A 51 -3.17 -6.15 -3.40
C VAL A 51 -3.38 -6.86 -2.08
N ASP A 52 -3.41 -8.18 -2.12
CA ASP A 52 -3.65 -8.94 -0.91
C ASP A 52 -2.62 -8.65 0.16
N THR A 53 -1.42 -8.31 -0.27
CA THR A 53 -0.35 -8.00 0.67
C THR A 53 -0.81 -6.84 1.53
N ALA A 54 -1.61 -6.01 0.91
CA ALA A 54 -2.17 -4.85 1.57
C ALA A 54 -3.32 -5.27 2.49
N VAL A 55 -4.13 -6.19 1.99
CA VAL A 55 -5.30 -6.67 2.72
C VAL A 55 -4.91 -7.70 3.78
N ARG A 56 -3.71 -8.25 3.67
CA ARG A 56 -3.26 -9.26 4.64
C ARG A 56 -3.45 -8.73 6.06
N HIS A 57 -3.65 -7.42 6.18
CA HIS A 57 -3.85 -6.80 7.48
C HIS A 57 -4.09 -5.30 7.31
N ILE A 58 -4.77 -4.95 6.22
CA ILE A 58 -5.06 -3.56 5.89
C ILE A 58 -5.28 -2.70 7.14
N GLU A 59 -6.13 -3.14 8.06
CA GLU A 59 -6.40 -2.35 9.25
C GLU A 59 -5.12 -2.10 10.02
N GLU A 60 -4.37 -3.16 10.24
CA GLU A 60 -3.10 -3.05 10.95
C GLU A 60 -2.22 -2.03 10.25
N ILE A 61 -2.27 -2.01 8.93
CA ILE A 61 -1.45 -1.08 8.17
C ILE A 61 -1.82 0.35 8.55
N ASP A 62 -3.12 0.63 8.60
CA ASP A 62 -3.56 1.96 8.98
C ASP A 62 -2.97 2.27 10.35
N SER A 63 -3.08 1.28 11.23
CA SER A 63 -2.53 1.41 12.56
C SER A 63 -1.04 1.69 12.47
N ILE A 64 -0.38 0.93 11.61
CA ILE A 64 1.06 1.09 11.40
C ILE A 64 1.34 2.51 10.93
N ILE A 65 0.46 3.02 10.07
CA ILE A 65 0.58 4.39 9.59
C ILE A 65 0.21 5.38 10.68
N GLU A 66 -0.80 5.02 11.46
CA GLU A 66 -1.32 5.88 12.50
C GLU A 66 -0.29 6.15 13.60
N LYS A 67 0.50 5.14 13.95
CA LYS A 67 1.48 5.30 15.00
C LYS A 67 2.44 6.45 14.70
N HIS A 68 2.62 6.76 13.42
CA HIS A 68 3.51 7.85 13.02
C HIS A 68 2.73 9.11 12.63
N LEU A 69 1.51 8.94 12.14
CA LEU A 69 0.70 10.10 11.73
C LEU A 69 0.89 11.26 12.69
N LYS A 70 1.10 10.94 13.96
CA LYS A 70 1.30 11.97 14.99
C LYS A 70 -0.02 12.69 15.28
N GLY A 71 -1.00 11.94 15.77
CA GLY A 71 -2.30 12.52 16.08
C GLY A 71 -3.00 13.04 14.83
N TRP A 72 -2.83 12.31 13.73
CA TRP A 72 -3.42 12.68 12.45
C TRP A 72 -4.16 11.49 11.84
N SER A 73 -4.98 11.76 10.83
CA SER A 73 -5.73 10.70 10.15
C SER A 73 -5.22 10.50 8.74
N ILE A 74 -4.92 9.24 8.40
CA ILE A 74 -4.41 8.93 7.06
C ILE A 74 -5.38 9.42 6.00
N ASP A 75 -6.64 9.55 6.39
CA ASP A 75 -7.67 10.03 5.49
C ASP A 75 -7.43 11.50 5.16
N ARG A 76 -6.69 12.18 6.04
CA ARG A 76 -6.40 13.60 5.86
C ARG A 76 -6.24 13.97 4.38
N LEU A 77 -5.03 13.83 3.86
CA LEU A 77 -4.77 14.19 2.46
C LEU A 77 -5.79 13.55 1.51
N GLY A 78 -5.55 13.71 0.22
CA GLY A 78 -6.44 13.18 -0.81
C GLY A 78 -6.94 11.78 -0.45
N TYR A 79 -7.95 11.33 -1.21
CA TYR A 79 -8.54 10.02 -0.98
C TYR A 79 -7.61 8.90 -1.46
N VAL A 80 -7.16 9.01 -2.71
CA VAL A 80 -6.28 7.98 -3.27
C VAL A 80 -5.09 7.72 -2.35
N GLU A 81 -4.50 8.80 -1.87
CA GLU A 81 -3.35 8.67 -0.98
C GLU A 81 -3.61 7.66 0.11
N ARG A 82 -4.73 7.78 0.80
CA ARG A 82 -5.04 6.86 1.86
C ARG A 82 -4.92 5.42 1.36
N ASN A 83 -5.58 5.13 0.25
CA ASN A 83 -5.51 3.80 -0.31
C ASN A 83 -4.12 3.50 -0.84
N ALA A 84 -3.58 4.44 -1.61
CA ALA A 84 -2.26 4.27 -2.18
C ALA A 84 -1.24 4.04 -1.08
N LEU A 85 -1.35 4.83 -0.02
CA LEU A 85 -0.42 4.72 1.09
C LEU A 85 -0.44 3.29 1.61
N ARG A 86 -1.63 2.73 1.77
CA ARG A 86 -1.75 1.37 2.26
C ARG A 86 -1.08 0.39 1.30
N LEU A 87 -1.30 0.58 0.02
CA LEU A 87 -0.71 -0.32 -0.97
C LEU A 87 0.81 -0.21 -0.96
N GLY A 88 1.32 0.99 -0.70
CA GLY A 88 2.77 1.18 -0.69
C GLY A 88 3.43 0.42 0.45
N VAL A 89 2.85 0.55 1.64
CA VAL A 89 3.39 -0.11 2.80
C VAL A 89 3.35 -1.63 2.64
N ALA A 90 2.33 -2.11 1.95
CA ALA A 90 2.20 -3.54 1.74
C ALA A 90 3.53 -4.13 1.34
N GLU A 91 4.22 -3.49 0.42
CA GLU A 91 5.49 -4.01 -0.02
C GLU A 91 6.58 -3.81 1.03
N LEU A 92 6.76 -2.57 1.45
CA LEU A 92 7.79 -2.21 2.43
C LEU A 92 8.41 -3.43 3.11
N ILE A 93 7.66 -4.08 4.00
CA ILE A 93 8.19 -5.24 4.72
C ILE A 93 7.37 -6.51 4.47
N PHE A 94 6.08 -6.33 4.28
CA PHE A 94 5.18 -7.47 4.08
C PHE A 94 5.68 -8.36 2.94
N LEU A 95 6.32 -7.76 1.96
CA LEU A 95 6.86 -8.52 0.83
C LEU A 95 8.35 -8.80 1.00
N LYS A 96 8.99 -8.00 1.85
CA LYS A 96 10.43 -8.17 2.08
C LYS A 96 11.21 -8.03 0.78
N SER A 97 10.70 -7.18 -0.11
CA SER A 97 11.35 -6.96 -1.40
C SER A 97 12.85 -6.75 -1.22
N LYS A 98 13.61 -7.00 -2.28
CA LYS A 98 15.06 -6.84 -2.23
C LYS A 98 15.41 -5.35 -2.20
N GLU A 99 14.50 -4.52 -2.73
CA GLU A 99 14.71 -3.08 -2.76
C GLU A 99 13.40 -2.36 -2.45
N PRO A 100 12.96 -2.45 -1.22
CA PRO A 100 11.68 -1.81 -0.78
C PRO A 100 11.69 -0.29 -0.96
N GLY A 101 12.87 0.28 -1.12
CA GLY A 101 12.98 1.73 -1.28
C GLY A 101 12.47 2.17 -2.65
N ARG A 102 12.94 1.51 -3.71
CA ARG A 102 12.53 1.84 -5.06
C ARG A 102 11.09 1.36 -5.34
N VAL A 103 10.75 0.20 -4.80
CA VAL A 103 9.43 -0.37 -5.01
C VAL A 103 8.35 0.58 -4.51
N PHE A 104 8.51 1.06 -3.29
CA PHE A 104 7.53 1.98 -2.71
C PHE A 104 7.55 3.30 -3.44
N ILE A 105 8.74 3.84 -3.66
CA ILE A 105 8.85 5.12 -4.32
C ILE A 105 8.02 5.14 -5.60
N ASP A 106 8.24 4.16 -6.45
CA ASP A 106 7.53 4.06 -7.72
C ASP A 106 6.03 4.04 -7.47
N ILE A 107 5.62 3.28 -6.48
CA ILE A 107 4.21 3.19 -6.15
C ILE A 107 3.67 4.57 -5.90
N VAL A 108 4.37 5.34 -5.08
CA VAL A 108 3.94 6.69 -4.79
C VAL A 108 4.05 7.56 -6.02
N ASP A 109 5.09 7.31 -6.81
CA ASP A 109 5.26 8.08 -8.03
C ASP A 109 4.07 7.80 -8.93
N LEU A 110 3.59 6.56 -8.88
CA LEU A 110 2.43 6.17 -9.69
C LEU A 110 1.21 7.00 -9.28
N VAL A 111 1.16 7.35 -8.00
CA VAL A 111 0.06 8.15 -7.47
C VAL A 111 0.07 9.55 -8.09
N LYS A 112 1.27 10.11 -8.26
CA LYS A 112 1.39 11.45 -8.82
C LYS A 112 0.62 11.56 -10.13
N LYS A 113 0.67 10.49 -10.90
CA LYS A 113 -0.01 10.45 -12.19
C LYS A 113 -1.52 10.46 -12.02
N TYR A 114 -2.00 9.65 -11.07
CA TYR A 114 -3.44 9.57 -10.82
C TYR A 114 -3.90 10.73 -9.94
N ALA A 115 -3.40 10.77 -8.71
CA ALA A 115 -3.79 11.82 -7.77
C ALA A 115 -2.81 13.00 -7.85
N ASP A 116 -3.29 14.17 -7.46
CA ASP A 116 -2.48 15.39 -7.48
C ASP A 116 -1.04 15.10 -7.05
N GLU A 117 -0.09 15.79 -7.69
CA GLU A 117 1.32 15.62 -7.37
C GLU A 117 1.60 16.02 -5.92
N LYS A 118 0.92 17.07 -5.46
CA LYS A 118 1.12 17.54 -4.09
C LYS A 118 0.81 16.43 -3.10
N ALA A 119 -0.12 15.55 -3.49
CA ALA A 119 -0.52 14.44 -2.65
C ALA A 119 0.60 13.40 -2.61
N GLY A 120 1.25 13.23 -3.74
CA GLY A 120 2.34 12.27 -3.87
C GLY A 120 3.43 12.56 -2.84
N LYS A 121 3.68 13.85 -2.61
CA LYS A 121 4.70 14.25 -1.65
C LYS A 121 4.34 13.75 -0.25
N PHE A 122 3.08 13.98 0.12
CA PHE A 122 2.59 13.55 1.43
C PHE A 122 2.59 12.03 1.54
N VAL A 123 2.21 11.36 0.45
CA VAL A 123 2.15 9.90 0.46
C VAL A 123 3.53 9.33 0.75
N ASN A 124 4.56 9.84 0.09
CA ASN A 124 5.90 9.34 0.32
C ASN A 124 6.37 9.68 1.73
N GLY A 125 6.22 10.95 2.10
CA GLY A 125 6.63 11.40 3.43
C GLY A 125 5.96 10.58 4.52
N VAL A 126 4.64 10.41 4.41
CA VAL A 126 3.91 9.64 5.39
C VAL A 126 4.25 8.15 5.27
N LEU A 127 4.56 7.70 4.04
CA LEU A 127 4.90 6.30 3.83
C LEU A 127 6.20 5.97 4.54
N SER A 128 7.19 6.84 4.39
CA SER A 128 8.48 6.65 5.03
C SER A 128 8.29 6.57 6.54
N ALA A 129 7.25 7.24 7.01
CA ALA A 129 6.95 7.27 8.44
C ALA A 129 6.76 5.86 8.99
N ILE A 130 6.10 5.01 8.21
CA ILE A 130 5.88 3.64 8.64
C ILE A 130 7.22 2.95 8.89
N TYR A 131 8.19 3.23 8.03
CA TYR A 131 9.51 2.63 8.16
C TYR A 131 10.10 2.88 9.55
N LYS A 132 10.11 4.15 9.96
CA LYS A 132 10.65 4.49 11.27
C LYS A 132 9.89 3.78 12.38
N ALA A 133 8.58 3.62 12.20
CA ALA A 133 7.75 2.95 13.19
C ALA A 133 8.05 1.45 13.23
N TYR A 134 8.39 0.90 12.07
CA TYR A 134 8.69 -0.53 11.96
C TYR A 134 9.92 -0.94 12.77
N ILE A 135 11.00 -0.18 12.65
CA ILE A 135 12.24 -0.51 13.36
C ILE A 135 11.99 -0.85 14.84
N THR A 136 10.75 -0.68 15.28
CA THR A 136 10.40 -0.97 16.66
C THR A 136 10.49 -2.47 16.94
N SER A 137 10.20 -3.28 15.93
CA SER A 137 10.24 -4.73 16.07
C SER A 137 11.66 -5.24 15.89
N SER A 138 12.40 -4.62 14.98
CA SER A 138 13.78 -5.03 14.71
C SER A 138 14.70 -4.53 15.82
N LYS A 139 14.12 -3.94 16.85
CA LYS A 139 14.90 -3.42 17.98
C LYS A 139 14.28 -3.87 19.30
N GLU A 140 14.85 -3.40 20.40
CA GLU A 140 14.34 -3.76 21.72
C GLU A 140 14.82 -2.74 22.76
N GLU A 141 15.91 -2.06 22.47
CA GLU A 141 16.45 -1.06 23.38
C GLU A 141 16.52 -1.62 24.80
N LYS A 142 16.23 -0.77 25.78
CA LYS A 142 16.26 -1.20 27.18
C LYS A 142 15.08 -2.12 27.48
N PRO A 143 15.26 -3.06 28.39
CA PRO A 143 14.18 -4.02 28.76
C PRO A 143 13.01 -3.33 29.44
N SER A 144 11.82 -3.90 29.30
CA SER A 144 10.62 -3.33 29.90
C SER A 144 9.74 -4.43 30.49
N LEU A 145 9.73 -4.51 31.83
CA LEU A 145 8.93 -5.53 32.52
C LEU A 145 7.71 -4.89 33.16
N LYS A 146 7.01 -5.66 33.99
CA LYS A 146 5.82 -5.15 34.66
C LYS A 146 6.15 -3.88 35.44
N SER A 147 5.21 -3.44 36.28
CA SER A 147 5.42 -2.24 37.07
C SER A 147 4.77 -2.38 38.44
N GLU A 148 5.59 -2.41 39.48
CA GLU A 148 5.08 -2.55 40.85
C GLU A 148 4.17 -3.76 40.96
N MET A 1 8.70 -6.46 -22.10
CA MET A 1 8.72 -7.05 -20.73
C MET A 1 8.47 -5.95 -19.71
N ARG A 2 7.21 -5.80 -19.31
CA ARG A 2 6.84 -4.77 -18.34
C ARG A 2 5.41 -4.98 -17.85
N TYR A 3 4.91 -6.20 -17.97
CA TYR A 3 3.55 -6.51 -17.53
C TYR A 3 3.44 -6.35 -16.02
N ARG A 4 4.50 -6.70 -15.31
CA ARG A 4 4.50 -6.59 -13.85
C ARG A 4 4.26 -5.16 -13.41
N LYS A 5 4.84 -4.20 -14.14
CA LYS A 5 4.68 -2.80 -13.81
C LYS A 5 3.21 -2.42 -13.77
N GLY A 6 2.44 -2.98 -14.70
CA GLY A 6 1.01 -2.70 -14.77
C GLY A 6 0.27 -3.36 -13.61
N ALA A 7 0.78 -4.50 -13.16
CA ALA A 7 0.16 -5.22 -12.06
C ALA A 7 0.34 -4.47 -10.74
N ARG A 8 1.50 -3.82 -10.58
CA ARG A 8 1.79 -3.08 -9.35
C ARG A 8 1.00 -1.77 -9.27
N ASP A 9 0.99 -1.03 -10.37
CA ASP A 9 0.27 0.26 -10.39
C ASP A 9 -1.23 0.03 -10.27
N THR A 10 -1.70 -1.03 -10.90
CA THR A 10 -3.12 -1.36 -10.87
C THR A 10 -3.59 -1.64 -9.44
N ALA A 11 -2.64 -1.97 -8.56
CA ALA A 11 -2.95 -2.28 -7.17
C ALA A 11 -3.68 -1.13 -6.47
N PHE A 12 -3.23 0.09 -6.72
CA PHE A 12 -3.82 1.25 -6.06
C PHE A 12 -5.33 1.34 -6.30
N LEU A 13 -5.74 1.26 -7.55
CA LEU A 13 -7.16 1.37 -7.85
C LEU A 13 -7.98 0.35 -7.06
N VAL A 14 -7.44 -0.85 -6.90
CA VAL A 14 -8.16 -1.88 -6.14
C VAL A 14 -8.27 -1.45 -4.69
N LEU A 15 -7.17 -0.92 -4.17
CA LEU A 15 -7.16 -0.45 -2.81
C LEU A 15 -8.16 0.68 -2.67
N TYR A 16 -8.29 1.47 -3.73
CA TYR A 16 -9.23 2.58 -3.73
C TYR A 16 -10.65 2.05 -3.61
N ARG A 17 -10.90 0.93 -4.27
CA ARG A 17 -12.22 0.32 -4.24
C ARG A 17 -12.55 -0.13 -2.82
N TRP A 18 -11.52 -0.54 -2.08
CA TRP A 18 -11.72 -1.00 -0.72
C TRP A 18 -12.27 0.13 0.14
N ASP A 19 -11.83 1.35 -0.17
CA ASP A 19 -12.28 2.52 0.57
C ASP A 19 -13.77 2.77 0.35
N LEU A 20 -14.26 2.44 -0.84
CA LEU A 20 -15.65 2.67 -1.18
C LEU A 20 -16.53 1.47 -0.82
N ARG A 21 -16.07 0.27 -1.15
CA ARG A 21 -16.84 -0.95 -0.87
C ARG A 21 -16.23 -1.75 0.28
N GLY A 22 -14.92 -1.95 0.24
CA GLY A 22 -14.25 -2.71 1.29
C GLY A 22 -14.86 -4.09 1.43
N GLU A 23 -15.28 -4.67 0.31
CA GLU A 23 -15.89 -6.01 0.33
C GLU A 23 -15.30 -6.90 -0.76
N ASN A 24 -14.91 -8.11 -0.38
CA ASN A 24 -14.34 -9.07 -1.32
C ASN A 24 -13.53 -8.38 -2.41
N PRO A 25 -12.31 -8.01 -2.12
CA PRO A 25 -11.41 -7.33 -3.11
C PRO A 25 -11.26 -8.14 -4.40
N GLY A 26 -11.46 -9.45 -4.30
CA GLY A 26 -11.34 -10.32 -5.47
C GLY A 26 -12.47 -10.08 -6.46
N GLU A 27 -13.69 -9.96 -5.95
CA GLU A 27 -14.85 -9.72 -6.80
C GLU A 27 -14.67 -8.42 -7.56
N LEU A 28 -14.34 -7.37 -6.82
CA LEU A 28 -14.13 -6.05 -7.41
C LEU A 28 -13.08 -6.10 -8.52
N PHE A 29 -12.02 -6.87 -8.29
CA PHE A 29 -10.95 -6.99 -9.25
C PHE A 29 -11.49 -7.59 -10.55
N LYS A 30 -12.33 -8.61 -10.41
CA LYS A 30 -12.91 -9.29 -11.57
C LYS A 30 -13.69 -8.31 -12.46
N GLU A 31 -14.30 -7.31 -11.84
CA GLU A 31 -15.11 -6.33 -12.57
C GLU A 31 -14.27 -5.37 -13.41
N VAL A 32 -13.13 -4.94 -12.87
CA VAL A 32 -12.25 -4.00 -13.58
C VAL A 32 -11.53 -4.66 -14.73
N VAL A 33 -11.00 -5.86 -14.49
CA VAL A 33 -10.28 -6.56 -15.54
C VAL A 33 -11.09 -6.50 -16.83
N GLU A 34 -12.40 -6.56 -16.67
CA GLU A 34 -13.32 -6.51 -17.79
C GLU A 34 -13.29 -5.13 -18.46
N GLU A 35 -13.39 -4.09 -17.66
CA GLU A 35 -13.40 -2.73 -18.18
C GLU A 35 -12.02 -2.28 -18.63
N LYS A 36 -11.00 -2.57 -17.82
CA LYS A 36 -9.63 -2.17 -18.17
C LYS A 36 -8.97 -3.17 -19.09
N ASN A 37 -9.68 -4.27 -19.36
CA ASN A 37 -9.16 -5.31 -20.25
C ASN A 37 -7.66 -5.51 -20.04
N ILE A 38 -7.25 -5.61 -18.78
CA ILE A 38 -5.85 -5.81 -18.43
C ILE A 38 -5.14 -6.65 -19.49
N LYS A 39 -5.89 -7.57 -20.10
CA LYS A 39 -5.33 -8.44 -21.12
C LYS A 39 -4.29 -9.37 -20.52
N ASN A 40 -3.10 -8.84 -20.24
CA ASN A 40 -2.04 -9.64 -19.66
C ASN A 40 -2.52 -10.31 -18.38
N LYS A 41 -3.19 -11.45 -18.53
CA LYS A 41 -3.70 -12.17 -17.37
C LYS A 41 -2.61 -12.39 -16.34
N ASP A 42 -1.40 -12.60 -16.82
CA ASP A 42 -0.27 -12.79 -15.92
C ASP A 42 -0.21 -11.63 -14.96
N ALA A 43 -0.45 -10.46 -15.50
CA ALA A 43 -0.43 -9.23 -14.74
C ALA A 43 -1.63 -9.13 -13.81
N TYR A 44 -2.83 -9.38 -14.35
CA TYR A 44 -4.04 -9.30 -13.55
C TYR A 44 -3.97 -10.26 -12.37
N GLU A 45 -3.52 -11.49 -12.63
CA GLU A 45 -3.41 -12.47 -11.56
C GLU A 45 -2.32 -12.04 -10.62
N TYR A 46 -1.19 -11.66 -11.19
CA TYR A 46 -0.07 -11.19 -10.40
C TYR A 46 -0.49 -9.96 -9.62
N ALA A 47 -1.31 -9.13 -10.26
CA ALA A 47 -1.80 -7.92 -9.63
C ALA A 47 -2.69 -8.25 -8.46
N LYS A 48 -3.47 -9.30 -8.63
CA LYS A 48 -4.39 -9.72 -7.57
C LYS A 48 -3.59 -10.05 -6.33
N LYS A 49 -2.59 -10.88 -6.48
CA LYS A 49 -1.75 -11.24 -5.36
C LYS A 49 -1.15 -9.98 -4.74
N LEU A 50 -0.79 -9.03 -5.60
CA LEU A 50 -0.19 -7.79 -5.16
C LEU A 50 -1.12 -7.04 -4.21
N VAL A 51 -2.40 -6.99 -4.53
CA VAL A 51 -3.34 -6.29 -3.68
C VAL A 51 -3.47 -6.94 -2.32
N ASP A 52 -3.37 -8.26 -2.29
CA ASP A 52 -3.52 -8.96 -1.03
C ASP A 52 -2.44 -8.54 -0.04
N THR A 53 -1.30 -8.13 -0.57
CA THR A 53 -0.20 -7.70 0.27
C THR A 53 -0.70 -6.56 1.12
N ALA A 54 -1.59 -5.80 0.53
CA ALA A 54 -2.21 -4.66 1.18
C ALA A 54 -3.28 -5.12 2.16
N VAL A 55 -4.05 -6.12 1.73
CA VAL A 55 -5.15 -6.66 2.53
C VAL A 55 -4.63 -7.63 3.60
N ARG A 56 -3.38 -8.04 3.47
CA ARG A 56 -2.79 -8.98 4.42
C ARG A 56 -3.06 -8.54 5.86
N HIS A 57 -3.49 -7.30 6.04
CA HIS A 57 -3.77 -6.78 7.38
C HIS A 57 -4.95 -5.80 7.35
N ILE A 58 -4.85 -4.80 6.47
CA ILE A 58 -5.92 -3.80 6.31
C ILE A 58 -5.88 -2.72 7.40
N GLU A 59 -6.72 -2.89 8.42
CA GLU A 59 -6.81 -1.92 9.50
C GLU A 59 -5.47 -1.73 10.20
N GLU A 60 -4.83 -2.85 10.51
CA GLU A 60 -3.54 -2.79 11.18
C GLU A 60 -2.60 -1.86 10.43
N ILE A 61 -2.68 -1.88 9.11
CA ILE A 61 -1.82 -1.01 8.32
C ILE A 61 -2.12 0.44 8.65
N ASP A 62 -3.39 0.81 8.65
CA ASP A 62 -3.77 2.17 9.00
C ASP A 62 -3.22 2.46 10.39
N SER A 63 -3.43 1.51 11.29
CA SER A 63 -2.94 1.64 12.65
C SER A 63 -1.43 1.79 12.63
N ILE A 64 -0.78 1.00 11.77
CA ILE A 64 0.66 1.04 11.63
C ILE A 64 1.07 2.44 11.20
N ILE A 65 0.26 3.05 10.34
CA ILE A 65 0.51 4.41 9.89
C ILE A 65 0.27 5.41 11.03
N GLU A 66 -0.76 5.13 11.83
CA GLU A 66 -1.13 6.02 12.92
C GLU A 66 0.00 6.19 13.93
N LYS A 67 0.75 5.12 14.16
CA LYS A 67 1.83 5.17 15.13
C LYS A 67 2.79 6.31 14.82
N HIS A 68 2.84 6.70 13.54
CA HIS A 68 3.71 7.79 13.13
C HIS A 68 2.93 9.10 13.01
N LEU A 69 1.72 9.02 12.46
CA LEU A 69 0.88 10.20 12.28
C LEU A 69 0.90 11.06 13.54
N LYS A 70 1.37 10.48 14.65
CA LYS A 70 1.44 11.20 15.92
C LYS A 70 0.04 11.43 16.48
N GLY A 71 -0.90 11.76 15.61
CA GLY A 71 -2.28 12.01 16.03
C GLY A 71 -3.17 12.29 14.84
N TRP A 72 -2.57 12.48 13.67
CA TRP A 72 -3.32 12.76 12.45
C TRP A 72 -3.95 11.49 11.91
N SER A 73 -4.61 11.61 10.76
CA SER A 73 -5.26 10.46 10.13
C SER A 73 -4.67 10.24 8.73
N ILE A 74 -4.56 8.98 8.33
CA ILE A 74 -4.01 8.66 7.02
C ILE A 74 -4.82 9.35 5.93
N ASP A 75 -6.06 9.67 6.24
CA ASP A 75 -6.93 10.35 5.29
C ASP A 75 -6.33 11.70 4.91
N ARG A 76 -5.50 12.26 5.80
CA ARG A 76 -4.86 13.55 5.57
C ARG A 76 -5.81 14.49 4.82
N LEU A 77 -5.85 14.38 3.48
CA LEU A 77 -6.71 15.23 2.68
C LEU A 77 -7.06 14.53 1.36
N GLY A 78 -6.04 14.24 0.57
CA GLY A 78 -6.25 13.58 -0.72
C GLY A 78 -6.83 12.19 -0.49
N TYR A 79 -7.79 11.80 -1.34
CA TYR A 79 -8.43 10.50 -1.22
C TYR A 79 -7.52 9.38 -1.69
N VAL A 80 -6.95 9.53 -2.88
CA VAL A 80 -6.07 8.50 -3.44
C VAL A 80 -5.00 8.11 -2.44
N GLU A 81 -4.34 9.11 -1.88
CA GLU A 81 -3.27 8.86 -0.92
C GLU A 81 -3.70 7.84 0.12
N ARG A 82 -4.88 8.03 0.69
CA ARG A 82 -5.36 7.11 1.72
C ARG A 82 -5.25 5.67 1.25
N ASN A 83 -5.78 5.38 0.07
CA ASN A 83 -5.70 4.03 -0.45
C ASN A 83 -4.28 3.71 -0.89
N ALA A 84 -3.67 4.65 -1.58
CA ALA A 84 -2.31 4.48 -2.05
C ALA A 84 -1.38 4.22 -0.88
N LEU A 85 -1.63 4.93 0.22
CA LEU A 85 -0.81 4.77 1.39
C LEU A 85 -0.77 3.32 1.80
N ARG A 86 -1.94 2.69 1.84
CA ARG A 86 -2.01 1.29 2.22
C ARG A 86 -1.22 0.44 1.22
N LEU A 87 -1.36 0.75 -0.05
CA LEU A 87 -0.67 0.01 -1.08
C LEU A 87 0.85 0.10 -0.93
N GLY A 88 1.34 1.28 -0.53
CA GLY A 88 2.77 1.46 -0.39
C GLY A 88 3.34 0.63 0.75
N VAL A 89 2.66 0.68 1.88
CA VAL A 89 3.10 -0.06 3.06
C VAL A 89 3.02 -1.55 2.81
N ALA A 90 2.07 -1.96 1.99
CA ALA A 90 1.92 -3.36 1.68
C ALA A 90 3.29 -3.97 1.40
N GLU A 91 4.10 -3.24 0.65
CA GLU A 91 5.43 -3.75 0.35
C GLU A 91 6.30 -3.78 1.60
N LEU A 92 6.47 -2.60 2.21
CA LEU A 92 7.29 -2.46 3.42
C LEU A 92 7.81 -3.80 3.93
N ILE A 93 6.99 -4.52 4.70
CA ILE A 93 7.40 -5.81 5.25
C ILE A 93 6.48 -6.94 4.78
N PHE A 94 5.23 -6.60 4.55
CA PHE A 94 4.24 -7.60 4.14
C PHE A 94 4.72 -8.38 2.93
N LEU A 95 5.39 -7.70 2.03
CA LEU A 95 5.91 -8.34 0.82
C LEU A 95 7.40 -8.62 0.94
N LYS A 96 8.06 -7.93 1.86
CA LYS A 96 9.50 -8.12 2.07
C LYS A 96 10.27 -7.77 0.81
N SER A 97 10.19 -6.50 0.40
CA SER A 97 10.88 -6.04 -0.80
C SER A 97 12.37 -5.91 -0.55
N LYS A 98 13.15 -5.84 -1.62
CA LYS A 98 14.60 -5.70 -1.51
C LYS A 98 14.98 -4.23 -1.38
N GLU A 99 14.15 -3.37 -1.96
CA GLU A 99 14.40 -1.93 -1.91
C GLU A 99 13.08 -1.18 -1.69
N PRO A 100 12.53 -1.29 -0.51
CA PRO A 100 11.24 -0.63 -0.16
C PRO A 100 11.24 0.87 -0.45
N GLY A 101 12.35 1.53 -0.14
CA GLY A 101 12.45 2.97 -0.37
C GLY A 101 12.14 3.32 -1.82
N ARG A 102 12.79 2.59 -2.74
CA ARG A 102 12.58 2.83 -4.17
C ARG A 102 11.20 2.33 -4.60
N VAL A 103 10.75 1.23 -4.02
CA VAL A 103 9.45 0.69 -4.39
C VAL A 103 8.35 1.71 -4.15
N PHE A 104 8.41 2.41 -3.02
CA PHE A 104 7.39 3.43 -2.75
C PHE A 104 7.34 4.43 -3.88
N ILE A 105 8.51 4.94 -4.29
CA ILE A 105 8.56 5.92 -5.35
C ILE A 105 7.74 5.47 -6.54
N ASP A 106 8.00 4.26 -7.01
CA ASP A 106 7.26 3.74 -8.15
C ASP A 106 5.79 3.80 -7.85
N ILE A 107 5.42 3.31 -6.67
CA ILE A 107 4.04 3.33 -6.25
C ILE A 107 3.56 4.76 -6.25
N VAL A 108 4.39 5.65 -5.72
CA VAL A 108 4.05 7.05 -5.67
C VAL A 108 4.04 7.64 -7.06
N ASP A 109 4.98 7.19 -7.90
CA ASP A 109 5.03 7.69 -9.26
C ASP A 109 3.67 7.42 -9.89
N LEU A 110 3.07 6.30 -9.50
CA LEU A 110 1.77 5.93 -10.01
C LEU A 110 0.75 7.01 -9.64
N VAL A 111 0.91 7.59 -8.47
CA VAL A 111 0.01 8.63 -7.99
C VAL A 111 0.06 9.84 -8.92
N LYS A 112 1.27 10.18 -9.39
CA LYS A 112 1.45 11.32 -10.26
C LYS A 112 0.51 11.24 -11.46
N LYS A 113 0.34 10.03 -11.96
CA LYS A 113 -0.52 9.80 -13.12
C LYS A 113 -1.98 10.09 -12.78
N TYR A 114 -2.43 9.61 -11.63
CA TYR A 114 -3.82 9.83 -11.22
C TYR A 114 -3.95 11.05 -10.32
N ALA A 115 -3.44 10.94 -9.10
CA ALA A 115 -3.53 12.06 -8.15
C ALA A 115 -2.48 13.13 -8.46
N ASP A 116 -2.48 14.19 -7.66
CA ASP A 116 -1.53 15.29 -7.86
C ASP A 116 -0.15 14.93 -7.33
N GLU A 117 0.87 15.54 -7.92
CA GLU A 117 2.25 15.30 -7.49
C GLU A 117 2.47 15.72 -6.05
N LYS A 118 1.75 16.76 -5.62
CA LYS A 118 1.87 17.25 -4.25
C LYS A 118 1.52 16.15 -3.26
N ALA A 119 0.50 15.38 -3.59
CA ALA A 119 0.06 14.29 -2.73
C ALA A 119 1.14 13.21 -2.65
N GLY A 120 1.81 12.99 -3.77
CA GLY A 120 2.87 11.99 -3.83
C GLY A 120 3.96 12.28 -2.82
N LYS A 121 4.23 13.56 -2.61
CA LYS A 121 5.25 13.97 -1.64
C LYS A 121 4.85 13.50 -0.26
N PHE A 122 3.60 13.75 0.09
CA PHE A 122 3.08 13.34 1.39
C PHE A 122 3.00 11.82 1.48
N VAL A 123 2.59 11.20 0.38
CA VAL A 123 2.47 9.74 0.35
C VAL A 123 3.81 9.08 0.63
N ASN A 124 4.85 9.53 -0.05
CA ASN A 124 6.18 8.97 0.14
C ASN A 124 6.68 9.21 1.55
N GLY A 125 6.61 10.46 1.99
CA GLY A 125 7.08 10.82 3.33
C GLY A 125 6.37 10.00 4.41
N VAL A 126 5.06 9.87 4.26
CA VAL A 126 4.28 9.10 5.24
C VAL A 126 4.59 7.60 5.10
N LEU A 127 4.97 7.17 3.91
CA LEU A 127 5.29 5.77 3.68
C LEU A 127 6.49 5.35 4.53
N SER A 128 7.53 6.17 4.50
CA SER A 128 8.73 5.90 5.27
C SER A 128 8.43 5.93 6.77
N ALA A 129 7.45 6.74 7.15
CA ALA A 129 7.08 6.86 8.55
C ALA A 129 6.72 5.51 9.14
N ILE A 130 6.11 4.64 8.34
CA ILE A 130 5.74 3.32 8.82
C ILE A 130 6.99 2.49 9.11
N TYR A 131 8.00 2.61 8.24
CA TYR A 131 9.24 1.87 8.42
C TYR A 131 9.84 2.14 9.80
N LYS A 132 10.01 3.41 10.13
CA LYS A 132 10.57 3.78 11.42
C LYS A 132 9.74 3.19 12.57
N ALA A 133 8.42 3.23 12.41
CA ALA A 133 7.52 2.71 13.43
C ALA A 133 7.64 1.19 13.53
N TYR A 134 7.90 0.55 12.39
CA TYR A 134 8.03 -0.91 12.36
C TYR A 134 9.19 -1.38 13.23
N ILE A 135 10.37 -0.80 13.01
CA ILE A 135 11.55 -1.17 13.77
C ILE A 135 11.24 -1.19 15.28
N THR A 136 10.24 -0.43 15.69
CA THR A 136 9.88 -0.37 17.10
C THR A 136 9.40 -1.73 17.59
N SER A 137 8.81 -2.51 16.68
CA SER A 137 8.32 -3.84 17.01
C SER A 137 9.23 -4.91 16.41
N SER A 138 9.75 -4.64 15.22
CA SER A 138 10.63 -5.57 14.54
C SER A 138 10.12 -7.01 14.69
N LYS A 139 10.71 -7.74 15.64
CA LYS A 139 10.31 -9.13 15.88
C LYS A 139 9.89 -9.31 17.33
N GLU A 140 9.23 -10.44 17.62
CA GLU A 140 8.78 -10.74 18.97
C GLU A 140 9.90 -10.50 19.98
N GLU A 141 11.12 -10.85 19.59
CA GLU A 141 12.28 -10.67 20.46
C GLU A 141 12.18 -11.60 21.66
N LYS A 142 13.32 -11.86 22.30
CA LYS A 142 13.35 -12.73 23.47
C LYS A 142 12.65 -12.05 24.65
N PRO A 143 12.01 -12.80 25.51
CA PRO A 143 11.29 -12.24 26.69
C PRO A 143 12.26 -11.62 27.69
N SER A 144 11.76 -10.68 28.49
CA SER A 144 12.57 -10.01 29.48
C SER A 144 13.77 -9.33 28.82
N LEU A 145 13.69 -9.13 27.52
CA LEU A 145 14.77 -8.49 26.77
C LEU A 145 16.11 -9.16 27.08
N LYS A 146 17.15 -8.35 27.22
CA LYS A 146 18.49 -8.88 27.52
C LYS A 146 18.53 -9.43 28.94
N SER A 147 19.41 -10.40 29.17
CA SER A 147 19.55 -11.00 30.48
C SER A 147 18.22 -11.57 30.97
N GLU A 148 18.23 -12.19 32.14
CA GLU A 148 17.01 -12.77 32.70
C GLU A 148 16.19 -11.71 33.43
N MET A 1 9.56 -4.19 -21.29
CA MET A 1 8.38 -4.73 -20.54
C MET A 1 7.78 -3.63 -19.68
N ARG A 2 6.51 -3.79 -19.34
CA ARG A 2 5.83 -2.80 -18.51
C ARG A 2 4.53 -3.37 -17.95
N TYR A 3 4.32 -4.66 -18.17
CA TYR A 3 3.11 -5.31 -17.67
C TYR A 3 3.04 -5.21 -16.14
N ARG A 4 4.18 -5.40 -15.49
CA ARG A 4 4.23 -5.32 -14.04
C ARG A 4 3.85 -3.92 -13.57
N LYS A 5 4.24 -2.91 -14.33
CA LYS A 5 3.93 -1.53 -13.99
C LYS A 5 2.42 -1.34 -13.86
N GLY A 6 1.68 -1.96 -14.76
CA GLY A 6 0.22 -1.85 -14.74
C GLY A 6 -0.37 -2.64 -13.57
N ALA A 7 0.16 -3.85 -13.37
CA ALA A 7 -0.32 -4.70 -12.28
C ALA A 7 -0.18 -3.99 -10.94
N ARG A 8 0.93 -3.28 -10.75
CA ARG A 8 1.17 -2.56 -9.50
C ARG A 8 0.31 -1.30 -9.42
N ASP A 9 0.25 -0.56 -10.52
CA ASP A 9 -0.52 0.68 -10.55
C ASP A 9 -2.00 0.39 -10.29
N THR A 10 -2.53 -0.62 -10.96
CA THR A 10 -3.93 -0.98 -10.82
C THR A 10 -4.25 -1.41 -9.38
N ALA A 11 -3.23 -1.80 -8.64
CA ALA A 11 -3.43 -2.24 -7.26
C ALA A 11 -4.19 -1.19 -6.45
N PHE A 12 -3.79 0.05 -6.60
CA PHE A 12 -4.44 1.12 -5.85
C PHE A 12 -5.93 1.16 -6.15
N LEU A 13 -6.28 1.02 -7.41
CA LEU A 13 -7.68 1.07 -7.80
C LEU A 13 -8.53 0.07 -7.00
N VAL A 14 -8.04 -1.16 -6.82
CA VAL A 14 -8.81 -2.13 -6.06
C VAL A 14 -8.88 -1.69 -4.61
N LEU A 15 -7.77 -1.17 -4.10
CA LEU A 15 -7.75 -0.69 -2.74
C LEU A 15 -8.69 0.49 -2.63
N TYR A 16 -8.78 1.26 -3.70
CA TYR A 16 -9.67 2.41 -3.74
C TYR A 16 -11.11 1.96 -3.59
N ARG A 17 -11.43 0.82 -4.20
CA ARG A 17 -12.78 0.29 -4.12
C ARG A 17 -13.10 -0.13 -2.69
N TRP A 18 -12.08 -0.58 -1.98
CA TRP A 18 -12.29 -1.01 -0.59
C TRP A 18 -12.74 0.17 0.26
N ASP A 19 -12.29 1.37 -0.10
CA ASP A 19 -12.66 2.56 0.63
C ASP A 19 -14.15 2.85 0.48
N LEU A 20 -14.69 2.55 -0.70
CA LEU A 20 -16.10 2.79 -0.97
C LEU A 20 -16.96 1.58 -0.64
N ARG A 21 -16.52 0.40 -1.08
CA ARG A 21 -17.28 -0.83 -0.84
C ARG A 21 -16.74 -1.57 0.39
N GLY A 22 -15.42 -1.73 0.46
CA GLY A 22 -14.81 -2.43 1.59
C GLY A 22 -15.20 -3.91 1.60
N GLU A 23 -15.04 -4.58 0.46
CA GLU A 23 -15.37 -6.00 0.37
C GLU A 23 -14.22 -6.78 -0.27
N ASN A 24 -14.35 -8.11 -0.27
CA ASN A 24 -13.33 -8.99 -0.85
C ASN A 24 -12.63 -8.31 -2.03
N PRO A 25 -11.49 -7.70 -1.80
CA PRO A 25 -10.72 -7.00 -2.87
C PRO A 25 -10.53 -7.88 -4.12
N GLY A 26 -10.47 -9.19 -3.91
CA GLY A 26 -10.28 -10.12 -5.02
C GLY A 26 -11.48 -10.11 -5.95
N GLU A 27 -12.67 -10.19 -5.39
CA GLU A 27 -13.90 -10.18 -6.17
C GLU A 27 -14.01 -8.88 -6.95
N LEU A 28 -13.85 -7.78 -6.24
CA LEU A 28 -13.94 -6.46 -6.85
C LEU A 28 -12.96 -6.33 -8.02
N PHE A 29 -11.78 -6.89 -7.86
CA PHE A 29 -10.77 -6.84 -8.90
C PHE A 29 -11.34 -7.42 -10.18
N LYS A 30 -12.05 -8.53 -10.05
CA LYS A 30 -12.64 -9.20 -11.20
C LYS A 30 -13.56 -8.27 -11.97
N GLU A 31 -14.22 -7.36 -11.27
CA GLU A 31 -15.16 -6.43 -11.90
C GLU A 31 -14.45 -5.43 -12.84
N VAL A 32 -13.31 -4.90 -12.40
CA VAL A 32 -12.57 -3.92 -13.20
C VAL A 32 -11.88 -4.55 -14.40
N VAL A 33 -11.22 -5.68 -14.17
CA VAL A 33 -10.49 -6.33 -15.26
C VAL A 33 -11.40 -6.41 -16.48
N GLU A 34 -12.68 -6.62 -16.22
CA GLU A 34 -13.67 -6.72 -17.27
C GLU A 34 -13.70 -5.44 -18.11
N GLU A 35 -13.77 -4.29 -17.42
CA GLU A 35 -13.81 -3.01 -18.11
C GLU A 35 -12.44 -2.64 -18.66
N LYS A 36 -11.41 -2.83 -17.84
CA LYS A 36 -10.04 -2.51 -18.26
C LYS A 36 -9.42 -3.66 -19.05
N ASN A 37 -9.10 -3.39 -20.31
CA ASN A 37 -8.51 -4.40 -21.17
C ASN A 37 -7.12 -4.81 -20.67
N ILE A 38 -7.03 -5.14 -19.39
CA ILE A 38 -5.75 -5.54 -18.81
C ILE A 38 -5.05 -6.54 -19.72
N LYS A 39 -5.85 -7.42 -20.33
CA LYS A 39 -5.31 -8.44 -21.23
C LYS A 39 -4.30 -9.31 -20.51
N ASN A 40 -3.03 -8.91 -20.56
CA ASN A 40 -1.97 -9.67 -19.90
C ASN A 40 -2.45 -10.24 -18.56
N LYS A 41 -3.01 -11.46 -18.61
CA LYS A 41 -3.50 -12.10 -17.41
C LYS A 41 -2.40 -12.14 -16.35
N ASP A 42 -1.17 -12.29 -16.81
CA ASP A 42 -0.03 -12.32 -15.89
C ASP A 42 -0.08 -11.11 -15.00
N ALA A 43 -0.44 -9.99 -15.62
CA ALA A 43 -0.52 -8.72 -14.94
C ALA A 43 -1.70 -8.68 -13.99
N TYR A 44 -2.87 -9.08 -14.48
CA TYR A 44 -4.07 -9.07 -13.66
C TYR A 44 -3.89 -9.90 -12.39
N GLU A 45 -3.27 -11.07 -12.54
CA GLU A 45 -3.05 -11.92 -11.39
C GLU A 45 -2.02 -11.28 -10.49
N TYR A 46 -0.93 -10.83 -11.09
CA TYR A 46 0.13 -10.18 -10.34
C TYR A 46 -0.44 -8.99 -9.59
N ALA A 47 -1.38 -8.31 -10.23
CA ALA A 47 -2.01 -7.15 -9.63
C ALA A 47 -2.81 -7.54 -8.40
N LYS A 48 -3.54 -8.63 -8.52
CA LYS A 48 -4.36 -9.11 -7.42
C LYS A 48 -3.50 -9.38 -6.21
N LYS A 49 -2.46 -10.15 -6.41
CA LYS A 49 -1.56 -10.46 -5.31
C LYS A 49 -1.00 -9.18 -4.70
N LEU A 50 -0.75 -8.19 -5.54
CA LEU A 50 -0.20 -6.94 -5.06
C LEU A 50 -1.10 -6.31 -4.01
N VAL A 51 -2.40 -6.25 -4.32
CA VAL A 51 -3.33 -5.66 -3.37
C VAL A 51 -3.48 -6.55 -2.15
N ASP A 52 -3.36 -7.85 -2.35
CA ASP A 52 -3.52 -8.74 -1.22
C ASP A 52 -2.45 -8.50 -0.19
N THR A 53 -1.29 -8.05 -0.64
CA THR A 53 -0.20 -7.76 0.28
C THR A 53 -0.65 -6.67 1.22
N ALA A 54 -1.47 -5.80 0.69
CA ALA A 54 -2.02 -4.69 1.44
C ALA A 54 -3.13 -5.16 2.36
N VAL A 55 -3.90 -6.12 1.86
CA VAL A 55 -5.02 -6.66 2.60
C VAL A 55 -4.57 -7.64 3.67
N ARG A 56 -3.34 -8.13 3.54
CA ARG A 56 -2.80 -9.07 4.51
C ARG A 56 -2.90 -8.50 5.92
N HIS A 57 -3.13 -7.19 6.00
CA HIS A 57 -3.24 -6.51 7.29
C HIS A 57 -4.57 -5.76 7.39
N ILE A 58 -4.95 -5.09 6.31
CA ILE A 58 -6.22 -4.34 6.26
C ILE A 58 -6.18 -3.10 7.15
N GLU A 59 -7.07 -3.08 8.16
CA GLU A 59 -7.17 -1.95 9.07
C GLU A 59 -5.87 -1.70 9.81
N GLU A 60 -5.21 -2.77 10.19
CA GLU A 60 -3.96 -2.67 10.93
C GLU A 60 -3.00 -1.74 10.22
N ILE A 61 -3.00 -1.75 8.90
CA ILE A 61 -2.11 -0.86 8.17
C ILE A 61 -2.39 0.60 8.53
N ASP A 62 -3.66 0.99 8.46
CA ASP A 62 -4.02 2.35 8.82
C ASP A 62 -3.53 2.61 10.23
N SER A 63 -3.80 1.65 11.11
CA SER A 63 -3.36 1.76 12.50
C SER A 63 -1.84 1.88 12.53
N ILE A 64 -1.18 1.07 11.71
CA ILE A 64 0.27 1.09 11.64
C ILE A 64 0.73 2.48 11.23
N ILE A 65 -0.02 3.09 10.32
CA ILE A 65 0.28 4.44 9.88
C ILE A 65 -0.03 5.46 10.99
N GLU A 66 -1.13 5.22 11.70
CA GLU A 66 -1.57 6.14 12.74
C GLU A 66 -0.54 6.33 13.84
N LYS A 67 0.19 5.28 14.17
CA LYS A 67 1.18 5.36 15.23
C LYS A 67 2.16 6.50 14.97
N HIS A 68 2.32 6.87 13.70
CA HIS A 68 3.23 7.95 13.34
C HIS A 68 2.46 9.25 13.09
N LEU A 69 1.29 9.14 12.46
CA LEU A 69 0.48 10.32 12.16
C LEU A 69 0.40 11.23 13.39
N LYS A 70 0.63 10.67 14.56
CA LYS A 70 0.57 11.43 15.80
C LYS A 70 -0.77 12.15 15.92
N GLY A 71 -1.84 11.49 15.47
CA GLY A 71 -3.18 12.06 15.55
C GLY A 71 -3.86 12.01 14.19
N TRP A 72 -3.32 12.76 13.23
CA TRP A 72 -3.89 12.79 11.88
C TRP A 72 -4.28 11.40 11.43
N SER A 73 -5.05 11.34 10.34
CA SER A 73 -5.49 10.07 9.78
C SER A 73 -4.93 9.90 8.36
N ILE A 74 -4.65 8.66 7.98
CA ILE A 74 -4.11 8.40 6.66
C ILE A 74 -5.05 8.97 5.60
N ASP A 75 -6.32 9.13 5.99
CA ASP A 75 -7.31 9.69 5.09
C ASP A 75 -6.90 11.09 4.63
N ARG A 76 -6.06 11.74 5.44
CA ARG A 76 -5.61 13.09 5.11
C ARG A 76 -5.19 13.17 3.64
N LEU A 77 -5.11 14.39 3.12
CA LEU A 77 -4.72 14.60 1.73
C LEU A 77 -5.67 13.85 0.78
N GLY A 78 -5.40 13.96 -0.51
CA GLY A 78 -6.23 13.31 -1.52
C GLY A 78 -6.61 11.90 -1.09
N TYR A 79 -7.64 11.36 -1.74
CA TYR A 79 -8.11 10.01 -1.41
C TYR A 79 -7.15 8.96 -1.95
N VAL A 80 -6.63 9.19 -3.15
CA VAL A 80 -5.70 8.26 -3.77
C VAL A 80 -4.58 7.91 -2.80
N GLU A 81 -4.00 8.93 -2.19
CA GLU A 81 -2.91 8.73 -1.25
C GLU A 81 -3.23 7.61 -0.27
N ARG A 82 -4.41 7.67 0.34
CA ARG A 82 -4.80 6.66 1.30
C ARG A 82 -4.63 5.26 0.73
N ASN A 83 -5.16 5.04 -0.46
CA ASN A 83 -5.03 3.73 -1.09
C ASN A 83 -3.59 3.46 -1.49
N ALA A 84 -2.95 4.44 -2.09
CA ALA A 84 -1.57 4.29 -2.51
C ALA A 84 -0.69 3.95 -1.33
N LEU A 85 -0.95 4.57 -0.19
CA LEU A 85 -0.17 4.32 1.01
C LEU A 85 -0.16 2.85 1.35
N ARG A 86 -1.32 2.21 1.22
CA ARG A 86 -1.42 0.80 1.55
C ARG A 86 -0.42 -0.03 0.75
N LEU A 87 -0.32 0.24 -0.54
CA LEU A 87 0.60 -0.52 -1.37
C LEU A 87 2.04 -0.37 -0.89
N GLY A 88 2.43 0.84 -0.52
CA GLY A 88 3.79 1.05 -0.08
C GLY A 88 4.09 0.25 1.18
N VAL A 89 3.21 0.35 2.15
CA VAL A 89 3.39 -0.37 3.40
C VAL A 89 3.26 -1.86 3.16
N ALA A 90 2.35 -2.24 2.28
CA ALA A 90 2.16 -3.64 1.98
C ALA A 90 3.51 -4.28 1.75
N GLU A 91 4.38 -3.57 1.05
CA GLU A 91 5.70 -4.11 0.79
C GLU A 91 6.54 -4.07 2.05
N LEU A 92 6.69 -2.87 2.61
CA LEU A 92 7.48 -2.67 3.83
C LEU A 92 7.98 -3.99 4.40
N ILE A 93 7.12 -4.69 5.14
CA ILE A 93 7.50 -5.95 5.76
C ILE A 93 6.63 -7.11 5.28
N PHE A 94 5.36 -6.82 5.01
CA PHE A 94 4.43 -7.86 4.61
C PHE A 94 4.98 -8.66 3.43
N LEU A 95 5.59 -7.96 2.50
CA LEU A 95 6.15 -8.61 1.31
C LEU A 95 7.66 -8.78 1.45
N LYS A 96 8.26 -8.01 2.35
CA LYS A 96 9.71 -8.07 2.57
C LYS A 96 10.43 -7.19 1.55
N SER A 97 10.05 -7.32 0.28
CA SER A 97 10.65 -6.54 -0.78
C SER A 97 12.18 -6.57 -0.68
N LYS A 98 12.84 -5.79 -1.54
CA LYS A 98 14.29 -5.71 -1.56
C LYS A 98 14.77 -4.26 -1.54
N GLU A 99 13.96 -3.38 -2.14
CA GLU A 99 14.30 -1.96 -2.19
C GLU A 99 13.08 -1.12 -1.79
N PRO A 100 12.75 -1.12 -0.53
CA PRO A 100 11.58 -0.37 0.00
C PRO A 100 11.56 1.10 -0.43
N GLY A 101 12.72 1.76 -0.39
CA GLY A 101 12.81 3.16 -0.78
C GLY A 101 12.38 3.37 -2.23
N ARG A 102 12.95 2.55 -3.12
CA ARG A 102 12.64 2.64 -4.54
C ARG A 102 11.23 2.09 -4.81
N VAL A 103 10.84 1.06 -4.06
CA VAL A 103 9.53 0.46 -4.25
C VAL A 103 8.43 1.49 -4.04
N PHE A 104 8.53 2.28 -2.98
CA PHE A 104 7.51 3.29 -2.71
C PHE A 104 7.34 4.18 -3.93
N ILE A 105 8.46 4.64 -4.49
CA ILE A 105 8.41 5.53 -5.64
C ILE A 105 7.46 4.98 -6.70
N ASP A 106 7.65 3.71 -7.05
CA ASP A 106 6.81 3.11 -8.06
C ASP A 106 5.35 3.29 -7.67
N ILE A 107 5.04 2.95 -6.44
CA ILE A 107 3.68 3.11 -5.96
C ILE A 107 3.27 4.56 -6.11
N VAL A 108 4.17 5.44 -5.70
CA VAL A 108 3.93 6.86 -5.77
C VAL A 108 3.89 7.32 -7.22
N ASP A 109 4.72 6.71 -8.05
CA ASP A 109 4.71 7.06 -9.46
C ASP A 109 3.31 6.87 -10.00
N LEU A 110 2.65 5.83 -9.51
CA LEU A 110 1.29 5.53 -9.93
C LEU A 110 0.38 6.70 -9.57
N VAL A 111 0.69 7.34 -8.46
CA VAL A 111 -0.09 8.48 -7.99
C VAL A 111 0.04 9.66 -8.97
N LYS A 112 1.26 9.85 -9.48
CA LYS A 112 1.51 10.95 -10.41
C LYS A 112 0.60 10.85 -11.62
N LYS A 113 0.38 9.62 -12.07
CA LYS A 113 -0.46 9.37 -13.22
C LYS A 113 -1.89 9.86 -12.99
N TYR A 114 -2.42 9.54 -11.82
CA TYR A 114 -3.79 9.93 -11.48
C TYR A 114 -3.81 11.14 -10.55
N ALA A 115 -3.47 10.93 -9.29
CA ALA A 115 -3.47 12.02 -8.31
C ALA A 115 -2.37 13.03 -8.61
N ASP A 116 -2.27 14.05 -7.75
CA ASP A 116 -1.28 15.11 -7.94
C ASP A 116 0.08 14.68 -7.40
N GLU A 117 1.14 15.17 -8.07
CA GLU A 117 2.51 14.85 -7.68
C GLU A 117 2.83 15.37 -6.28
N LYS A 118 2.21 16.49 -5.91
CA LYS A 118 2.47 17.10 -4.60
C LYS A 118 2.10 16.12 -3.50
N ALA A 119 0.97 15.44 -3.67
CA ALA A 119 0.51 14.45 -2.69
C ALA A 119 1.49 13.28 -2.63
N GLY A 120 2.06 12.98 -3.78
CA GLY A 120 3.02 11.87 -3.88
C GLY A 120 4.18 12.06 -2.92
N LYS A 121 4.60 13.31 -2.73
CA LYS A 121 5.70 13.61 -1.82
C LYS A 121 5.31 13.19 -0.40
N PHE A 122 4.11 13.57 0.01
CA PHE A 122 3.62 13.23 1.34
C PHE A 122 3.46 11.72 1.48
N VAL A 123 3.11 11.07 0.38
CA VAL A 123 2.91 9.62 0.40
C VAL A 123 4.19 8.90 0.78
N ASN A 124 5.30 9.27 0.15
CA ASN A 124 6.57 8.62 0.44
C ASN A 124 7.05 8.92 1.86
N GLY A 125 7.07 10.21 2.21
CA GLY A 125 7.53 10.61 3.55
C GLY A 125 6.74 9.91 4.65
N VAL A 126 5.42 10.01 4.58
CA VAL A 126 4.57 9.38 5.59
C VAL A 126 4.74 7.86 5.56
N LEU A 127 5.06 7.31 4.40
CA LEU A 127 5.26 5.87 4.29
C LEU A 127 6.42 5.43 5.15
N SER A 128 7.53 6.17 5.07
CA SER A 128 8.71 5.86 5.85
C SER A 128 8.36 5.87 7.32
N ALA A 129 7.34 6.67 7.67
CA ALA A 129 6.90 6.78 9.05
C ALA A 129 6.51 5.39 9.58
N ILE A 130 5.94 4.57 8.71
CA ILE A 130 5.56 3.22 9.11
C ILE A 130 6.81 2.40 9.39
N TYR A 131 7.83 2.58 8.56
CA TYR A 131 9.08 1.85 8.70
C TYR A 131 9.76 2.20 10.02
N LYS A 132 9.78 3.49 10.35
CA LYS A 132 10.42 3.93 11.59
C LYS A 132 9.76 3.23 12.78
N ALA A 133 8.45 3.03 12.71
CA ALA A 133 7.73 2.36 13.77
C ALA A 133 8.07 0.87 13.80
N TYR A 134 8.31 0.30 12.62
CA TYR A 134 8.61 -1.12 12.49
C TYR A 134 9.92 -1.50 13.19
N ILE A 135 10.97 -0.72 12.99
CA ILE A 135 12.27 -1.02 13.58
C ILE A 135 12.15 -1.37 15.06
N THR A 136 10.95 -1.25 15.62
CA THR A 136 10.73 -1.56 17.02
C THR A 136 10.68 -3.07 17.23
N SER A 137 10.07 -3.77 16.28
CA SER A 137 9.96 -5.23 16.38
C SER A 137 11.24 -5.90 15.87
N SER A 138 12.04 -5.14 15.13
CA SER A 138 13.28 -5.67 14.58
C SER A 138 14.05 -6.46 15.64
N LYS A 139 13.83 -6.10 16.90
CA LYS A 139 14.51 -6.78 18.01
C LYS A 139 13.51 -7.67 18.76
N GLU A 140 13.84 -7.98 20.01
CA GLU A 140 12.97 -8.83 20.83
C GLU A 140 11.67 -8.09 21.16
N GLU A 141 11.71 -7.33 22.26
CA GLU A 141 10.53 -6.58 22.68
C GLU A 141 9.30 -7.47 22.72
N LYS A 142 9.47 -8.69 23.23
CA LYS A 142 8.36 -9.63 23.32
C LYS A 142 7.36 -9.15 24.39
N PRO A 143 6.10 -9.50 24.24
CA PRO A 143 5.05 -9.08 25.21
C PRO A 143 5.32 -9.62 26.61
N SER A 144 4.90 -8.87 27.62
CA SER A 144 5.11 -9.28 29.00
C SER A 144 4.79 -10.76 29.19
N LEU A 145 5.12 -11.29 30.36
CA LEU A 145 4.87 -12.70 30.65
C LEU A 145 3.47 -12.87 31.27
N LYS A 146 3.26 -12.19 32.39
CA LYS A 146 1.96 -12.27 33.08
C LYS A 146 0.83 -11.91 32.13
N SER A 147 -0.33 -12.51 32.35
CA SER A 147 -1.49 -12.24 31.50
C SER A 147 -2.75 -12.80 32.13
N GLU A 148 -3.01 -14.09 31.91
CA GLU A 148 -4.19 -14.74 32.46
C GLU A 148 -4.00 -15.03 33.94
N MET A 1 8.99 -8.69 -16.78
CA MET A 1 10.13 -7.71 -16.88
C MET A 1 9.58 -6.29 -16.84
N ARG A 2 8.27 -6.16 -16.92
CA ARG A 2 7.64 -4.85 -16.89
C ARG A 2 6.14 -4.98 -16.58
N TYR A 3 5.56 -6.12 -16.92
CA TYR A 3 4.15 -6.35 -16.69
C TYR A 3 3.81 -6.12 -15.21
N ARG A 4 4.71 -6.56 -14.34
CA ARG A 4 4.50 -6.42 -12.90
C ARG A 4 4.31 -4.94 -12.53
N LYS A 5 4.98 -4.06 -13.27
CA LYS A 5 4.85 -2.63 -13.00
C LYS A 5 3.39 -2.19 -13.07
N GLY A 6 2.66 -2.78 -14.00
CA GLY A 6 1.25 -2.46 -14.16
C GLY A 6 0.44 -3.06 -13.02
N ALA A 7 0.66 -4.35 -12.75
CA ALA A 7 -0.04 -5.04 -11.67
C ALA A 7 0.20 -4.31 -10.35
N ARG A 8 1.38 -3.73 -10.21
CA ARG A 8 1.73 -3.01 -8.99
C ARG A 8 1.01 -1.67 -8.92
N ASP A 9 1.00 -0.93 -10.03
CA ASP A 9 0.35 0.37 -10.07
C ASP A 9 -1.16 0.22 -9.90
N THR A 10 -1.71 -0.78 -10.58
CA THR A 10 -3.15 -1.05 -10.51
C THR A 10 -3.57 -1.40 -9.09
N ALA A 11 -2.61 -1.80 -8.26
CA ALA A 11 -2.89 -2.18 -6.89
C ALA A 11 -3.68 -1.09 -6.17
N PHE A 12 -3.26 0.14 -6.36
CA PHE A 12 -3.94 1.25 -5.68
C PHE A 12 -5.42 1.28 -6.02
N LEU A 13 -5.74 1.20 -7.31
CA LEU A 13 -7.13 1.26 -7.74
C LEU A 13 -7.96 0.19 -7.03
N VAL A 14 -7.43 -1.01 -6.89
CA VAL A 14 -8.19 -2.07 -6.22
C VAL A 14 -8.29 -1.75 -4.75
N LEU A 15 -7.22 -1.23 -4.20
CA LEU A 15 -7.20 -0.86 -2.81
C LEU A 15 -8.23 0.25 -2.60
N TYR A 16 -8.39 1.08 -3.63
CA TYR A 16 -9.33 2.18 -3.58
C TYR A 16 -10.75 1.66 -3.42
N ARG A 17 -11.04 0.54 -4.07
CA ARG A 17 -12.38 -0.03 -4.00
C ARG A 17 -12.69 -0.47 -2.56
N TRP A 18 -11.65 -0.91 -1.84
CA TRP A 18 -11.85 -1.35 -0.47
C TRP A 18 -12.32 -0.18 0.40
N ASP A 19 -11.86 1.02 0.05
CA ASP A 19 -12.24 2.21 0.80
C ASP A 19 -13.73 2.52 0.64
N LEU A 20 -14.27 2.20 -0.54
CA LEU A 20 -15.68 2.48 -0.80
C LEU A 20 -16.55 1.28 -0.44
N ARG A 21 -16.13 0.09 -0.84
CA ARG A 21 -16.90 -1.13 -0.55
C ARG A 21 -16.32 -1.85 0.66
N GLY A 22 -15.00 -2.02 0.69
CA GLY A 22 -14.35 -2.70 1.81
C GLY A 22 -14.85 -4.13 1.94
N GLU A 23 -15.43 -4.66 0.86
CA GLU A 23 -15.95 -6.02 0.86
C GLU A 23 -15.49 -6.78 -0.38
N ASN A 24 -14.86 -7.93 -0.18
CA ASN A 24 -14.38 -8.74 -1.29
C ASN A 24 -13.74 -7.87 -2.37
N PRO A 25 -12.47 -7.59 -2.26
CA PRO A 25 -11.74 -6.76 -3.26
C PRO A 25 -11.40 -7.55 -4.52
N GLY A 26 -11.43 -8.88 -4.40
CA GLY A 26 -11.13 -9.75 -5.54
C GLY A 26 -12.25 -9.72 -6.57
N GLU A 27 -13.48 -9.85 -6.09
CA GLU A 27 -14.64 -9.83 -6.98
C GLU A 27 -14.68 -8.53 -7.76
N LEU A 28 -14.52 -7.42 -7.04
CA LEU A 28 -14.53 -6.11 -7.66
C LEU A 28 -13.45 -6.01 -8.72
N PHE A 29 -12.32 -6.67 -8.46
CA PHE A 29 -11.21 -6.66 -9.40
C PHE A 29 -11.65 -7.15 -10.77
N LYS A 30 -12.50 -8.17 -10.78
CA LYS A 30 -12.99 -8.74 -12.03
C LYS A 30 -13.71 -7.68 -12.87
N GLU A 31 -14.37 -6.74 -12.21
CA GLU A 31 -15.13 -5.70 -12.91
C GLU A 31 -14.21 -4.73 -13.68
N VAL A 32 -13.09 -4.35 -13.07
CA VAL A 32 -12.17 -3.40 -13.71
C VAL A 32 -11.41 -4.04 -14.85
N VAL A 33 -10.92 -5.26 -14.63
CA VAL A 33 -10.15 -5.94 -15.66
C VAL A 33 -10.89 -5.82 -16.99
N GLU A 34 -12.20 -5.87 -16.90
CA GLU A 34 -13.07 -5.78 -18.07
C GLU A 34 -12.89 -4.43 -18.76
N GLU A 35 -12.96 -3.36 -17.99
CA GLU A 35 -12.84 -2.01 -18.54
C GLU A 35 -11.39 -1.69 -18.90
N LYS A 36 -10.47 -2.05 -18.01
CA LYS A 36 -9.06 -1.78 -18.24
C LYS A 36 -8.44 -2.83 -19.16
N ASN A 37 -9.24 -3.85 -19.49
CA ASN A 37 -8.78 -4.93 -20.36
C ASN A 37 -7.31 -5.26 -20.09
N ILE A 38 -6.96 -5.40 -18.81
CA ILE A 38 -5.60 -5.73 -18.44
C ILE A 38 -5.01 -6.78 -19.38
N LYS A 39 -4.22 -6.34 -20.34
CA LYS A 39 -3.61 -7.25 -21.30
C LYS A 39 -3.03 -8.47 -20.58
N ASN A 40 -1.72 -8.44 -20.34
CA ASN A 40 -1.05 -9.55 -19.67
C ASN A 40 -1.92 -10.06 -18.51
N LYS A 41 -2.69 -11.10 -18.78
CA LYS A 41 -3.56 -11.69 -17.76
C LYS A 41 -2.74 -11.97 -16.52
N ASP A 42 -1.48 -12.33 -16.73
CA ASP A 42 -0.57 -12.62 -15.63
C ASP A 42 -0.57 -11.45 -14.66
N ALA A 43 -0.51 -10.26 -15.24
CA ALA A 43 -0.47 -9.04 -14.48
C ALA A 43 -1.74 -8.87 -13.64
N TYR A 44 -2.89 -9.11 -14.26
CA TYR A 44 -4.16 -8.96 -13.55
C TYR A 44 -4.18 -9.88 -12.33
N GLU A 45 -3.73 -11.12 -12.52
CA GLU A 45 -3.69 -12.07 -11.42
C GLU A 45 -2.66 -11.62 -10.42
N TYR A 46 -1.49 -11.24 -10.94
CA TYR A 46 -0.41 -10.77 -10.10
C TYR A 46 -0.89 -9.57 -9.30
N ALA A 47 -1.70 -8.74 -9.94
CA ALA A 47 -2.23 -7.55 -9.31
C ALA A 47 -3.14 -7.92 -8.14
N LYS A 48 -3.91 -8.97 -8.33
CA LYS A 48 -4.83 -9.42 -7.29
C LYS A 48 -4.05 -9.76 -6.04
N LYS A 49 -3.05 -10.60 -6.20
CA LYS A 49 -2.23 -10.98 -5.07
C LYS A 49 -1.61 -9.75 -4.42
N LEU A 50 -1.31 -8.76 -5.25
CA LEU A 50 -0.69 -7.54 -4.76
C LEU A 50 -1.54 -6.86 -3.68
N VAL A 51 -2.84 -6.74 -3.92
CA VAL A 51 -3.69 -6.11 -2.92
C VAL A 51 -3.75 -6.96 -1.67
N ASP A 52 -3.72 -8.28 -1.84
CA ASP A 52 -3.80 -9.15 -0.69
C ASP A 52 -2.69 -8.85 0.29
N THR A 53 -1.55 -8.43 -0.24
CA THR A 53 -0.42 -8.09 0.60
C THR A 53 -0.84 -6.96 1.52
N ALA A 54 -1.71 -6.14 0.98
CA ALA A 54 -2.25 -5.00 1.70
C ALA A 54 -3.31 -5.45 2.69
N VAL A 55 -4.11 -6.42 2.28
CA VAL A 55 -5.18 -6.93 3.12
C VAL A 55 -4.64 -7.89 4.17
N ARG A 56 -3.41 -8.36 3.98
CA ARG A 56 -2.81 -9.28 4.93
C ARG A 56 -2.81 -8.68 6.34
N HIS A 57 -3.07 -7.38 6.43
CA HIS A 57 -3.10 -6.70 7.72
C HIS A 57 -4.42 -5.94 7.89
N ILE A 58 -4.85 -5.26 6.84
CA ILE A 58 -6.11 -4.51 6.85
C ILE A 58 -6.03 -3.28 7.78
N GLU A 59 -6.83 -3.31 8.85
CA GLU A 59 -6.89 -2.20 9.79
C GLU A 59 -5.53 -1.93 10.42
N GLU A 60 -4.83 -3.00 10.75
CA GLU A 60 -3.52 -2.87 11.36
C GLU A 60 -2.64 -1.92 10.56
N ILE A 61 -2.75 -1.96 9.23
CA ILE A 61 -1.94 -1.07 8.43
C ILE A 61 -2.24 0.38 8.79
N ASP A 62 -3.52 0.73 8.83
CA ASP A 62 -3.89 2.08 9.19
C ASP A 62 -3.29 2.38 10.56
N SER A 63 -3.44 1.44 11.47
CA SER A 63 -2.87 1.59 12.80
C SER A 63 -1.37 1.77 12.68
N ILE A 64 -0.75 0.94 11.84
CA ILE A 64 0.69 1.00 11.61
C ILE A 64 1.04 2.39 11.10
N ILE A 65 0.18 2.92 10.25
CA ILE A 65 0.37 4.26 9.72
C ILE A 65 0.10 5.30 10.81
N GLU A 66 -0.96 5.04 11.57
CA GLU A 66 -1.39 5.95 12.63
C GLU A 66 -0.35 6.10 13.73
N LYS A 67 0.33 5.00 14.06
CA LYS A 67 1.32 5.03 15.12
C LYS A 67 2.37 6.10 14.84
N HIS A 68 2.57 6.43 13.57
CA HIS A 68 3.56 7.44 13.21
C HIS A 68 2.89 8.78 12.88
N LEU A 69 1.73 8.74 12.26
CA LEU A 69 1.02 9.97 11.90
C LEU A 69 1.11 10.99 13.04
N LYS A 70 1.38 10.50 14.24
CA LYS A 70 1.50 11.36 15.41
C LYS A 70 0.15 11.98 15.77
N GLY A 71 -0.93 11.30 15.38
CA GLY A 71 -2.28 11.80 15.66
C GLY A 71 -3.07 11.97 14.37
N TRP A 72 -2.46 12.63 13.39
CA TRP A 72 -3.14 12.86 12.12
C TRP A 72 -3.81 11.58 11.62
N SER A 73 -4.51 11.68 10.50
CA SER A 73 -5.21 10.52 9.94
C SER A 73 -4.70 10.24 8.52
N ILE A 74 -4.58 8.95 8.20
CA ILE A 74 -4.12 8.56 6.87
C ILE A 74 -5.02 9.15 5.80
N ASP A 75 -6.25 9.44 6.17
CA ASP A 75 -7.19 10.04 5.24
C ASP A 75 -6.66 11.38 4.74
N ARG A 76 -5.78 11.98 5.54
CA ARG A 76 -5.19 13.27 5.19
C ARG A 76 -4.99 13.42 3.68
N LEU A 77 -5.22 14.64 3.18
CA LEU A 77 -5.07 14.92 1.76
C LEU A 77 -5.96 14.02 0.91
N GLY A 78 -5.80 14.12 -0.42
CA GLY A 78 -6.60 13.34 -1.35
C GLY A 78 -6.89 11.94 -0.82
N TYR A 79 -7.96 11.34 -1.35
CA TYR A 79 -8.36 10.00 -0.94
C TYR A 79 -7.43 8.94 -1.54
N VAL A 80 -6.95 9.19 -2.74
CA VAL A 80 -6.06 8.24 -3.40
C VAL A 80 -4.93 7.83 -2.47
N GLU A 81 -4.29 8.82 -1.88
CA GLU A 81 -3.18 8.56 -0.98
C GLU A 81 -3.56 7.51 0.05
N ARG A 82 -4.70 7.69 0.69
CA ARG A 82 -5.13 6.74 1.71
C ARG A 82 -5.07 5.32 1.18
N ASN A 83 -5.64 5.09 0.01
CA ASN A 83 -5.62 3.77 -0.57
C ASN A 83 -4.20 3.41 -0.98
N ALA A 84 -3.56 4.33 -1.67
CA ALA A 84 -2.19 4.13 -2.13
C ALA A 84 -1.27 3.86 -0.96
N LEU A 85 -1.49 4.58 0.15
CA LEU A 85 -0.66 4.42 1.31
C LEU A 85 -0.66 2.97 1.74
N ARG A 86 -1.85 2.37 1.79
CA ARG A 86 -1.95 0.99 2.20
C ARG A 86 -1.18 0.10 1.23
N LEU A 87 -1.30 0.39 -0.05
CA LEU A 87 -0.61 -0.39 -1.06
C LEU A 87 0.90 -0.29 -0.90
N GLY A 88 1.38 0.88 -0.50
CA GLY A 88 2.82 1.07 -0.33
C GLY A 88 3.36 0.23 0.82
N VAL A 89 2.68 0.29 1.95
CA VAL A 89 3.11 -0.46 3.12
C VAL A 89 3.06 -1.95 2.86
N ALA A 90 2.09 -2.37 2.05
CA ALA A 90 1.97 -3.77 1.74
C ALA A 90 3.34 -4.35 1.43
N GLU A 91 4.12 -3.63 0.65
CA GLU A 91 5.43 -4.12 0.32
C GLU A 91 6.37 -4.03 1.52
N LEU A 92 6.52 -2.82 2.05
CA LEU A 92 7.41 -2.57 3.18
C LEU A 92 7.94 -3.86 3.82
N ILE A 93 7.12 -4.51 4.63
CA ILE A 93 7.55 -5.72 5.30
C ILE A 93 6.70 -6.94 4.94
N PHE A 94 5.43 -6.71 4.66
CA PHE A 94 4.53 -7.81 4.37
C PHE A 94 5.05 -8.66 3.22
N LEU A 95 5.62 -8.00 2.23
CA LEU A 95 6.18 -8.70 1.07
C LEU A 95 7.70 -8.77 1.19
N LYS A 96 8.26 -7.98 2.10
CA LYS A 96 9.70 -7.95 2.32
C LYS A 96 10.38 -7.01 1.32
N SER A 97 10.02 -7.16 0.05
CA SER A 97 10.59 -6.32 -1.00
C SER A 97 12.12 -6.31 -0.92
N LYS A 98 12.74 -5.63 -1.88
CA LYS A 98 14.20 -5.53 -1.91
C LYS A 98 14.65 -4.08 -1.87
N GLU A 99 13.87 -3.20 -2.50
CA GLU A 99 14.18 -1.78 -2.52
C GLU A 99 12.98 -0.95 -2.06
N PRO A 100 12.77 -0.88 -0.77
CA PRO A 100 11.63 -0.12 -0.19
C PRO A 100 11.57 1.33 -0.66
N GLY A 101 12.73 1.99 -0.69
CA GLY A 101 12.79 3.39 -1.12
C GLY A 101 12.32 3.55 -2.56
N ARG A 102 12.84 2.70 -3.44
CA ARG A 102 12.47 2.75 -4.86
C ARG A 102 11.05 2.24 -5.05
N VAL A 103 10.65 1.26 -4.24
CA VAL A 103 9.32 0.68 -4.36
C VAL A 103 8.25 1.77 -4.19
N PHE A 104 8.38 2.59 -3.16
CA PHE A 104 7.40 3.63 -2.95
C PHE A 104 7.32 4.54 -4.18
N ILE A 105 8.48 4.99 -4.66
CA ILE A 105 8.51 5.89 -5.79
C ILE A 105 7.63 5.41 -6.93
N ASP A 106 7.84 4.17 -7.35
CA ASP A 106 7.04 3.63 -8.44
C ASP A 106 5.58 3.74 -8.08
N ILE A 107 5.25 3.32 -6.87
CA ILE A 107 3.90 3.39 -6.40
C ILE A 107 3.44 4.83 -6.43
N VAL A 108 4.32 5.72 -5.97
CA VAL A 108 4.02 7.13 -5.95
C VAL A 108 3.97 7.68 -7.36
N ASP A 109 4.83 7.17 -8.23
CA ASP A 109 4.83 7.62 -9.60
C ASP A 109 3.46 7.35 -10.18
N LEU A 110 2.87 6.24 -9.74
CA LEU A 110 1.55 5.86 -10.20
C LEU A 110 0.54 6.95 -9.82
N VAL A 111 0.74 7.55 -8.65
CA VAL A 111 -0.13 8.61 -8.18
C VAL A 111 -0.10 9.80 -9.13
N LYS A 112 1.09 10.11 -9.63
CA LYS A 112 1.26 11.23 -10.54
C LYS A 112 0.27 11.14 -11.70
N LYS A 113 0.06 9.92 -12.16
CA LYS A 113 -0.85 9.67 -13.28
C LYS A 113 -2.30 9.91 -12.88
N TYR A 114 -2.68 9.41 -11.71
CA TYR A 114 -4.06 9.55 -11.24
C TYR A 114 -4.20 10.78 -10.35
N ALA A 115 -3.63 10.71 -9.14
CA ALA A 115 -3.73 11.82 -8.20
C ALA A 115 -2.69 12.89 -8.49
N ASP A 116 -2.82 14.03 -7.81
CA ASP A 116 -1.89 15.14 -8.00
C ASP A 116 -0.48 14.78 -7.56
N GLU A 117 0.50 15.39 -8.22
CA GLU A 117 1.91 15.14 -7.91
C GLU A 117 2.25 15.55 -6.47
N LYS A 118 1.64 16.63 -5.99
CA LYS A 118 1.89 17.10 -4.63
C LYS A 118 1.54 16.03 -3.61
N ALA A 119 0.48 15.29 -3.89
CA ALA A 119 0.04 14.22 -3.00
C ALA A 119 1.10 13.13 -2.92
N GLY A 120 1.75 12.89 -4.05
CA GLY A 120 2.78 11.85 -4.12
C GLY A 120 3.89 12.12 -3.12
N LYS A 121 4.23 13.39 -2.93
CA LYS A 121 5.28 13.75 -1.98
C LYS A 121 4.88 13.31 -0.58
N PHE A 122 3.64 13.61 -0.22
CA PHE A 122 3.12 13.24 1.09
C PHE A 122 3.04 11.72 1.21
N VAL A 123 2.73 11.06 0.10
CA VAL A 123 2.61 9.61 0.08
C VAL A 123 3.95 8.95 0.31
N ASN A 124 5.01 9.48 -0.31
CA ASN A 124 6.33 8.90 -0.15
C ASN A 124 6.85 9.10 1.28
N GLY A 125 6.80 10.35 1.74
CA GLY A 125 7.27 10.66 3.09
C GLY A 125 6.53 9.86 4.15
N VAL A 126 5.20 9.93 4.11
CA VAL A 126 4.39 9.21 5.07
C VAL A 126 4.66 7.71 5.01
N LEU A 127 5.05 7.22 3.83
CA LEU A 127 5.34 5.79 3.67
C LEU A 127 6.49 5.39 4.59
N SER A 128 7.53 6.20 4.60
CA SER A 128 8.69 5.95 5.44
C SER A 128 8.30 5.94 6.92
N ALA A 129 7.27 6.71 7.24
CA ALA A 129 6.81 6.81 8.62
C ALA A 129 6.48 5.43 9.19
N ILE A 130 5.90 4.57 8.36
CA ILE A 130 5.57 3.23 8.82
C ILE A 130 6.86 2.45 9.09
N TYR A 131 7.86 2.64 8.22
CA TYR A 131 9.13 1.95 8.38
C TYR A 131 9.77 2.30 9.71
N LYS A 132 9.86 3.60 10.01
CA LYS A 132 10.46 4.05 11.26
C LYS A 132 9.68 3.49 12.45
N ALA A 133 8.36 3.40 12.30
CA ALA A 133 7.53 2.88 13.38
C ALA A 133 7.73 1.37 13.53
N TYR A 134 7.98 0.71 12.41
CA TYR A 134 8.17 -0.74 12.41
C TYR A 134 9.38 -1.17 13.24
N ILE A 135 10.50 -0.48 13.06
CA ILE A 135 11.72 -0.84 13.78
C ILE A 135 11.46 -1.06 15.27
N THR A 136 10.25 -0.78 15.72
CA THR A 136 9.90 -0.95 17.12
C THR A 136 9.96 -2.42 17.51
N SER A 137 9.88 -3.30 16.51
CA SER A 137 9.95 -4.73 16.77
C SER A 137 11.37 -5.16 17.12
N SER A 138 12.33 -4.27 16.84
CA SER A 138 13.73 -4.57 17.13
C SER A 138 14.17 -5.82 16.39
N LYS A 139 15.20 -5.67 15.55
CA LYS A 139 15.71 -6.79 14.78
C LYS A 139 17.13 -6.50 14.31
N GLU A 140 17.45 -5.23 14.14
CA GLU A 140 18.77 -4.81 13.70
C GLU A 140 19.68 -4.54 14.89
N GLU A 141 19.21 -3.66 15.78
CA GLU A 141 19.98 -3.32 16.96
C GLU A 141 20.41 -4.58 17.70
N LYS A 142 21.51 -4.46 18.45
CA LYS A 142 22.02 -5.59 19.21
C LYS A 142 21.14 -5.86 20.42
N PRO A 143 20.99 -7.10 20.83
CA PRO A 143 20.15 -7.47 22.00
C PRO A 143 20.71 -6.93 23.31
N SER A 144 19.83 -6.73 24.29
CA SER A 144 20.24 -6.22 25.59
C SER A 144 21.34 -7.09 26.20
N LEU A 145 22.54 -6.54 26.30
CA LEU A 145 23.67 -7.27 26.86
C LEU A 145 24.25 -6.51 28.05
N LYS A 146 23.96 -7.00 29.25
CA LYS A 146 24.45 -6.36 30.47
C LYS A 146 23.88 -4.95 30.61
N SER A 147 24.38 -4.04 29.78
CA SER A 147 23.92 -2.66 29.82
C SER A 147 22.46 -2.56 29.39
N GLU A 148 21.97 -1.34 29.24
CA GLU A 148 20.58 -1.12 28.83
C GLU A 148 20.40 0.29 28.29
N MET A 1 8.48 -0.76 -19.46
CA MET A 1 7.06 -0.99 -19.06
C MET A 1 6.74 -2.47 -19.15
N ARG A 2 6.83 -3.16 -18.02
CA ARG A 2 6.55 -4.59 -17.98
C ARG A 2 5.17 -4.86 -17.42
N TYR A 3 4.75 -6.12 -17.43
CA TYR A 3 3.44 -6.50 -16.92
C TYR A 3 3.35 -6.27 -15.41
N ARG A 4 4.40 -6.66 -14.70
CA ARG A 4 4.42 -6.50 -13.25
C ARG A 4 4.22 -5.04 -12.87
N LYS A 5 4.78 -4.13 -13.67
CA LYS A 5 4.65 -2.71 -13.41
C LYS A 5 3.18 -2.29 -13.42
N GLY A 6 2.42 -2.87 -14.35
CA GLY A 6 1.00 -2.55 -14.46
C GLY A 6 0.21 -3.18 -13.31
N ALA A 7 0.54 -4.42 -12.98
CA ALA A 7 -0.14 -5.13 -11.91
C ALA A 7 -0.03 -4.33 -10.61
N ARG A 8 1.09 -3.64 -10.43
CA ARG A 8 1.30 -2.85 -9.22
C ARG A 8 0.47 -1.58 -9.25
N ASP A 9 0.45 -0.90 -10.40
CA ASP A 9 -0.31 0.34 -10.54
C ASP A 9 -1.80 0.09 -10.34
N THR A 10 -2.31 -0.94 -10.98
CA THR A 10 -3.73 -1.28 -10.88
C THR A 10 -4.11 -1.63 -9.45
N ALA A 11 -3.13 -1.99 -8.64
CA ALA A 11 -3.38 -2.37 -7.26
C ALA A 11 -4.17 -1.29 -6.53
N PHE A 12 -3.76 -0.05 -6.69
CA PHE A 12 -4.41 1.06 -6.00
C PHE A 12 -5.90 1.12 -6.33
N LEU A 13 -6.22 1.03 -7.62
CA LEU A 13 -7.61 1.11 -8.03
C LEU A 13 -8.46 0.07 -7.29
N VAL A 14 -7.93 -1.13 -7.09
CA VAL A 14 -8.70 -2.16 -6.39
C VAL A 14 -8.99 -1.69 -4.99
N LEU A 15 -7.96 -1.19 -4.34
CA LEU A 15 -8.09 -0.70 -2.98
C LEU A 15 -9.02 0.51 -2.97
N TYR A 16 -8.98 1.27 -4.06
CA TYR A 16 -9.82 2.44 -4.18
C TYR A 16 -11.29 2.03 -4.18
N ARG A 17 -11.57 0.88 -4.81
CA ARG A 17 -12.92 0.36 -4.88
C ARG A 17 -13.42 0.04 -3.48
N TRP A 18 -12.50 -0.39 -2.61
CA TRP A 18 -12.85 -0.74 -1.24
C TRP A 18 -13.45 0.46 -0.53
N ASP A 19 -12.92 1.64 -0.84
CA ASP A 19 -13.41 2.87 -0.23
C ASP A 19 -14.83 3.20 -0.70
N LEU A 20 -15.13 2.88 -1.96
CA LEU A 20 -16.46 3.18 -2.52
C LEU A 20 -17.44 2.03 -2.35
N ARG A 21 -17.00 0.81 -2.66
CA ARG A 21 -17.88 -0.35 -2.56
C ARG A 21 -17.92 -0.90 -1.13
N GLY A 22 -16.74 -1.06 -0.53
CA GLY A 22 -16.67 -1.57 0.84
C GLY A 22 -15.62 -2.68 0.96
N GLU A 23 -16.05 -3.92 0.73
CA GLU A 23 -15.14 -5.06 0.83
C GLU A 23 -15.28 -5.99 -0.39
N ASN A 24 -14.40 -7.01 -0.43
CA ASN A 24 -14.39 -7.99 -1.52
C ASN A 24 -13.41 -7.58 -2.61
N PRO A 25 -12.14 -7.62 -2.32
CA PRO A 25 -11.06 -7.24 -3.30
C PRO A 25 -10.99 -8.18 -4.50
N GLY A 26 -11.11 -9.48 -4.25
CA GLY A 26 -11.05 -10.46 -5.33
C GLY A 26 -12.16 -10.23 -6.34
N GLU A 27 -13.37 -10.04 -5.83
CA GLU A 27 -14.52 -9.81 -6.69
C GLU A 27 -14.42 -8.43 -7.34
N LEU A 28 -14.09 -7.44 -6.52
CA LEU A 28 -13.97 -6.07 -6.99
C LEU A 28 -12.99 -5.97 -8.16
N PHE A 29 -11.88 -6.69 -8.05
CA PHE A 29 -10.87 -6.67 -9.11
C PHE A 29 -11.47 -7.28 -10.38
N LYS A 30 -12.26 -8.32 -10.20
CA LYS A 30 -12.88 -9.02 -11.32
C LYS A 30 -13.74 -8.07 -12.15
N GLU A 31 -14.35 -7.08 -11.50
CA GLU A 31 -15.23 -6.13 -12.19
C GLU A 31 -14.46 -5.16 -13.10
N VAL A 32 -13.30 -4.69 -12.66
CA VAL A 32 -12.52 -3.75 -13.45
C VAL A 32 -11.84 -4.42 -14.64
N VAL A 33 -11.28 -5.60 -14.41
CA VAL A 33 -10.59 -6.30 -15.49
C VAL A 33 -11.49 -6.28 -16.72
N GLU A 34 -12.78 -6.38 -16.46
CA GLU A 34 -13.79 -6.37 -17.51
C GLU A 34 -13.84 -5.01 -18.21
N GLU A 35 -13.91 -3.95 -17.42
CA GLU A 35 -13.97 -2.60 -17.96
C GLU A 35 -12.63 -2.15 -18.52
N LYS A 36 -11.56 -2.42 -17.78
CA LYS A 36 -10.23 -2.03 -18.21
C LYS A 36 -9.81 -2.86 -19.43
N ASN A 37 -8.51 -3.08 -19.57
CA ASN A 37 -8.00 -3.85 -20.70
C ASN A 37 -6.75 -4.64 -20.29
N ILE A 38 -6.84 -5.31 -19.15
CA ILE A 38 -5.72 -6.11 -18.67
C ILE A 38 -5.59 -7.39 -19.51
N LYS A 39 -4.91 -7.28 -20.64
CA LYS A 39 -4.73 -8.43 -21.51
C LYS A 39 -3.65 -9.37 -20.98
N ASN A 40 -3.13 -9.05 -19.81
CA ASN A 40 -2.09 -9.86 -19.19
C ASN A 40 -2.61 -10.49 -17.89
N LYS A 41 -3.25 -11.64 -18.01
CA LYS A 41 -3.78 -12.31 -16.83
C LYS A 41 -2.71 -12.44 -15.75
N ASP A 42 -1.48 -12.65 -16.19
CA ASP A 42 -0.36 -12.76 -15.28
C ASP A 42 -0.33 -11.52 -14.40
N ALA A 43 -0.61 -10.41 -15.03
CA ALA A 43 -0.61 -9.11 -14.37
C ALA A 43 -1.80 -8.99 -13.43
N TYR A 44 -2.98 -9.33 -13.92
CA TYR A 44 -4.20 -9.22 -13.12
C TYR A 44 -4.08 -10.07 -11.86
N GLU A 45 -3.55 -11.28 -12.00
CA GLU A 45 -3.39 -12.16 -10.86
C GLU A 45 -2.32 -11.60 -9.96
N TYR A 46 -1.19 -11.24 -10.56
CA TYR A 46 -0.09 -10.67 -9.81
C TYR A 46 -0.58 -9.44 -9.06
N ALA A 47 -1.44 -8.69 -9.72
CA ALA A 47 -1.99 -7.48 -9.13
C ALA A 47 -2.81 -7.82 -7.91
N LYS A 48 -3.63 -8.85 -8.03
CA LYS A 48 -4.48 -9.26 -6.92
C LYS A 48 -3.62 -9.60 -5.73
N LYS A 49 -2.63 -10.46 -5.96
CA LYS A 49 -1.74 -10.84 -4.89
C LYS A 49 -1.07 -9.61 -4.31
N LEU A 50 -0.75 -8.66 -5.19
CA LEU A 50 -0.11 -7.43 -4.75
C LEU A 50 -1.02 -6.73 -3.73
N VAL A 51 -2.28 -6.63 -4.08
CA VAL A 51 -3.25 -6.00 -3.21
C VAL A 51 -3.42 -6.79 -1.93
N ASP A 52 -3.33 -8.11 -2.03
CA ASP A 52 -3.51 -8.93 -0.86
C ASP A 52 -2.48 -8.61 0.20
N THR A 53 -1.28 -8.26 -0.23
CA THR A 53 -0.23 -7.91 0.71
C THR A 53 -0.72 -6.74 1.52
N ALA A 54 -1.53 -5.94 0.85
CA ALA A 54 -2.11 -4.76 1.45
C ALA A 54 -3.25 -5.15 2.37
N VAL A 55 -4.04 -6.11 1.91
CA VAL A 55 -5.18 -6.58 2.67
C VAL A 55 -4.76 -7.53 3.79
N ARG A 56 -3.58 -8.14 3.62
CA ARG A 56 -3.07 -9.07 4.62
C ARG A 56 -3.09 -8.43 6.01
N HIS A 57 -3.28 -7.11 6.05
CA HIS A 57 -3.31 -6.38 7.31
C HIS A 57 -4.07 -5.07 7.15
N ILE A 58 -4.89 -5.01 6.10
CA ILE A 58 -5.70 -3.82 5.78
C ILE A 58 -5.71 -2.78 6.91
N GLU A 59 -6.57 -2.99 7.90
CA GLU A 59 -6.71 -2.04 8.99
C GLU A 59 -5.39 -1.85 9.74
N GLU A 60 -4.74 -2.95 10.05
CA GLU A 60 -3.47 -2.89 10.77
C GLU A 60 -2.52 -1.94 10.07
N ILE A 61 -2.55 -1.91 8.73
CA ILE A 61 -1.66 -1.01 8.01
C ILE A 61 -1.96 0.43 8.39
N ASP A 62 -3.23 0.81 8.36
CA ASP A 62 -3.59 2.18 8.73
C ASP A 62 -3.08 2.43 10.14
N SER A 63 -3.28 1.45 11.01
CA SER A 63 -2.80 1.55 12.38
C SER A 63 -1.29 1.75 12.38
N ILE A 64 -0.61 0.97 11.54
CA ILE A 64 0.84 1.06 11.43
C ILE A 64 1.22 2.48 11.00
N ILE A 65 0.41 3.05 10.13
CA ILE A 65 0.63 4.41 9.66
C ILE A 65 0.31 5.40 10.78
N GLU A 66 -0.73 5.10 11.55
CA GLU A 66 -1.18 5.98 12.60
C GLU A 66 -0.10 6.24 13.64
N LYS A 67 0.71 5.23 13.93
CA LYS A 67 1.75 5.37 14.93
C LYS A 67 2.65 6.56 14.63
N HIS A 68 2.74 6.94 13.36
CA HIS A 68 3.57 8.08 12.96
C HIS A 68 2.73 9.33 12.73
N LEU A 69 1.52 9.14 12.19
CA LEU A 69 0.64 10.28 11.92
C LEU A 69 0.66 11.27 13.08
N LYS A 70 0.54 10.74 14.30
CA LYS A 70 0.56 11.58 15.50
C LYS A 70 -0.82 12.20 15.72
N GLY A 71 -1.85 11.37 15.73
CA GLY A 71 -3.22 11.84 15.94
C GLY A 71 -3.94 12.02 14.61
N TRP A 72 -3.18 12.17 13.54
CA TRP A 72 -3.76 12.35 12.22
C TRP A 72 -4.27 11.01 11.67
N SER A 73 -4.99 11.06 10.55
CA SER A 73 -5.52 9.86 9.93
C SER A 73 -5.05 9.75 8.47
N ILE A 74 -4.67 8.56 8.06
CA ILE A 74 -4.20 8.35 6.69
C ILE A 74 -5.28 8.82 5.72
N ASP A 75 -6.51 8.83 6.22
CA ASP A 75 -7.64 9.28 5.42
C ASP A 75 -7.64 10.81 5.38
N ARG A 76 -6.98 11.42 6.36
CA ARG A 76 -6.92 12.88 6.44
C ARG A 76 -6.20 13.45 5.22
N LEU A 77 -6.69 13.13 4.03
CA LEU A 77 -6.09 13.63 2.81
C LEU A 77 -6.77 13.00 1.59
N GLY A 78 -6.20 13.23 0.41
CA GLY A 78 -6.76 12.69 -0.82
C GLY A 78 -7.11 11.21 -0.65
N TYR A 79 -8.02 10.72 -1.48
CA TYR A 79 -8.43 9.32 -1.40
C TYR A 79 -7.35 8.39 -1.94
N VAL A 80 -6.88 8.67 -3.15
CA VAL A 80 -5.84 7.83 -3.76
C VAL A 80 -4.69 7.63 -2.79
N GLU A 81 -4.23 8.73 -2.21
CA GLU A 81 -3.11 8.67 -1.28
C GLU A 81 -3.32 7.55 -0.28
N ARG A 82 -4.49 7.53 0.35
CA ARG A 82 -4.77 6.50 1.34
C ARG A 82 -4.53 5.11 0.75
N ASN A 83 -5.10 4.88 -0.42
CA ASN A 83 -4.94 3.58 -1.07
C ASN A 83 -3.49 3.37 -1.49
N ALA A 84 -2.92 4.38 -2.13
CA ALA A 84 -1.55 4.29 -2.58
C ALA A 84 -0.62 3.96 -1.42
N LEU A 85 -0.83 4.64 -0.30
CA LEU A 85 0.00 4.41 0.86
C LEU A 85 -0.03 2.96 1.27
N ARG A 86 -1.23 2.38 1.26
CA ARG A 86 -1.37 1.00 1.66
C ARG A 86 -0.53 0.07 0.79
N LEU A 87 -0.52 0.28 -0.51
CA LEU A 87 0.27 -0.60 -1.37
C LEU A 87 1.75 -0.48 -1.05
N GLY A 88 2.21 0.73 -0.78
CA GLY A 88 3.61 0.94 -0.49
C GLY A 88 4.04 0.19 0.75
N VAL A 89 3.27 0.33 1.80
CA VAL A 89 3.59 -0.34 3.05
C VAL A 89 3.47 -1.85 2.86
N ALA A 90 2.46 -2.26 2.12
CA ALA A 90 2.24 -3.67 1.86
C ALA A 90 3.57 -4.32 1.50
N GLU A 91 4.32 -3.65 0.65
CA GLU A 91 5.59 -4.22 0.23
C GLU A 91 6.65 -4.10 1.33
N LEU A 92 6.89 -2.87 1.77
CA LEU A 92 7.89 -2.58 2.79
C LEU A 92 8.39 -3.83 3.52
N ILE A 93 7.56 -4.41 4.38
CA ILE A 93 8.00 -5.58 5.15
C ILE A 93 7.15 -6.81 4.88
N PHE A 94 5.87 -6.59 4.61
CA PHE A 94 4.95 -7.71 4.40
C PHE A 94 5.46 -8.66 3.33
N LEU A 95 6.17 -8.12 2.35
CA LEU A 95 6.73 -8.95 1.28
C LEU A 95 8.19 -9.28 1.57
N LYS A 96 8.81 -8.49 2.44
CA LYS A 96 10.21 -8.72 2.81
C LYS A 96 11.10 -8.67 1.57
N SER A 97 11.35 -7.46 1.07
CA SER A 97 12.20 -7.30 -0.10
C SER A 97 13.59 -6.82 0.30
N LYS A 98 14.46 -6.61 -0.68
CA LYS A 98 15.82 -6.16 -0.41
C LYS A 98 15.97 -4.67 -0.70
N GLU A 99 15.09 -4.14 -1.56
CA GLU A 99 15.13 -2.73 -1.91
C GLU A 99 13.72 -2.17 -2.11
N PRO A 100 12.96 -2.10 -1.06
CA PRO A 100 11.56 -1.58 -1.12
C PRO A 100 11.51 -0.09 -1.44
N GLY A 101 12.66 0.59 -1.29
CA GLY A 101 12.73 2.02 -1.54
C GLY A 101 12.22 2.38 -2.94
N ARG A 102 12.68 1.67 -3.95
CA ARG A 102 12.27 1.94 -5.32
C ARG A 102 10.83 1.48 -5.56
N VAL A 103 10.49 0.30 -5.06
CA VAL A 103 9.14 -0.23 -5.25
C VAL A 103 8.11 0.71 -4.67
N PHE A 104 8.32 1.13 -3.43
CA PHE A 104 7.39 2.03 -2.78
C PHE A 104 7.39 3.38 -3.49
N ILE A 105 8.58 3.90 -3.77
CA ILE A 105 8.67 5.18 -4.44
C ILE A 105 7.83 5.19 -5.70
N ASP A 106 8.04 4.19 -6.54
CA ASP A 106 7.33 4.09 -7.81
C ASP A 106 5.83 4.12 -7.57
N ILE A 107 5.37 3.43 -6.54
CA ILE A 107 3.96 3.41 -6.24
C ILE A 107 3.46 4.84 -6.08
N VAL A 108 4.18 5.60 -5.27
CA VAL A 108 3.81 6.99 -5.06
C VAL A 108 3.99 7.79 -6.33
N ASP A 109 5.03 7.46 -7.09
CA ASP A 109 5.27 8.15 -8.33
C ASP A 109 4.06 7.95 -9.23
N LEU A 110 3.50 6.74 -9.16
CA LEU A 110 2.32 6.42 -9.96
C LEU A 110 1.17 7.31 -9.56
N VAL A 111 1.13 7.69 -8.29
CA VAL A 111 0.08 8.56 -7.78
C VAL A 111 0.17 9.94 -8.42
N LYS A 112 1.41 10.42 -8.59
CA LYS A 112 1.62 11.74 -9.18
C LYS A 112 0.88 11.86 -10.51
N LYS A 113 0.88 10.77 -11.26
CA LYS A 113 0.22 10.74 -12.55
C LYS A 113 -1.30 10.76 -12.40
N TYR A 114 -1.79 9.94 -11.47
CA TYR A 114 -3.23 9.85 -11.23
C TYR A 114 -3.70 10.96 -10.30
N ALA A 115 -3.23 10.94 -9.05
CA ALA A 115 -3.62 11.94 -8.07
C ALA A 115 -2.69 13.15 -8.09
N ASP A 116 -3.05 14.19 -7.36
CA ASP A 116 -2.26 15.41 -7.31
C ASP A 116 -0.81 15.12 -6.94
N GLU A 117 0.12 15.73 -7.68
CA GLU A 117 1.55 15.54 -7.43
C GLU A 117 1.92 16.06 -6.03
N LYS A 118 1.27 17.13 -5.60
CA LYS A 118 1.56 17.70 -4.29
C LYS A 118 1.31 16.68 -3.19
N ALA A 119 0.22 15.94 -3.33
CA ALA A 119 -0.13 14.91 -2.35
C ALA A 119 0.95 13.84 -2.32
N GLY A 120 1.54 13.60 -3.48
CA GLY A 120 2.60 12.60 -3.61
C GLY A 120 3.73 12.88 -2.63
N LYS A 121 4.02 14.16 -2.42
CA LYS A 121 5.09 14.53 -1.49
C LYS A 121 4.74 14.05 -0.08
N PHE A 122 3.50 14.31 0.32
CA PHE A 122 3.02 13.91 1.64
C PHE A 122 2.96 12.39 1.74
N VAL A 123 2.57 11.75 0.63
CA VAL A 123 2.46 10.29 0.61
C VAL A 123 3.80 9.64 0.92
N ASN A 124 4.86 10.11 0.28
CA ASN A 124 6.18 9.53 0.50
C ASN A 124 6.69 9.79 1.91
N GLY A 125 6.63 11.04 2.34
CA GLY A 125 7.11 11.40 3.68
C GLY A 125 6.42 10.56 4.75
N VAL A 126 5.10 10.51 4.70
CA VAL A 126 4.35 9.75 5.68
C VAL A 126 4.55 8.24 5.47
N LEU A 127 4.80 7.83 4.22
CA LEU A 127 5.01 6.41 3.94
C LEU A 127 6.28 5.93 4.63
N SER A 128 7.34 6.71 4.50
CA SER A 128 8.62 6.38 5.10
C SER A 128 8.45 6.22 6.62
N ALA A 129 7.47 6.94 7.16
CA ALA A 129 7.21 6.92 8.58
C ALA A 129 6.95 5.49 9.07
N ILE A 130 6.27 4.70 8.26
CA ILE A 130 5.99 3.32 8.64
C ILE A 130 7.29 2.54 8.79
N TYR A 131 8.24 2.79 7.88
CA TYR A 131 9.52 2.10 7.92
C TYR A 131 10.25 2.37 9.23
N LYS A 132 10.40 3.65 9.56
CA LYS A 132 11.09 4.03 10.79
C LYS A 132 10.38 3.47 12.02
N ALA A 133 9.05 3.44 11.95
CA ALA A 133 8.26 2.92 13.06
C ALA A 133 8.49 1.42 13.25
N TYR A 134 8.73 0.72 12.16
CA TYR A 134 8.96 -0.72 12.22
C TYR A 134 10.24 -1.05 12.98
N ILE A 135 11.34 -0.43 12.57
CA ILE A 135 12.63 -0.68 13.20
C ILE A 135 12.55 -0.46 14.71
N THR A 136 11.55 0.30 15.15
CA THR A 136 11.39 0.57 16.58
C THR A 136 11.12 -0.72 17.35
N SER A 137 10.68 -1.75 16.64
CA SER A 137 10.39 -3.03 17.27
C SER A 137 11.68 -3.75 17.65
N SER A 138 12.70 -3.61 16.81
CA SER A 138 13.99 -4.24 17.07
C SER A 138 13.82 -5.76 17.15
N LYS A 139 14.82 -6.49 16.65
CA LYS A 139 14.79 -7.95 16.67
C LYS A 139 15.48 -8.48 17.92
N GLU A 140 16.75 -8.12 18.09
CA GLU A 140 17.51 -8.57 19.25
C GLU A 140 16.72 -8.35 20.53
N GLU A 141 16.72 -7.12 21.03
CA GLU A 141 15.99 -6.80 22.26
C GLU A 141 14.62 -7.45 22.26
N LYS A 142 14.40 -8.37 23.20
CA LYS A 142 13.13 -9.08 23.30
C LYS A 142 12.12 -8.23 24.08
N PRO A 143 10.86 -8.31 23.72
CA PRO A 143 9.78 -7.54 24.41
C PRO A 143 9.59 -7.97 25.85
N SER A 144 9.45 -7.00 26.75
CA SER A 144 9.27 -7.30 28.17
C SER A 144 7.98 -8.08 28.39
N LEU A 145 8.08 -9.40 28.30
CA LEU A 145 6.91 -10.26 28.50
C LEU A 145 6.13 -9.82 29.74
N LYS A 146 4.86 -10.19 29.78
CA LYS A 146 4.00 -9.84 30.92
C LYS A 146 4.44 -10.59 32.17
N SER A 147 5.62 -11.18 32.12
CA SER A 147 6.14 -11.93 33.27
C SER A 147 6.19 -11.05 34.51
N GLU A 148 6.44 -9.76 34.30
CA GLU A 148 6.50 -8.81 35.41
C GLU A 148 5.11 -8.43 35.88
N MET A 1 9.57 -8.18 -18.62
CA MET A 1 9.91 -7.54 -17.33
C MET A 1 9.34 -6.12 -17.31
N ARG A 2 8.02 -6.02 -17.33
CA ARG A 2 7.37 -4.72 -17.32
C ARG A 2 5.91 -4.85 -16.87
N TYR A 3 5.38 -6.08 -16.96
CA TYR A 3 4.00 -6.33 -16.56
C TYR A 3 3.81 -6.12 -15.06
N ARG A 4 4.82 -6.49 -14.29
CA ARG A 4 4.76 -6.34 -12.84
C ARG A 4 4.49 -4.88 -12.45
N LYS A 5 5.01 -3.95 -13.24
CA LYS A 5 4.82 -2.54 -12.96
C LYS A 5 3.33 -2.19 -12.99
N GLY A 6 2.61 -2.79 -13.92
CA GLY A 6 1.17 -2.54 -14.04
C GLY A 6 0.41 -3.21 -12.91
N ALA A 7 0.78 -4.45 -12.60
CA ALA A 7 0.12 -5.19 -11.53
C ALA A 7 0.20 -4.42 -10.22
N ARG A 8 1.34 -3.76 -9.98
CA ARG A 8 1.52 -2.99 -8.75
C ARG A 8 0.74 -1.69 -8.80
N ASP A 9 0.82 -1.00 -9.93
CA ASP A 9 0.11 0.27 -10.09
C ASP A 9 -1.39 0.05 -10.01
N THR A 10 -1.88 -0.96 -10.71
CA THR A 10 -3.30 -1.28 -10.73
C THR A 10 -3.80 -1.63 -9.32
N ALA A 11 -2.88 -2.02 -8.45
CA ALA A 11 -3.23 -2.40 -7.09
C ALA A 11 -4.00 -1.30 -6.35
N PHE A 12 -3.56 -0.07 -6.52
CA PHE A 12 -4.20 1.06 -5.82
C PHE A 12 -5.69 1.15 -6.10
N LEU A 13 -6.07 1.12 -7.37
CA LEU A 13 -7.47 1.24 -7.72
C LEU A 13 -8.30 0.17 -7.01
N VAL A 14 -7.76 -1.02 -6.86
CA VAL A 14 -8.48 -2.08 -6.17
C VAL A 14 -8.76 -1.67 -4.75
N LEU A 15 -7.73 -1.16 -4.09
CA LEU A 15 -7.85 -0.70 -2.73
C LEU A 15 -8.80 0.49 -2.69
N TYR A 16 -8.79 1.29 -3.75
CA TYR A 16 -9.67 2.44 -3.82
C TYR A 16 -11.13 1.99 -3.78
N ARG A 17 -11.41 0.86 -4.41
CA ARG A 17 -12.76 0.33 -4.45
C ARG A 17 -13.24 -0.01 -3.04
N TRP A 18 -12.32 -0.45 -2.18
CA TRP A 18 -12.68 -0.80 -0.81
C TRP A 18 -13.22 0.41 -0.07
N ASP A 19 -12.70 1.59 -0.41
CA ASP A 19 -13.15 2.81 0.23
C ASP A 19 -14.61 3.10 -0.14
N LEU A 20 -14.99 2.74 -1.37
CA LEU A 20 -16.36 2.98 -1.83
C LEU A 20 -17.25 1.77 -1.56
N ARG A 21 -16.75 0.58 -1.89
CA ARG A 21 -17.52 -0.65 -1.69
C ARG A 21 -17.15 -1.32 -0.37
N GLY A 22 -15.87 -1.44 -0.09
CA GLY A 22 -15.42 -2.07 1.15
C GLY A 22 -15.71 -3.57 1.11
N GLU A 23 -16.20 -4.05 -0.03
CA GLU A 23 -16.51 -5.47 -0.19
C GLU A 23 -15.29 -6.23 -0.72
N ASN A 24 -15.35 -7.56 -0.67
CA ASN A 24 -14.25 -8.38 -1.14
C ASN A 24 -13.61 -7.77 -2.39
N PRO A 25 -12.32 -7.50 -2.36
CA PRO A 25 -11.61 -6.89 -3.51
C PRO A 25 -11.35 -7.90 -4.64
N GLY A 26 -11.19 -9.17 -4.27
CA GLY A 26 -10.95 -10.22 -5.26
C GLY A 26 -12.09 -10.29 -6.27
N GLU A 27 -13.32 -10.15 -5.77
CA GLU A 27 -14.50 -10.19 -6.65
C GLU A 27 -14.54 -8.95 -7.53
N LEU A 28 -14.42 -7.80 -6.89
CA LEU A 28 -14.44 -6.53 -7.61
C LEU A 28 -13.35 -6.50 -8.68
N PHE A 29 -12.21 -7.11 -8.38
CA PHE A 29 -11.10 -7.16 -9.30
C PHE A 29 -11.56 -7.72 -10.64
N LYS A 30 -12.34 -8.78 -10.57
CA LYS A 30 -12.85 -9.44 -11.77
C LYS A 30 -13.63 -8.45 -12.65
N GLU A 31 -14.30 -7.49 -12.01
CA GLU A 31 -15.10 -6.51 -12.74
C GLU A 31 -14.24 -5.49 -13.50
N VAL A 32 -13.14 -5.05 -12.90
CA VAL A 32 -12.28 -4.06 -13.54
C VAL A 32 -11.47 -4.65 -14.68
N VAL A 33 -10.91 -5.83 -14.47
CA VAL A 33 -10.10 -6.46 -15.50
C VAL A 33 -10.85 -6.40 -16.82
N GLU A 34 -12.17 -6.55 -16.72
CA GLU A 34 -13.03 -6.50 -17.89
C GLU A 34 -12.93 -5.14 -18.59
N GLU A 35 -13.03 -4.07 -17.80
CA GLU A 35 -12.96 -2.72 -18.36
C GLU A 35 -11.53 -2.37 -18.75
N LYS A 36 -10.58 -2.69 -17.88
CA LYS A 36 -9.18 -2.40 -18.16
C LYS A 36 -8.50 -3.60 -18.79
N ASN A 37 -8.06 -3.44 -20.03
CA ASN A 37 -7.41 -4.52 -20.75
C ASN A 37 -6.07 -4.89 -20.10
N ILE A 38 -6.10 -5.06 -18.78
CA ILE A 38 -4.88 -5.41 -18.04
C ILE A 38 -3.98 -6.32 -18.87
N LYS A 39 -3.00 -5.71 -19.53
CA LYS A 39 -2.06 -6.48 -20.35
C LYS A 39 -1.47 -7.60 -19.51
N ASN A 40 -1.05 -8.67 -20.17
CA ASN A 40 -0.45 -9.80 -19.46
C ASN A 40 -1.43 -10.33 -18.41
N LYS A 41 -2.17 -11.37 -18.76
CA LYS A 41 -3.11 -11.96 -17.82
C LYS A 41 -2.40 -12.25 -16.50
N ASP A 42 -1.12 -12.58 -16.61
CA ASP A 42 -0.30 -12.86 -15.45
C ASP A 42 -0.36 -11.70 -14.47
N ALA A 43 -0.31 -10.51 -15.05
CA ALA A 43 -0.32 -9.29 -14.28
C ALA A 43 -1.60 -9.15 -13.46
N TYR A 44 -2.75 -9.39 -14.10
CA TYR A 44 -4.02 -9.28 -13.41
C TYR A 44 -4.03 -10.20 -12.19
N GLU A 45 -3.58 -11.43 -12.36
CA GLU A 45 -3.55 -12.36 -11.25
C GLU A 45 -2.50 -11.92 -10.25
N TYR A 46 -1.32 -11.59 -10.77
CA TYR A 46 -0.25 -11.12 -9.91
C TYR A 46 -0.69 -9.88 -9.18
N ALA A 47 -1.46 -9.05 -9.87
CA ALA A 47 -1.96 -7.81 -9.27
C ALA A 47 -2.82 -8.12 -8.06
N LYS A 48 -3.66 -9.12 -8.19
CA LYS A 48 -4.55 -9.49 -7.09
C LYS A 48 -3.73 -9.84 -5.87
N LYS A 49 -2.78 -10.73 -6.05
CA LYS A 49 -1.93 -11.13 -4.94
C LYS A 49 -1.22 -9.91 -4.37
N LEU A 50 -0.82 -8.99 -5.24
CA LEU A 50 -0.14 -7.79 -4.81
C LEU A 50 -1.01 -7.02 -3.84
N VAL A 51 -2.28 -6.85 -4.19
CA VAL A 51 -3.20 -6.14 -3.35
C VAL A 51 -3.43 -6.86 -2.04
N ASP A 52 -3.42 -8.19 -2.09
CA ASP A 52 -3.66 -8.95 -0.88
C ASP A 52 -2.62 -8.66 0.18
N THR A 53 -1.42 -8.33 -0.25
CA THR A 53 -0.36 -8.01 0.68
C THR A 53 -0.80 -6.83 1.51
N ALA A 54 -1.60 -6.00 0.86
CA ALA A 54 -2.15 -4.82 1.48
C ALA A 54 -3.30 -5.19 2.40
N VAL A 55 -4.12 -6.12 1.95
CA VAL A 55 -5.28 -6.57 2.71
C VAL A 55 -4.87 -7.54 3.82
N ARG A 56 -3.67 -8.08 3.71
CA ARG A 56 -3.18 -9.04 4.70
C ARG A 56 -3.27 -8.46 6.11
N HIS A 57 -3.47 -7.15 6.21
CA HIS A 57 -3.56 -6.48 7.51
C HIS A 57 -4.83 -5.63 7.60
N ILE A 58 -5.08 -4.85 6.55
CA ILE A 58 -6.27 -3.99 6.50
C ILE A 58 -6.18 -2.82 7.47
N GLU A 59 -7.02 -2.85 8.51
CA GLU A 59 -7.07 -1.78 9.51
C GLU A 59 -5.72 -1.61 10.20
N GLU A 60 -5.11 -2.72 10.55
CA GLU A 60 -3.83 -2.67 11.23
C GLU A 60 -2.86 -1.77 10.46
N ILE A 61 -2.92 -1.81 9.14
CA ILE A 61 -2.03 -0.97 8.35
C ILE A 61 -2.24 0.49 8.70
N ASP A 62 -3.50 0.93 8.68
CA ASP A 62 -3.80 2.31 9.03
C ASP A 62 -3.24 2.59 10.41
N SER A 63 -3.48 1.66 11.33
CA SER A 63 -2.96 1.78 12.67
C SER A 63 -1.44 1.88 12.61
N ILE A 64 -0.85 1.02 11.79
CA ILE A 64 0.59 1.00 11.61
C ILE A 64 1.05 2.37 11.10
N ILE A 65 0.26 2.96 10.21
CA ILE A 65 0.56 4.28 9.69
C ILE A 65 0.32 5.33 10.77
N GLU A 66 -0.75 5.12 11.53
CA GLU A 66 -1.17 6.05 12.57
C GLU A 66 -0.11 6.18 13.67
N LYS A 67 0.54 5.08 14.01
CA LYS A 67 1.53 5.08 15.07
C LYS A 67 2.63 6.11 14.81
N HIS A 68 2.91 6.40 13.54
CA HIS A 68 3.95 7.36 13.20
C HIS A 68 3.36 8.71 12.80
N LEU A 69 2.15 8.71 12.25
CA LEU A 69 1.52 9.96 11.82
C LEU A 69 1.78 11.07 12.84
N LYS A 70 2.07 10.67 14.08
CA LYS A 70 2.33 11.63 15.15
C LYS A 70 1.11 12.51 15.38
N GLY A 71 -0.05 11.87 15.56
CA GLY A 71 -1.29 12.60 15.80
C GLY A 71 -2.13 12.68 14.52
N TRP A 72 -1.51 13.20 13.46
CA TRP A 72 -2.21 13.34 12.19
C TRP A 72 -2.97 12.07 11.85
N SER A 73 -3.81 12.15 10.81
CA SER A 73 -4.60 11.00 10.37
C SER A 73 -4.34 10.71 8.89
N ILE A 74 -4.17 9.45 8.55
CA ILE A 74 -3.91 9.08 7.16
C ILE A 74 -5.02 9.62 6.28
N ASP A 75 -6.17 9.85 6.89
CA ASP A 75 -7.30 10.41 6.18
C ASP A 75 -7.03 11.90 5.92
N ARG A 76 -6.16 12.48 6.74
CA ARG A 76 -5.83 13.89 6.60
C ARG A 76 -5.14 14.18 5.27
N LEU A 77 -5.78 13.80 4.17
CA LEU A 77 -5.21 14.02 2.84
C LEU A 77 -6.16 13.55 1.75
N GLY A 78 -5.77 13.76 0.49
CA GLY A 78 -6.61 13.37 -0.65
C GLY A 78 -7.21 11.98 -0.43
N TYR A 79 -8.15 11.61 -1.30
CA TYR A 79 -8.78 10.30 -1.19
C TYR A 79 -7.86 9.19 -1.65
N VAL A 80 -7.33 9.33 -2.87
CA VAL A 80 -6.44 8.31 -3.42
C VAL A 80 -5.28 8.03 -2.49
N GLU A 81 -4.63 9.09 -2.06
CA GLU A 81 -3.48 8.95 -1.16
C GLU A 81 -3.83 8.05 0.01
N ARG A 82 -5.00 8.26 0.59
CA ARG A 82 -5.43 7.47 1.73
C ARG A 82 -5.29 5.99 1.42
N ASN A 83 -5.88 5.57 0.30
CA ASN A 83 -5.81 4.17 -0.08
C ASN A 83 -4.41 3.82 -0.57
N ALA A 84 -3.82 4.73 -1.33
CA ALA A 84 -2.49 4.52 -1.87
C ALA A 84 -1.51 4.19 -0.77
N LEU A 85 -1.63 4.89 0.36
CA LEU A 85 -0.71 4.65 1.46
C LEU A 85 -0.74 3.20 1.87
N ARG A 86 -1.94 2.65 2.01
CA ARG A 86 -2.08 1.27 2.40
C ARG A 86 -1.41 0.33 1.40
N LEU A 87 -1.56 0.63 0.11
CA LEU A 87 -0.97 -0.22 -0.91
C LEU A 87 0.55 -0.14 -0.87
N GLY A 88 1.09 1.03 -0.54
CA GLY A 88 2.54 1.19 -0.49
C GLY A 88 3.15 0.39 0.64
N VAL A 89 2.50 0.38 1.80
CA VAL A 89 3.02 -0.33 2.96
C VAL A 89 3.06 -1.84 2.69
N ALA A 90 2.12 -2.33 1.90
CA ALA A 90 2.10 -3.75 1.60
C ALA A 90 3.52 -4.22 1.30
N GLU A 91 4.25 -3.41 0.55
CA GLU A 91 5.62 -3.78 0.24
C GLU A 91 6.50 -3.67 1.48
N LEU A 92 6.55 -2.46 2.04
CA LEU A 92 7.35 -2.19 3.23
C LEU A 92 8.00 -3.47 3.77
N ILE A 93 7.24 -4.22 4.56
CA ILE A 93 7.76 -5.46 5.16
C ILE A 93 6.92 -6.67 4.74
N PHE A 94 5.64 -6.44 4.53
CA PHE A 94 4.73 -7.53 4.18
C PHE A 94 5.24 -8.30 2.97
N LEU A 95 5.77 -7.58 2.00
CA LEU A 95 6.30 -8.21 0.78
C LEU A 95 7.82 -8.32 0.84
N LYS A 96 8.43 -7.49 1.70
CA LYS A 96 9.88 -7.50 1.86
C LYS A 96 10.54 -6.66 0.76
N SER A 97 10.15 -6.91 -0.48
CA SER A 97 10.69 -6.18 -1.62
C SER A 97 12.22 -6.15 -1.56
N LYS A 98 12.84 -5.53 -2.56
CA LYS A 98 14.29 -5.43 -2.62
C LYS A 98 14.72 -3.98 -2.44
N GLU A 99 13.99 -3.06 -3.07
CA GLU A 99 14.28 -1.63 -2.97
C GLU A 99 13.06 -0.88 -2.48
N PRO A 100 12.81 -0.90 -1.20
CA PRO A 100 11.63 -0.23 -0.58
C PRO A 100 11.49 1.24 -1.00
N GLY A 101 12.60 1.96 -1.03
CA GLY A 101 12.58 3.37 -1.41
C GLY A 101 12.10 3.55 -2.85
N ARG A 102 12.68 2.77 -3.76
CA ARG A 102 12.33 2.84 -5.18
C ARG A 102 10.94 2.24 -5.40
N VAL A 103 10.64 1.18 -4.65
CA VAL A 103 9.34 0.51 -4.79
C VAL A 103 8.19 1.49 -4.54
N PHE A 104 8.32 2.32 -3.51
CA PHE A 104 7.29 3.29 -3.20
C PHE A 104 7.15 4.30 -4.34
N ILE A 105 8.28 4.84 -4.78
CA ILE A 105 8.27 5.84 -5.83
C ILE A 105 7.41 5.40 -7.00
N ASP A 106 7.65 4.20 -7.50
CA ASP A 106 6.89 3.71 -8.63
C ASP A 106 5.42 3.76 -8.29
N ILE A 107 5.07 3.24 -7.13
CA ILE A 107 3.70 3.26 -6.70
C ILE A 107 3.20 4.70 -6.64
N VAL A 108 4.05 5.55 -6.08
CA VAL A 108 3.72 6.95 -5.96
C VAL A 108 3.67 7.60 -7.32
N ASP A 109 4.56 7.18 -8.21
CA ASP A 109 4.56 7.74 -9.56
C ASP A 109 3.20 7.50 -10.16
N LEU A 110 2.61 6.35 -9.82
CA LEU A 110 1.28 6.01 -10.32
C LEU A 110 0.27 7.06 -9.88
N VAL A 111 0.45 7.58 -8.68
CA VAL A 111 -0.44 8.60 -8.13
C VAL A 111 -0.38 9.87 -8.98
N LYS A 112 0.83 10.24 -9.42
CA LYS A 112 1.00 11.44 -10.21
C LYS A 112 0.06 11.43 -11.41
N LYS A 113 -0.12 10.25 -11.98
CA LYS A 113 -0.99 10.09 -13.14
C LYS A 113 -2.45 10.28 -12.76
N TYR A 114 -2.86 9.65 -11.66
CA TYR A 114 -4.24 9.74 -11.21
C TYR A 114 -4.45 10.89 -10.23
N ALA A 115 -3.89 10.76 -9.04
CA ALA A 115 -4.05 11.79 -8.01
C ALA A 115 -2.99 12.88 -8.15
N ASP A 116 -3.13 13.93 -7.35
CA ASP A 116 -2.19 15.05 -7.39
C ASP A 116 -0.76 14.59 -7.08
N GLU A 117 0.19 15.08 -7.86
CA GLU A 117 1.60 14.73 -7.66
C GLU A 117 2.09 15.20 -6.29
N LYS A 118 1.54 16.32 -5.81
CA LYS A 118 1.94 16.86 -4.53
C LYS A 118 1.67 15.85 -3.42
N ALA A 119 0.49 15.23 -3.47
CA ALA A 119 0.11 14.24 -2.47
C ALA A 119 1.06 13.06 -2.52
N GLY A 120 1.48 12.72 -3.73
CA GLY A 120 2.39 11.59 -3.92
C GLY A 120 3.68 11.80 -3.12
N LYS A 121 4.14 13.05 -3.04
CA LYS A 121 5.35 13.36 -2.30
C LYS A 121 5.15 13.01 -0.83
N PHE A 122 4.02 13.43 -0.29
CA PHE A 122 3.71 13.16 1.11
C PHE A 122 3.49 11.66 1.30
N VAL A 123 2.93 11.01 0.29
CA VAL A 123 2.67 9.58 0.37
C VAL A 123 3.95 8.79 0.53
N ASN A 124 5.00 9.17 -0.19
CA ASN A 124 6.27 8.46 -0.10
C ASN A 124 6.92 8.67 1.27
N GLY A 125 7.03 9.94 1.67
CA GLY A 125 7.65 10.26 2.96
C GLY A 125 6.93 9.57 4.11
N VAL A 126 5.62 9.76 4.19
CA VAL A 126 4.83 9.14 5.25
C VAL A 126 4.97 7.61 5.21
N LEU A 127 5.19 7.06 4.02
CA LEU A 127 5.34 5.61 3.90
C LEU A 127 6.52 5.14 4.73
N SER A 128 7.62 5.85 4.61
CA SER A 128 8.83 5.54 5.36
C SER A 128 8.54 5.56 6.86
N ALA A 129 7.55 6.36 7.24
CA ALA A 129 7.18 6.49 8.64
C ALA A 129 6.80 5.13 9.22
N ILE A 130 6.10 4.32 8.45
CA ILE A 130 5.71 2.99 8.90
C ILE A 130 6.94 2.17 9.25
N TYR A 131 8.00 2.32 8.46
CA TYR A 131 9.23 1.57 8.69
C TYR A 131 9.71 1.75 10.13
N LYS A 132 9.69 2.97 10.62
CA LYS A 132 10.12 3.25 11.99
C LYS A 132 9.31 2.41 12.98
N ALA A 133 8.02 2.26 12.70
CA ALA A 133 7.14 1.49 13.57
C ALA A 133 7.61 0.04 13.63
N TYR A 134 8.15 -0.45 12.52
CA TYR A 134 8.62 -1.83 12.45
C TYR A 134 9.87 -2.04 13.32
N ILE A 135 10.87 -1.20 13.13
CA ILE A 135 12.12 -1.34 13.88
C ILE A 135 11.89 -1.12 15.38
N THR A 136 10.98 -0.20 15.72
CA THR A 136 10.71 0.09 17.13
C THR A 136 9.72 -0.92 17.70
N SER A 137 8.98 -1.60 16.82
CA SER A 137 8.00 -2.58 17.25
C SER A 137 8.71 -3.84 17.76
N SER A 138 10.03 -3.87 17.61
CA SER A 138 10.81 -5.02 18.05
C SER A 138 10.41 -6.28 17.27
N LYS A 139 10.34 -7.40 17.97
CA LYS A 139 9.98 -8.66 17.34
C LYS A 139 9.24 -9.57 18.32
N GLU A 140 9.01 -9.05 19.53
CA GLU A 140 8.31 -9.82 20.56
C GLU A 140 7.79 -8.89 21.65
N GLU A 141 6.92 -9.43 22.51
CA GLU A 141 6.35 -8.64 23.61
C GLU A 141 6.96 -9.07 24.94
N LYS A 142 6.64 -8.34 26.00
CA LYS A 142 7.15 -8.66 27.33
C LYS A 142 6.54 -9.97 27.83
N PRO A 143 7.27 -10.70 28.63
CA PRO A 143 6.77 -12.00 29.18
C PRO A 143 5.59 -11.81 30.13
N SER A 144 4.54 -12.59 29.92
CA SER A 144 3.35 -12.50 30.77
C SER A 144 3.39 -13.56 31.86
N LEU A 145 3.67 -13.13 33.08
CA LEU A 145 3.74 -14.08 34.20
C LEU A 145 2.43 -14.84 34.32
N LYS A 146 2.53 -16.14 34.54
CA LYS A 146 1.35 -16.99 34.68
C LYS A 146 0.34 -16.33 35.62
N SER A 147 -0.83 -16.00 35.07
CA SER A 147 -1.88 -15.37 35.87
C SER A 147 -2.58 -16.38 36.76
N GLU A 148 -1.93 -17.52 36.96
CA GLU A 148 -2.49 -18.58 37.80
C GLU A 148 -2.50 -18.15 39.26
N MET A 1 8.59 -8.89 -18.87
CA MET A 1 9.15 -7.77 -19.69
C MET A 1 8.84 -6.43 -19.01
N ARG A 2 7.55 -6.20 -18.76
CA ARG A 2 7.14 -4.95 -18.11
C ARG A 2 5.68 -5.04 -17.68
N TYR A 3 5.04 -6.17 -17.99
CA TYR A 3 3.65 -6.37 -17.63
C TYR A 3 3.47 -6.32 -16.12
N ARG A 4 4.47 -6.83 -15.40
CA ARG A 4 4.42 -6.84 -13.94
C ARG A 4 4.25 -5.43 -13.40
N LYS A 5 4.87 -4.47 -14.07
CA LYS A 5 4.76 -3.08 -13.65
C LYS A 5 3.31 -2.64 -13.58
N GLY A 6 2.51 -3.14 -14.52
CA GLY A 6 1.09 -2.81 -14.57
C GLY A 6 0.33 -3.51 -13.44
N ALA A 7 0.66 -4.78 -13.21
CA ALA A 7 0.01 -5.55 -12.16
C ALA A 7 0.17 -4.86 -10.81
N ARG A 8 1.35 -4.28 -10.59
CA ARG A 8 1.62 -3.58 -9.33
C ARG A 8 0.91 -2.23 -9.29
N ASP A 9 0.91 -1.54 -10.41
CA ASP A 9 0.26 -0.23 -10.49
C ASP A 9 -1.25 -0.35 -10.28
N THR A 10 -1.84 -1.38 -10.87
CA THR A 10 -3.28 -1.60 -10.75
C THR A 10 -3.68 -1.82 -9.29
N ALA A 11 -2.71 -2.20 -8.47
CA ALA A 11 -2.99 -2.47 -7.05
C ALA A 11 -3.67 -1.29 -6.37
N PHE A 12 -3.17 -0.09 -6.64
CA PHE A 12 -3.74 1.10 -6.00
C PHE A 12 -5.23 1.25 -6.31
N LEU A 13 -5.59 1.14 -7.56
CA LEU A 13 -6.98 1.29 -7.94
C LEU A 13 -7.88 0.34 -7.14
N VAL A 14 -7.42 -0.88 -6.90
CA VAL A 14 -8.21 -1.83 -6.14
C VAL A 14 -8.35 -1.35 -4.71
N LEU A 15 -7.25 -0.86 -4.16
CA LEU A 15 -7.25 -0.35 -2.81
C LEU A 15 -8.24 0.82 -2.73
N TYR A 16 -8.34 1.57 -3.82
CA TYR A 16 -9.25 2.71 -3.87
C TYR A 16 -10.68 2.22 -3.66
N ARG A 17 -11.01 1.11 -4.29
CA ARG A 17 -12.35 0.54 -4.17
C ARG A 17 -12.60 0.09 -2.73
N TRP A 18 -11.54 -0.33 -2.06
CA TRP A 18 -11.66 -0.79 -0.68
C TRP A 18 -12.16 0.35 0.20
N ASP A 19 -11.78 1.57 -0.14
CA ASP A 19 -12.21 2.73 0.62
C ASP A 19 -13.72 2.94 0.51
N LEU A 20 -14.27 2.64 -0.66
CA LEU A 20 -15.70 2.82 -0.88
C LEU A 20 -16.48 1.54 -0.55
N ARG A 21 -15.98 0.41 -1.02
CA ARG A 21 -16.64 -0.87 -0.78
C ARG A 21 -16.05 -1.57 0.46
N GLY A 22 -14.72 -1.62 0.53
CA GLY A 22 -14.05 -2.25 1.66
C GLY A 22 -14.54 -3.68 1.85
N GLU A 23 -15.16 -4.25 0.81
CA GLU A 23 -15.68 -5.62 0.89
C GLU A 23 -15.27 -6.42 -0.34
N ASN A 24 -14.83 -7.65 -0.12
CA ASN A 24 -14.41 -8.52 -1.22
C ASN A 24 -13.61 -7.73 -2.26
N PRO A 25 -12.31 -7.62 -2.08
CA PRO A 25 -11.43 -6.89 -3.02
C PRO A 25 -11.09 -7.72 -4.26
N GLY A 26 -11.15 -9.03 -4.12
CA GLY A 26 -10.85 -9.92 -5.24
C GLY A 26 -11.94 -9.85 -6.30
N GLU A 27 -13.20 -9.95 -5.86
CA GLU A 27 -14.32 -9.88 -6.77
C GLU A 27 -14.32 -8.55 -7.52
N LEU A 28 -14.14 -7.48 -6.75
CA LEU A 28 -14.11 -6.15 -7.32
C LEU A 28 -13.05 -6.04 -8.42
N PHE A 29 -11.93 -6.73 -8.21
CA PHE A 29 -10.85 -6.72 -9.18
C PHE A 29 -11.37 -7.22 -10.52
N LYS A 30 -12.20 -8.26 -10.47
CA LYS A 30 -12.76 -8.85 -11.68
C LYS A 30 -13.55 -7.80 -12.48
N GLU A 31 -14.16 -6.86 -11.77
CA GLU A 31 -14.96 -5.82 -12.41
C GLU A 31 -14.11 -4.84 -13.25
N VAL A 32 -12.96 -4.44 -12.72
CA VAL A 32 -12.10 -3.48 -13.43
C VAL A 32 -11.39 -4.13 -14.62
N VAL A 33 -10.85 -5.32 -14.42
CA VAL A 33 -10.13 -5.98 -15.50
C VAL A 33 -10.98 -5.92 -16.76
N GLU A 34 -12.28 -6.01 -16.56
CA GLU A 34 -13.22 -5.94 -17.68
C GLU A 34 -13.13 -4.60 -18.38
N GLU A 35 -13.15 -3.52 -17.60
CA GLU A 35 -13.07 -2.17 -18.15
C GLU A 35 -11.69 -1.87 -18.68
N LYS A 36 -10.67 -2.25 -17.91
CA LYS A 36 -9.29 -2.00 -18.31
C LYS A 36 -8.75 -3.17 -19.14
N ASN A 37 -8.25 -2.85 -20.32
CA ASN A 37 -7.71 -3.86 -21.22
C ASN A 37 -6.40 -4.43 -20.69
N ILE A 38 -6.41 -4.90 -19.45
CA ILE A 38 -5.21 -5.48 -18.85
C ILE A 38 -4.57 -6.48 -19.81
N LYS A 39 -5.43 -7.25 -20.48
CA LYS A 39 -4.96 -8.26 -21.42
C LYS A 39 -4.13 -9.32 -20.72
N ASN A 40 -2.83 -9.05 -20.56
CA ASN A 40 -1.93 -10.00 -19.91
C ASN A 40 -2.56 -10.53 -18.62
N LYS A 41 -3.32 -11.61 -18.74
CA LYS A 41 -3.98 -12.19 -17.57
C LYS A 41 -2.96 -12.45 -16.47
N ASP A 42 -1.73 -12.77 -16.88
CA ASP A 42 -0.67 -13.01 -15.92
C ASP A 42 -0.56 -11.82 -14.99
N ALA A 43 -0.63 -10.65 -15.59
CA ALA A 43 -0.54 -9.41 -14.87
C ALA A 43 -1.73 -9.24 -13.92
N TYR A 44 -2.93 -9.48 -14.45
CA TYR A 44 -4.14 -9.34 -13.65
C TYR A 44 -4.10 -10.27 -12.44
N GLU A 45 -3.64 -11.49 -12.64
CA GLU A 45 -3.55 -12.44 -11.55
C GLU A 45 -2.48 -11.99 -10.58
N TYR A 46 -1.33 -11.63 -11.13
CA TYR A 46 -0.22 -11.17 -10.32
C TYR A 46 -0.66 -9.97 -9.52
N ALA A 47 -1.47 -9.13 -10.14
CA ALA A 47 -1.97 -7.92 -9.50
C ALA A 47 -2.85 -8.26 -8.31
N LYS A 48 -3.66 -9.30 -8.48
CA LYS A 48 -4.56 -9.72 -7.42
C LYS A 48 -3.76 -10.06 -6.17
N LYS A 49 -2.75 -10.89 -6.35
CA LYS A 49 -1.92 -11.27 -5.22
C LYS A 49 -1.29 -10.02 -4.61
N LEU A 50 -0.91 -9.08 -5.47
CA LEU A 50 -0.28 -7.85 -4.99
C LEU A 50 -1.20 -7.08 -4.07
N VAL A 51 -2.48 -7.01 -4.42
CA VAL A 51 -3.42 -6.26 -3.60
C VAL A 51 -3.59 -6.91 -2.23
N ASP A 52 -3.52 -8.22 -2.19
CA ASP A 52 -3.71 -8.91 -0.93
C ASP A 52 -2.61 -8.56 0.06
N THR A 53 -1.45 -8.23 -0.47
CA THR A 53 -0.34 -7.85 0.39
C THR A 53 -0.78 -6.68 1.23
N ALA A 54 -1.66 -5.90 0.63
CA ALA A 54 -2.22 -4.73 1.27
C ALA A 54 -3.30 -5.16 2.26
N VAL A 55 -4.15 -6.09 1.83
CA VAL A 55 -5.25 -6.58 2.65
C VAL A 55 -4.78 -7.59 3.68
N ARG A 56 -3.57 -8.13 3.50
CA ARG A 56 -3.04 -9.12 4.43
C ARG A 56 -3.16 -8.65 5.87
N HIS A 57 -3.41 -7.35 6.07
CA HIS A 57 -3.56 -6.80 7.41
C HIS A 57 -4.80 -5.92 7.49
N ILE A 58 -5.05 -5.17 6.41
CA ILE A 58 -6.22 -4.28 6.33
C ILE A 58 -6.10 -3.08 7.28
N GLU A 59 -6.95 -3.07 8.30
CA GLU A 59 -6.99 -1.96 9.26
C GLU A 59 -5.66 -1.79 9.97
N GLU A 60 -5.04 -2.90 10.34
CA GLU A 60 -3.77 -2.83 11.03
C GLU A 60 -2.79 -1.94 10.29
N ILE A 61 -2.81 -1.98 8.96
CA ILE A 61 -1.90 -1.13 8.21
C ILE A 61 -2.22 0.33 8.51
N ASP A 62 -3.50 0.68 8.44
CA ASP A 62 -3.89 2.05 8.74
C ASP A 62 -3.42 2.38 10.14
N SER A 63 -3.66 1.45 11.06
CA SER A 63 -3.23 1.62 12.44
C SER A 63 -1.72 1.78 12.46
N ILE A 64 -1.04 0.95 11.67
CA ILE A 64 0.42 1.00 11.58
C ILE A 64 0.84 2.39 11.12
N ILE A 65 0.07 2.94 10.20
CA ILE A 65 0.33 4.29 9.70
C ILE A 65 -0.03 5.33 10.76
N GLU A 66 -1.11 5.08 11.48
CA GLU A 66 -1.59 6.02 12.48
C GLU A 66 -0.56 6.23 13.60
N LYS A 67 0.11 5.16 13.99
CA LYS A 67 1.09 5.24 15.07
C LYS A 67 2.19 6.26 14.76
N HIS A 68 2.59 6.36 13.49
CA HIS A 68 3.67 7.28 13.12
C HIS A 68 3.14 8.58 12.48
N LEU A 69 1.85 8.61 12.17
CA LEU A 69 1.28 9.82 11.54
C LEU A 69 1.83 11.07 12.22
N LYS A 70 2.33 10.90 13.44
CA LYS A 70 2.89 12.03 14.19
C LYS A 70 1.76 12.84 14.84
N GLY A 71 0.57 12.27 14.85
CA GLY A 71 -0.59 12.94 15.46
C GLY A 71 -1.58 13.39 14.39
N TRP A 72 -1.40 12.88 13.17
CA TRP A 72 -2.29 13.24 12.06
C TRP A 72 -3.24 12.10 11.74
N SER A 73 -4.02 12.26 10.67
CA SER A 73 -4.98 11.24 10.26
C SER A 73 -4.75 10.85 8.80
N ILE A 74 -4.40 9.59 8.57
CA ILE A 74 -4.17 9.12 7.21
C ILE A 74 -5.42 9.39 6.40
N ASP A 75 -6.53 9.50 7.10
CA ASP A 75 -7.80 9.80 6.45
C ASP A 75 -7.85 11.29 6.13
N ARG A 76 -7.04 12.07 6.85
CA ARG A 76 -7.00 13.52 6.63
C ARG A 76 -6.10 13.87 5.44
N LEU A 77 -6.51 13.48 4.24
CA LEU A 77 -5.74 13.76 3.04
C LEU A 77 -6.45 13.20 1.81
N GLY A 78 -5.89 13.47 0.62
CA GLY A 78 -6.48 13.00 -0.62
C GLY A 78 -7.00 11.58 -0.47
N TYR A 79 -7.89 11.17 -1.37
CA TYR A 79 -8.45 9.84 -1.31
C TYR A 79 -7.45 8.78 -1.77
N VAL A 80 -6.91 8.97 -2.98
CA VAL A 80 -5.94 8.01 -3.52
C VAL A 80 -4.82 7.74 -2.52
N GLU A 81 -4.24 8.81 -2.01
CA GLU A 81 -3.15 8.68 -1.06
C GLU A 81 -3.53 7.69 0.03
N ARG A 82 -4.71 7.88 0.61
CA ARG A 82 -5.15 7.00 1.67
C ARG A 82 -5.04 5.55 1.23
N ASN A 83 -5.60 5.25 0.07
CA ASN A 83 -5.54 3.90 -0.45
C ASN A 83 -4.13 3.56 -0.92
N ALA A 84 -3.53 4.48 -1.65
CA ALA A 84 -2.18 4.28 -2.15
C ALA A 84 -1.23 4.03 -0.99
N LEU A 85 -1.44 4.76 0.09
CA LEU A 85 -0.59 4.62 1.26
C LEU A 85 -0.59 3.18 1.72
N ARG A 86 -1.77 2.58 1.79
CA ARG A 86 -1.85 1.19 2.20
C ARG A 86 -1.08 0.30 1.24
N LEU A 87 -1.22 0.56 -0.04
CA LEU A 87 -0.56 -0.24 -1.05
C LEU A 87 0.96 -0.16 -0.92
N GLY A 88 1.48 1.01 -0.55
CA GLY A 88 2.91 1.17 -0.42
C GLY A 88 3.47 0.35 0.73
N VAL A 89 2.82 0.45 1.88
CA VAL A 89 3.25 -0.28 3.06
C VAL A 89 3.16 -1.78 2.82
N ALA A 90 2.19 -2.18 2.02
CA ALA A 90 1.99 -3.58 1.72
C ALA A 90 3.32 -4.22 1.36
N GLU A 91 4.12 -3.55 0.56
CA GLU A 91 5.39 -4.12 0.19
C GLU A 91 6.34 -4.14 1.39
N LEU A 92 6.57 -2.96 1.95
CA LEU A 92 7.45 -2.80 3.11
C LEU A 92 7.95 -4.14 3.66
N ILE A 93 7.16 -4.77 4.51
CA ILE A 93 7.56 -6.05 5.11
C ILE A 93 6.59 -7.15 4.74
N PHE A 94 5.33 -6.77 4.53
CA PHE A 94 4.30 -7.74 4.20
C PHE A 94 4.74 -8.60 3.02
N LEU A 95 5.35 -7.96 2.05
CA LEU A 95 5.84 -8.66 0.86
C LEU A 95 7.35 -8.88 0.95
N LYS A 96 8.00 -8.09 1.79
CA LYS A 96 9.45 -8.20 1.97
C LYS A 96 10.18 -7.77 0.70
N SER A 97 10.53 -6.49 0.61
CA SER A 97 11.24 -5.97 -0.54
C SER A 97 12.72 -5.76 -0.22
N LYS A 98 13.44 -5.10 -1.13
CA LYS A 98 14.86 -4.84 -0.93
C LYS A 98 15.18 -3.36 -1.14
N GLU A 99 14.20 -2.61 -1.66
CA GLU A 99 14.39 -1.19 -1.91
C GLU A 99 13.14 -0.41 -1.50
N PRO A 100 12.90 -0.33 -0.21
CA PRO A 100 11.69 0.38 0.33
C PRO A 100 11.57 1.81 -0.20
N GLY A 101 12.68 2.54 -0.24
CA GLY A 101 12.65 3.92 -0.73
C GLY A 101 12.23 3.98 -2.18
N ARG A 102 12.84 3.13 -3.01
CA ARG A 102 12.52 3.08 -4.43
C ARG A 102 11.15 2.46 -4.65
N VAL A 103 10.80 1.47 -3.82
CA VAL A 103 9.51 0.81 -3.95
C VAL A 103 8.38 1.82 -3.83
N PHE A 104 8.42 2.66 -2.80
CA PHE A 104 7.37 3.65 -2.63
C PHE A 104 7.25 4.50 -3.89
N ILE A 105 8.38 4.99 -4.38
CA ILE A 105 8.36 5.82 -5.57
C ILE A 105 7.57 5.17 -6.67
N ASP A 106 7.89 3.91 -6.96
CA ASP A 106 7.20 3.20 -8.01
C ASP A 106 5.72 3.32 -7.78
N ILE A 107 5.29 3.04 -6.57
CA ILE A 107 3.90 3.16 -6.24
C ILE A 107 3.47 4.61 -6.44
N VAL A 108 4.23 5.51 -5.89
CA VAL A 108 3.92 6.92 -6.00
C VAL A 108 3.93 7.37 -7.45
N ASP A 109 4.79 6.77 -8.26
CA ASP A 109 4.88 7.15 -9.66
C ASP A 109 3.52 7.07 -10.34
N LEU A 110 2.79 5.97 -10.16
CA LEU A 110 1.48 5.86 -10.83
C LEU A 110 0.48 6.84 -10.23
N VAL A 111 0.67 7.19 -8.96
CA VAL A 111 -0.23 8.13 -8.31
C VAL A 111 -0.19 9.46 -9.05
N LYS A 112 0.99 9.84 -9.52
CA LYS A 112 1.14 11.09 -10.25
C LYS A 112 0.16 11.16 -11.40
N LYS A 113 -0.03 10.04 -12.05
CA LYS A 113 -0.94 9.95 -13.19
C LYS A 113 -2.38 10.18 -12.75
N TYR A 114 -2.77 9.52 -11.65
CA TYR A 114 -4.12 9.65 -11.14
C TYR A 114 -4.23 10.81 -10.16
N ALA A 115 -3.61 10.67 -9.00
CA ALA A 115 -3.65 11.71 -7.98
C ALA A 115 -2.68 12.83 -8.31
N ASP A 116 -2.71 13.90 -7.51
CA ASP A 116 -1.83 15.03 -7.74
C ASP A 116 -0.41 14.74 -7.23
N GLU A 117 0.57 15.40 -7.85
CA GLU A 117 1.96 15.19 -7.46
C GLU A 117 2.20 15.63 -6.02
N LYS A 118 1.52 16.70 -5.60
CA LYS A 118 1.68 17.21 -4.25
C LYS A 118 1.28 16.15 -3.24
N ALA A 119 0.18 15.45 -3.53
CA ALA A 119 -0.30 14.39 -2.64
C ALA A 119 0.67 13.21 -2.65
N GLY A 120 1.22 12.94 -3.82
CA GLY A 120 2.16 11.83 -3.98
C GLY A 120 3.36 11.99 -3.06
N LYS A 121 3.80 13.23 -2.87
CA LYS A 121 4.95 13.49 -2.01
C LYS A 121 4.62 13.05 -0.58
N PHE A 122 3.44 13.41 -0.13
CA PHE A 122 3.00 13.05 1.21
C PHE A 122 2.94 11.53 1.36
N VAL A 123 2.55 10.84 0.29
CA VAL A 123 2.46 9.39 0.33
C VAL A 123 3.82 8.78 0.65
N ASN A 124 4.86 9.28 -0.01
CA ASN A 124 6.21 8.78 0.21
C ASN A 124 6.70 9.11 1.61
N GLY A 125 6.56 10.37 2.00
CA GLY A 125 7.01 10.80 3.32
C GLY A 125 6.34 9.99 4.43
N VAL A 126 5.02 9.93 4.40
CA VAL A 126 4.28 9.18 5.41
C VAL A 126 4.67 7.70 5.34
N LEU A 127 5.05 7.24 4.15
CA LEU A 127 5.44 5.84 3.97
C LEU A 127 6.57 5.49 4.92
N SER A 128 7.57 6.38 4.97
CA SER A 128 8.73 6.18 5.83
C SER A 128 8.29 6.15 7.29
N ALA A 129 7.22 6.86 7.59
CA ALA A 129 6.71 6.93 8.96
C ALA A 129 6.40 5.53 9.49
N ILE A 130 5.90 4.66 8.63
CA ILE A 130 5.60 3.30 9.05
C ILE A 130 6.89 2.56 9.37
N TYR A 131 7.93 2.80 8.56
CA TYR A 131 9.21 2.15 8.75
C TYR A 131 9.74 2.36 10.16
N LYS A 132 9.80 3.62 10.60
CA LYS A 132 10.32 3.92 11.93
C LYS A 132 9.49 3.20 12.99
N ALA A 133 8.17 3.18 12.81
CA ALA A 133 7.30 2.51 13.77
C ALA A 133 7.50 1.00 13.73
N TYR A 134 7.82 0.49 12.54
CA TYR A 134 8.03 -0.94 12.37
C TYR A 134 9.20 -1.44 13.22
N ILE A 135 10.34 -0.78 13.10
CA ILE A 135 11.53 -1.18 13.84
C ILE A 135 11.19 -1.38 15.32
N THR A 136 10.26 -0.56 15.84
CA THR A 136 9.87 -0.67 17.24
C THR A 136 8.89 -1.83 17.43
N SER A 137 8.14 -2.15 16.38
CA SER A 137 7.16 -3.23 16.44
C SER A 137 7.81 -4.55 15.99
N SER A 138 9.04 -4.46 15.50
CA SER A 138 9.75 -5.65 15.05
C SER A 138 10.31 -6.43 16.23
N LYS A 139 10.53 -7.73 16.02
CA LYS A 139 11.07 -8.58 17.08
C LYS A 139 10.16 -8.55 18.32
N GLU A 140 10.21 -9.63 19.09
CA GLU A 140 9.38 -9.72 20.30
C GLU A 140 10.26 -10.01 21.52
N GLU A 141 9.62 -10.14 22.67
CA GLU A 141 10.35 -10.43 23.91
C GLU A 141 11.35 -9.31 24.21
N LYS A 142 11.23 -8.71 25.39
CA LYS A 142 12.14 -7.64 25.78
C LYS A 142 13.50 -8.20 26.19
N PRO A 143 14.56 -7.47 25.93
CA PRO A 143 15.93 -7.91 26.30
C PRO A 143 16.12 -7.99 27.81
N SER A 144 17.06 -8.80 28.26
CA SER A 144 17.32 -8.95 29.69
C SER A 144 16.05 -9.36 30.42
N LEU A 145 15.84 -10.66 30.55
CA LEU A 145 14.65 -11.18 31.24
C LEU A 145 15.05 -11.83 32.55
N LYS A 146 16.15 -12.59 32.53
CA LYS A 146 16.62 -13.27 33.74
C LYS A 146 17.43 -12.31 34.61
N SER A 147 16.72 -11.51 35.42
CA SER A 147 17.38 -10.56 36.30
C SER A 147 17.11 -10.91 37.76
N GLU A 148 15.84 -10.97 38.13
CA GLU A 148 15.46 -11.29 39.50
C GLU A 148 13.97 -11.64 39.58
N MET A 1 9.48 -7.82 -19.33
CA MET A 1 9.61 -7.40 -17.91
C MET A 1 8.93 -6.05 -17.71
N ARG A 2 7.60 -6.07 -17.69
CA ARG A 2 6.84 -4.83 -17.52
C ARG A 2 5.41 -5.13 -17.06
N TYR A 3 4.99 -6.38 -17.24
CA TYR A 3 3.64 -6.78 -16.85
C TYR A 3 3.48 -6.64 -15.34
N ARG A 4 4.53 -6.98 -14.60
CA ARG A 4 4.49 -6.90 -13.15
C ARG A 4 4.27 -5.46 -12.71
N LYS A 5 4.91 -4.52 -13.40
CA LYS A 5 4.75 -3.11 -13.08
C LYS A 5 3.28 -2.72 -13.11
N GLY A 6 2.58 -3.21 -14.13
CA GLY A 6 1.16 -2.92 -14.27
C GLY A 6 0.38 -3.50 -13.10
N ALA A 7 0.71 -4.74 -12.73
CA ALA A 7 0.05 -5.40 -11.63
C ALA A 7 0.17 -4.56 -10.36
N ARG A 8 1.32 -3.89 -10.21
CA ARG A 8 1.55 -3.04 -9.05
C ARG A 8 0.74 -1.75 -9.15
N ASP A 9 0.75 -1.14 -10.34
CA ASP A 9 0.02 0.09 -10.57
C ASP A 9 -1.47 -0.12 -10.34
N THR A 10 -2.01 -1.16 -10.97
CA THR A 10 -3.43 -1.47 -10.84
C THR A 10 -3.77 -1.81 -9.40
N ALA A 11 -2.76 -2.18 -8.63
CA ALA A 11 -2.96 -2.55 -7.23
C ALA A 11 -3.66 -1.44 -6.47
N PHE A 12 -3.19 -0.21 -6.65
CA PHE A 12 -3.78 0.93 -5.96
C PHE A 12 -5.26 1.05 -6.30
N LEU A 13 -5.57 0.87 -7.57
CA LEU A 13 -6.94 0.96 -8.04
C LEU A 13 -7.85 0.04 -7.23
N VAL A 14 -7.41 -1.18 -7.01
CA VAL A 14 -8.19 -2.14 -6.25
C VAL A 14 -8.27 -1.72 -4.78
N LEU A 15 -7.16 -1.21 -4.28
CA LEU A 15 -7.12 -0.75 -2.91
C LEU A 15 -8.13 0.36 -2.74
N TYR A 16 -8.31 1.14 -3.81
CA TYR A 16 -9.26 2.24 -3.79
C TYR A 16 -10.68 1.72 -3.56
N ARG A 17 -11.00 0.60 -4.20
CA ARG A 17 -12.32 0.00 -4.07
C ARG A 17 -12.58 -0.39 -2.62
N TRP A 18 -11.53 -0.78 -1.91
CA TRP A 18 -11.69 -1.19 -0.52
C TRP A 18 -12.21 -0.05 0.33
N ASP A 19 -11.79 1.17 0.00
CA ASP A 19 -12.23 2.35 0.74
C ASP A 19 -13.73 2.58 0.54
N LEU A 20 -14.23 2.25 -0.65
CA LEU A 20 -15.65 2.45 -0.95
C LEU A 20 -16.47 1.22 -0.58
N ARG A 21 -15.98 0.05 -0.94
CA ARG A 21 -16.70 -1.19 -0.66
C ARG A 21 -16.12 -1.88 0.57
N GLY A 22 -14.79 -1.98 0.63
CA GLY A 22 -14.12 -2.62 1.76
C GLY A 22 -14.62 -4.05 1.93
N GLU A 23 -15.19 -4.61 0.88
CA GLU A 23 -15.71 -5.98 0.92
C GLU A 23 -15.25 -6.78 -0.30
N ASN A 24 -14.60 -7.91 -0.05
CA ASN A 24 -14.12 -8.77 -1.13
C ASN A 24 -13.52 -7.93 -2.25
N PRO A 25 -12.24 -7.70 -2.24
CA PRO A 25 -11.55 -6.90 -3.29
C PRO A 25 -11.27 -7.72 -4.55
N GLY A 26 -11.29 -9.04 -4.41
CA GLY A 26 -11.03 -9.92 -5.55
C GLY A 26 -12.20 -9.91 -6.53
N GLU A 27 -13.42 -10.01 -5.99
CA GLU A 27 -14.61 -10.01 -6.82
C GLU A 27 -14.67 -8.74 -7.64
N LEU A 28 -14.50 -7.61 -6.95
CA LEU A 28 -14.54 -6.31 -7.61
C LEU A 28 -13.50 -6.24 -8.72
N PHE A 29 -12.36 -6.87 -8.49
CA PHE A 29 -11.29 -6.88 -9.48
C PHE A 29 -11.79 -7.45 -10.80
N LYS A 30 -12.59 -8.51 -10.71
CA LYS A 30 -13.12 -9.16 -11.91
C LYS A 30 -13.91 -8.17 -12.77
N GLU A 31 -14.58 -7.22 -12.13
CA GLU A 31 -15.39 -6.24 -12.85
C GLU A 31 -14.55 -5.25 -13.66
N VAL A 32 -13.44 -4.80 -13.09
CA VAL A 32 -12.59 -3.82 -13.77
C VAL A 32 -11.79 -4.46 -14.91
N VAL A 33 -11.24 -5.64 -14.67
CA VAL A 33 -10.45 -6.29 -15.70
C VAL A 33 -11.22 -6.23 -17.01
N GLU A 34 -12.52 -6.34 -16.90
CA GLU A 34 -13.40 -6.30 -18.05
C GLU A 34 -13.35 -4.92 -18.74
N GLU A 35 -13.49 -3.87 -17.95
CA GLU A 35 -13.48 -2.51 -18.48
C GLU A 35 -12.07 -2.05 -18.84
N LYS A 36 -11.11 -2.32 -17.97
CA LYS A 36 -9.73 -1.89 -18.21
C LYS A 36 -8.99 -2.88 -19.08
N ASN A 37 -9.61 -4.02 -19.36
CA ASN A 37 -8.98 -5.03 -20.20
C ASN A 37 -7.49 -5.15 -19.86
N ILE A 38 -7.19 -5.22 -18.57
CA ILE A 38 -5.81 -5.34 -18.11
C ILE A 38 -4.94 -6.02 -19.17
N LYS A 39 -4.08 -5.23 -19.81
CA LYS A 39 -3.20 -5.74 -20.85
C LYS A 39 -2.81 -7.19 -20.59
N ASN A 40 -1.78 -7.38 -19.78
CA ASN A 40 -1.31 -8.74 -19.47
C ASN A 40 -2.21 -9.41 -18.45
N LYS A 41 -2.91 -10.45 -18.86
CA LYS A 41 -3.79 -11.18 -17.96
C LYS A 41 -3.00 -11.63 -16.74
N ASP A 42 -1.74 -11.99 -16.98
CA ASP A 42 -0.87 -12.42 -15.90
C ASP A 42 -0.84 -11.37 -14.81
N ALA A 43 -0.75 -10.13 -15.27
CA ALA A 43 -0.69 -8.99 -14.39
C ALA A 43 -1.95 -8.88 -13.53
N TYR A 44 -3.10 -9.05 -14.16
CA TYR A 44 -4.36 -8.96 -13.44
C TYR A 44 -4.38 -9.93 -12.27
N GLU A 45 -3.95 -11.16 -12.52
CA GLU A 45 -3.93 -12.17 -11.47
C GLU A 45 -2.85 -11.80 -10.46
N TYR A 46 -1.68 -11.48 -10.98
CA TYR A 46 -0.57 -11.09 -10.13
C TYR A 46 -0.97 -9.87 -9.31
N ALA A 47 -1.73 -8.99 -9.95
CA ALA A 47 -2.18 -7.77 -9.31
C ALA A 47 -3.02 -8.08 -8.08
N LYS A 48 -3.89 -9.07 -8.21
CA LYS A 48 -4.77 -9.44 -7.10
C LYS A 48 -3.93 -9.83 -5.91
N LYS A 49 -3.00 -10.74 -6.13
CA LYS A 49 -2.12 -11.18 -5.06
C LYS A 49 -1.38 -9.98 -4.48
N LEU A 50 -1.01 -9.05 -5.35
CA LEU A 50 -0.31 -7.85 -4.91
C LEU A 50 -1.14 -7.10 -3.88
N VAL A 51 -2.42 -6.95 -4.20
CA VAL A 51 -3.33 -6.25 -3.31
C VAL A 51 -3.49 -6.98 -2.00
N ASP A 52 -3.45 -8.31 -2.04
CA ASP A 52 -3.65 -9.09 -0.84
C ASP A 52 -2.62 -8.72 0.22
N THR A 53 -1.44 -8.35 -0.22
CA THR A 53 -0.40 -7.96 0.72
C THR A 53 -0.90 -6.81 1.54
N ALA A 54 -1.70 -5.99 0.89
CA ALA A 54 -2.30 -4.84 1.51
C ALA A 54 -3.44 -5.26 2.43
N VAL A 55 -4.20 -6.24 1.96
CA VAL A 55 -5.34 -6.74 2.70
C VAL A 55 -4.91 -7.68 3.81
N ARG A 56 -3.67 -8.15 3.72
CA ARG A 56 -3.14 -9.07 4.74
C ARG A 56 -3.13 -8.38 6.11
N HIS A 57 -3.29 -7.06 6.10
CA HIS A 57 -3.31 -6.28 7.34
C HIS A 57 -4.59 -5.47 7.46
N ILE A 58 -4.85 -4.61 6.48
CA ILE A 58 -6.07 -3.79 6.47
C ILE A 58 -5.98 -2.65 7.48
N GLU A 59 -6.76 -2.77 8.56
CA GLU A 59 -6.80 -1.75 9.59
C GLU A 59 -5.43 -1.53 10.20
N GLU A 60 -4.74 -2.63 10.47
CA GLU A 60 -3.42 -2.57 11.06
C GLU A 60 -2.53 -1.61 10.27
N ILE A 61 -2.68 -1.60 8.95
CA ILE A 61 -1.87 -0.69 8.14
C ILE A 61 -2.13 0.74 8.56
N ASP A 62 -3.40 1.10 8.63
CA ASP A 62 -3.76 2.44 9.05
C ASP A 62 -3.15 2.68 10.42
N SER A 63 -3.31 1.69 11.30
CA SER A 63 -2.75 1.77 12.63
C SER A 63 -1.24 1.90 12.53
N ILE A 64 -0.65 1.13 11.63
CA ILE A 64 0.80 1.16 11.41
C ILE A 64 1.19 2.57 11.01
N ILE A 65 0.33 3.21 10.23
CA ILE A 65 0.55 4.59 9.81
C ILE A 65 0.38 5.54 11.00
N GLU A 66 -0.62 5.27 11.81
CA GLU A 66 -0.94 6.12 12.95
C GLU A 66 0.24 6.23 13.93
N LYS A 67 0.99 5.15 14.09
CA LYS A 67 2.10 5.16 15.04
C LYS A 67 3.04 6.33 14.76
N HIS A 68 3.20 6.70 13.50
CA HIS A 68 4.06 7.82 13.15
C HIS A 68 3.21 9.05 12.84
N LEU A 69 2.10 8.82 12.16
CA LEU A 69 1.17 9.89 11.79
C LEU A 69 1.09 10.95 12.91
N LYS A 70 0.57 10.52 14.07
CA LYS A 70 0.42 11.39 15.24
C LYS A 70 -1.04 11.81 15.41
N GLY A 71 -1.88 10.86 15.81
CA GLY A 71 -3.30 11.14 16.04
C GLY A 71 -4.03 11.46 14.75
N TRP A 72 -3.36 12.19 13.86
CA TRP A 72 -3.97 12.58 12.58
C TRP A 72 -4.61 11.37 11.88
N SER A 73 -5.03 11.59 10.64
CA SER A 73 -5.65 10.52 9.85
C SER A 73 -4.94 10.36 8.52
N ILE A 74 -4.66 9.10 8.14
CA ILE A 74 -3.97 8.84 6.87
C ILE A 74 -4.75 9.47 5.72
N ASP A 75 -6.04 9.65 5.92
CA ASP A 75 -6.88 10.26 4.89
C ASP A 75 -6.37 11.67 4.58
N ARG A 76 -5.66 12.25 5.55
CA ARG A 76 -5.12 13.60 5.40
C ARG A 76 -5.01 14.03 3.94
N LEU A 77 -6.09 14.58 3.41
CA LEU A 77 -6.13 15.05 2.03
C LEU A 77 -5.73 13.93 1.06
N GLY A 78 -6.18 14.06 -0.18
CA GLY A 78 -5.87 13.07 -1.21
C GLY A 78 -6.53 11.72 -0.89
N TYR A 79 -7.53 11.36 -1.67
CA TYR A 79 -8.23 10.10 -1.46
C TYR A 79 -7.35 8.94 -1.91
N VAL A 80 -6.85 9.02 -3.14
CA VAL A 80 -5.99 7.97 -3.67
C VAL A 80 -4.84 7.70 -2.71
N GLU A 81 -4.27 8.77 -2.17
CA GLU A 81 -3.16 8.64 -1.26
C GLU A 81 -3.44 7.58 -0.21
N ARG A 82 -4.57 7.70 0.46
CA ARG A 82 -4.93 6.74 1.48
C ARG A 82 -4.83 5.32 0.94
N ASN A 83 -5.47 5.09 -0.19
CA ASN A 83 -5.44 3.78 -0.80
C ASN A 83 -4.05 3.46 -1.32
N ALA A 84 -3.47 4.42 -2.03
CA ALA A 84 -2.15 4.23 -2.58
C ALA A 84 -1.16 3.90 -1.49
N LEU A 85 -1.23 4.68 -0.41
CA LEU A 85 -0.33 4.48 0.70
C LEU A 85 -0.46 3.07 1.24
N ARG A 86 -1.69 2.59 1.33
CA ARG A 86 -1.90 1.24 1.83
C ARG A 86 -1.20 0.22 0.94
N LEU A 87 -1.33 0.39 -0.37
CA LEU A 87 -0.69 -0.54 -1.29
C LEU A 87 0.84 -0.45 -1.16
N GLY A 88 1.34 0.76 -0.89
CA GLY A 88 2.78 0.96 -0.78
C GLY A 88 3.34 0.24 0.44
N VAL A 89 2.68 0.40 1.57
CA VAL A 89 3.14 -0.24 2.80
C VAL A 89 3.09 -1.75 2.65
N ALA A 90 2.12 -2.24 1.89
CA ALA A 90 2.00 -3.67 1.68
C ALA A 90 3.37 -4.25 1.38
N GLU A 91 4.11 -3.58 0.52
CA GLU A 91 5.42 -4.07 0.18
C GLU A 91 6.40 -3.87 1.33
N LEU A 92 6.54 -2.61 1.73
CA LEU A 92 7.47 -2.23 2.81
C LEU A 92 8.05 -3.44 3.53
N ILE A 93 7.27 -4.07 4.40
CA ILE A 93 7.77 -5.21 5.16
C ILE A 93 6.98 -6.49 4.91
N PHE A 94 5.69 -6.36 4.66
CA PHE A 94 4.86 -7.54 4.48
C PHE A 94 5.43 -8.45 3.41
N LEU A 95 6.05 -7.86 2.40
CA LEU A 95 6.66 -8.64 1.32
C LEU A 95 8.17 -8.73 1.53
N LYS A 96 8.71 -7.80 2.32
CA LYS A 96 10.14 -7.76 2.58
C LYS A 96 10.87 -7.18 1.38
N SER A 97 10.51 -7.67 0.19
CA SER A 97 11.11 -7.20 -1.05
C SER A 97 12.63 -7.14 -0.95
N LYS A 98 13.27 -6.84 -2.08
CA LYS A 98 14.73 -6.74 -2.12
C LYS A 98 15.16 -5.28 -2.11
N GLU A 99 14.29 -4.41 -2.63
CA GLU A 99 14.56 -2.98 -2.67
C GLU A 99 13.30 -2.20 -2.34
N PRO A 100 12.81 -2.34 -1.13
CA PRO A 100 11.57 -1.65 -0.67
C PRO A 100 11.59 -0.15 -0.96
N GLY A 101 12.78 0.45 -0.86
CA GLY A 101 12.90 1.89 -1.09
C GLY A 101 12.41 2.26 -2.49
N ARG A 102 12.89 1.55 -3.49
CA ARG A 102 12.50 1.82 -4.87
C ARG A 102 11.08 1.35 -5.17
N VAL A 103 10.72 0.18 -4.64
CA VAL A 103 9.39 -0.38 -4.88
C VAL A 103 8.30 0.58 -4.39
N PHE A 104 8.44 1.06 -3.15
CA PHE A 104 7.46 1.97 -2.60
C PHE A 104 7.49 3.29 -3.35
N ILE A 105 8.68 3.81 -3.55
CA ILE A 105 8.81 5.08 -4.23
C ILE A 105 8.00 5.10 -5.52
N ASP A 106 8.25 4.11 -6.37
CA ASP A 106 7.56 4.01 -7.64
C ASP A 106 6.06 3.98 -7.44
N ILE A 107 5.63 3.24 -6.43
CA ILE A 107 4.21 3.15 -6.14
C ILE A 107 3.66 4.54 -5.92
N VAL A 108 4.36 5.33 -5.12
CA VAL A 108 3.93 6.69 -4.85
C VAL A 108 4.06 7.52 -6.12
N ASP A 109 5.11 7.25 -6.90
CA ASP A 109 5.30 7.97 -8.14
C ASP A 109 4.13 7.66 -9.06
N LEU A 110 3.66 6.42 -8.97
CA LEU A 110 2.54 5.99 -9.79
C LEU A 110 1.30 6.83 -9.46
N VAL A 111 1.21 7.23 -8.20
CA VAL A 111 0.10 8.06 -7.73
C VAL A 111 0.16 9.45 -8.36
N LYS A 112 1.36 9.98 -8.50
CA LYS A 112 1.55 11.31 -9.06
C LYS A 112 0.84 11.42 -10.40
N LYS A 113 0.90 10.36 -11.17
CA LYS A 113 0.27 10.32 -12.48
C LYS A 113 -1.26 10.38 -12.36
N TYR A 114 -1.78 9.60 -11.43
CA TYR A 114 -3.22 9.55 -11.20
C TYR A 114 -3.69 10.72 -10.34
N ALA A 115 -3.23 10.74 -9.10
CA ALA A 115 -3.61 11.81 -8.17
C ALA A 115 -2.76 13.05 -8.38
N ASP A 116 -3.01 14.08 -7.57
CA ASP A 116 -2.27 15.33 -7.68
C ASP A 116 -0.83 15.16 -7.22
N GLU A 117 0.08 15.90 -7.86
CA GLU A 117 1.50 15.83 -7.52
C GLU A 117 1.73 16.30 -6.08
N LYS A 118 0.91 17.25 -5.63
CA LYS A 118 1.06 17.77 -4.27
C LYS A 118 0.85 16.64 -3.25
N ALA A 119 -0.08 15.75 -3.56
CA ALA A 119 -0.36 14.62 -2.67
C ALA A 119 0.83 13.68 -2.64
N GLY A 120 1.51 13.56 -3.77
CA GLY A 120 2.67 12.67 -3.87
C GLY A 120 3.71 13.04 -2.82
N LYS A 121 3.86 14.32 -2.55
CA LYS A 121 4.81 14.76 -1.54
C LYS A 121 4.42 14.20 -0.18
N PHE A 122 3.14 14.33 0.14
CA PHE A 122 2.62 13.83 1.41
C PHE A 122 2.58 12.30 1.41
N VAL A 123 2.21 11.71 0.27
CA VAL A 123 2.13 10.26 0.17
C VAL A 123 3.48 9.62 0.46
N ASN A 124 4.53 10.12 -0.18
CA ASN A 124 5.87 9.57 0.02
C ASN A 124 6.37 9.83 1.44
N GLY A 125 6.31 11.09 1.86
CA GLY A 125 6.79 11.47 3.19
C GLY A 125 6.10 10.67 4.28
N VAL A 126 4.78 10.56 4.19
CA VAL A 126 4.04 9.82 5.20
C VAL A 126 4.30 8.32 5.12
N LEU A 127 4.61 7.82 3.91
CA LEU A 127 4.87 6.39 3.75
C LEU A 127 6.13 6.01 4.52
N SER A 128 7.16 6.83 4.40
CA SER A 128 8.41 6.58 5.10
C SER A 128 8.14 6.51 6.60
N ALA A 129 7.11 7.23 7.03
CA ALA A 129 6.74 7.28 8.43
C ALA A 129 6.44 5.87 8.96
N ILE A 130 5.88 5.02 8.11
CA ILE A 130 5.57 3.66 8.52
C ILE A 130 6.86 2.88 8.77
N TYR A 131 7.86 3.11 7.93
CA TYR A 131 9.15 2.41 8.08
C TYR A 131 9.73 2.67 9.46
N LYS A 132 9.53 3.88 9.98
CA LYS A 132 10.04 4.24 11.29
C LYS A 132 9.36 3.42 12.38
N ALA A 133 8.09 3.13 12.19
CA ALA A 133 7.36 2.35 13.19
C ALA A 133 7.84 0.89 13.19
N TYR A 134 8.23 0.40 12.01
CA TYR A 134 8.71 -0.97 11.87
C TYR A 134 9.92 -1.25 12.77
N ILE A 135 10.88 -0.33 12.76
CA ILE A 135 12.09 -0.52 13.55
C ILE A 135 11.79 -0.98 14.97
N THR A 136 10.50 -1.00 15.33
CA THR A 136 10.09 -1.43 16.65
C THR A 136 10.32 -2.92 16.83
N SER A 137 10.32 -3.65 15.72
CA SER A 137 10.53 -5.09 15.75
C SER A 137 12.02 -5.41 15.83
N SER A 138 12.83 -4.55 15.22
CA SER A 138 14.28 -4.75 15.23
C SER A 138 14.79 -4.88 16.67
N LYS A 139 15.46 -3.84 17.15
CA LYS A 139 15.99 -3.85 18.51
C LYS A 139 14.93 -3.41 19.50
N GLU A 140 15.21 -3.62 20.79
CA GLU A 140 14.26 -3.24 21.83
C GLU A 140 14.92 -3.31 23.20
N GLU A 141 14.45 -2.48 24.12
CA GLU A 141 14.99 -2.46 25.47
C GLU A 141 14.81 -3.82 26.14
N LYS A 142 14.78 -3.83 27.47
CA LYS A 142 14.61 -5.06 28.21
C LYS A 142 13.13 -5.41 28.37
N PRO A 143 12.81 -6.66 28.48
CA PRO A 143 11.39 -7.11 28.64
C PRO A 143 10.76 -6.59 29.92
N SER A 144 9.48 -6.23 29.85
CA SER A 144 8.76 -5.72 31.01
C SER A 144 7.32 -6.22 31.04
N LEU A 145 6.53 -5.69 31.95
CA LEU A 145 5.13 -6.10 32.06
C LEU A 145 4.34 -5.08 32.89
N LYS A 146 3.04 -5.00 32.65
CA LYS A 146 2.19 -4.06 33.37
C LYS A 146 2.65 -2.63 33.15
N SER A 147 1.95 -1.92 32.27
CA SER A 147 2.30 -0.53 31.97
C SER A 147 1.09 0.21 31.43
N GLU A 148 0.93 1.47 31.86
CA GLU A 148 -0.19 2.28 31.42
C GLU A 148 -1.49 1.50 31.53
N MET A 1 8.11 -9.50 -19.41
CA MET A 1 9.22 -8.52 -19.43
C MET A 1 8.86 -7.32 -18.56
N ARG A 2 7.56 -7.06 -18.42
CA ARG A 2 7.09 -5.94 -17.61
C ARG A 2 5.61 -6.09 -17.29
N TYR A 3 5.07 -7.27 -17.57
CA TYR A 3 3.65 -7.53 -17.31
C TYR A 3 3.35 -7.37 -15.83
N ARG A 4 4.29 -7.77 -14.98
CA ARG A 4 4.11 -7.66 -13.53
C ARG A 4 4.12 -6.20 -13.10
N LYS A 5 4.90 -5.38 -13.80
CA LYS A 5 4.97 -3.97 -13.45
C LYS A 5 3.58 -3.34 -13.48
N GLY A 6 2.80 -3.67 -14.50
CA GLY A 6 1.45 -3.14 -14.61
C GLY A 6 0.59 -3.60 -13.44
N ALA A 7 0.71 -4.88 -13.11
CA ALA A 7 -0.05 -5.46 -12.01
C ALA A 7 0.23 -4.68 -10.72
N ARG A 8 1.45 -4.18 -10.59
CA ARG A 8 1.84 -3.43 -9.40
C ARG A 8 1.19 -2.05 -9.40
N ASP A 9 1.21 -1.37 -10.54
CA ASP A 9 0.63 -0.05 -10.65
C ASP A 9 -0.88 -0.10 -10.43
N THR A 10 -1.51 -1.10 -11.05
CA THR A 10 -2.95 -1.28 -10.92
C THR A 10 -3.34 -1.56 -9.48
N ALA A 11 -2.37 -1.98 -8.67
CA ALA A 11 -2.63 -2.29 -7.27
C ALA A 11 -3.34 -1.13 -6.57
N PHE A 12 -2.86 0.07 -6.80
CA PHE A 12 -3.46 1.23 -6.15
C PHE A 12 -4.94 1.33 -6.51
N LEU A 13 -5.22 1.21 -7.79
CA LEU A 13 -6.59 1.30 -8.27
C LEU A 13 -7.50 0.33 -7.55
N VAL A 14 -7.05 -0.90 -7.33
CA VAL A 14 -7.90 -1.88 -6.65
C VAL A 14 -8.06 -1.48 -5.19
N LEU A 15 -6.99 -0.98 -4.61
CA LEU A 15 -7.02 -0.55 -3.24
C LEU A 15 -8.02 0.61 -3.10
N TYR A 16 -8.09 1.42 -4.16
CA TYR A 16 -9.00 2.56 -4.16
C TYR A 16 -10.45 2.10 -4.05
N ARG A 17 -10.75 0.98 -4.68
CA ARG A 17 -12.11 0.44 -4.65
C ARG A 17 -12.54 0.11 -3.22
N TRP A 18 -11.59 -0.31 -2.39
CA TRP A 18 -11.89 -0.66 -1.02
C TRP A 18 -12.44 0.54 -0.26
N ASP A 19 -11.96 1.72 -0.62
CA ASP A 19 -12.41 2.95 0.03
C ASP A 19 -13.89 3.23 -0.28
N LEU A 20 -14.31 2.85 -1.49
CA LEU A 20 -15.69 3.08 -1.89
C LEU A 20 -16.58 1.89 -1.56
N ARG A 21 -16.11 0.68 -1.88
CA ARG A 21 -16.88 -0.53 -1.62
C ARG A 21 -16.45 -1.20 -0.32
N GLY A 22 -15.14 -1.35 -0.13
CA GLY A 22 -14.63 -1.99 1.07
C GLY A 22 -15.02 -3.47 1.11
N GLU A 23 -15.55 -3.96 -0.01
CA GLU A 23 -15.98 -5.36 -0.10
C GLU A 23 -14.89 -6.21 -0.74
N ASN A 24 -15.11 -7.52 -0.76
CA ASN A 24 -14.15 -8.45 -1.35
C ASN A 24 -13.42 -7.80 -2.53
N PRO A 25 -12.13 -7.59 -2.43
CA PRO A 25 -11.33 -6.97 -3.53
C PRO A 25 -11.03 -7.94 -4.66
N GLY A 26 -11.19 -9.23 -4.40
CA GLY A 26 -10.93 -10.25 -5.42
C GLY A 26 -12.02 -10.24 -6.48
N GLU A 27 -13.26 -10.22 -6.04
CA GLU A 27 -14.41 -10.20 -6.95
C GLU A 27 -14.47 -8.85 -7.66
N LEU A 28 -14.32 -7.79 -6.90
CA LEU A 28 -14.36 -6.43 -7.43
C LEU A 28 -13.34 -6.25 -8.54
N PHE A 29 -12.18 -6.89 -8.39
CA PHE A 29 -11.13 -6.79 -9.39
C PHE A 29 -11.68 -7.25 -10.74
N LYS A 30 -12.52 -8.27 -10.71
CA LYS A 30 -13.11 -8.81 -11.93
C LYS A 30 -13.91 -7.75 -12.69
N GLU A 31 -14.51 -6.83 -11.95
CA GLU A 31 -15.33 -5.77 -12.56
C GLU A 31 -14.50 -4.74 -13.32
N VAL A 32 -13.34 -4.37 -12.79
CA VAL A 32 -12.50 -3.36 -13.43
C VAL A 32 -11.83 -3.91 -14.68
N VAL A 33 -11.31 -5.14 -14.58
CA VAL A 33 -10.64 -5.74 -15.72
C VAL A 33 -11.50 -5.54 -16.95
N GLU A 34 -12.80 -5.59 -16.74
CA GLU A 34 -13.78 -5.40 -17.80
C GLU A 34 -13.79 -3.94 -18.28
N GLU A 35 -13.86 -3.02 -17.33
CA GLU A 35 -13.91 -1.60 -17.65
C GLU A 35 -12.58 -1.10 -18.20
N LYS A 36 -11.49 -1.50 -17.57
CA LYS A 36 -10.16 -1.07 -18.02
C LYS A 36 -9.66 -1.98 -19.14
N ASN A 37 -8.39 -2.37 -19.06
CA ASN A 37 -7.80 -3.24 -20.06
C ASN A 37 -6.51 -3.86 -19.55
N ILE A 38 -6.56 -4.36 -18.32
CA ILE A 38 -5.39 -5.00 -17.71
C ILE A 38 -4.63 -5.82 -18.75
N LYS A 39 -5.38 -6.44 -19.67
CA LYS A 39 -4.78 -7.25 -20.72
C LYS A 39 -4.16 -8.52 -20.14
N ASN A 40 -2.84 -8.62 -20.17
CA ASN A 40 -2.14 -9.80 -19.65
C ASN A 40 -2.86 -10.35 -18.41
N LYS A 41 -3.56 -11.47 -18.59
CA LYS A 41 -4.28 -12.08 -17.48
C LYS A 41 -3.32 -12.38 -16.33
N ASP A 42 -2.10 -12.74 -16.67
CA ASP A 42 -1.08 -13.02 -15.67
C ASP A 42 -0.99 -11.84 -14.72
N ALA A 43 -0.97 -10.66 -15.31
CA ALA A 43 -0.88 -9.42 -14.58
C ALA A 43 -2.08 -9.23 -13.66
N TYR A 44 -3.25 -9.58 -14.17
CA TYR A 44 -4.48 -9.43 -13.39
C TYR A 44 -4.41 -10.25 -12.11
N GLU A 45 -3.95 -11.49 -12.22
CA GLU A 45 -3.85 -12.35 -11.06
C GLU A 45 -2.75 -11.82 -10.16
N TYR A 46 -1.61 -11.50 -10.76
CA TYR A 46 -0.49 -10.98 -9.99
C TYR A 46 -0.92 -9.71 -9.28
N ALA A 47 -1.75 -8.92 -9.94
CA ALA A 47 -2.25 -7.68 -9.38
C ALA A 47 -3.11 -7.95 -8.17
N LYS A 48 -3.91 -9.00 -8.27
CA LYS A 48 -4.80 -9.38 -7.18
C LYS A 48 -4.00 -9.66 -5.93
N LYS A 49 -3.01 -10.51 -6.07
CA LYS A 49 -2.17 -10.87 -4.94
C LYS A 49 -1.53 -9.62 -4.36
N LEU A 50 -1.22 -8.65 -5.22
CA LEU A 50 -0.58 -7.42 -4.75
C LEU A 50 -1.43 -6.71 -3.72
N VAL A 51 -2.73 -6.57 -3.98
CA VAL A 51 -3.58 -5.89 -3.02
C VAL A 51 -3.69 -6.69 -1.74
N ASP A 52 -3.65 -8.01 -1.87
CA ASP A 52 -3.78 -8.85 -0.70
C ASP A 52 -2.68 -8.54 0.30
N THR A 53 -1.51 -8.21 -0.21
CA THR A 53 -0.39 -7.87 0.66
C THR A 53 -0.80 -6.69 1.50
N ALA A 54 -1.64 -5.88 0.90
CA ALA A 54 -2.16 -4.70 1.55
C ALA A 54 -3.24 -5.07 2.56
N VAL A 55 -4.10 -5.99 2.14
CA VAL A 55 -5.20 -6.44 2.98
C VAL A 55 -4.74 -7.45 4.03
N ARG A 56 -3.59 -8.07 3.80
CA ARG A 56 -3.05 -9.05 4.73
C ARG A 56 -3.01 -8.48 6.14
N HIS A 57 -3.16 -7.16 6.25
CA HIS A 57 -3.12 -6.49 7.55
C HIS A 57 -3.91 -5.18 7.49
N ILE A 58 -4.77 -5.08 6.48
CA ILE A 58 -5.59 -3.89 6.26
C ILE A 58 -5.58 -2.90 7.43
N GLU A 59 -6.36 -3.18 8.46
CA GLU A 59 -6.46 -2.29 9.61
C GLU A 59 -5.11 -2.10 10.27
N GLU A 60 -4.41 -3.20 10.49
CA GLU A 60 -3.10 -3.13 11.12
C GLU A 60 -2.21 -2.15 10.39
N ILE A 61 -2.32 -2.11 9.06
CA ILE A 61 -1.51 -1.18 8.30
C ILE A 61 -1.88 0.25 8.69
N ASP A 62 -3.18 0.54 8.72
CA ASP A 62 -3.62 1.87 9.10
C ASP A 62 -3.05 2.17 10.47
N SER A 63 -3.13 1.18 11.35
CA SER A 63 -2.59 1.31 12.70
C SER A 63 -1.10 1.61 12.61
N ILE A 64 -0.42 0.87 11.74
CA ILE A 64 1.01 1.04 11.54
C ILE A 64 1.28 2.47 11.10
N ILE A 65 0.38 3.00 10.28
CA ILE A 65 0.48 4.38 9.82
C ILE A 65 0.16 5.35 10.96
N GLU A 66 -0.83 5.01 11.76
CA GLU A 66 -1.27 5.88 12.84
C GLU A 66 -0.18 6.11 13.88
N LYS A 67 0.61 5.07 14.15
CA LYS A 67 1.66 5.18 15.15
C LYS A 67 2.59 6.35 14.82
N HIS A 68 2.67 6.70 13.54
CA HIS A 68 3.53 7.81 13.12
C HIS A 68 2.72 9.09 12.92
N LEU A 69 1.47 8.96 12.50
CA LEU A 69 0.62 10.12 12.29
C LEU A 69 0.71 11.08 13.47
N LYS A 70 1.24 10.58 14.59
CA LYS A 70 1.36 11.40 15.79
C LYS A 70 0.01 11.98 16.19
N GLY A 71 -1.06 11.25 15.87
CA GLY A 71 -2.41 11.69 16.21
C GLY A 71 -3.26 11.86 14.94
N TRP A 72 -2.72 12.57 13.96
CA TRP A 72 -3.45 12.81 12.72
C TRP A 72 -4.07 11.51 12.21
N SER A 73 -4.87 11.63 11.15
CA SER A 73 -5.54 10.47 10.57
C SER A 73 -5.12 10.32 9.10
N ILE A 74 -4.76 9.09 8.72
CA ILE A 74 -4.34 8.83 7.35
C ILE A 74 -5.43 9.30 6.40
N ASP A 75 -6.65 9.36 6.92
CA ASP A 75 -7.78 9.82 6.12
C ASP A 75 -7.53 11.25 5.65
N ARG A 76 -6.65 11.96 6.35
CA ARG A 76 -6.32 13.34 6.01
C ARG A 76 -6.52 13.61 4.51
N LEU A 77 -7.72 14.07 4.17
CA LEU A 77 -8.06 14.38 2.78
C LEU A 77 -7.39 13.39 1.82
N GLY A 78 -7.20 13.82 0.57
CA GLY A 78 -6.58 12.98 -0.44
C GLY A 78 -7.14 11.56 -0.39
N TYR A 79 -8.04 11.25 -1.32
CA TYR A 79 -8.65 9.92 -1.37
C TYR A 79 -7.64 8.89 -1.86
N VAL A 80 -7.05 9.15 -3.03
CA VAL A 80 -6.07 8.21 -3.57
C VAL A 80 -5.00 7.91 -2.54
N GLU A 81 -4.47 8.96 -1.95
CA GLU A 81 -3.43 8.82 -0.95
C GLU A 81 -3.82 7.76 0.08
N ARG A 82 -5.03 7.87 0.60
CA ARG A 82 -5.49 6.91 1.61
C ARG A 82 -5.29 5.48 1.12
N ASN A 83 -5.77 5.20 -0.08
CA ASN A 83 -5.64 3.87 -0.63
C ASN A 83 -4.20 3.59 -1.04
N ALA A 84 -3.60 4.55 -1.71
CA ALA A 84 -2.23 4.41 -2.17
C ALA A 84 -1.33 4.13 -0.99
N LEU A 85 -1.61 4.80 0.12
CA LEU A 85 -0.79 4.63 1.29
C LEU A 85 -0.72 3.16 1.66
N ARG A 86 -1.86 2.52 1.70
CA ARG A 86 -1.89 1.10 2.05
C ARG A 86 -1.09 0.28 1.05
N LEU A 87 -1.27 0.59 -0.22
CA LEU A 87 -0.57 -0.13 -1.26
C LEU A 87 0.95 -0.05 -1.10
N GLY A 88 1.45 1.12 -0.74
CA GLY A 88 2.89 1.30 -0.60
C GLY A 88 3.45 0.50 0.57
N VAL A 89 2.80 0.61 1.71
CA VAL A 89 3.26 -0.08 2.89
C VAL A 89 3.20 -1.59 2.69
N ALA A 90 2.22 -2.04 1.93
CA ALA A 90 2.09 -3.47 1.69
C ALA A 90 3.45 -4.07 1.34
N GLU A 91 4.18 -3.40 0.48
CA GLU A 91 5.48 -3.91 0.09
C GLU A 91 6.50 -3.72 1.19
N LEU A 92 6.65 -2.48 1.66
CA LEU A 92 7.61 -2.16 2.71
C LEU A 92 8.23 -3.40 3.35
N ILE A 93 7.47 -4.07 4.22
CA ILE A 93 8.00 -5.26 4.90
C ILE A 93 7.17 -6.50 4.59
N PHE A 94 5.89 -6.30 4.37
CA PHE A 94 4.98 -7.41 4.11
C PHE A 94 5.51 -8.29 2.98
N LEU A 95 6.19 -7.68 2.02
CA LEU A 95 6.75 -8.43 0.90
C LEU A 95 8.19 -8.81 1.20
N LYS A 96 8.76 -8.21 2.24
CA LYS A 96 10.14 -8.49 2.63
C LYS A 96 11.08 -8.32 1.43
N SER A 97 11.08 -7.12 0.85
CA SER A 97 11.93 -6.83 -0.29
C SER A 97 13.32 -6.39 0.16
N LYS A 98 14.31 -6.56 -0.71
CA LYS A 98 15.68 -6.17 -0.39
C LYS A 98 15.76 -4.67 -0.14
N GLU A 99 15.35 -3.88 -1.13
CA GLU A 99 15.38 -2.42 -1.00
C GLU A 99 14.01 -1.84 -1.35
N PRO A 100 13.06 -1.96 -0.47
CA PRO A 100 11.68 -1.44 -0.70
C PRO A 100 11.68 0.03 -1.13
N GLY A 101 12.80 0.71 -0.93
CA GLY A 101 12.91 2.11 -1.30
C GLY A 101 12.54 2.36 -2.75
N ARG A 102 13.10 1.55 -3.65
CA ARG A 102 12.81 1.70 -5.07
C ARG A 102 11.38 1.25 -5.38
N VAL A 103 10.98 0.11 -4.83
CA VAL A 103 9.63 -0.39 -5.06
C VAL A 103 8.64 0.64 -4.56
N PHE A 104 8.96 1.24 -3.42
CA PHE A 104 8.09 2.25 -2.84
C PHE A 104 8.07 3.50 -3.72
N ILE A 105 9.24 3.95 -4.14
CA ILE A 105 9.31 5.14 -4.99
C ILE A 105 8.43 4.99 -6.22
N ASP A 106 8.60 3.87 -6.91
CA ASP A 106 7.83 3.61 -8.12
C ASP A 106 6.35 3.72 -7.83
N ILE A 107 5.94 3.20 -6.69
CA ILE A 107 4.55 3.25 -6.31
C ILE A 107 4.09 4.69 -6.31
N VAL A 108 4.86 5.55 -5.66
CA VAL A 108 4.52 6.96 -5.61
C VAL A 108 4.57 7.56 -7.00
N ASP A 109 5.52 7.12 -7.81
CA ASP A 109 5.62 7.62 -9.17
C ASP A 109 4.37 7.22 -9.91
N LEU A 110 3.90 6.01 -9.62
CA LEU A 110 2.70 5.49 -10.26
C LEU A 110 1.49 6.35 -9.89
N VAL A 111 1.55 6.90 -8.68
CA VAL A 111 0.47 7.76 -8.19
C VAL A 111 0.42 9.05 -8.99
N LYS A 112 1.58 9.57 -9.37
CA LYS A 112 1.64 10.82 -10.12
C LYS A 112 0.73 10.76 -11.34
N LYS A 113 0.68 9.58 -11.93
CA LYS A 113 -0.15 9.36 -13.12
C LYS A 113 -1.61 9.70 -12.84
N TYR A 114 -2.12 9.24 -11.70
CA TYR A 114 -3.51 9.49 -11.33
C TYR A 114 -3.62 10.71 -10.42
N ALA A 115 -3.17 10.56 -9.17
CA ALA A 115 -3.24 11.65 -8.22
C ALA A 115 -2.08 12.63 -8.43
N ASP A 116 -2.33 13.89 -8.11
CA ASP A 116 -1.31 14.93 -8.28
C ASP A 116 -0.11 14.67 -7.38
N GLU A 117 1.02 15.28 -7.72
CA GLU A 117 2.25 15.11 -6.95
C GLU A 117 2.08 15.65 -5.53
N LYS A 118 1.24 16.67 -5.38
CA LYS A 118 1.01 17.26 -4.06
C LYS A 118 0.44 16.21 -3.11
N ALA A 119 -0.52 15.44 -3.61
CA ALA A 119 -1.13 14.38 -2.79
C ALA A 119 -0.14 13.24 -2.61
N GLY A 120 0.58 12.94 -3.69
CA GLY A 120 1.57 11.88 -3.67
C GLY A 120 2.63 12.17 -2.61
N LYS A 121 2.96 13.44 -2.45
CA LYS A 121 3.97 13.84 -1.47
C LYS A 121 3.51 13.45 -0.07
N PHE A 122 2.24 13.75 0.22
CA PHE A 122 1.68 13.40 1.52
C PHE A 122 1.72 11.90 1.76
N VAL A 123 1.26 11.13 0.77
CA VAL A 123 1.25 9.69 0.91
C VAL A 123 2.67 9.14 0.96
N ASN A 124 3.56 9.73 0.18
CA ASN A 124 4.95 9.30 0.17
C ASN A 124 5.62 9.62 1.49
N GLY A 125 5.54 10.89 1.90
CA GLY A 125 6.14 11.33 3.15
C GLY A 125 5.60 10.54 4.33
N VAL A 126 4.29 10.41 4.40
CA VAL A 126 3.67 9.67 5.49
C VAL A 126 4.01 8.18 5.40
N LEU A 127 4.23 7.69 4.17
CA LEU A 127 4.58 6.28 4.01
C LEU A 127 5.92 6.00 4.65
N SER A 128 6.87 6.91 4.44
CA SER A 128 8.18 6.77 5.01
C SER A 128 8.07 6.68 6.53
N ALA A 129 7.03 7.32 7.06
CA ALA A 129 6.79 7.33 8.49
C ALA A 129 6.64 5.90 9.01
N ILE A 130 6.03 5.04 8.20
CA ILE A 130 5.86 3.65 8.59
C ILE A 130 7.23 2.97 8.70
N TYR A 131 8.12 3.30 7.77
CA TYR A 131 9.45 2.72 7.76
C TYR A 131 10.15 2.90 9.11
N LYS A 132 10.18 4.14 9.60
CA LYS A 132 10.81 4.42 10.89
C LYS A 132 10.10 3.66 12.01
N ALA A 133 8.78 3.55 11.91
CA ALA A 133 8.01 2.85 12.92
C ALA A 133 8.40 1.38 12.98
N TYR A 134 8.76 0.81 11.84
CA TYR A 134 9.15 -0.59 11.78
C TYR A 134 10.39 -0.85 12.63
N ILE A 135 11.41 -0.02 12.42
CA ILE A 135 12.66 -0.18 13.18
C ILE A 135 12.41 -0.02 14.67
N THR A 136 11.45 0.83 15.03
CA THR A 136 11.13 1.06 16.44
C THR A 136 10.44 -0.16 17.04
N SER A 137 9.79 -0.94 16.17
CA SER A 137 9.08 -2.13 16.62
C SER A 137 10.07 -3.24 16.96
N SER A 138 11.29 -3.12 16.45
CA SER A 138 12.32 -4.13 16.70
C SER A 138 13.01 -3.86 18.03
N LYS A 139 12.71 -4.70 19.02
CA LYS A 139 13.31 -4.56 20.34
C LYS A 139 14.79 -4.19 20.23
N GLU A 140 15.59 -5.14 19.77
CA GLU A 140 17.03 -4.89 19.62
C GLU A 140 17.70 -6.05 18.89
N GLU A 141 17.46 -6.14 17.59
CA GLU A 141 18.05 -7.22 16.79
C GLU A 141 17.68 -8.58 17.35
N LYS A 142 18.41 -9.01 18.37
CA LYS A 142 18.15 -10.32 18.98
C LYS A 142 17.09 -10.18 20.08
N PRO A 143 16.42 -11.26 20.42
CA PRO A 143 15.36 -11.24 21.47
C PRO A 143 15.89 -10.72 22.81
N SER A 144 14.99 -10.17 23.61
CA SER A 144 15.37 -9.62 24.91
C SER A 144 14.16 -9.58 25.84
N LEU A 145 13.98 -10.64 26.62
CA LEU A 145 12.87 -10.72 27.55
C LEU A 145 11.57 -10.32 26.85
N LYS A 146 10.82 -11.32 26.39
CA LYS A 146 9.55 -11.06 25.71
C LYS A 146 8.58 -12.20 25.96
N SER A 147 8.38 -12.55 27.23
CA SER A 147 7.46 -13.62 27.59
C SER A 147 8.08 -14.99 27.29
N GLU A 148 8.85 -15.06 26.21
CA GLU A 148 9.50 -16.31 25.82
C GLU A 148 10.92 -16.04 25.34
N MET A 1 10.71 -8.19 -19.56
CA MET A 1 9.29 -8.20 -19.12
C MET A 1 9.03 -7.01 -18.22
N ARG A 2 7.80 -6.51 -18.24
CA ARG A 2 7.42 -5.35 -17.42
C ARG A 2 5.95 -5.40 -17.06
N TYR A 3 5.29 -6.49 -17.44
CA TYR A 3 3.86 -6.65 -17.16
C TYR A 3 3.60 -6.43 -15.66
N ARG A 4 4.54 -6.88 -14.83
CA ARG A 4 4.41 -6.73 -13.39
C ARG A 4 4.23 -5.26 -13.01
N LYS A 5 4.87 -4.38 -13.77
CA LYS A 5 4.77 -2.94 -13.52
C LYS A 5 3.31 -2.51 -13.52
N GLY A 6 2.55 -3.01 -14.49
CA GLY A 6 1.14 -2.65 -14.59
C GLY A 6 0.34 -3.24 -13.43
N ALA A 7 0.61 -4.51 -13.12
CA ALA A 7 -0.08 -5.17 -12.03
C ALA A 7 0.09 -4.40 -10.72
N ARG A 8 1.26 -3.78 -10.56
CA ARG A 8 1.54 -3.00 -9.36
C ARG A 8 0.79 -1.68 -9.37
N ASP A 9 0.82 -1.00 -10.51
CA ASP A 9 0.14 0.28 -10.64
C ASP A 9 -1.37 0.14 -10.41
N THR A 10 -1.96 -0.84 -11.07
CA THR A 10 -3.39 -1.08 -10.94
C THR A 10 -3.77 -1.43 -9.52
N ALA A 11 -2.80 -1.89 -8.72
CA ALA A 11 -3.05 -2.26 -7.34
C ALA A 11 -3.75 -1.15 -6.56
N PHE A 12 -3.29 0.07 -6.75
CA PHE A 12 -3.86 1.20 -6.02
C PHE A 12 -5.36 1.35 -6.28
N LEU A 13 -5.75 1.32 -7.55
CA LEU A 13 -7.16 1.47 -7.88
C LEU A 13 -8.01 0.43 -7.14
N VAL A 14 -7.49 -0.79 -7.00
CA VAL A 14 -8.24 -1.83 -6.29
C VAL A 14 -8.34 -1.45 -4.83
N LEU A 15 -7.26 -0.95 -4.30
CA LEU A 15 -7.22 -0.53 -2.92
C LEU A 15 -8.25 0.57 -2.73
N TYR A 16 -8.42 1.40 -3.76
CA TYR A 16 -9.37 2.49 -3.71
C TYR A 16 -10.79 1.95 -3.58
N ARG A 17 -11.06 0.86 -4.26
CA ARG A 17 -12.38 0.25 -4.22
C ARG A 17 -12.73 -0.17 -2.80
N TRP A 18 -11.73 -0.58 -2.03
CA TRP A 18 -11.96 -1.00 -0.66
C TRP A 18 -12.53 0.17 0.15
N ASP A 19 -12.03 1.36 -0.13
CA ASP A 19 -12.50 2.55 0.56
C ASP A 19 -13.95 2.84 0.24
N LEU A 20 -14.37 2.51 -0.98
CA LEU A 20 -15.74 2.76 -1.41
C LEU A 20 -16.65 1.56 -1.11
N ARG A 21 -16.16 0.36 -1.44
CA ARG A 21 -16.95 -0.85 -1.22
C ARG A 21 -16.51 -1.58 0.05
N GLY A 22 -15.20 -1.75 0.21
CA GLY A 22 -14.68 -2.44 1.39
C GLY A 22 -15.15 -3.88 1.43
N GLU A 23 -15.26 -4.50 0.25
CA GLU A 23 -15.71 -5.89 0.15
C GLU A 23 -14.75 -6.70 -0.71
N ASN A 24 -14.98 -8.01 -0.74
CA ASN A 24 -14.14 -8.92 -1.53
C ASN A 24 -13.53 -8.21 -2.74
N PRO A 25 -12.34 -7.68 -2.59
CA PRO A 25 -11.65 -6.95 -3.70
C PRO A 25 -11.52 -7.81 -4.96
N GLY A 26 -11.36 -9.12 -4.76
CA GLY A 26 -11.20 -10.03 -5.89
C GLY A 26 -12.41 -9.94 -6.82
N GLU A 27 -13.59 -9.82 -6.23
CA GLU A 27 -14.82 -9.73 -7.02
C GLU A 27 -14.83 -8.43 -7.83
N LEU A 28 -14.62 -7.32 -7.14
CA LEU A 28 -14.59 -6.02 -7.79
C LEU A 28 -13.52 -5.97 -8.88
N PHE A 29 -12.38 -6.61 -8.61
CA PHE A 29 -11.29 -6.64 -9.55
C PHE A 29 -11.78 -7.21 -10.88
N LYS A 30 -12.61 -8.25 -10.78
CA LYS A 30 -13.14 -8.90 -11.98
C LYS A 30 -13.88 -7.92 -12.89
N GLU A 31 -14.51 -6.93 -12.29
CA GLU A 31 -15.27 -5.94 -13.06
C GLU A 31 -14.38 -5.02 -13.91
N VAL A 32 -13.26 -4.58 -13.34
CA VAL A 32 -12.35 -3.68 -14.05
C VAL A 32 -11.57 -4.41 -15.14
N VAL A 33 -11.08 -5.60 -14.84
CA VAL A 33 -10.29 -6.34 -15.81
C VAL A 33 -11.03 -6.32 -17.14
N GLU A 34 -12.35 -6.37 -17.05
CA GLU A 34 -13.20 -6.35 -18.22
C GLU A 34 -13.06 -5.02 -18.97
N GLU A 35 -13.15 -3.92 -18.23
CA GLU A 35 -13.06 -2.59 -18.82
C GLU A 35 -11.62 -2.24 -19.20
N LYS A 36 -10.68 -2.55 -18.31
CA LYS A 36 -9.27 -2.23 -18.56
C LYS A 36 -8.58 -3.30 -19.38
N ASN A 37 -9.27 -4.42 -19.59
CA ASN A 37 -8.70 -5.51 -20.37
C ASN A 37 -7.23 -5.73 -20.00
N ILE A 38 -6.96 -5.74 -18.70
CA ILE A 38 -5.60 -5.95 -18.21
C ILE A 38 -4.79 -6.85 -19.14
N LYS A 39 -3.61 -6.37 -19.54
CA LYS A 39 -2.75 -7.15 -20.42
C LYS A 39 -2.03 -8.21 -19.61
N ASN A 40 -1.75 -9.35 -20.24
CA ASN A 40 -1.06 -10.44 -19.56
C ASN A 40 -1.86 -10.89 -18.35
N LYS A 41 -2.56 -12.01 -18.47
CA LYS A 41 -3.35 -12.53 -17.37
C LYS A 41 -2.49 -12.62 -16.12
N ASP A 42 -1.21 -12.90 -16.33
CA ASP A 42 -0.27 -12.98 -15.23
C ASP A 42 -0.33 -11.70 -14.42
N ALA A 43 -0.36 -10.61 -15.14
CA ALA A 43 -0.40 -9.28 -14.55
C ALA A 43 -1.65 -9.08 -13.72
N TYR A 44 -2.80 -9.45 -14.27
CA TYR A 44 -4.07 -9.30 -13.56
C TYR A 44 -4.04 -10.10 -12.27
N GLU A 45 -3.56 -11.34 -12.35
CA GLU A 45 -3.49 -12.19 -11.18
C GLU A 45 -2.43 -11.63 -10.25
N TYR A 46 -1.27 -11.29 -10.82
CA TYR A 46 -0.19 -10.73 -10.04
C TYR A 46 -0.68 -9.50 -9.31
N ALA A 47 -1.53 -8.73 -9.99
CA ALA A 47 -2.07 -7.52 -9.41
C ALA A 47 -2.91 -7.83 -8.18
N LYS A 48 -3.72 -8.87 -8.28
CA LYS A 48 -4.57 -9.26 -7.18
C LYS A 48 -3.74 -9.58 -5.96
N LYS A 49 -2.74 -10.42 -6.15
CA LYS A 49 -1.86 -10.77 -5.05
C LYS A 49 -1.24 -9.52 -4.46
N LEU A 50 -0.90 -8.57 -5.33
CA LEU A 50 -0.29 -7.33 -4.86
C LEU A 50 -1.23 -6.64 -3.87
N VAL A 51 -2.50 -6.57 -4.23
CA VAL A 51 -3.48 -5.95 -3.36
C VAL A 51 -3.64 -6.73 -2.08
N ASP A 52 -3.53 -8.05 -2.17
CA ASP A 52 -3.70 -8.87 -0.99
C ASP A 52 -2.65 -8.55 0.04
N THR A 53 -1.49 -8.14 -0.43
CA THR A 53 -0.41 -7.77 0.46
C THR A 53 -0.89 -6.62 1.32
N ALA A 54 -1.76 -5.83 0.72
CA ALA A 54 -2.35 -4.69 1.38
C ALA A 54 -3.42 -5.15 2.36
N VAL A 55 -4.19 -6.13 1.92
CA VAL A 55 -5.29 -6.68 2.71
C VAL A 55 -4.77 -7.64 3.78
N ARG A 56 -3.52 -8.06 3.64
CA ARG A 56 -2.94 -8.98 4.61
C ARG A 56 -3.15 -8.49 6.03
N HIS A 57 -3.54 -7.23 6.18
CA HIS A 57 -3.76 -6.66 7.50
C HIS A 57 -4.95 -5.69 7.50
N ILE A 58 -4.93 -4.74 6.57
CA ILE A 58 -6.01 -3.75 6.44
C ILE A 58 -5.96 -2.68 7.51
N GLU A 59 -6.76 -2.84 8.55
CA GLU A 59 -6.82 -1.86 9.64
C GLU A 59 -5.47 -1.70 10.30
N GLU A 60 -4.83 -2.81 10.60
CA GLU A 60 -3.52 -2.77 11.23
C GLU A 60 -2.58 -1.86 10.45
N ILE A 61 -2.68 -1.88 9.12
CA ILE A 61 -1.83 -1.02 8.32
C ILE A 61 -2.12 0.44 8.66
N ASP A 62 -3.39 0.79 8.69
CA ASP A 62 -3.77 2.16 9.06
C ASP A 62 -3.17 2.46 10.41
N SER A 63 -3.32 1.52 11.33
CA SER A 63 -2.78 1.67 12.67
C SER A 63 -1.27 1.82 12.59
N ILE A 64 -0.66 1.02 11.72
CA ILE A 64 0.79 1.06 11.52
C ILE A 64 1.18 2.47 11.08
N ILE A 65 0.32 3.07 10.27
CA ILE A 65 0.54 4.44 9.80
C ILE A 65 0.34 5.43 10.95
N GLU A 66 -0.67 5.18 11.78
CA GLU A 66 -0.99 6.08 12.87
C GLU A 66 0.14 6.18 13.89
N LYS A 67 0.84 5.09 14.13
CA LYS A 67 1.92 5.08 15.10
C LYS A 67 2.94 6.16 14.76
N HIS A 68 3.04 6.51 13.47
CA HIS A 68 4.00 7.53 13.04
C HIS A 68 3.31 8.87 12.78
N LEU A 69 2.07 8.84 12.31
CA LEU A 69 1.33 10.08 12.04
C LEU A 69 1.54 11.09 13.17
N LYS A 70 1.98 10.59 14.31
CA LYS A 70 2.22 11.46 15.47
C LYS A 70 0.90 11.90 16.09
N GLY A 71 -0.21 11.51 15.45
CA GLY A 71 -1.53 11.87 15.96
C GLY A 71 -2.52 12.05 14.81
N TRP A 72 -2.05 12.69 13.74
CA TRP A 72 -2.89 12.93 12.56
C TRP A 72 -3.57 11.62 12.12
N SER A 73 -4.30 11.71 11.01
CA SER A 73 -4.99 10.55 10.46
C SER A 73 -4.60 10.34 9.00
N ILE A 74 -4.48 9.09 8.59
CA ILE A 74 -4.11 8.79 7.21
C ILE A 74 -5.10 9.47 6.26
N ASP A 75 -6.29 9.74 6.78
CA ASP A 75 -7.32 10.40 6.01
C ASP A 75 -6.91 11.83 5.68
N ARG A 76 -6.01 12.40 6.48
CA ARG A 76 -5.54 13.77 6.28
C ARG A 76 -5.58 14.18 4.80
N LEU A 77 -6.74 14.65 4.36
CA LEU A 77 -6.91 15.07 2.98
C LEU A 77 -6.38 14.02 2.00
N GLY A 78 -6.65 14.23 0.71
CA GLY A 78 -6.20 13.30 -0.32
C GLY A 78 -6.93 11.96 -0.20
N TYR A 79 -7.86 11.72 -1.11
CA TYR A 79 -8.63 10.47 -1.09
C TYR A 79 -7.78 9.31 -1.58
N VAL A 80 -7.19 9.45 -2.76
CA VAL A 80 -6.34 8.39 -3.31
C VAL A 80 -5.29 7.98 -2.30
N GLU A 81 -4.67 8.98 -1.68
CA GLU A 81 -3.63 8.73 -0.71
C GLU A 81 -4.04 7.65 0.29
N ARG A 82 -5.23 7.79 0.85
CA ARG A 82 -5.70 6.82 1.83
C ARG A 82 -5.50 5.40 1.31
N ASN A 83 -6.00 5.14 0.12
CA ASN A 83 -5.86 3.82 -0.46
C ASN A 83 -4.43 3.57 -0.89
N ALA A 84 -3.86 4.55 -1.57
CA ALA A 84 -2.49 4.44 -2.05
C ALA A 84 -1.56 4.19 -0.87
N LEU A 85 -1.83 4.87 0.23
CA LEU A 85 -0.99 4.73 1.40
C LEU A 85 -0.92 3.28 1.80
N ARG A 86 -2.07 2.63 1.86
CA ARG A 86 -2.10 1.23 2.23
C ARG A 86 -1.34 0.38 1.21
N LEU A 87 -1.53 0.69 -0.06
CA LEU A 87 -0.85 -0.06 -1.09
C LEU A 87 0.66 0.07 -0.98
N GLY A 88 1.14 1.25 -0.61
CA GLY A 88 2.58 1.45 -0.51
C GLY A 88 3.19 0.62 0.61
N VAL A 89 2.58 0.67 1.76
CA VAL A 89 3.07 -0.07 2.91
C VAL A 89 3.04 -1.56 2.64
N ALA A 90 2.02 -2.00 1.90
CA ALA A 90 1.91 -3.41 1.59
C ALA A 90 3.26 -3.97 1.19
N GLU A 91 3.98 -3.26 0.35
CA GLU A 91 5.27 -3.74 -0.09
C GLU A 91 6.31 -3.64 1.02
N LEU A 92 6.51 -2.41 1.51
CA LEU A 92 7.50 -2.14 2.55
C LEU A 92 8.06 -3.40 3.19
N ILE A 93 7.29 -4.03 4.07
CA ILE A 93 7.77 -5.23 4.76
C ILE A 93 6.91 -6.44 4.47
N PHE A 94 5.63 -6.20 4.24
CA PHE A 94 4.69 -7.27 4.00
C PHE A 94 5.16 -8.20 2.88
N LEU A 95 5.87 -7.63 1.92
CA LEU A 95 6.39 -8.41 0.80
C LEU A 95 7.79 -8.94 1.13
N LYS A 96 8.41 -8.36 2.16
CA LYS A 96 9.75 -8.78 2.56
C LYS A 96 10.74 -8.56 1.42
N SER A 97 10.52 -7.51 0.64
CA SER A 97 11.40 -7.20 -0.48
C SER A 97 12.81 -6.85 0.01
N LYS A 98 13.81 -7.22 -0.77
CA LYS A 98 15.20 -6.95 -0.40
C LYS A 98 15.48 -5.45 -0.51
N GLU A 99 14.74 -4.77 -1.37
CA GLU A 99 14.90 -3.34 -1.55
C GLU A 99 13.54 -2.66 -1.74
N PRO A 100 12.76 -2.60 -0.69
CA PRO A 100 11.40 -1.98 -0.73
C PRO A 100 11.45 -0.47 -0.97
N GLY A 101 12.62 0.13 -0.70
CA GLY A 101 12.78 1.57 -0.88
C GLY A 101 12.41 2.01 -2.29
N ARG A 102 12.95 1.32 -3.29
CA ARG A 102 12.67 1.66 -4.69
C ARG A 102 11.25 1.28 -5.08
N VAL A 103 10.79 0.12 -4.62
CA VAL A 103 9.43 -0.32 -4.94
C VAL A 103 8.41 0.67 -4.44
N PHE A 104 8.55 1.07 -3.18
CA PHE A 104 7.62 2.02 -2.59
C PHE A 104 7.61 3.31 -3.39
N ILE A 105 8.79 3.81 -3.72
CA ILE A 105 8.88 5.04 -4.49
C ILE A 105 8.03 4.98 -5.75
N ASP A 106 8.23 3.92 -6.52
CA ASP A 106 7.50 3.75 -7.77
C ASP A 106 6.00 3.80 -7.51
N ILE A 107 5.58 3.16 -6.45
CA ILE A 107 4.17 3.15 -6.12
C ILE A 107 3.68 4.58 -5.98
N VAL A 108 4.41 5.39 -5.23
CA VAL A 108 4.05 6.78 -5.06
C VAL A 108 4.11 7.51 -6.39
N ASP A 109 5.10 7.16 -7.20
CA ASP A 109 5.23 7.78 -8.51
C ASP A 109 4.00 7.44 -9.33
N LEU A 110 3.54 6.21 -9.15
CA LEU A 110 2.35 5.74 -9.86
C LEU A 110 1.14 6.58 -9.45
N VAL A 111 1.16 7.04 -8.20
CA VAL A 111 0.07 7.86 -7.67
C VAL A 111 0.02 9.22 -8.39
N LYS A 112 1.20 9.77 -8.68
CA LYS A 112 1.28 11.06 -9.34
C LYS A 112 0.43 11.07 -10.60
N LYS A 113 0.43 9.96 -11.29
CA LYS A 113 -0.33 9.82 -12.53
C LYS A 113 -1.82 10.03 -12.28
N TYR A 114 -2.34 9.42 -11.23
CA TYR A 114 -3.76 9.53 -10.90
C TYR A 114 -4.02 10.72 -9.98
N ALA A 115 -3.56 10.60 -8.73
CA ALA A 115 -3.76 11.66 -7.75
C ALA A 115 -2.95 12.90 -8.10
N ASP A 116 -3.17 13.98 -7.36
CA ASP A 116 -2.45 15.23 -7.61
C ASP A 116 -1.00 15.14 -7.17
N GLU A 117 -0.16 15.99 -7.75
CA GLU A 117 1.26 16.00 -7.42
C GLU A 117 1.48 16.36 -5.95
N LYS A 118 0.73 17.34 -5.46
CA LYS A 118 0.86 17.76 -4.06
C LYS A 118 0.55 16.59 -3.14
N ALA A 119 -0.44 15.79 -3.53
CA ALA A 119 -0.83 14.64 -2.73
C ALA A 119 0.30 13.61 -2.72
N GLY A 120 0.94 13.45 -3.87
CA GLY A 120 2.04 12.49 -3.99
C GLY A 120 3.15 12.81 -2.99
N LYS A 121 3.40 14.09 -2.76
CA LYS A 121 4.44 14.50 -1.82
C LYS A 121 4.08 14.01 -0.42
N PHE A 122 2.83 14.24 -0.02
CA PHE A 122 2.37 13.82 1.30
C PHE A 122 2.42 12.29 1.40
N VAL A 123 2.01 11.63 0.32
CA VAL A 123 2.00 10.17 0.29
C VAL A 123 3.41 9.63 0.49
N ASN A 124 4.39 10.29 -0.12
CA ASN A 124 5.78 9.84 -0.01
C ASN A 124 6.30 10.02 1.42
N GLY A 125 6.16 11.22 1.95
CA GLY A 125 6.63 11.51 3.29
C GLY A 125 5.98 10.59 4.32
N VAL A 126 4.68 10.38 4.18
CA VAL A 126 3.95 9.52 5.11
C VAL A 126 4.34 8.05 4.91
N LEU A 127 4.71 7.69 3.69
CA LEU A 127 5.09 6.30 3.40
C LEU A 127 6.32 5.92 4.21
N SER A 128 7.32 6.79 4.18
CA SER A 128 8.55 6.55 4.92
C SER A 128 8.27 6.41 6.42
N ALA A 129 7.23 7.11 6.87
CA ALA A 129 6.87 7.10 8.28
C ALA A 129 6.63 5.68 8.77
N ILE A 130 6.00 4.85 7.94
CA ILE A 130 5.75 3.46 8.34
C ILE A 130 7.07 2.70 8.42
N TYR A 131 7.98 2.97 7.50
CA TYR A 131 9.26 2.28 7.47
C TYR A 131 9.97 2.37 8.82
N LYS A 132 10.14 3.59 9.32
CA LYS A 132 10.81 3.79 10.61
C LYS A 132 10.04 3.07 11.72
N ALA A 133 8.71 3.08 11.62
CA ALA A 133 7.90 2.43 12.63
C ALA A 133 8.27 0.96 12.77
N TYR A 134 8.57 0.31 11.64
CA TYR A 134 8.94 -1.10 11.65
C TYR A 134 10.24 -1.29 12.42
N ILE A 135 11.17 -0.37 12.24
CA ILE A 135 12.46 -0.45 12.90
C ILE A 135 12.40 0.26 14.26
N THR A 136 11.20 0.32 14.83
CA THR A 136 11.02 0.97 16.13
C THR A 136 11.41 0.03 17.27
N SER A 137 11.40 -1.27 16.97
CA SER A 137 11.75 -2.27 17.97
C SER A 137 13.27 -2.29 18.21
N SER A 138 13.99 -1.49 17.43
CA SER A 138 15.44 -1.43 17.56
C SER A 138 15.84 -1.08 18.99
N LYS A 139 16.40 -2.05 19.70
CA LYS A 139 16.82 -1.84 21.08
C LYS A 139 18.22 -1.23 21.12
N GLU A 140 18.55 -0.58 22.23
CA GLU A 140 19.86 0.05 22.38
C GLU A 140 20.82 -0.87 23.12
N GLU A 141 20.49 -1.19 24.37
CA GLU A 141 21.33 -2.06 25.18
C GLU A 141 20.60 -3.36 25.51
N LYS A 142 21.20 -4.18 26.36
CA LYS A 142 20.61 -5.45 26.75
C LYS A 142 19.37 -5.22 27.62
N PRO A 143 18.40 -6.10 27.55
CA PRO A 143 17.15 -5.97 28.35
C PRO A 143 17.42 -6.09 29.86
N SER A 144 16.57 -5.48 30.65
CA SER A 144 16.73 -5.53 32.11
C SER A 144 15.38 -5.29 32.80
N LEU A 145 14.43 -4.77 32.06
CA LEU A 145 13.10 -4.50 32.61
C LEU A 145 13.22 -3.86 33.99
N LYS A 146 13.25 -2.54 34.04
CA LYS A 146 13.36 -1.83 35.31
C LYS A 146 12.03 -1.84 36.04
N SER A 147 11.59 -3.02 36.46
CA SER A 147 10.32 -3.14 37.16
C SER A 147 10.40 -4.24 38.23
N GLU A 148 11.38 -5.12 38.08
CA GLU A 148 11.57 -6.21 39.04
C GLU A 148 12.97 -6.80 38.92
N MET A 1 7.16 -5.75 -22.58
CA MET A 1 6.79 -6.48 -21.33
C MET A 1 6.69 -5.49 -20.18
N ARG A 2 5.47 -5.31 -19.67
CA ARG A 2 5.23 -4.39 -18.56
C ARG A 2 4.08 -4.88 -17.71
N TYR A 3 3.77 -6.17 -17.81
CA TYR A 3 2.68 -6.76 -17.04
C TYR A 3 2.86 -6.48 -15.55
N ARG A 4 4.09 -6.60 -15.07
CA ARG A 4 4.37 -6.36 -13.66
C ARG A 4 4.13 -4.89 -13.30
N LYS A 5 4.48 -4.00 -14.23
CA LYS A 5 4.30 -2.58 -14.01
C LYS A 5 2.82 -2.24 -13.86
N GLY A 6 2.00 -2.85 -14.71
CA GLY A 6 0.55 -2.61 -14.67
C GLY A 6 -0.07 -3.29 -13.45
N ALA A 7 0.37 -4.50 -13.16
CA ALA A 7 -0.16 -5.25 -12.03
C ALA A 7 0.00 -4.45 -10.73
N ARG A 8 1.12 -3.77 -10.59
CA ARG A 8 1.38 -2.97 -9.39
C ARG A 8 0.56 -1.68 -9.42
N ASP A 9 0.53 -1.02 -10.57
CA ASP A 9 -0.22 0.22 -10.71
C ASP A 9 -1.70 -0.03 -10.44
N THR A 10 -2.25 -1.03 -11.10
CA THR A 10 -3.66 -1.38 -10.95
C THR A 10 -3.97 -1.80 -9.51
N ALA A 11 -2.93 -2.19 -8.78
CA ALA A 11 -3.11 -2.63 -7.40
C ALA A 11 -3.86 -1.58 -6.58
N PHE A 12 -3.46 -0.33 -6.73
CA PHE A 12 -4.09 0.74 -5.97
C PHE A 12 -5.58 0.83 -6.26
N LEU A 13 -5.95 0.75 -7.52
CA LEU A 13 -7.36 0.85 -7.89
C LEU A 13 -8.21 -0.16 -7.13
N VAL A 14 -7.69 -1.37 -6.93
CA VAL A 14 -8.45 -2.38 -6.20
C VAL A 14 -8.71 -1.87 -4.79
N LEU A 15 -7.66 -1.37 -4.16
CA LEU A 15 -7.77 -0.83 -2.82
C LEU A 15 -8.70 0.37 -2.84
N TYR A 16 -8.66 1.11 -3.95
CA TYR A 16 -9.52 2.28 -4.10
C TYR A 16 -10.98 1.86 -4.02
N ARG A 17 -11.28 0.70 -4.62
CA ARG A 17 -12.64 0.20 -4.61
C ARG A 17 -13.07 -0.14 -3.18
N TRP A 18 -12.11 -0.59 -2.37
CA TRP A 18 -12.40 -0.94 -0.99
C TRP A 18 -12.87 0.30 -0.22
N ASP A 19 -12.35 1.45 -0.61
CA ASP A 19 -12.73 2.70 0.05
C ASP A 19 -14.18 3.04 -0.20
N LEU A 20 -14.68 2.70 -1.39
CA LEU A 20 -16.06 2.99 -1.75
C LEU A 20 -16.99 1.82 -1.40
N ARG A 21 -16.58 0.60 -1.73
CA ARG A 21 -17.40 -0.57 -1.46
C ARG A 21 -16.97 -1.27 -0.18
N GLY A 22 -15.66 -1.48 -0.03
CA GLY A 22 -15.15 -2.14 1.16
C GLY A 22 -15.52 -3.62 1.15
N GLU A 23 -15.41 -4.24 -0.02
CA GLU A 23 -15.75 -5.66 -0.17
C GLU A 23 -14.64 -6.40 -0.92
N ASN A 24 -14.65 -7.74 -0.82
CA ASN A 24 -13.64 -8.57 -1.48
C ASN A 24 -13.04 -7.85 -2.69
N PRO A 25 -11.93 -7.18 -2.50
CA PRO A 25 -11.24 -6.45 -3.60
C PRO A 25 -11.02 -7.32 -4.83
N GLY A 26 -11.00 -8.63 -4.63
CA GLY A 26 -10.79 -9.57 -5.72
C GLY A 26 -12.00 -9.65 -6.64
N GLU A 27 -13.19 -9.66 -6.06
CA GLU A 27 -14.41 -9.74 -6.85
C GLU A 27 -14.55 -8.52 -7.76
N LEU A 28 -14.40 -7.34 -7.17
CA LEU A 28 -14.51 -6.11 -7.92
C LEU A 28 -13.45 -6.02 -9.02
N PHE A 29 -12.25 -6.52 -8.71
CA PHE A 29 -11.16 -6.51 -9.66
C PHE A 29 -11.59 -7.20 -10.95
N LYS A 30 -12.31 -8.31 -10.80
CA LYS A 30 -12.77 -9.09 -11.94
C LYS A 30 -13.61 -8.26 -12.89
N GLU A 31 -14.35 -7.30 -12.34
CA GLU A 31 -15.23 -6.45 -13.16
C GLU A 31 -14.44 -5.48 -14.06
N VAL A 32 -13.38 -4.89 -13.52
CA VAL A 32 -12.59 -3.93 -14.30
C VAL A 32 -11.73 -4.60 -15.35
N VAL A 33 -11.09 -5.71 -14.99
CA VAL A 33 -10.23 -6.40 -15.94
C VAL A 33 -10.97 -6.52 -17.26
N GLU A 34 -12.28 -6.73 -17.14
CA GLU A 34 -13.14 -6.85 -18.31
C GLU A 34 -13.14 -5.54 -19.10
N GLU A 35 -13.28 -4.42 -18.37
CA GLU A 35 -13.30 -3.11 -19.01
C GLU A 35 -11.90 -2.70 -19.46
N LYS A 36 -10.91 -2.94 -18.58
CA LYS A 36 -9.53 -2.58 -18.90
C LYS A 36 -8.85 -3.72 -19.65
N ASN A 37 -8.31 -3.41 -20.82
CA ASN A 37 -7.64 -4.40 -21.64
C ASN A 37 -6.32 -4.83 -21.00
N ILE A 38 -6.37 -5.18 -19.72
CA ILE A 38 -5.17 -5.63 -19.02
C ILE A 38 -4.33 -6.54 -19.92
N LYS A 39 -5.03 -7.39 -20.67
CA LYS A 39 -4.38 -8.31 -21.59
C LYS A 39 -3.70 -9.45 -20.83
N ASN A 40 -2.50 -9.21 -20.33
CA ASN A 40 -1.76 -10.23 -19.60
C ASN A 40 -2.53 -10.65 -18.35
N LYS A 41 -3.26 -11.76 -18.44
CA LYS A 41 -4.03 -12.25 -17.30
C LYS A 41 -3.12 -12.45 -16.10
N ASP A 42 -1.88 -12.83 -16.37
CA ASP A 42 -0.91 -13.03 -15.30
C ASP A 42 -0.85 -11.78 -14.45
N ALA A 43 -0.79 -10.65 -15.14
CA ALA A 43 -0.73 -9.36 -14.49
C ALA A 43 -1.97 -9.11 -13.65
N TYR A 44 -3.14 -9.37 -14.23
CA TYR A 44 -4.40 -9.16 -13.53
C TYR A 44 -4.43 -9.95 -12.24
N GLU A 45 -4.06 -11.22 -12.30
CA GLU A 45 -4.06 -12.05 -11.11
C GLU A 45 -2.95 -11.58 -10.19
N TYR A 46 -1.78 -11.38 -10.77
CA TYR A 46 -0.65 -10.91 -10.02
C TYR A 46 -1.00 -9.59 -9.34
N ALA A 47 -1.77 -8.78 -10.04
CA ALA A 47 -2.19 -7.49 -9.52
C ALA A 47 -2.96 -7.66 -8.22
N LYS A 48 -3.89 -8.59 -8.22
CA LYS A 48 -4.71 -8.84 -7.05
C LYS A 48 -3.84 -9.24 -5.88
N LYS A 49 -2.98 -10.21 -6.11
CA LYS A 49 -2.09 -10.67 -5.07
C LYS A 49 -1.25 -9.52 -4.55
N LEU A 50 -0.87 -8.61 -5.43
CA LEU A 50 -0.07 -7.47 -5.02
C LEU A 50 -0.81 -6.70 -3.95
N VAL A 51 -2.07 -6.44 -4.20
CA VAL A 51 -2.89 -5.71 -3.25
C VAL A 51 -3.15 -6.57 -2.01
N ASP A 52 -3.24 -7.88 -2.21
CA ASP A 52 -3.50 -8.78 -1.09
C ASP A 52 -2.48 -8.55 0.01
N THR A 53 -1.28 -8.13 -0.39
CA THR A 53 -0.24 -7.85 0.57
C THR A 53 -0.71 -6.77 1.51
N ALA A 54 -1.53 -5.90 0.95
CA ALA A 54 -2.10 -4.80 1.69
C ALA A 54 -3.23 -5.29 2.58
N VAL A 55 -3.99 -6.22 2.03
CA VAL A 55 -5.13 -6.78 2.74
C VAL A 55 -4.67 -7.81 3.78
N ARG A 56 -3.43 -8.26 3.64
CA ARG A 56 -2.88 -9.23 4.58
C ARG A 56 -3.01 -8.72 6.01
N HIS A 57 -3.28 -7.43 6.15
CA HIS A 57 -3.42 -6.82 7.48
C HIS A 57 -4.62 -5.86 7.50
N ILE A 58 -4.56 -4.82 6.66
CA ILE A 58 -5.63 -3.83 6.55
C ILE A 58 -5.55 -2.78 7.65
N GLU A 59 -6.32 -2.98 8.71
CA GLU A 59 -6.38 -2.01 9.81
C GLU A 59 -5.01 -1.80 10.44
N GLU A 60 -4.32 -2.89 10.72
CA GLU A 60 -3.00 -2.79 11.33
C GLU A 60 -2.12 -1.84 10.53
N ILE A 61 -2.25 -1.85 9.20
CA ILE A 61 -1.46 -0.97 8.38
C ILE A 61 -1.79 0.47 8.74
N ASP A 62 -3.07 0.79 8.80
CA ASP A 62 -3.48 2.14 9.17
C ASP A 62 -2.87 2.47 10.51
N SER A 63 -2.96 1.52 11.43
CA SER A 63 -2.39 1.68 12.76
C SER A 63 -0.89 1.92 12.64
N ILE A 64 -0.25 1.16 11.77
CA ILE A 64 1.18 1.29 11.54
C ILE A 64 1.49 2.71 11.07
N ILE A 65 0.59 3.24 10.25
CA ILE A 65 0.72 4.60 9.75
C ILE A 65 0.48 5.61 10.88
N GLU A 66 -0.50 5.30 11.72
CA GLU A 66 -0.88 6.19 12.81
C GLU A 66 0.25 6.42 13.80
N LYS A 67 1.05 5.39 14.04
CA LYS A 67 2.14 5.51 15.00
C LYS A 67 3.04 6.68 14.65
N HIS A 68 3.09 7.05 13.38
CA HIS A 68 3.92 8.18 12.96
C HIS A 68 3.08 9.44 12.73
N LEU A 69 1.85 9.28 12.23
CA LEU A 69 1.00 10.43 11.96
C LEU A 69 1.09 11.43 13.11
N LYS A 70 1.53 10.97 14.27
CA LYS A 70 1.67 11.83 15.44
C LYS A 70 0.30 12.15 16.03
N GLY A 71 -0.74 11.62 15.41
CA GLY A 71 -2.10 11.85 15.88
C GLY A 71 -3.07 11.98 14.71
N TRP A 72 -2.62 12.64 13.65
CA TRP A 72 -3.45 12.83 12.47
C TRP A 72 -4.03 11.50 11.99
N SER A 73 -4.72 11.55 10.86
CA SER A 73 -5.32 10.35 10.28
C SER A 73 -4.87 10.18 8.84
N ILE A 74 -4.63 8.93 8.44
CA ILE A 74 -4.20 8.65 7.07
C ILE A 74 -5.22 9.23 6.10
N ASP A 75 -6.45 9.37 6.59
CA ASP A 75 -7.52 9.93 5.79
C ASP A 75 -7.34 11.44 5.64
N ARG A 76 -6.60 12.04 6.58
CA ARG A 76 -6.38 13.48 6.56
C ARG A 76 -5.70 13.91 5.25
N LEU A 77 -6.40 13.72 4.14
CA LEU A 77 -5.87 14.09 2.83
C LEU A 77 -6.73 13.45 1.72
N GLY A 78 -6.29 13.62 0.48
CA GLY A 78 -7.01 13.06 -0.65
C GLY A 78 -7.39 11.61 -0.39
N TYR A 79 -8.29 11.07 -1.20
CA TYR A 79 -8.73 9.69 -1.03
C TYR A 79 -7.67 8.70 -1.49
N VAL A 80 -7.19 8.87 -2.73
CA VAL A 80 -6.19 7.96 -3.27
C VAL A 80 -5.02 7.80 -2.31
N GLU A 81 -4.49 8.92 -1.87
CA GLU A 81 -3.36 8.90 -0.97
C GLU A 81 -3.55 7.91 0.15
N ARG A 82 -4.69 7.98 0.81
CA ARG A 82 -4.97 7.09 1.91
C ARG A 82 -4.83 5.63 1.45
N ASN A 83 -5.50 5.29 0.36
CA ASN A 83 -5.43 3.93 -0.15
C ASN A 83 -4.09 3.68 -0.80
N ALA A 84 -3.59 4.68 -1.50
CA ALA A 84 -2.32 4.55 -2.17
C ALA A 84 -1.25 4.15 -1.17
N LEU A 85 -1.18 4.90 -0.07
CA LEU A 85 -0.16 4.63 0.93
C LEU A 85 -0.32 3.22 1.48
N ARG A 86 -1.55 2.75 1.61
CA ARG A 86 -1.78 1.41 2.12
C ARG A 86 -1.12 0.37 1.21
N LEU A 87 -1.29 0.53 -0.10
CA LEU A 87 -0.70 -0.41 -1.03
C LEU A 87 0.83 -0.31 -1.00
N GLY A 88 1.35 0.89 -0.75
CA GLY A 88 2.79 1.07 -0.69
C GLY A 88 3.41 0.36 0.50
N VAL A 89 2.77 0.49 1.65
CA VAL A 89 3.28 -0.15 2.86
C VAL A 89 3.26 -1.66 2.70
N ALA A 90 2.28 -2.15 1.95
CA ALA A 90 2.17 -3.58 1.73
C ALA A 90 3.54 -4.16 1.41
N GLU A 91 4.28 -3.48 0.56
CA GLU A 91 5.59 -3.98 0.18
C GLU A 91 6.55 -3.96 1.37
N LEU A 92 6.78 -2.76 1.89
CA LEU A 92 7.70 -2.56 3.02
C LEU A 92 8.22 -3.88 3.57
N ILE A 93 7.44 -4.53 4.44
CA ILE A 93 7.87 -5.79 5.05
C ILE A 93 6.92 -6.94 4.72
N PHE A 94 5.65 -6.59 4.55
CA PHE A 94 4.63 -7.60 4.29
C PHE A 94 5.01 -8.51 3.13
N LEU A 95 5.72 -7.95 2.16
CA LEU A 95 6.16 -8.72 1.00
C LEU A 95 7.59 -9.22 1.21
N LYS A 96 8.31 -8.57 2.10
CA LYS A 96 9.70 -8.95 2.39
C LYS A 96 10.57 -8.76 1.14
N SER A 97 10.83 -7.51 0.79
CA SER A 97 11.66 -7.21 -0.38
C SER A 97 13.08 -6.85 0.05
N LYS A 98 14.05 -7.13 -0.83
CA LYS A 98 15.45 -6.83 -0.53
C LYS A 98 15.70 -5.33 -0.64
N GLU A 99 14.85 -4.64 -1.40
CA GLU A 99 14.98 -3.20 -1.58
C GLU A 99 13.61 -2.53 -1.61
N PRO A 100 12.91 -2.54 -0.51
CA PRO A 100 11.55 -1.94 -0.40
C PRO A 100 11.58 -0.43 -0.57
N GLY A 101 12.77 0.16 -0.45
CA GLY A 101 12.91 1.61 -0.57
C GLY A 101 12.51 2.11 -1.96
N ARG A 102 13.07 1.48 -3.00
CA ARG A 102 12.75 1.88 -4.37
C ARG A 102 11.34 1.46 -4.76
N VAL A 103 10.93 0.28 -4.33
CA VAL A 103 9.61 -0.23 -4.66
C VAL A 103 8.53 0.72 -4.16
N PHE A 104 8.62 1.11 -2.90
CA PHE A 104 7.63 2.01 -2.32
C PHE A 104 7.56 3.29 -3.13
N ILE A 105 8.71 3.85 -3.46
CA ILE A 105 8.75 5.08 -4.20
C ILE A 105 7.86 5.01 -5.44
N ASP A 106 8.05 3.96 -6.23
CA ASP A 106 7.29 3.79 -7.46
C ASP A 106 5.80 3.82 -7.18
N ILE A 107 5.39 3.18 -6.10
CA ILE A 107 3.98 3.16 -5.77
C ILE A 107 3.48 4.59 -5.64
N VAL A 108 4.22 5.39 -4.88
CA VAL A 108 3.86 6.78 -4.69
C VAL A 108 3.95 7.53 -6.00
N ASP A 109 4.96 7.18 -6.81
CA ASP A 109 5.12 7.84 -8.09
C ASP A 109 3.89 7.57 -8.93
N LEU A 110 3.36 6.36 -8.78
CA LEU A 110 2.17 5.96 -9.53
C LEU A 110 1.00 6.88 -9.17
N VAL A 111 0.99 7.33 -7.92
CA VAL A 111 -0.07 8.23 -7.45
C VAL A 111 0.04 9.59 -8.14
N LYS A 112 1.27 10.04 -8.35
CA LYS A 112 1.49 11.34 -9.00
C LYS A 112 0.74 11.41 -10.32
N LYS A 113 0.71 10.30 -11.01
CA LYS A 113 0.02 10.22 -12.30
C LYS A 113 -1.49 10.37 -12.13
N TYR A 114 -2.03 9.66 -11.15
CA TYR A 114 -3.47 9.70 -10.89
C TYR A 114 -3.82 10.86 -9.96
N ALA A 115 -3.40 10.77 -8.71
CA ALA A 115 -3.69 11.83 -7.74
C ALA A 115 -2.72 12.99 -7.87
N ASP A 116 -3.20 14.19 -7.54
CA ASP A 116 -2.38 15.40 -7.63
C ASP A 116 -0.97 15.15 -7.11
N GLU A 117 0.00 15.80 -7.75
CA GLU A 117 1.39 15.65 -7.36
C GLU A 117 1.62 16.15 -5.93
N LYS A 118 0.85 17.16 -5.53
CA LYS A 118 1.00 17.73 -4.19
C LYS A 118 0.74 16.65 -3.14
N ALA A 119 -0.22 15.77 -3.43
CA ALA A 119 -0.55 14.69 -2.51
C ALA A 119 0.59 13.67 -2.50
N GLY A 120 1.19 13.47 -3.66
CA GLY A 120 2.29 12.53 -3.79
C GLY A 120 3.42 12.90 -2.84
N LYS A 121 3.64 14.19 -2.66
CA LYS A 121 4.68 14.66 -1.77
C LYS A 121 4.40 14.19 -0.34
N PHE A 122 3.15 14.37 0.08
CA PHE A 122 2.74 13.96 1.41
C PHE A 122 2.73 12.45 1.52
N VAL A 123 2.26 11.78 0.46
CA VAL A 123 2.20 10.33 0.45
C VAL A 123 3.59 9.73 0.63
N ASN A 124 4.58 10.34 -0.02
CA ASN A 124 5.95 9.85 0.09
C ASN A 124 6.46 10.05 1.51
N GLY A 125 6.32 11.26 2.02
CA GLY A 125 6.77 11.59 3.36
C GLY A 125 6.10 10.68 4.39
N VAL A 126 4.80 10.45 4.22
CA VAL A 126 4.06 9.60 5.15
C VAL A 126 4.48 8.14 5.00
N LEU A 127 4.88 7.75 3.79
CA LEU A 127 5.30 6.37 3.54
C LEU A 127 6.55 6.05 4.35
N SER A 128 7.52 6.95 4.30
CA SER A 128 8.76 6.77 5.04
C SER A 128 8.46 6.68 6.53
N ALA A 129 7.40 7.35 6.94
CA ALA A 129 7.00 7.37 8.35
C ALA A 129 6.77 5.95 8.85
N ILE A 130 6.14 5.11 8.03
CA ILE A 130 5.90 3.73 8.42
C ILE A 130 7.22 3.00 8.62
N TYR A 131 8.18 3.29 7.75
CA TYR A 131 9.50 2.66 7.84
C TYR A 131 10.10 2.86 9.23
N LYS A 132 10.05 4.09 9.72
CA LYS A 132 10.60 4.41 11.03
C LYS A 132 9.87 3.61 12.12
N ALA A 133 8.58 3.43 11.95
CA ALA A 133 7.78 2.69 12.92
C ALA A 133 8.17 1.21 12.93
N TYR A 134 8.54 0.70 11.76
CA TYR A 134 8.92 -0.70 11.64
C TYR A 134 10.12 -1.03 12.52
N ILE A 135 11.19 -0.24 12.37
CA ILE A 135 12.41 -0.45 13.14
C ILE A 135 12.11 -0.68 14.62
N THR A 136 11.06 -0.03 15.14
CA THR A 136 10.71 -0.16 16.54
C THR A 136 9.60 -1.21 16.73
N SER A 137 8.87 -1.48 15.66
CA SER A 137 7.79 -2.47 15.71
C SER A 137 8.36 -3.88 15.78
N SER A 138 9.59 -4.04 15.31
CA SER A 138 10.24 -5.34 15.32
C SER A 138 10.72 -5.69 16.72
N LYS A 139 9.79 -5.72 17.67
CA LYS A 139 10.14 -6.04 19.05
C LYS A 139 8.94 -6.66 19.77
N GLU A 140 9.01 -6.71 21.10
CA GLU A 140 7.94 -7.28 21.89
C GLU A 140 6.58 -6.82 21.36
N GLU A 141 5.68 -7.78 21.17
CA GLU A 141 4.34 -7.46 20.66
C GLU A 141 3.28 -7.84 21.68
N LYS A 142 2.88 -9.10 21.69
CA LYS A 142 1.86 -9.57 22.63
C LYS A 142 2.52 -9.96 23.96
N PRO A 143 2.00 -9.48 25.07
CA PRO A 143 2.56 -9.81 26.41
C PRO A 143 2.37 -11.29 26.76
N SER A 144 3.35 -11.85 27.48
CA SER A 144 3.27 -13.25 27.86
C SER A 144 4.39 -13.60 28.84
N LEU A 145 4.12 -13.42 30.13
CA LEU A 145 5.10 -13.70 31.17
C LEU A 145 4.92 -15.12 31.71
N LYS A 146 5.74 -16.05 31.24
CA LYS A 146 5.65 -17.43 31.68
C LYS A 146 6.89 -18.21 31.24
N SER A 147 7.09 -19.38 31.87
CA SER A 147 8.24 -20.21 31.53
C SER A 147 9.53 -19.41 31.63
N GLU A 148 9.58 -18.47 32.56
CA GLU A 148 10.76 -17.64 32.75
C GLU A 148 11.88 -18.45 33.37
N MET A 1 9.46 -7.63 -16.68
CA MET A 1 8.80 -6.81 -15.62
C MET A 1 7.87 -5.80 -16.26
N ARG A 2 7.52 -6.05 -17.52
CA ARG A 2 6.62 -5.15 -18.24
C ARG A 2 5.17 -5.36 -17.79
N TYR A 3 4.69 -6.59 -17.91
CA TYR A 3 3.32 -6.90 -17.50
C TYR A 3 3.15 -6.69 -16.01
N ARG A 4 4.18 -7.03 -15.25
CA ARG A 4 4.14 -6.87 -13.79
C ARG A 4 3.98 -5.40 -13.42
N LYS A 5 4.56 -4.52 -14.23
CA LYS A 5 4.47 -3.09 -13.97
C LYS A 5 3.02 -2.66 -13.88
N GLY A 6 2.18 -3.19 -14.78
CA GLY A 6 0.77 -2.86 -14.78
C GLY A 6 0.06 -3.48 -13.59
N ALA A 7 0.38 -4.74 -13.31
CA ALA A 7 -0.22 -5.45 -12.19
C ALA A 7 0.02 -4.70 -10.89
N ARG A 8 1.21 -4.14 -10.74
CA ARG A 8 1.55 -3.39 -9.54
C ARG A 8 0.86 -2.03 -9.51
N ASP A 9 0.89 -1.33 -10.64
CA ASP A 9 0.26 -0.02 -10.73
C ASP A 9 -1.25 -0.13 -10.50
N THR A 10 -1.87 -1.09 -11.17
CA THR A 10 -3.30 -1.29 -11.04
C THR A 10 -3.69 -1.66 -9.61
N ALA A 11 -2.72 -2.14 -8.84
CA ALA A 11 -2.97 -2.53 -7.45
C ALA A 11 -3.65 -1.43 -6.66
N PHE A 12 -3.17 -0.20 -6.84
CA PHE A 12 -3.72 0.92 -6.09
C PHE A 12 -5.22 1.09 -6.31
N LEU A 13 -5.65 1.08 -7.56
CA LEU A 13 -7.06 1.25 -7.87
C LEU A 13 -7.91 0.22 -7.13
N VAL A 14 -7.39 -1.00 -6.99
CA VAL A 14 -8.13 -2.05 -6.30
C VAL A 14 -8.32 -1.65 -4.85
N LEU A 15 -7.25 -1.18 -4.24
CA LEU A 15 -7.29 -0.74 -2.87
C LEU A 15 -8.25 0.44 -2.74
N TYR A 16 -8.31 1.25 -3.79
CA TYR A 16 -9.19 2.41 -3.80
C TYR A 16 -10.65 1.95 -3.69
N ARG A 17 -10.96 0.84 -4.34
CA ARG A 17 -12.31 0.31 -4.31
C ARG A 17 -12.70 -0.09 -2.88
N TRP A 18 -11.70 -0.53 -2.12
CA TRP A 18 -11.95 -0.93 -0.74
C TRP A 18 -12.45 0.27 0.08
N ASP A 19 -11.96 1.45 -0.26
CA ASP A 19 -12.36 2.66 0.44
C ASP A 19 -13.83 2.98 0.17
N LEU A 20 -14.31 2.64 -1.03
CA LEU A 20 -15.69 2.90 -1.40
C LEU A 20 -16.60 1.73 -1.04
N ARG A 21 -16.16 0.53 -1.38
CA ARG A 21 -16.95 -0.67 -1.10
C ARG A 21 -16.48 -1.35 0.18
N GLY A 22 -15.17 -1.54 0.29
CA GLY A 22 -14.60 -2.18 1.48
C GLY A 22 -15.12 -3.61 1.64
N GLU A 23 -15.46 -4.25 0.53
CA GLU A 23 -15.96 -5.63 0.57
C GLU A 23 -15.25 -6.50 -0.46
N ASN A 24 -14.65 -7.59 0.01
CA ASN A 24 -13.95 -8.52 -0.88
C ASN A 24 -13.29 -7.79 -2.06
N PRO A 25 -12.01 -7.54 -2.00
CA PRO A 25 -11.28 -6.84 -3.10
C PRO A 25 -10.96 -7.77 -4.26
N GLY A 26 -11.02 -9.08 -4.02
CA GLY A 26 -10.74 -10.06 -5.05
C GLY A 26 -11.87 -10.10 -6.08
N GLU A 27 -13.11 -10.16 -5.59
CA GLU A 27 -14.27 -10.19 -6.47
C GLU A 27 -14.36 -8.89 -7.26
N LEU A 28 -14.19 -7.78 -6.55
CA LEU A 28 -14.25 -6.46 -7.17
C LEU A 28 -13.24 -6.36 -8.31
N PHE A 29 -12.09 -6.99 -8.13
CA PHE A 29 -11.05 -6.98 -9.14
C PHE A 29 -11.60 -7.53 -10.45
N LYS A 30 -12.38 -8.59 -10.35
CA LYS A 30 -12.97 -9.24 -11.52
C LYS A 30 -13.80 -8.25 -12.33
N GLU A 31 -14.43 -7.30 -11.64
CA GLU A 31 -15.29 -6.32 -12.31
C GLU A 31 -14.49 -5.32 -13.16
N VAL A 32 -13.35 -4.86 -12.65
CA VAL A 32 -12.54 -3.89 -13.38
C VAL A 32 -11.80 -4.51 -14.56
N VAL A 33 -11.21 -5.68 -14.36
CA VAL A 33 -10.47 -6.34 -15.43
C VAL A 33 -11.32 -6.30 -16.69
N GLU A 34 -12.62 -6.45 -16.50
CA GLU A 34 -13.57 -6.42 -17.60
C GLU A 34 -13.52 -5.07 -18.31
N GLU A 35 -13.58 -3.99 -17.53
CA GLU A 35 -13.56 -2.65 -18.09
C GLU A 35 -12.16 -2.30 -18.59
N LYS A 36 -11.15 -2.63 -17.78
CA LYS A 36 -9.77 -2.33 -18.15
C LYS A 36 -9.19 -3.48 -18.98
N ASN A 37 -8.86 -3.19 -20.22
CA ASN A 37 -8.31 -4.19 -21.12
C ASN A 37 -6.95 -4.69 -20.64
N ILE A 38 -6.88 -5.08 -19.37
CA ILE A 38 -5.63 -5.59 -18.81
C ILE A 38 -4.95 -6.51 -19.81
N LYS A 39 -5.74 -7.39 -20.41
CA LYS A 39 -5.22 -8.34 -21.40
C LYS A 39 -4.34 -9.38 -20.74
N ASN A 40 -3.11 -8.99 -20.39
CA ASN A 40 -2.18 -9.91 -19.75
C ASN A 40 -2.79 -10.51 -18.49
N LYS A 41 -3.38 -11.70 -18.61
CA LYS A 41 -3.99 -12.35 -17.48
C LYS A 41 -2.98 -12.53 -16.36
N ASP A 42 -1.73 -12.80 -16.75
CA ASP A 42 -0.66 -12.98 -15.78
C ASP A 42 -0.60 -11.76 -14.88
N ALA A 43 -0.77 -10.61 -15.51
CA ALA A 43 -0.74 -9.34 -14.82
C ALA A 43 -1.92 -9.18 -13.87
N TYR A 44 -3.12 -9.49 -14.38
CA TYR A 44 -4.32 -9.36 -13.58
C TYR A 44 -4.25 -10.24 -12.33
N GLU A 45 -3.78 -11.47 -12.50
CA GLU A 45 -3.67 -12.36 -11.36
C GLU A 45 -2.58 -11.87 -10.43
N TYR A 46 -1.44 -11.54 -11.02
CA TYR A 46 -0.33 -11.02 -10.25
C TYR A 46 -0.77 -9.80 -9.47
N ALA A 47 -1.61 -9.00 -10.09
CA ALA A 47 -2.11 -7.79 -9.47
C ALA A 47 -2.92 -8.11 -8.22
N LYS A 48 -3.76 -9.12 -8.33
CA LYS A 48 -4.60 -9.51 -7.20
C LYS A 48 -3.73 -9.86 -6.01
N LYS A 49 -2.76 -10.72 -6.24
CA LYS A 49 -1.86 -11.13 -5.19
C LYS A 49 -1.16 -9.90 -4.60
N LEU A 50 -0.83 -8.95 -5.47
CA LEU A 50 -0.16 -7.73 -5.03
C LEU A 50 -1.02 -7.00 -4.02
N VAL A 51 -2.32 -6.92 -4.32
CA VAL A 51 -3.24 -6.24 -3.44
C VAL A 51 -3.34 -6.96 -2.10
N ASP A 52 -3.27 -8.27 -2.13
CA ASP A 52 -3.40 -9.03 -0.90
C ASP A 52 -2.27 -8.68 0.05
N THR A 53 -1.13 -8.29 -0.50
CA THR A 53 -0.01 -7.91 0.33
C THR A 53 -0.46 -6.78 1.22
N ALA A 54 -1.39 -6.03 0.68
CA ALA A 54 -1.98 -4.90 1.38
C ALA A 54 -3.00 -5.38 2.40
N VAL A 55 -3.81 -6.35 2.00
CA VAL A 55 -4.86 -6.89 2.84
C VAL A 55 -4.30 -7.87 3.88
N ARG A 56 -3.08 -8.31 3.68
CA ARG A 56 -2.46 -9.26 4.60
C ARG A 56 -2.58 -8.77 6.05
N HIS A 57 -2.92 -7.50 6.22
CA HIS A 57 -3.07 -6.92 7.57
C HIS A 57 -4.36 -6.11 7.67
N ILE A 58 -4.77 -5.51 6.54
CA ILE A 58 -5.99 -4.72 6.50
C ILE A 58 -5.89 -3.43 7.33
N GLU A 59 -6.75 -3.32 8.35
CA GLU A 59 -6.79 -2.15 9.20
C GLU A 59 -5.48 -1.90 9.90
N GLU A 60 -4.83 -2.97 10.32
CA GLU A 60 -3.56 -2.85 11.02
C GLU A 60 -2.59 -1.96 10.26
N ILE A 61 -2.59 -2.05 8.93
CA ILE A 61 -1.70 -1.20 8.16
C ILE A 61 -2.01 0.26 8.43
N ASP A 62 -3.29 0.62 8.35
CA ASP A 62 -3.69 1.99 8.62
C ASP A 62 -3.18 2.37 10.00
N SER A 63 -3.36 1.45 10.94
CA SER A 63 -2.88 1.67 12.30
C SER A 63 -1.37 1.89 12.27
N ILE A 64 -0.69 1.06 11.49
CA ILE A 64 0.76 1.17 11.35
C ILE A 64 1.08 2.56 10.81
N ILE A 65 0.24 3.03 9.91
CA ILE A 65 0.38 4.37 9.36
C ILE A 65 0.03 5.39 10.44
N GLU A 66 -1.04 5.10 11.16
CA GLU A 66 -1.54 5.98 12.19
C GLU A 66 -0.56 6.12 13.36
N LYS A 67 0.12 5.04 13.69
CA LYS A 67 1.05 5.05 14.82
C LYS A 67 2.09 6.15 14.67
N HIS A 68 2.41 6.52 13.43
CA HIS A 68 3.39 7.57 13.20
C HIS A 68 2.70 8.90 12.85
N LEU A 69 1.49 8.82 12.32
CA LEU A 69 0.75 10.02 11.95
C LEU A 69 0.90 11.10 13.03
N LYS A 70 0.82 10.67 14.29
CA LYS A 70 0.94 11.59 15.42
C LYS A 70 -0.40 12.24 15.74
N GLY A 71 -1.45 11.42 15.77
CA GLY A 71 -2.80 11.92 16.05
C GLY A 71 -3.55 12.26 14.77
N TRP A 72 -2.81 12.58 13.73
CA TRP A 72 -3.42 12.93 12.45
C TRP A 72 -4.11 11.72 11.83
N SER A 73 -4.90 11.98 10.79
CA SER A 73 -5.61 10.91 10.10
C SER A 73 -5.04 10.71 8.70
N ILE A 74 -4.76 9.46 8.35
CA ILE A 74 -4.20 9.15 7.03
C ILE A 74 -5.11 9.70 5.95
N ASP A 75 -6.38 9.87 6.29
CA ASP A 75 -7.34 10.42 5.35
C ASP A 75 -6.91 11.82 4.91
N ARG A 76 -6.09 12.47 5.75
CA ARG A 76 -5.60 13.82 5.46
C ARG A 76 -5.69 14.15 3.98
N LEU A 77 -6.82 14.72 3.57
CA LEU A 77 -7.04 15.09 2.18
C LEU A 77 -6.54 13.99 1.25
N GLY A 78 -6.47 14.30 -0.05
CA GLY A 78 -6.02 13.33 -1.03
C GLY A 78 -6.60 11.94 -0.75
N TYR A 79 -7.66 11.59 -1.46
CA TYR A 79 -8.30 10.31 -1.26
C TYR A 79 -7.41 9.15 -1.73
N VAL A 80 -6.92 9.24 -2.96
CA VAL A 80 -6.06 8.19 -3.50
C VAL A 80 -4.92 7.90 -2.54
N GLU A 81 -4.27 8.96 -2.08
CA GLU A 81 -3.15 8.81 -1.17
C GLU A 81 -3.48 7.86 -0.03
N ARG A 82 -4.63 8.06 0.60
CA ARG A 82 -5.02 7.20 1.71
C ARG A 82 -4.92 5.73 1.31
N ASN A 83 -5.53 5.39 0.18
CA ASN A 83 -5.49 4.01 -0.28
C ASN A 83 -4.09 3.68 -0.80
N ALA A 84 -3.53 4.60 -1.55
CA ALA A 84 -2.21 4.41 -2.10
C ALA A 84 -1.21 4.11 -0.98
N LEU A 85 -1.36 4.84 0.12
CA LEU A 85 -0.46 4.64 1.24
C LEU A 85 -0.49 3.19 1.69
N ARG A 86 -1.68 2.65 1.81
CA ARG A 86 -1.81 1.27 2.22
C ARG A 86 -1.11 0.34 1.24
N LEU A 87 -1.27 0.60 -0.04
CA LEU A 87 -0.63 -0.22 -1.05
C LEU A 87 0.88 -0.10 -0.97
N GLY A 88 1.36 1.10 -0.64
CA GLY A 88 2.80 1.32 -0.56
C GLY A 88 3.43 0.51 0.56
N VAL A 89 2.80 0.55 1.72
CA VAL A 89 3.32 -0.18 2.88
C VAL A 89 3.28 -1.67 2.62
N ALA A 90 2.28 -2.13 1.88
CA ALA A 90 2.17 -3.54 1.59
C ALA A 90 3.53 -4.08 1.18
N GLU A 91 4.25 -3.32 0.39
CA GLU A 91 5.55 -3.78 -0.04
C GLU A 91 6.55 -3.69 1.11
N LEU A 92 6.73 -2.48 1.64
CA LEU A 92 7.68 -2.25 2.73
C LEU A 92 8.24 -3.56 3.28
N ILE A 93 7.48 -4.21 4.15
CA ILE A 93 7.94 -5.46 4.76
C ILE A 93 7.00 -6.63 4.44
N PHE A 94 5.73 -6.31 4.28
CA PHE A 94 4.72 -7.33 4.03
C PHE A 94 5.10 -8.21 2.84
N LEU A 95 5.75 -7.61 1.86
CA LEU A 95 6.17 -8.34 0.67
C LEU A 95 7.65 -8.70 0.73
N LYS A 96 8.36 -8.10 1.68
CA LYS A 96 9.79 -8.36 1.83
C LYS A 96 10.50 -8.22 0.49
N SER A 97 10.52 -7.00 -0.04
CA SER A 97 11.18 -6.74 -1.32
C SER A 97 12.69 -6.61 -1.15
N LYS A 98 13.41 -6.68 -2.26
CA LYS A 98 14.86 -6.56 -2.22
C LYS A 98 15.28 -5.10 -2.07
N GLU A 99 14.41 -4.20 -2.54
CA GLU A 99 14.67 -2.77 -2.45
C GLU A 99 13.39 -2.02 -2.09
N PRO A 100 12.89 -2.24 -0.90
CA PRO A 100 11.64 -1.59 -0.42
C PRO A 100 11.64 -0.07 -0.60
N GLY A 101 12.84 0.51 -0.72
CA GLY A 101 12.94 1.96 -0.89
C GLY A 101 12.50 2.38 -2.29
N ARG A 102 13.04 1.72 -3.30
CA ARG A 102 12.69 2.04 -4.68
C ARG A 102 11.28 1.53 -5.03
N VAL A 103 10.93 0.36 -4.50
CA VAL A 103 9.63 -0.24 -4.78
C VAL A 103 8.50 0.70 -4.33
N PHE A 104 8.60 1.18 -3.10
CA PHE A 104 7.57 2.07 -2.58
C PHE A 104 7.62 3.40 -3.32
N ILE A 105 8.81 3.95 -3.47
CA ILE A 105 8.94 5.23 -4.13
C ILE A 105 8.18 5.24 -5.45
N ASP A 106 8.49 4.26 -6.29
CA ASP A 106 7.85 4.15 -7.58
C ASP A 106 6.35 4.09 -7.42
N ILE A 107 5.91 3.32 -6.46
CA ILE A 107 4.49 3.18 -6.21
C ILE A 107 3.91 4.56 -5.95
N VAL A 108 4.57 5.32 -5.09
CA VAL A 108 4.11 6.66 -4.79
C VAL A 108 4.27 7.55 -6.00
N ASP A 109 5.34 7.33 -6.76
CA ASP A 109 5.56 8.11 -7.96
C ASP A 109 4.39 7.86 -8.90
N LEU A 110 3.91 6.62 -8.89
CA LEU A 110 2.78 6.24 -9.73
C LEU A 110 1.55 7.07 -9.35
N VAL A 111 1.47 7.41 -8.07
CA VAL A 111 0.35 8.20 -7.56
C VAL A 111 0.40 9.60 -8.16
N LYS A 112 1.60 10.15 -8.29
CA LYS A 112 1.76 11.50 -8.84
C LYS A 112 1.06 11.61 -10.17
N LYS A 113 1.13 10.55 -10.94
CA LYS A 113 0.51 10.51 -12.27
C LYS A 113 -1.00 10.61 -12.16
N TYR A 114 -1.57 9.83 -11.23
CA TYR A 114 -3.01 9.82 -11.03
C TYR A 114 -3.46 10.98 -10.14
N ALA A 115 -3.03 10.94 -8.89
CA ALA A 115 -3.40 12.00 -7.94
C ALA A 115 -2.40 13.15 -7.99
N ASP A 116 -2.90 14.37 -7.76
CA ASP A 116 -2.06 15.56 -7.78
C ASP A 116 -0.66 15.28 -7.24
N GLU A 117 0.33 15.94 -7.81
CA GLU A 117 1.72 15.76 -7.39
C GLU A 117 1.91 16.17 -5.93
N LYS A 118 1.16 17.18 -5.50
CA LYS A 118 1.27 17.65 -4.12
C LYS A 118 0.94 16.53 -3.15
N ALA A 119 0.08 15.62 -3.58
CA ALA A 119 -0.32 14.49 -2.75
C ALA A 119 0.83 13.50 -2.63
N GLY A 120 1.57 13.35 -3.72
CA GLY A 120 2.70 12.42 -3.75
C GLY A 120 3.70 12.78 -2.66
N LYS A 121 3.89 14.08 -2.43
CA LYS A 121 4.83 14.53 -1.40
C LYS A 121 4.37 14.04 -0.03
N PHE A 122 3.08 14.19 0.24
CA PHE A 122 2.52 13.77 1.52
C PHE A 122 2.52 12.24 1.63
N VAL A 123 2.31 11.56 0.51
CA VAL A 123 2.27 10.10 0.51
C VAL A 123 3.63 9.51 0.86
N ASN A 124 4.68 9.98 0.21
CA ASN A 124 6.01 9.46 0.45
C ASN A 124 6.48 9.80 1.87
N GLY A 125 6.39 11.07 2.23
CA GLY A 125 6.84 11.50 3.56
C GLY A 125 6.14 10.72 4.65
N VAL A 126 4.82 10.63 4.57
CA VAL A 126 4.06 9.90 5.57
C VAL A 126 4.29 8.39 5.42
N LEU A 127 4.57 7.94 4.19
CA LEU A 127 4.81 6.51 3.98
C LEU A 127 6.07 6.10 4.71
N SER A 128 7.09 6.92 4.60
CA SER A 128 8.37 6.66 5.26
C SER A 128 8.14 6.53 6.76
N ALA A 129 7.10 7.20 7.24
CA ALA A 129 6.77 7.19 8.66
C ALA A 129 6.56 5.76 9.16
N ILE A 130 5.94 4.93 8.34
CA ILE A 130 5.69 3.55 8.74
C ILE A 130 7.03 2.84 9.03
N TYR A 131 8.03 3.11 8.20
CA TYR A 131 9.34 2.48 8.38
C TYR A 131 9.86 2.71 9.80
N LYS A 132 9.70 3.95 10.29
CA LYS A 132 10.16 4.28 11.63
C LYS A 132 9.35 3.52 12.68
N ALA A 133 8.04 3.44 12.45
CA ALA A 133 7.16 2.74 13.38
C ALA A 133 7.46 1.24 13.36
N TYR A 134 7.85 0.74 12.20
CA TYR A 134 8.17 -0.67 12.05
C TYR A 134 9.30 -1.09 12.99
N ILE A 135 10.40 -0.35 12.93
CA ILE A 135 11.55 -0.65 13.76
C ILE A 135 11.12 -0.82 15.22
N THR A 136 10.11 -0.07 15.63
CA THR A 136 9.61 -0.14 17.01
C THR A 136 8.63 -1.30 17.15
N SER A 137 7.93 -1.62 16.06
CA SER A 137 6.97 -2.71 16.08
C SER A 137 7.68 -4.06 16.01
N SER A 138 8.90 -4.05 15.49
CA SER A 138 9.67 -5.28 15.37
C SER A 138 10.14 -5.76 16.74
N LYS A 139 10.62 -4.83 17.55
CA LYS A 139 11.10 -5.16 18.89
C LYS A 139 9.92 -5.39 19.84
N GLU A 140 10.13 -6.26 20.82
CA GLU A 140 9.09 -6.57 21.79
C GLU A 140 9.02 -5.47 22.86
N GLU A 141 7.82 -4.92 23.06
CA GLU A 141 7.64 -3.86 24.04
C GLU A 141 7.24 -4.45 25.40
N LYS A 142 6.92 -5.74 25.41
CA LYS A 142 6.53 -6.42 26.64
C LYS A 142 7.77 -6.87 27.41
N PRO A 143 7.65 -6.98 28.71
CA PRO A 143 8.79 -7.41 29.58
C PRO A 143 9.20 -8.87 29.32
N SER A 144 10.45 -9.19 29.63
CA SER A 144 10.95 -10.54 29.43
C SER A 144 11.58 -11.07 30.72
N LEU A 145 10.94 -12.07 31.32
CA LEU A 145 11.45 -12.65 32.56
C LEU A 145 11.59 -11.58 33.63
N LYS A 146 11.15 -10.37 33.31
CA LYS A 146 11.23 -9.25 34.25
C LYS A 146 9.95 -9.14 35.06
N SER A 147 8.81 -9.23 34.38
CA SER A 147 7.51 -9.14 35.04
C SER A 147 6.39 -9.45 34.05
N GLU A 148 5.16 -9.51 34.57
CA GLU A 148 4.01 -9.79 33.73
C GLU A 148 3.32 -8.50 33.29
N MET A 1 7.28 -6.04 -22.09
CA MET A 1 7.81 -6.79 -20.92
C MET A 1 7.49 -6.02 -19.64
N ARG A 2 8.05 -6.49 -18.53
CA ARG A 2 7.81 -5.85 -17.24
C ARG A 2 6.32 -5.75 -16.95
N TYR A 3 5.62 -6.88 -17.09
CA TYR A 3 4.19 -6.91 -16.85
C TYR A 3 3.89 -6.62 -15.39
N ARG A 4 4.76 -7.08 -14.50
CA ARG A 4 4.58 -6.86 -13.07
C ARG A 4 4.45 -5.37 -12.78
N LYS A 5 5.15 -4.56 -13.56
CA LYS A 5 5.13 -3.12 -13.38
C LYS A 5 3.70 -2.60 -13.45
N GLY A 6 2.94 -3.10 -14.42
CA GLY A 6 1.56 -2.68 -14.59
C GLY A 6 0.68 -3.21 -13.46
N ALA A 7 0.88 -4.47 -13.10
CA ALA A 7 0.12 -5.09 -12.02
C ALA A 7 0.27 -4.28 -10.74
N ARG A 8 1.43 -3.68 -10.55
CA ARG A 8 1.69 -2.89 -9.34
C ARG A 8 0.90 -1.58 -9.39
N ASP A 9 0.91 -0.92 -10.55
CA ASP A 9 0.20 0.34 -10.71
C ASP A 9 -1.29 0.16 -10.45
N THR A 10 -1.87 -0.84 -11.09
CA THR A 10 -3.30 -1.12 -10.95
C THR A 10 -3.67 -1.46 -9.51
N ALA A 11 -2.67 -1.84 -8.71
CA ALA A 11 -2.91 -2.20 -7.33
C ALA A 11 -3.66 -1.11 -6.59
N PHE A 12 -3.26 0.14 -6.79
CA PHE A 12 -3.89 1.24 -6.10
C PHE A 12 -5.40 1.27 -6.36
N LEU A 13 -5.77 1.17 -7.62
CA LEU A 13 -7.18 1.24 -7.98
C LEU A 13 -8.01 0.22 -7.21
N VAL A 14 -7.51 -1.00 -7.05
CA VAL A 14 -8.28 -2.00 -6.31
C VAL A 14 -8.35 -1.63 -4.85
N LEU A 15 -7.25 -1.11 -4.33
CA LEU A 15 -7.21 -0.69 -2.94
C LEU A 15 -8.20 0.44 -2.77
N TYR A 16 -8.35 1.26 -3.81
CA TYR A 16 -9.27 2.38 -3.77
C TYR A 16 -10.70 1.89 -3.59
N ARG A 17 -11.01 0.78 -4.23
CA ARG A 17 -12.35 0.20 -4.14
C ARG A 17 -12.63 -0.23 -2.70
N TRP A 18 -11.58 -0.66 -2.00
CA TRP A 18 -11.72 -1.09 -0.62
C TRP A 18 -12.19 0.05 0.25
N ASP A 19 -11.74 1.27 -0.09
CA ASP A 19 -12.13 2.44 0.67
C ASP A 19 -13.62 2.73 0.51
N LEU A 20 -14.15 2.42 -0.67
CA LEU A 20 -15.57 2.67 -0.95
C LEU A 20 -16.42 1.46 -0.60
N ARG A 21 -15.96 0.28 -1.01
CA ARG A 21 -16.71 -0.95 -0.74
C ARG A 21 -16.15 -1.67 0.49
N GLY A 22 -14.83 -1.80 0.57
CA GLY A 22 -14.21 -2.47 1.70
C GLY A 22 -14.74 -3.88 1.82
N GLU A 23 -15.27 -4.41 0.73
CA GLU A 23 -15.82 -5.77 0.72
C GLU A 23 -15.32 -6.55 -0.49
N ASN A 24 -14.75 -7.72 -0.24
CA ASN A 24 -14.23 -8.56 -1.32
C ASN A 24 -13.52 -7.71 -2.37
N PRO A 25 -12.23 -7.54 -2.23
CA PRO A 25 -11.42 -6.73 -3.19
C PRO A 25 -11.09 -7.51 -4.46
N GLY A 26 -11.11 -8.84 -4.34
CA GLY A 26 -10.80 -9.69 -5.48
C GLY A 26 -11.93 -9.66 -6.51
N GLU A 27 -13.16 -9.79 -6.02
CA GLU A 27 -14.33 -9.77 -6.90
C GLU A 27 -14.41 -8.45 -7.66
N LEU A 28 -14.26 -7.36 -6.91
CA LEU A 28 -14.31 -6.03 -7.49
C LEU A 28 -13.27 -5.88 -8.60
N PHE A 29 -12.12 -6.49 -8.40
CA PHE A 29 -11.04 -6.44 -9.37
C PHE A 29 -11.53 -6.94 -10.71
N LYS A 30 -12.37 -7.97 -10.67
CA LYS A 30 -12.90 -8.57 -11.89
C LYS A 30 -13.64 -7.53 -12.74
N GLU A 31 -14.27 -6.57 -12.09
CA GLU A 31 -15.03 -5.54 -12.79
C GLU A 31 -14.14 -4.62 -13.65
N VAL A 32 -13.01 -4.19 -13.09
CA VAL A 32 -12.10 -3.29 -13.80
C VAL A 32 -11.35 -4.00 -14.92
N VAL A 33 -10.87 -5.20 -14.65
CA VAL A 33 -10.13 -5.94 -15.66
C VAL A 33 -10.88 -5.86 -16.97
N GLU A 34 -12.20 -5.88 -16.85
CA GLU A 34 -13.08 -5.81 -18.01
C GLU A 34 -12.93 -4.45 -18.70
N GLU A 35 -12.97 -3.38 -17.93
CA GLU A 35 -12.86 -2.03 -18.48
C GLU A 35 -11.42 -1.72 -18.90
N LYS A 36 -10.46 -2.08 -18.06
CA LYS A 36 -9.06 -1.81 -18.37
C LYS A 36 -8.48 -2.88 -19.28
N ASN A 37 -9.27 -3.92 -19.54
CA ASN A 37 -8.83 -5.01 -20.40
C ASN A 37 -7.37 -5.36 -20.14
N ILE A 38 -7.02 -5.53 -18.87
CA ILE A 38 -5.65 -5.87 -18.51
C ILE A 38 -5.11 -6.96 -19.43
N LYS A 39 -4.38 -6.54 -20.47
CA LYS A 39 -3.82 -7.49 -21.41
C LYS A 39 -3.21 -8.69 -20.69
N ASN A 40 -1.90 -8.61 -20.44
CA ASN A 40 -1.20 -9.69 -19.76
C ASN A 40 -2.02 -10.21 -18.58
N LYS A 41 -2.79 -11.26 -18.81
CA LYS A 41 -3.61 -11.85 -17.76
C LYS A 41 -2.75 -12.12 -16.53
N ASP A 42 -1.50 -12.47 -16.77
CA ASP A 42 -0.56 -12.74 -15.69
C ASP A 42 -0.52 -11.56 -14.74
N ALA A 43 -0.48 -10.38 -15.35
CA ALA A 43 -0.44 -9.13 -14.60
C ALA A 43 -1.68 -8.97 -13.75
N TYR A 44 -2.85 -9.18 -14.33
CA TYR A 44 -4.09 -9.04 -13.60
C TYR A 44 -4.08 -9.93 -12.37
N GLU A 45 -3.57 -11.16 -12.53
CA GLU A 45 -3.50 -12.08 -11.41
C GLU A 45 -2.47 -11.57 -10.42
N TYR A 46 -1.32 -11.20 -10.95
CA TYR A 46 -0.25 -10.67 -10.12
C TYR A 46 -0.72 -9.44 -9.38
N ALA A 47 -1.52 -8.64 -10.08
CA ALA A 47 -2.06 -7.42 -9.50
C ALA A 47 -2.97 -7.74 -8.32
N LYS A 48 -3.73 -8.81 -8.46
CA LYS A 48 -4.66 -9.22 -7.41
C LYS A 48 -3.87 -9.53 -6.15
N LYS A 49 -2.86 -10.36 -6.28
CA LYS A 49 -2.04 -10.72 -5.13
C LYS A 49 -1.44 -9.47 -4.52
N LEU A 50 -1.17 -8.47 -5.35
CA LEU A 50 -0.57 -7.24 -4.86
C LEU A 50 -1.42 -6.60 -3.77
N VAL A 51 -2.72 -6.49 -4.00
CA VAL A 51 -3.58 -5.90 -3.00
C VAL A 51 -3.64 -6.79 -1.78
N ASP A 52 -3.58 -8.08 -1.98
CA ASP A 52 -3.67 -8.99 -0.86
C ASP A 52 -2.56 -8.72 0.14
N THR A 53 -1.44 -8.24 -0.35
CA THR A 53 -0.33 -7.91 0.52
C THR A 53 -0.79 -6.86 1.49
N ALA A 54 -1.69 -6.04 0.99
CA ALA A 54 -2.28 -4.97 1.77
C ALA A 54 -3.35 -5.50 2.71
N VAL A 55 -4.12 -6.46 2.22
CA VAL A 55 -5.21 -7.04 2.98
C VAL A 55 -4.70 -8.05 4.01
N ARG A 56 -3.47 -8.49 3.86
CA ARG A 56 -2.89 -9.45 4.79
C ARG A 56 -3.07 -8.96 6.22
N HIS A 57 -3.41 -7.68 6.36
CA HIS A 57 -3.61 -7.08 7.69
C HIS A 57 -4.82 -6.16 7.70
N ILE A 58 -4.82 -5.16 6.81
CA ILE A 58 -5.93 -4.20 6.69
C ILE A 58 -5.88 -3.11 7.75
N GLU A 59 -6.65 -3.28 8.82
CA GLU A 59 -6.72 -2.29 9.89
C GLU A 59 -5.36 -2.07 10.52
N GLU A 60 -4.67 -3.15 10.81
CA GLU A 60 -3.35 -3.04 11.42
C GLU A 60 -2.47 -2.09 10.64
N ILE A 61 -2.60 -2.11 9.30
CA ILE A 61 -1.79 -1.21 8.49
C ILE A 61 -2.12 0.23 8.85
N ASP A 62 -3.40 0.57 8.87
CA ASP A 62 -3.80 1.92 9.21
C ASP A 62 -3.21 2.24 10.58
N SER A 63 -3.35 1.29 11.50
CA SER A 63 -2.81 1.44 12.84
C SER A 63 -1.30 1.65 12.76
N ILE A 64 -0.66 0.86 11.90
CA ILE A 64 0.79 0.95 11.71
C ILE A 64 1.14 2.36 11.24
N ILE A 65 0.26 2.93 10.43
CA ILE A 65 0.43 4.28 9.93
C ILE A 65 0.31 5.30 11.06
N GLU A 66 -0.67 5.10 11.93
CA GLU A 66 -0.94 6.03 13.01
C GLU A 66 0.23 6.16 13.99
N LYS A 67 0.96 5.08 14.22
CA LYS A 67 2.06 5.12 15.16
C LYS A 67 3.04 6.23 14.80
N HIS A 68 3.09 6.60 13.52
CA HIS A 68 4.00 7.66 13.09
C HIS A 68 3.25 8.98 12.88
N LEU A 69 2.03 8.91 12.33
CA LEU A 69 1.25 10.13 12.09
C LEU A 69 1.38 11.09 13.26
N LYS A 70 1.74 10.56 14.42
CA LYS A 70 1.90 11.38 15.62
C LYS A 70 0.55 11.89 16.11
N GLY A 71 -0.50 11.63 15.33
CA GLY A 71 -1.84 12.07 15.70
C GLY A 71 -2.74 12.18 14.48
N TRP A 72 -2.20 12.76 13.41
CA TRP A 72 -2.97 12.93 12.18
C TRP A 72 -3.62 11.62 11.77
N SER A 73 -4.30 11.64 10.62
CA SER A 73 -4.98 10.46 10.11
C SER A 73 -4.51 10.17 8.68
N ILE A 74 -4.40 8.88 8.35
CA ILE A 74 -3.96 8.50 7.01
C ILE A 74 -4.88 9.13 5.98
N ASP A 75 -6.10 9.43 6.41
CA ASP A 75 -7.07 10.07 5.52
C ASP A 75 -6.52 11.41 5.03
N ARG A 76 -5.59 11.98 5.80
CA ARG A 76 -4.97 13.27 5.47
C ARG A 76 -5.25 13.67 4.02
N LEU A 77 -5.68 14.92 3.83
CA LEU A 77 -5.99 15.45 2.50
C LEU A 77 -5.49 14.52 1.40
N GLY A 78 -6.42 14.08 0.55
CA GLY A 78 -6.08 13.18 -0.56
C GLY A 78 -6.75 11.83 -0.38
N TYR A 79 -7.76 11.56 -1.22
CA TYR A 79 -8.48 10.31 -1.13
C TYR A 79 -7.61 9.15 -1.64
N VAL A 80 -7.07 9.31 -2.85
CA VAL A 80 -6.23 8.28 -3.42
C VAL A 80 -5.12 7.89 -2.47
N GLU A 81 -4.44 8.90 -1.94
CA GLU A 81 -3.34 8.69 -1.03
C GLU A 81 -3.72 7.70 0.07
N ARG A 82 -4.88 7.88 0.68
CA ARG A 82 -5.30 7.00 1.76
C ARG A 82 -5.21 5.55 1.32
N ASN A 83 -5.79 5.23 0.17
CA ASN A 83 -5.76 3.86 -0.32
C ASN A 83 -4.35 3.51 -0.81
N ALA A 84 -3.74 4.44 -1.52
CA ALA A 84 -2.40 4.23 -2.04
C ALA A 84 -1.44 3.96 -0.89
N LEU A 85 -1.65 4.66 0.20
CA LEU A 85 -0.79 4.50 1.35
C LEU A 85 -0.77 3.05 1.78
N ARG A 86 -1.94 2.44 1.85
CA ARG A 86 -2.03 1.05 2.25
C ARG A 86 -1.25 0.17 1.28
N LEU A 87 -1.39 0.47 -0.01
CA LEU A 87 -0.70 -0.30 -1.02
C LEU A 87 0.82 -0.22 -0.85
N GLY A 88 1.32 0.95 -0.47
CA GLY A 88 2.75 1.13 -0.31
C GLY A 88 3.29 0.31 0.86
N VAL A 89 2.61 0.41 1.99
CA VAL A 89 3.03 -0.31 3.18
C VAL A 89 2.94 -1.82 2.96
N ALA A 90 2.00 -2.24 2.13
CA ALA A 90 1.85 -3.66 1.88
C ALA A 90 3.22 -4.28 1.64
N GLU A 91 4.06 -3.59 0.88
CA GLU A 91 5.38 -4.12 0.61
C GLU A 91 6.23 -4.16 1.89
N LEU A 92 6.41 -3.00 2.50
CA LEU A 92 7.21 -2.88 3.74
C LEU A 92 7.74 -4.23 4.20
N ILE A 93 6.92 -4.94 4.99
CA ILE A 93 7.33 -6.24 5.52
C ILE A 93 6.39 -7.34 5.07
N PHE A 94 5.14 -6.98 4.84
CA PHE A 94 4.14 -7.96 4.44
C PHE A 94 4.62 -8.76 3.23
N LEU A 95 5.25 -8.09 2.30
CA LEU A 95 5.77 -8.74 1.10
C LEU A 95 7.28 -8.97 1.19
N LYS A 96 7.94 -8.22 2.08
CA LYS A 96 9.39 -8.36 2.24
C LYS A 96 10.12 -7.99 0.95
N SER A 97 10.45 -6.71 0.81
CA SER A 97 11.14 -6.24 -0.38
C SER A 97 12.62 -6.03 -0.11
N LYS A 98 13.37 -5.66 -1.15
CA LYS A 98 14.81 -5.42 -1.02
C LYS A 98 15.10 -3.94 -0.88
N GLU A 99 14.38 -3.12 -1.66
CA GLU A 99 14.56 -1.67 -1.61
C GLU A 99 13.20 -0.98 -1.47
N PRO A 100 12.64 -1.02 -0.29
CA PRO A 100 11.32 -0.39 -0.01
C PRO A 100 11.25 1.09 -0.41
N GLY A 101 12.38 1.79 -0.28
CA GLY A 101 12.43 3.21 -0.62
C GLY A 101 12.08 3.44 -2.09
N ARG A 102 12.72 2.67 -2.97
CA ARG A 102 12.47 2.79 -4.41
C ARG A 102 11.09 2.27 -4.77
N VAL A 103 10.65 1.23 -4.08
CA VAL A 103 9.34 0.63 -4.37
C VAL A 103 8.24 1.68 -4.22
N PHE A 104 8.25 2.42 -3.12
CA PHE A 104 7.21 3.42 -2.91
C PHE A 104 7.16 4.38 -4.10
N ILE A 105 8.32 4.87 -4.51
CA ILE A 105 8.38 5.83 -5.60
C ILE A 105 7.55 5.36 -6.79
N ASP A 106 7.80 4.13 -7.24
CA ASP A 106 7.06 3.60 -8.36
C ASP A 106 5.59 3.68 -8.05
N ILE A 107 5.24 3.21 -6.86
CA ILE A 107 3.87 3.25 -6.43
C ILE A 107 3.38 4.68 -6.44
N VAL A 108 4.22 5.57 -5.92
CA VAL A 108 3.88 6.98 -5.88
C VAL A 108 3.83 7.55 -7.29
N ASP A 109 4.72 7.09 -8.15
CA ASP A 109 4.72 7.56 -9.52
C ASP A 109 3.40 7.22 -10.16
N LEU A 110 2.87 6.06 -9.79
CA LEU A 110 1.58 5.62 -10.32
C LEU A 110 0.49 6.61 -9.93
N VAL A 111 0.64 7.19 -8.75
CA VAL A 111 -0.33 8.17 -8.25
C VAL A 111 -0.32 9.42 -9.12
N LYS A 112 0.87 9.83 -9.56
CA LYS A 112 1.00 11.02 -10.38
C LYS A 112 0.04 10.97 -11.56
N LYS A 113 -0.12 9.78 -12.11
CA LYS A 113 -0.99 9.57 -13.26
C LYS A 113 -2.45 9.91 -12.90
N TYR A 114 -2.89 9.44 -11.74
CA TYR A 114 -4.26 9.67 -11.31
C TYR A 114 -4.36 10.91 -10.42
N ALA A 115 -3.84 10.79 -9.20
CA ALA A 115 -3.88 11.90 -8.26
C ALA A 115 -2.82 12.94 -8.59
N ASP A 116 -2.92 14.11 -7.96
CA ASP A 116 -1.97 15.19 -8.20
C ASP A 116 -0.59 14.84 -7.63
N GLU A 117 0.44 15.48 -8.20
CA GLU A 117 1.81 15.25 -7.77
C GLU A 117 2.00 15.66 -6.31
N LYS A 118 1.28 16.71 -5.89
CA LYS A 118 1.38 17.19 -4.52
C LYS A 118 0.99 16.09 -3.54
N ALA A 119 0.04 15.26 -3.97
CA ALA A 119 -0.43 14.16 -3.14
C ALA A 119 0.64 13.07 -3.05
N GLY A 120 1.35 12.88 -4.16
CA GLY A 120 2.40 11.88 -4.21
C GLY A 120 3.47 12.13 -3.16
N LYS A 121 3.75 13.40 -2.90
CA LYS A 121 4.75 13.76 -1.90
C LYS A 121 4.32 13.24 -0.53
N PHE A 122 3.05 13.45 -0.21
CA PHE A 122 2.52 12.99 1.07
C PHE A 122 2.57 11.47 1.16
N VAL A 123 2.22 10.80 0.07
CA VAL A 123 2.23 9.33 0.05
C VAL A 123 3.63 8.79 0.29
N ASN A 124 4.61 9.34 -0.41
CA ASN A 124 5.98 8.86 -0.26
C ASN A 124 6.52 9.22 1.12
N GLY A 125 6.39 10.48 1.50
CA GLY A 125 6.87 10.93 2.80
C GLY A 125 6.24 10.14 3.93
N VAL A 126 4.92 9.99 3.89
CA VAL A 126 4.21 9.25 4.92
C VAL A 126 4.57 7.77 4.86
N LEU A 127 4.92 7.27 3.68
CA LEU A 127 5.28 5.86 3.53
C LEU A 127 6.45 5.52 4.44
N SER A 128 7.47 6.37 4.42
CA SER A 128 8.65 6.18 5.25
C SER A 128 8.27 6.20 6.72
N ALA A 129 7.22 6.94 7.05
CA ALA A 129 6.78 7.04 8.44
C ALA A 129 6.49 5.67 9.02
N ILE A 130 5.91 4.79 8.20
CA ILE A 130 5.60 3.44 8.66
C ILE A 130 6.90 2.65 8.91
N TYR A 131 7.88 2.85 8.03
CA TYR A 131 9.15 2.14 8.15
C TYR A 131 9.76 2.35 9.53
N LYS A 132 9.83 3.60 9.97
CA LYS A 132 10.39 3.90 11.28
C LYS A 132 9.62 3.17 12.37
N ALA A 133 8.30 3.13 12.23
CA ALA A 133 7.45 2.47 13.21
C ALA A 133 7.74 0.97 13.25
N TYR A 134 8.08 0.40 12.10
CA TYR A 134 8.36 -1.03 12.03
C TYR A 134 9.57 -1.39 12.89
N ILE A 135 10.67 -0.67 12.69
CA ILE A 135 11.89 -0.95 13.45
C ILE A 135 11.58 -0.93 14.95
N THR A 136 10.59 -0.13 15.34
CA THR A 136 10.20 -0.05 16.75
C THR A 136 9.21 -1.15 17.08
N SER A 137 8.40 -1.54 16.10
CA SER A 137 7.41 -2.59 16.29
C SER A 137 8.08 -3.96 16.38
N SER A 138 9.14 -4.15 15.59
CA SER A 138 9.86 -5.42 15.59
C SER A 138 10.82 -5.48 16.78
N LYS A 139 11.24 -6.70 17.12
CA LYS A 139 12.15 -6.89 18.24
C LYS A 139 13.01 -8.14 18.04
N GLU A 140 14.22 -8.11 18.56
CA GLU A 140 15.13 -9.25 18.43
C GLU A 140 14.39 -10.55 18.71
N GLU A 141 13.39 -10.48 19.58
CA GLU A 141 12.62 -11.67 19.93
C GLU A 141 11.34 -11.28 20.67
N LYS A 142 10.55 -12.28 21.05
CA LYS A 142 9.31 -12.03 21.78
C LYS A 142 9.61 -11.55 23.19
N PRO A 143 8.69 -10.83 23.78
CA PRO A 143 8.87 -10.30 25.18
C PRO A 143 8.93 -11.42 26.20
N SER A 144 9.58 -11.15 27.33
CA SER A 144 9.71 -12.14 28.39
C SER A 144 9.84 -11.46 29.76
N LEU A 145 10.83 -11.89 30.53
CA LEU A 145 11.05 -11.33 31.86
C LEU A 145 11.73 -9.97 31.75
N LYS A 146 13.03 -9.95 32.02
CA LYS A 146 13.80 -8.71 31.95
C LYS A 146 15.22 -8.99 31.45
N SER A 147 16.07 -7.97 31.50
CA SER A 147 17.45 -8.11 31.05
C SER A 147 17.50 -8.74 29.66
N GLU A 148 16.80 -8.12 28.72
CA GLU A 148 16.77 -8.63 27.34
C GLU A 148 18.14 -8.50 26.69
N MET A 1 10.01 -6.04 -19.50
CA MET A 1 8.80 -5.36 -20.05
C MET A 1 8.04 -4.69 -18.91
N ARG A 2 8.60 -4.75 -17.71
CA ARG A 2 7.96 -4.15 -16.54
C ARG A 2 6.49 -4.55 -16.47
N TYR A 3 6.21 -5.81 -16.76
CA TYR A 3 4.83 -6.30 -16.73
C TYR A 3 4.30 -6.28 -15.29
N ARG A 4 5.16 -6.66 -14.35
CA ARG A 4 4.78 -6.69 -12.94
C ARG A 4 4.55 -5.28 -12.41
N LYS A 5 5.31 -4.33 -12.95
CA LYS A 5 5.19 -2.94 -12.51
C LYS A 5 3.75 -2.46 -12.66
N GLY A 6 3.08 -2.91 -13.71
CA GLY A 6 1.70 -2.53 -13.96
C GLY A 6 0.76 -3.23 -12.98
N ALA A 7 1.12 -4.45 -12.59
CA ALA A 7 0.30 -5.21 -11.66
C ALA A 7 0.23 -4.52 -10.31
N ARG A 8 1.35 -3.97 -9.87
CA ARG A 8 1.40 -3.28 -8.58
C ARG A 8 0.71 -1.92 -8.67
N ASP A 9 0.82 -1.26 -9.81
CA ASP A 9 0.20 0.04 -10.00
C ASP A 9 -1.31 -0.06 -9.83
N THR A 10 -1.91 -1.06 -10.48
CA THR A 10 -3.35 -1.27 -10.40
C THR A 10 -3.81 -1.56 -8.97
N ALA A 11 -2.87 -1.97 -8.13
CA ALA A 11 -3.19 -2.29 -6.73
C ALA A 11 -3.93 -1.15 -6.05
N PHE A 12 -3.49 0.08 -6.31
CA PHE A 12 -4.10 1.24 -5.67
C PHE A 12 -5.60 1.32 -5.95
N LEU A 13 -5.97 1.20 -7.21
CA LEU A 13 -7.38 1.29 -7.57
C LEU A 13 -8.22 0.29 -6.78
N VAL A 14 -7.69 -0.90 -6.57
CA VAL A 14 -8.42 -1.91 -5.82
C VAL A 14 -8.58 -1.46 -4.39
N LEU A 15 -7.51 -0.92 -3.84
CA LEU A 15 -7.53 -0.44 -2.48
C LEU A 15 -8.55 0.70 -2.39
N TYR A 16 -8.65 1.47 -3.46
CA TYR A 16 -9.60 2.57 -3.50
C TYR A 16 -11.02 2.03 -3.37
N ARG A 17 -11.28 0.91 -4.03
CA ARG A 17 -12.59 0.30 -3.97
C ARG A 17 -12.89 -0.18 -2.56
N TRP A 18 -11.84 -0.57 -1.85
CA TRP A 18 -11.98 -1.04 -0.48
C TRP A 18 -12.53 0.07 0.40
N ASP A 19 -12.13 1.31 0.09
CA ASP A 19 -12.59 2.46 0.84
C ASP A 19 -14.09 2.68 0.65
N LEU A 20 -14.58 2.37 -0.55
CA LEU A 20 -15.99 2.54 -0.86
C LEU A 20 -16.81 1.30 -0.54
N ARG A 21 -16.30 0.14 -0.94
CA ARG A 21 -17.01 -1.13 -0.71
C ARG A 21 -16.43 -1.85 0.50
N GLY A 22 -15.11 -1.97 0.56
CA GLY A 22 -14.46 -2.65 1.68
C GLY A 22 -14.94 -4.10 1.79
N GLU A 23 -15.48 -4.63 0.69
CA GLU A 23 -15.98 -6.00 0.68
C GLU A 23 -15.48 -6.76 -0.55
N ASN A 24 -14.98 -7.97 -0.32
CA ASN A 24 -14.48 -8.81 -1.42
C ASN A 24 -13.78 -7.96 -2.48
N PRO A 25 -12.48 -7.79 -2.37
CA PRO A 25 -11.69 -6.99 -3.35
C PRO A 25 -11.31 -7.80 -4.58
N GLY A 26 -11.40 -9.13 -4.47
CA GLY A 26 -11.07 -10.01 -5.58
C GLY A 26 -12.15 -9.96 -6.66
N GLU A 27 -13.40 -10.07 -6.24
CA GLU A 27 -14.51 -10.05 -7.18
C GLU A 27 -14.52 -8.73 -7.95
N LEU A 28 -14.44 -7.64 -7.21
CA LEU A 28 -14.43 -6.31 -7.80
C LEU A 28 -13.29 -6.18 -8.81
N PHE A 29 -12.16 -6.81 -8.50
CA PHE A 29 -11.01 -6.76 -9.37
C PHE A 29 -11.39 -7.26 -10.77
N LYS A 30 -12.21 -8.31 -10.80
CA LYS A 30 -12.64 -8.91 -12.06
C LYS A 30 -13.34 -7.89 -12.97
N GLU A 31 -14.04 -6.96 -12.36
CA GLU A 31 -14.78 -5.95 -13.13
C GLU A 31 -13.86 -4.93 -13.82
N VAL A 32 -12.81 -4.51 -13.13
CA VAL A 32 -11.89 -3.52 -13.69
C VAL A 32 -10.99 -4.11 -14.77
N VAL A 33 -10.48 -5.31 -14.53
CA VAL A 33 -9.59 -5.95 -15.49
C VAL A 33 -10.21 -5.81 -16.88
N GLU A 34 -11.52 -5.89 -16.91
CA GLU A 34 -12.28 -5.78 -18.15
C GLU A 34 -12.11 -4.40 -18.78
N GLU A 35 -12.30 -3.36 -17.97
CA GLU A 35 -12.19 -1.99 -18.47
C GLU A 35 -10.73 -1.59 -18.69
N LYS A 36 -9.87 -1.91 -17.72
CA LYS A 36 -8.46 -1.55 -17.82
C LYS A 36 -7.75 -2.38 -18.89
N ASN A 37 -8.47 -3.32 -19.48
CA ASN A 37 -7.88 -4.18 -20.51
C ASN A 37 -6.44 -4.53 -20.16
N ILE A 38 -6.23 -4.87 -18.89
CA ILE A 38 -4.90 -5.22 -18.40
C ILE A 38 -4.08 -5.93 -19.48
N LYS A 39 -4.73 -6.79 -20.24
CA LYS A 39 -4.06 -7.53 -21.31
C LYS A 39 -3.28 -8.71 -20.74
N ASN A 40 -2.14 -8.42 -20.11
CA ASN A 40 -1.32 -9.47 -19.53
C ASN A 40 -2.03 -10.09 -18.33
N LYS A 41 -2.82 -11.13 -18.58
CA LYS A 41 -3.55 -11.80 -17.51
C LYS A 41 -2.60 -12.18 -16.39
N ASP A 42 -1.37 -12.53 -16.75
CA ASP A 42 -0.36 -12.88 -15.76
C ASP A 42 -0.24 -11.76 -14.75
N ALA A 43 -0.29 -10.55 -15.27
CA ALA A 43 -0.16 -9.36 -14.46
C ALA A 43 -1.40 -9.16 -13.59
N TYR A 44 -2.58 -9.31 -14.20
CA TYR A 44 -3.82 -9.13 -13.47
C TYR A 44 -3.88 -10.07 -12.27
N GLU A 45 -3.47 -11.31 -12.48
CA GLU A 45 -3.47 -12.29 -11.40
C GLU A 45 -2.42 -11.89 -10.39
N TYR A 46 -1.24 -11.57 -10.89
CA TYR A 46 -0.16 -11.16 -10.03
C TYR A 46 -0.57 -9.93 -9.24
N ALA A 47 -1.32 -9.07 -9.91
CA ALA A 47 -1.81 -7.85 -9.28
C ALA A 47 -2.77 -8.17 -8.16
N LYS A 48 -3.60 -9.17 -8.38
CA LYS A 48 -4.58 -9.57 -7.39
C LYS A 48 -3.87 -9.93 -6.10
N LYS A 49 -2.90 -10.82 -6.22
CA LYS A 49 -2.13 -11.24 -5.05
C LYS A 49 -1.46 -10.02 -4.43
N LEU A 50 -1.03 -9.10 -5.28
CA LEU A 50 -0.36 -7.90 -4.80
C LEU A 50 -1.27 -7.10 -3.89
N VAL A 51 -2.53 -6.98 -4.26
CA VAL A 51 -3.46 -6.22 -3.46
C VAL A 51 -3.69 -6.88 -2.11
N ASP A 52 -3.66 -8.20 -2.08
CA ASP A 52 -3.90 -8.92 -0.84
C ASP A 52 -2.84 -8.57 0.20
N THR A 53 -1.66 -8.25 -0.26
CA THR A 53 -0.58 -7.89 0.64
C THR A 53 -1.03 -6.72 1.47
N ALA A 54 -1.84 -5.91 0.84
CA ALA A 54 -2.41 -4.73 1.47
C ALA A 54 -3.54 -5.14 2.41
N VAL A 55 -4.36 -6.07 1.94
CA VAL A 55 -5.50 -6.55 2.70
C VAL A 55 -5.06 -7.56 3.77
N ARG A 56 -3.85 -8.08 3.61
CA ARG A 56 -3.32 -9.05 4.56
C ARG A 56 -3.41 -8.51 5.98
N HIS A 57 -3.64 -7.21 6.11
CA HIS A 57 -3.74 -6.57 7.42
C HIS A 57 -4.99 -5.70 7.49
N ILE A 58 -5.02 -4.63 6.69
CA ILE A 58 -6.16 -3.72 6.63
C ILE A 58 -6.10 -2.65 7.74
N GLU A 59 -6.89 -2.86 8.79
CA GLU A 59 -6.94 -1.89 9.88
C GLU A 59 -5.58 -1.71 10.53
N GLU A 60 -4.92 -2.82 10.78
CA GLU A 60 -3.61 -2.76 11.39
C GLU A 60 -2.70 -1.83 10.61
N ILE A 61 -2.84 -1.84 9.28
CA ILE A 61 -2.01 -0.96 8.46
C ILE A 61 -2.27 0.49 8.85
N ASP A 62 -3.54 0.87 8.91
CA ASP A 62 -3.87 2.22 9.29
C ASP A 62 -3.24 2.50 10.65
N SER A 63 -3.40 1.55 11.55
CA SER A 63 -2.82 1.64 12.88
C SER A 63 -1.30 1.78 12.76
N ILE A 64 -0.72 0.96 11.88
CA ILE A 64 0.71 0.98 11.65
C ILE A 64 1.11 2.37 11.18
N ILE A 65 0.23 2.98 10.38
CA ILE A 65 0.46 4.33 9.89
C ILE A 65 0.33 5.33 11.04
N GLU A 66 -0.67 5.12 11.88
CA GLU A 66 -0.94 6.02 12.99
C GLU A 66 0.22 6.10 13.98
N LYS A 67 0.91 4.99 14.18
CA LYS A 67 2.00 4.96 15.14
C LYS A 67 3.01 6.05 14.82
N HIS A 68 3.07 6.48 13.56
CA HIS A 68 3.99 7.54 13.17
C HIS A 68 3.28 8.88 13.01
N LEU A 69 2.07 8.86 12.44
CA LEU A 69 1.32 10.10 12.25
C LEU A 69 1.45 11.00 13.46
N LYS A 70 1.80 10.41 14.60
CA LYS A 70 1.97 11.18 15.83
C LYS A 70 0.62 11.66 16.36
N GLY A 71 -0.06 12.48 15.57
CA GLY A 71 -1.36 13.01 15.99
C GLY A 71 -2.18 13.43 14.77
N TRP A 72 -2.08 12.66 13.69
CA TRP A 72 -2.82 12.96 12.47
C TRP A 72 -3.55 11.71 11.97
N SER A 73 -4.16 11.83 10.78
CA SER A 73 -4.88 10.71 10.19
C SER A 73 -4.36 10.43 8.78
N ILE A 74 -4.30 9.16 8.42
CA ILE A 74 -3.82 8.78 7.10
C ILE A 74 -4.66 9.47 6.03
N ASP A 75 -5.87 9.85 6.41
CA ASP A 75 -6.77 10.54 5.50
C ASP A 75 -6.19 11.89 5.11
N ARG A 76 -5.31 12.42 5.96
CA ARG A 76 -4.67 13.73 5.71
C ARG A 76 -4.86 14.17 4.25
N LEU A 77 -6.04 14.72 3.96
CA LEU A 77 -6.32 15.19 2.60
C LEU A 77 -6.02 14.10 1.57
N GLY A 78 -6.47 14.32 0.34
CA GLY A 78 -6.24 13.36 -0.73
C GLY A 78 -6.92 12.03 -0.43
N TYR A 79 -7.92 11.69 -1.24
CA TYR A 79 -8.64 10.44 -1.05
C TYR A 79 -7.79 9.26 -1.51
N VAL A 80 -7.27 9.36 -2.73
CA VAL A 80 -6.44 8.29 -3.29
C VAL A 80 -5.33 7.92 -2.32
N GLU A 81 -4.64 8.94 -1.83
CA GLU A 81 -3.53 8.72 -0.90
C GLU A 81 -3.92 7.75 0.20
N ARG A 82 -5.08 7.96 0.82
CA ARG A 82 -5.51 7.09 1.90
C ARG A 82 -5.48 5.63 1.47
N ASN A 83 -6.09 5.32 0.34
CA ASN A 83 -6.11 3.94 -0.13
C ASN A 83 -4.73 3.55 -0.67
N ALA A 84 -4.12 4.48 -1.37
CA ALA A 84 -2.80 4.23 -1.94
C ALA A 84 -1.81 3.89 -0.84
N LEU A 85 -1.97 4.56 0.30
CA LEU A 85 -1.07 4.34 1.41
C LEU A 85 -1.02 2.87 1.77
N ARG A 86 -2.19 2.24 1.83
CA ARG A 86 -2.24 0.83 2.18
C ARG A 86 -1.43 0.01 1.18
N LEU A 87 -1.60 0.29 -0.10
CA LEU A 87 -0.88 -0.45 -1.11
C LEU A 87 0.63 -0.26 -0.98
N GLY A 88 1.05 0.94 -0.60
CA GLY A 88 2.47 1.22 -0.46
C GLY A 88 3.08 0.44 0.69
N VAL A 89 2.42 0.48 1.84
CA VAL A 89 2.92 -0.23 3.02
C VAL A 89 2.92 -1.72 2.77
N ALA A 90 1.97 -2.18 1.96
CA ALA A 90 1.89 -3.59 1.67
C ALA A 90 3.29 -4.13 1.38
N GLU A 91 4.04 -3.39 0.59
CA GLU A 91 5.38 -3.82 0.27
C GLU A 91 6.28 -3.70 1.50
N LEU A 92 6.38 -2.48 2.03
CA LEU A 92 7.20 -2.20 3.21
C LEU A 92 7.82 -3.47 3.79
N ILE A 93 7.06 -4.20 4.60
CA ILE A 93 7.57 -5.41 5.23
C ILE A 93 6.76 -6.64 4.84
N PHE A 94 5.48 -6.45 4.61
CA PHE A 94 4.61 -7.58 4.30
C PHE A 94 5.15 -8.40 3.15
N LEU A 95 5.61 -7.73 2.12
CA LEU A 95 6.17 -8.41 0.95
C LEU A 95 7.69 -8.37 0.97
N LYS A 96 8.25 -7.66 1.94
CA LYS A 96 9.71 -7.55 2.05
C LYS A 96 10.34 -7.32 0.68
N SER A 97 10.16 -6.11 0.15
CA SER A 97 10.70 -5.77 -1.16
C SER A 97 12.22 -5.62 -1.09
N LYS A 98 12.90 -5.89 -2.21
CA LYS A 98 14.35 -5.78 -2.26
C LYS A 98 14.76 -4.31 -2.39
N GLU A 99 13.85 -3.50 -2.91
CA GLU A 99 14.11 -2.07 -3.09
C GLU A 99 12.91 -1.26 -2.62
N PRO A 100 12.67 -1.23 -1.33
CA PRO A 100 11.53 -0.50 -0.72
C PRO A 100 11.50 0.98 -1.14
N GLY A 101 12.65 1.63 -1.14
CA GLY A 101 12.73 3.03 -1.52
C GLY A 101 12.27 3.25 -2.95
N ARG A 102 12.78 2.43 -3.85
CA ARG A 102 12.43 2.53 -5.27
C ARG A 102 11.00 2.05 -5.49
N VAL A 103 10.59 1.04 -4.73
CA VAL A 103 9.24 0.50 -4.88
C VAL A 103 8.21 1.59 -4.66
N PHE A 104 8.34 2.34 -3.58
CA PHE A 104 7.38 3.40 -3.30
C PHE A 104 7.28 4.34 -4.49
N ILE A 105 8.43 4.78 -4.99
CA ILE A 105 8.45 5.70 -6.11
C ILE A 105 7.53 5.25 -7.23
N ASP A 106 7.71 4.01 -7.67
CA ASP A 106 6.86 3.50 -8.73
C ASP A 106 5.42 3.63 -8.32
N ILE A 107 5.12 3.18 -7.11
CA ILE A 107 3.77 3.28 -6.59
C ILE A 107 3.36 4.74 -6.57
N VAL A 108 4.27 5.59 -6.13
CA VAL A 108 3.99 7.01 -6.06
C VAL A 108 3.87 7.59 -7.45
N ASP A 109 4.69 7.10 -8.37
CA ASP A 109 4.64 7.58 -9.73
C ASP A 109 3.25 7.28 -10.27
N LEU A 110 2.71 6.15 -9.83
CA LEU A 110 1.37 5.74 -10.25
C LEU A 110 0.35 6.81 -9.85
N VAL A 111 0.58 7.43 -8.69
CA VAL A 111 -0.31 8.45 -8.18
C VAL A 111 -0.27 9.68 -9.11
N LYS A 112 0.92 10.01 -9.59
CA LYS A 112 1.08 11.16 -10.45
C LYS A 112 0.11 11.09 -11.62
N LYS A 113 -0.09 9.88 -12.12
CA LYS A 113 -0.99 9.66 -13.24
C LYS A 113 -2.44 9.93 -12.86
N TYR A 114 -2.85 9.43 -11.70
CA TYR A 114 -4.22 9.62 -11.24
C TYR A 114 -4.36 10.87 -10.37
N ALA A 115 -3.81 10.80 -9.16
CA ALA A 115 -3.89 11.92 -8.24
C ALA A 115 -2.76 12.93 -8.50
N ASP A 116 -2.94 14.14 -7.99
CA ASP A 116 -1.94 15.19 -8.17
C ASP A 116 -0.57 14.75 -7.64
N GLU A 117 0.47 15.32 -8.21
CA GLU A 117 1.84 14.99 -7.81
C GLU A 117 2.09 15.37 -6.35
N LYS A 118 1.42 16.42 -5.89
CA LYS A 118 1.59 16.89 -4.52
C LYS A 118 1.21 15.78 -3.53
N ALA A 119 0.25 14.95 -3.93
CA ALA A 119 -0.20 13.85 -3.08
C ALA A 119 0.89 12.78 -3.00
N GLY A 120 1.57 12.57 -4.11
CA GLY A 120 2.63 11.57 -4.18
C GLY A 120 3.71 11.86 -3.14
N LYS A 121 3.99 13.14 -2.92
CA LYS A 121 5.00 13.52 -1.94
C LYS A 121 4.59 13.04 -0.56
N PHE A 122 3.33 13.29 -0.21
CA PHE A 122 2.80 12.88 1.08
C PHE A 122 2.75 11.35 1.17
N VAL A 123 2.30 10.71 0.10
CA VAL A 123 2.19 9.26 0.07
C VAL A 123 3.56 8.61 0.27
N ASN A 124 4.58 9.12 -0.43
CA ASN A 124 5.91 8.55 -0.31
C ASN A 124 6.50 8.81 1.08
N GLY A 125 6.48 10.07 1.50
CA GLY A 125 7.03 10.45 2.81
C GLY A 125 6.35 9.68 3.93
N VAL A 126 5.02 9.74 3.96
CA VAL A 126 4.26 9.06 5.00
C VAL A 126 4.54 7.55 4.98
N LEU A 127 4.89 7.02 3.80
CA LEU A 127 5.17 5.58 3.70
C LEU A 127 6.38 5.21 4.57
N SER A 128 7.44 6.00 4.44
CA SER A 128 8.65 5.76 5.21
C SER A 128 8.36 5.82 6.71
N ALA A 129 7.36 6.63 7.06
CA ALA A 129 6.97 6.80 8.45
C ALA A 129 6.60 5.46 9.08
N ILE A 130 5.98 4.58 8.28
CA ILE A 130 5.60 3.27 8.78
C ILE A 130 6.85 2.43 9.08
N TYR A 131 7.86 2.55 8.23
CA TYR A 131 9.09 1.78 8.41
C TYR A 131 9.68 1.98 9.81
N LYS A 132 9.87 3.23 10.20
CA LYS A 132 10.45 3.52 11.52
C LYS A 132 9.62 2.85 12.61
N ALA A 133 8.30 2.83 12.41
CA ALA A 133 7.41 2.22 13.39
C ALA A 133 7.72 0.72 13.52
N TYR A 134 8.00 0.08 12.39
CA TYR A 134 8.31 -1.34 12.37
C TYR A 134 9.56 -1.64 13.20
N ILE A 135 10.44 -0.67 13.33
CA ILE A 135 11.67 -0.86 14.09
C ILE A 135 11.56 -0.31 15.50
N THR A 136 10.75 0.75 15.66
CA THR A 136 10.57 1.36 16.96
C THR A 136 9.43 0.68 17.73
N SER A 137 8.55 0.00 17.00
CA SER A 137 7.43 -0.69 17.63
C SER A 137 7.90 -2.02 18.22
N SER A 138 8.81 -2.68 17.52
CA SER A 138 9.33 -3.97 17.98
C SER A 138 9.74 -3.88 19.44
N LYS A 139 8.89 -4.38 20.33
CA LYS A 139 9.18 -4.35 21.76
C LYS A 139 10.32 -5.32 22.09
N GLU A 140 11.48 -4.76 22.40
CA GLU A 140 12.64 -5.57 22.74
C GLU A 140 12.51 -6.13 24.15
N GLU A 141 11.77 -7.23 24.29
CA GLU A 141 11.57 -7.86 25.59
C GLU A 141 11.75 -9.36 25.49
N LYS A 142 12.39 -9.95 26.50
CA LYS A 142 12.64 -11.39 26.52
C LYS A 142 11.32 -12.15 26.70
N PRO A 143 11.21 -13.32 26.11
CA PRO A 143 9.97 -14.15 26.22
C PRO A 143 9.72 -14.63 27.64
N SER A 144 8.50 -14.45 28.12
CA SER A 144 8.14 -14.87 29.47
C SER A 144 9.26 -14.54 30.45
N LEU A 145 9.21 -15.16 31.64
CA LEU A 145 10.22 -14.92 32.65
C LEU A 145 11.22 -16.08 32.70
N LYS A 146 11.00 -17.01 33.63
CA LYS A 146 11.89 -18.16 33.76
C LYS A 146 11.39 -19.31 32.88
N SER A 147 10.16 -19.18 32.38
CA SER A 147 9.59 -20.21 31.52
C SER A 147 9.78 -21.59 32.13
N GLU A 148 8.71 -22.12 32.73
CA GLU A 148 8.77 -23.44 33.35
C GLU A 148 9.21 -24.48 32.33
N MET A 1 9.02 -2.89 -20.10
CA MET A 1 8.56 -2.30 -18.82
C MET A 1 8.17 -3.41 -17.85
N ARG A 2 8.79 -3.39 -16.67
CA ARG A 2 8.51 -4.41 -15.65
C ARG A 2 7.00 -4.64 -15.55
N TYR A 3 6.54 -5.81 -16.00
CA TYR A 3 5.13 -6.14 -15.93
C TYR A 3 4.60 -5.94 -14.51
N ARG A 4 5.41 -6.28 -13.54
CA ARG A 4 5.02 -6.14 -12.14
C ARG A 4 4.63 -4.70 -11.83
N LYS A 5 5.28 -3.75 -12.50
CA LYS A 5 4.99 -2.34 -12.30
C LYS A 5 3.50 -2.09 -12.55
N GLY A 6 2.94 -2.77 -13.54
CA GLY A 6 1.53 -2.61 -13.87
C GLY A 6 0.67 -3.28 -12.81
N ALA A 7 1.00 -4.52 -12.47
CA ALA A 7 0.26 -5.27 -11.47
C ALA A 7 0.26 -4.51 -10.14
N ARG A 8 1.38 -3.85 -9.86
CA ARG A 8 1.51 -3.09 -8.61
C ARG A 8 0.70 -1.79 -8.69
N ASP A 9 0.79 -1.12 -9.84
CA ASP A 9 0.08 0.14 -10.03
C ASP A 9 -1.43 -0.06 -9.88
N THR A 10 -1.95 -1.07 -10.57
CA THR A 10 -3.39 -1.36 -10.53
C THR A 10 -3.84 -1.71 -9.11
N ALA A 11 -2.91 -2.13 -8.27
CA ALA A 11 -3.24 -2.51 -6.90
C ALA A 11 -3.99 -1.39 -6.18
N PHE A 12 -3.52 -0.16 -6.36
CA PHE A 12 -4.14 0.98 -5.70
C PHE A 12 -5.62 1.10 -6.02
N LEU A 13 -5.96 1.03 -7.29
CA LEU A 13 -7.35 1.18 -7.70
C LEU A 13 -8.24 0.19 -6.96
N VAL A 14 -7.75 -1.02 -6.73
CA VAL A 14 -8.54 -2.01 -6.00
C VAL A 14 -8.82 -1.50 -4.60
N LEU A 15 -7.77 -1.03 -3.95
CA LEU A 15 -7.88 -0.50 -2.61
C LEU A 15 -8.76 0.74 -2.64
N TYR A 16 -8.71 1.47 -3.75
CA TYR A 16 -9.53 2.66 -3.87
C TYR A 16 -11.00 2.28 -3.74
N ARG A 17 -11.38 1.15 -4.35
CA ARG A 17 -12.75 0.67 -4.27
C ARG A 17 -13.12 0.34 -2.84
N TRP A 18 -12.15 -0.16 -2.08
CA TRP A 18 -12.39 -0.52 -0.70
C TRP A 18 -12.79 0.70 0.11
N ASP A 19 -12.22 1.84 -0.25
CA ASP A 19 -12.53 3.09 0.44
C ASP A 19 -13.98 3.51 0.19
N LEU A 20 -14.48 3.20 -1.01
CA LEU A 20 -15.85 3.56 -1.37
C LEU A 20 -16.82 2.43 -1.03
N ARG A 21 -16.45 1.20 -1.39
CA ARG A 21 -17.31 0.05 -1.14
C ARG A 21 -16.88 -0.70 0.12
N GLY A 22 -15.59 -0.96 0.25
CA GLY A 22 -15.08 -1.67 1.42
C GLY A 22 -15.69 -3.06 1.50
N GLU A 23 -16.09 -3.60 0.35
CA GLU A 23 -16.69 -4.93 0.30
C GLU A 23 -16.07 -5.77 -0.82
N ASN A 24 -15.55 -6.95 -0.44
CA ASN A 24 -14.94 -7.86 -1.40
C ASN A 24 -14.10 -7.09 -2.43
N PRO A 25 -12.83 -6.93 -2.17
CA PRO A 25 -11.90 -6.21 -3.09
C PRO A 25 -11.38 -7.11 -4.21
N GLY A 26 -11.32 -8.41 -3.95
CA GLY A 26 -10.84 -9.36 -4.94
C GLY A 26 -11.85 -9.55 -6.07
N GLU A 27 -13.10 -9.76 -5.69
CA GLU A 27 -14.18 -9.96 -6.67
C GLU A 27 -14.24 -8.77 -7.62
N LEU A 28 -14.22 -7.58 -7.04
CA LEU A 28 -14.29 -6.36 -7.82
C LEU A 28 -13.17 -6.31 -8.86
N PHE A 29 -12.01 -6.83 -8.49
CA PHE A 29 -10.88 -6.86 -9.40
C PHE A 29 -11.28 -7.56 -10.69
N LYS A 30 -11.96 -8.69 -10.55
CA LYS A 30 -12.40 -9.47 -11.70
C LYS A 30 -13.26 -8.63 -12.65
N GLU A 31 -14.02 -7.70 -12.10
CA GLU A 31 -14.91 -6.86 -12.91
C GLU A 31 -14.14 -5.84 -13.76
N VAL A 32 -13.10 -5.25 -13.19
CA VAL A 32 -12.31 -4.23 -13.90
C VAL A 32 -11.44 -4.86 -14.98
N VAL A 33 -10.79 -5.98 -14.66
CA VAL A 33 -9.91 -6.61 -15.63
C VAL A 33 -10.64 -6.69 -16.96
N GLU A 34 -11.94 -6.92 -16.86
CA GLU A 34 -12.80 -7.00 -18.04
C GLU A 34 -12.82 -5.65 -18.76
N GLU A 35 -12.97 -4.58 -17.99
CA GLU A 35 -13.02 -3.24 -18.55
C GLU A 35 -11.62 -2.79 -18.98
N LYS A 36 -10.63 -3.03 -18.11
CA LYS A 36 -9.26 -2.64 -18.40
C LYS A 36 -8.56 -3.74 -19.20
N ASN A 37 -8.02 -3.36 -20.35
CA ASN A 37 -7.34 -4.31 -21.21
C ASN A 37 -6.01 -4.74 -20.60
N ILE A 38 -6.03 -5.16 -19.35
CA ILE A 38 -4.82 -5.61 -18.68
C ILE A 38 -4.02 -6.53 -19.61
N LYS A 39 -3.21 -5.92 -20.47
CA LYS A 39 -2.41 -6.67 -21.43
C LYS A 39 -1.42 -7.60 -20.74
N ASN A 40 -1.96 -8.57 -19.99
CA ASN A 40 -1.12 -9.55 -19.28
C ASN A 40 -1.90 -10.16 -18.13
N LYS A 41 -2.65 -11.23 -18.40
CA LYS A 41 -3.42 -11.89 -17.36
C LYS A 41 -2.52 -12.18 -16.17
N ASP A 42 -1.27 -12.48 -16.46
CA ASP A 42 -0.30 -12.76 -15.41
C ASP A 42 -0.29 -11.62 -14.42
N ALA A 43 -0.29 -10.41 -14.97
CA ALA A 43 -0.26 -9.20 -14.18
C ALA A 43 -1.52 -9.07 -13.33
N TYR A 44 -2.68 -9.29 -13.96
CA TYR A 44 -3.94 -9.18 -13.24
C TYR A 44 -3.94 -10.08 -12.01
N GLU A 45 -3.48 -11.31 -12.19
CA GLU A 45 -3.43 -12.24 -11.08
C GLU A 45 -2.38 -11.78 -10.09
N TYR A 46 -1.20 -11.45 -10.61
CA TYR A 46 -0.13 -10.97 -9.77
C TYR A 46 -0.59 -9.74 -9.02
N ALA A 47 -1.37 -8.92 -9.71
CA ALA A 47 -1.88 -7.71 -9.12
C ALA A 47 -2.80 -8.02 -7.96
N LYS A 48 -3.64 -9.01 -8.14
CA LYS A 48 -4.58 -9.40 -7.09
C LYS A 48 -3.82 -9.80 -5.86
N LYS A 49 -2.87 -10.70 -6.02
CA LYS A 49 -2.07 -11.14 -4.90
C LYS A 49 -1.39 -9.93 -4.25
N LEU A 50 -0.96 -9.00 -5.10
CA LEU A 50 -0.29 -7.81 -4.61
C LEU A 50 -1.19 -7.02 -3.67
N VAL A 51 -2.44 -6.84 -4.07
CA VAL A 51 -3.37 -6.08 -3.25
C VAL A 51 -3.65 -6.80 -1.94
N ASP A 52 -3.64 -8.13 -1.97
CA ASP A 52 -3.93 -8.88 -0.77
C ASP A 52 -2.90 -8.62 0.31
N THR A 53 -1.68 -8.36 -0.12
CA THR A 53 -0.63 -8.07 0.84
C THR A 53 -1.04 -6.85 1.63
N ALA A 54 -1.77 -6.00 0.96
CA ALA A 54 -2.28 -4.78 1.54
C ALA A 54 -3.46 -5.08 2.45
N VAL A 55 -4.31 -5.98 2.00
CA VAL A 55 -5.51 -6.36 2.75
C VAL A 55 -5.18 -7.32 3.89
N ARG A 56 -4.00 -7.94 3.83
CA ARG A 56 -3.60 -8.89 4.86
C ARG A 56 -3.76 -8.30 6.25
N HIS A 57 -3.44 -7.02 6.40
CA HIS A 57 -3.55 -6.34 7.70
C HIS A 57 -4.61 -5.24 7.62
N ILE A 58 -5.07 -4.98 6.40
CA ILE A 58 -6.09 -3.95 6.15
C ILE A 58 -6.18 -2.90 7.26
N GLU A 59 -7.08 -3.10 8.22
CA GLU A 59 -7.26 -2.14 9.32
C GLU A 59 -5.97 -1.95 10.09
N GLU A 60 -5.33 -3.06 10.43
CA GLU A 60 -4.09 -3.01 11.18
C GLU A 60 -3.10 -2.07 10.49
N ILE A 61 -3.09 -2.08 9.17
CA ILE A 61 -2.16 -1.21 8.44
C ILE A 61 -2.41 0.24 8.81
N ASP A 62 -3.67 0.65 8.78
CA ASP A 62 -3.98 2.04 9.14
C ASP A 62 -3.41 2.29 10.53
N SER A 63 -3.64 1.33 11.41
CA SER A 63 -3.12 1.42 12.77
C SER A 63 -1.59 1.52 12.72
N ILE A 64 -0.99 0.68 11.87
CA ILE A 64 0.46 0.68 11.71
C ILE A 64 0.89 2.05 11.24
N ILE A 65 0.07 2.66 10.40
CA ILE A 65 0.34 4.00 9.90
C ILE A 65 0.19 5.03 11.03
N GLU A 66 -0.87 4.85 11.82
CA GLU A 66 -1.15 5.79 12.90
C GLU A 66 -0.04 5.85 13.93
N LYS A 67 0.60 4.71 14.18
CA LYS A 67 1.66 4.65 15.17
C LYS A 67 2.73 5.70 14.88
N HIS A 68 2.87 6.09 13.62
CA HIS A 68 3.86 7.09 13.23
C HIS A 68 3.23 8.46 13.01
N LEU A 69 2.03 8.48 12.43
CA LEU A 69 1.34 9.74 12.15
C LEU A 69 1.51 10.71 13.33
N LYS A 70 1.83 10.17 14.50
CA LYS A 70 2.02 10.99 15.69
C LYS A 70 0.68 11.46 16.23
N GLY A 71 -0.36 11.33 15.41
CA GLY A 71 -1.70 11.73 15.81
C GLY A 71 -2.58 11.99 14.59
N TRP A 72 -1.98 12.53 13.54
CA TRP A 72 -2.71 12.82 12.32
C TRP A 72 -3.48 11.59 11.85
N SER A 73 -4.09 11.70 10.67
CA SER A 73 -4.86 10.59 10.10
C SER A 73 -4.35 10.28 8.70
N ILE A 74 -4.31 9.00 8.36
CA ILE A 74 -3.85 8.59 7.03
C ILE A 74 -4.70 9.28 5.97
N ASP A 75 -5.90 9.68 6.34
CA ASP A 75 -6.79 10.37 5.42
C ASP A 75 -6.12 11.62 4.90
N ARG A 76 -5.16 12.15 5.67
CA ARG A 76 -4.44 13.36 5.28
C ARG A 76 -5.37 14.34 4.57
N LEU A 77 -5.48 14.20 3.24
CA LEU A 77 -6.34 15.08 2.46
C LEU A 77 -6.87 14.35 1.24
N GLY A 78 -5.97 13.99 0.32
CA GLY A 78 -6.37 13.28 -0.90
C GLY A 78 -6.94 11.91 -0.57
N TYR A 79 -7.94 11.49 -1.35
CA TYR A 79 -8.56 10.19 -1.13
C TYR A 79 -7.66 9.06 -1.60
N VAL A 80 -7.13 9.18 -2.82
CA VAL A 80 -6.27 8.15 -3.36
C VAL A 80 -5.17 7.77 -2.39
N GLU A 81 -4.49 8.79 -1.88
CA GLU A 81 -3.40 8.58 -0.95
C GLU A 81 -3.80 7.61 0.17
N ARG A 82 -4.96 7.86 0.75
CA ARG A 82 -5.41 7.00 1.84
C ARG A 82 -5.37 5.53 1.44
N ASN A 83 -5.95 5.21 0.30
CA ASN A 83 -5.95 3.83 -0.17
C ASN A 83 -4.54 3.43 -0.59
N ALA A 84 -3.89 4.32 -1.33
CA ALA A 84 -2.54 4.07 -1.80
C ALA A 84 -1.62 3.75 -0.64
N LEU A 85 -1.81 4.44 0.47
CA LEU A 85 -0.95 4.24 1.62
C LEU A 85 -0.92 2.77 2.01
N ARG A 86 -2.09 2.16 2.07
CA ARG A 86 -2.14 0.74 2.43
C ARG A 86 -1.34 -0.10 1.46
N LEU A 87 -1.49 0.16 0.17
CA LEU A 87 -0.79 -0.61 -0.84
C LEU A 87 0.72 -0.40 -0.74
N GLY A 88 1.14 0.81 -0.36
CA GLY A 88 2.56 1.08 -0.26
C GLY A 88 3.21 0.29 0.86
N VAL A 89 2.55 0.28 2.01
CA VAL A 89 3.07 -0.44 3.17
C VAL A 89 3.10 -1.93 2.89
N ALA A 90 2.15 -2.41 2.09
CA ALA A 90 2.10 -3.81 1.76
C ALA A 90 3.49 -4.30 1.41
N GLU A 91 4.22 -3.50 0.67
CA GLU A 91 5.56 -3.90 0.29
C GLU A 91 6.50 -3.85 1.49
N LEU A 92 6.64 -2.66 2.07
CA LEU A 92 7.51 -2.45 3.22
C LEU A 92 8.08 -3.76 3.75
N ILE A 93 7.29 -4.47 4.55
CA ILE A 93 7.74 -5.74 5.12
C ILE A 93 6.85 -6.90 4.70
N PHE A 94 5.57 -6.61 4.51
CA PHE A 94 4.61 -7.65 4.16
C PHE A 94 5.07 -8.43 2.93
N LEU A 95 5.57 -7.72 1.95
CA LEU A 95 6.04 -8.35 0.72
C LEU A 95 7.56 -8.48 0.73
N LYS A 96 8.21 -7.67 1.57
CA LYS A 96 9.66 -7.71 1.68
C LYS A 96 10.31 -7.49 0.31
N SER A 97 10.47 -6.24 -0.07
CA SER A 97 11.08 -5.91 -1.36
C SER A 97 12.59 -5.69 -1.21
N LYS A 98 13.29 -5.54 -2.34
CA LYS A 98 14.72 -5.33 -2.31
C LYS A 98 15.05 -3.84 -2.37
N GLU A 99 14.14 -3.06 -2.95
CA GLU A 99 14.33 -1.61 -3.06
C GLU A 99 13.08 -0.88 -2.58
N PRO A 100 12.87 -0.84 -1.29
CA PRO A 100 11.68 -0.18 -0.68
C PRO A 100 11.50 1.26 -1.16
N GLY A 101 12.59 2.02 -1.20
CA GLY A 101 12.52 3.42 -1.62
C GLY A 101 11.99 3.56 -3.04
N ARG A 102 12.57 2.76 -3.95
CA ARG A 102 12.16 2.80 -5.35
C ARG A 102 10.77 2.16 -5.53
N VAL A 103 10.49 1.14 -4.74
CA VAL A 103 9.22 0.44 -4.82
C VAL A 103 8.06 1.42 -4.58
N PHE A 104 8.19 2.28 -3.58
CA PHE A 104 7.14 3.25 -3.29
C PHE A 104 7.04 4.27 -4.42
N ILE A 105 8.18 4.83 -4.81
CA ILE A 105 8.19 5.84 -5.85
C ILE A 105 7.36 5.42 -7.04
N ASP A 106 7.62 4.24 -7.57
CA ASP A 106 6.88 3.76 -8.70
C ASP A 106 5.41 3.77 -8.36
N ILE A 107 5.08 3.22 -7.22
CA ILE A 107 3.70 3.20 -6.77
C ILE A 107 3.21 4.62 -6.64
N VAL A 108 4.05 5.47 -6.09
CA VAL A 108 3.71 6.86 -5.91
C VAL A 108 3.63 7.55 -7.25
N ASP A 109 4.52 7.17 -8.17
CA ASP A 109 4.51 7.75 -9.49
C ASP A 109 3.13 7.51 -10.09
N LEU A 110 2.56 6.36 -9.77
CA LEU A 110 1.23 6.02 -10.26
C LEU A 110 0.23 7.06 -9.78
N VAL A 111 0.43 7.54 -8.55
CA VAL A 111 -0.45 8.54 -7.98
C VAL A 111 -0.36 9.84 -8.79
N LYS A 112 0.85 10.20 -9.20
CA LYS A 112 1.05 11.42 -9.97
C LYS A 112 0.13 11.42 -11.18
N LYS A 113 -0.04 10.26 -11.77
CA LYS A 113 -0.89 10.11 -12.95
C LYS A 113 -2.36 10.34 -12.61
N TYR A 114 -2.81 9.75 -11.50
CA TYR A 114 -4.20 9.87 -11.10
C TYR A 114 -4.39 11.05 -10.14
N ALA A 115 -3.88 10.91 -8.92
CA ALA A 115 -4.03 11.95 -7.91
C ALA A 115 -3.00 13.07 -8.12
N ASP A 116 -3.19 14.18 -7.40
CA ASP A 116 -2.29 15.33 -7.51
C ASP A 116 -0.85 14.93 -7.20
N GLU A 117 0.09 15.56 -7.89
CA GLU A 117 1.51 15.28 -7.70
C GLU A 117 1.95 15.63 -6.28
N LYS A 118 1.37 16.69 -5.72
CA LYS A 118 1.71 17.12 -4.37
C LYS A 118 1.42 16.00 -3.37
N ALA A 119 0.35 15.27 -3.62
CA ALA A 119 -0.04 14.17 -2.74
C ALA A 119 1.05 13.09 -2.75
N GLY A 120 1.67 12.91 -3.90
CA GLY A 120 2.72 11.90 -4.04
C GLY A 120 3.85 12.15 -3.06
N LYS A 121 4.14 13.41 -2.80
CA LYS A 121 5.20 13.76 -1.87
C LYS A 121 4.84 13.24 -0.48
N PHE A 122 3.60 13.48 -0.07
CA PHE A 122 3.12 13.04 1.23
C PHE A 122 3.02 11.51 1.26
N VAL A 123 2.61 10.92 0.15
CA VAL A 123 2.47 9.47 0.06
C VAL A 123 3.80 8.77 0.30
N ASN A 124 4.86 9.25 -0.33
CA ASN A 124 6.17 8.63 -0.18
C ASN A 124 6.71 8.82 1.24
N GLY A 125 6.70 10.05 1.71
CA GLY A 125 7.19 10.36 3.05
C GLY A 125 6.46 9.56 4.11
N VAL A 126 5.13 9.57 4.05
CA VAL A 126 4.34 8.84 5.03
C VAL A 126 4.57 7.34 4.92
N LEU A 127 4.90 6.87 3.71
CA LEU A 127 5.15 5.44 3.50
C LEU A 127 6.35 4.99 4.34
N SER A 128 7.43 5.77 4.25
CA SER A 128 8.65 5.48 4.99
C SER A 128 8.37 5.53 6.49
N ALA A 129 7.37 6.32 6.87
CA ALA A 129 7.02 6.48 8.28
C ALA A 129 6.74 5.13 8.93
N ILE A 130 6.08 4.24 8.21
CA ILE A 130 5.79 2.92 8.77
C ILE A 130 7.10 2.14 8.96
N TYR A 131 8.00 2.29 7.99
CA TYR A 131 9.27 1.59 8.05
C TYR A 131 10.07 1.99 9.30
N LYS A 132 10.23 3.29 9.50
CA LYS A 132 10.96 3.78 10.66
C LYS A 132 10.31 3.30 11.95
N ALA A 133 8.99 3.32 12.00
CA ALA A 133 8.26 2.88 13.17
C ALA A 133 8.37 1.37 13.33
N TYR A 134 8.43 0.66 12.21
CA TYR A 134 8.53 -0.80 12.23
C TYR A 134 9.82 -1.27 12.92
N ILE A 135 10.95 -0.74 12.47
CA ILE A 135 12.24 -1.13 13.04
C ILE A 135 12.16 -1.20 14.57
N THR A 136 11.20 -0.49 15.15
CA THR A 136 11.03 -0.49 16.60
C THR A 136 10.68 -1.88 17.10
N SER A 137 10.08 -2.70 16.23
CA SER A 137 9.69 -4.05 16.59
C SER A 137 10.92 -4.96 16.65
N SER A 138 11.96 -4.58 15.91
CA SER A 138 13.18 -5.38 15.90
C SER A 138 12.88 -6.82 15.50
N LYS A 139 13.93 -7.61 15.32
CA LYS A 139 13.76 -9.02 14.95
C LYS A 139 14.70 -9.89 15.77
N GLU A 140 14.19 -11.04 16.21
CA GLU A 140 14.99 -11.96 17.01
C GLU A 140 15.72 -11.21 18.13
N GLU A 141 15.00 -10.92 19.19
CA GLU A 141 15.59 -10.20 20.32
C GLU A 141 16.19 -11.19 21.31
N LYS A 142 16.90 -10.66 22.31
CA LYS A 142 17.53 -11.51 23.31
C LYS A 142 16.46 -12.16 24.19
N PRO A 143 16.70 -13.36 24.67
CA PRO A 143 15.72 -14.08 25.53
C PRO A 143 15.50 -13.36 26.87
N SER A 144 14.24 -13.16 27.23
CA SER A 144 13.91 -12.48 28.48
C SER A 144 14.60 -13.16 29.66
N LEU A 145 14.42 -12.60 30.85
CA LEU A 145 15.03 -13.15 32.06
C LEU A 145 14.09 -12.99 33.25
N LYS A 146 13.05 -12.19 33.06
CA LYS A 146 12.07 -11.94 34.12
C LYS A 146 10.66 -12.03 33.57
N SER A 147 10.44 -11.41 32.41
CA SER A 147 9.13 -11.43 31.78
C SER A 147 8.03 -11.16 32.80
N GLU A 148 8.32 -10.29 33.76
CA GLU A 148 7.34 -9.95 34.80
C GLU A 148 7.66 -8.59 35.40
N MET A 1 9.16 -4.63 -20.21
CA MET A 1 8.88 -3.33 -19.54
C MET A 1 8.28 -3.57 -18.16
N ARG A 2 8.80 -4.60 -17.48
CA ARG A 2 8.32 -4.94 -16.15
C ARG A 2 6.79 -4.98 -16.13
N TYR A 3 6.23 -6.16 -16.37
CA TYR A 3 4.78 -6.33 -16.37
C TYR A 3 4.24 -6.12 -14.95
N ARG A 4 5.02 -6.54 -13.97
CA ARG A 4 4.62 -6.39 -12.57
C ARG A 4 4.35 -4.94 -12.25
N LYS A 5 5.07 -4.04 -12.92
CA LYS A 5 4.89 -2.61 -12.68
C LYS A 5 3.42 -2.23 -12.90
N GLY A 6 2.83 -2.75 -13.97
CA GLY A 6 1.43 -2.48 -14.27
C GLY A 6 0.53 -3.06 -13.18
N ALA A 7 0.77 -4.33 -12.86
CA ALA A 7 -0.01 -5.00 -11.82
C ALA A 7 0.08 -4.24 -10.51
N ARG A 8 1.23 -3.63 -10.27
CA ARG A 8 1.44 -2.88 -9.04
C ARG A 8 0.69 -1.54 -9.07
N ASP A 9 0.78 -0.86 -10.20
CA ASP A 9 0.12 0.43 -10.35
C ASP A 9 -1.39 0.29 -10.19
N THR A 10 -1.96 -0.70 -10.88
CA THR A 10 -3.40 -0.94 -10.82
C THR A 10 -3.86 -1.30 -9.42
N ALA A 11 -2.93 -1.75 -8.59
CA ALA A 11 -3.26 -2.15 -7.22
C ALA A 11 -3.99 -1.04 -6.46
N PHE A 12 -3.53 0.19 -6.66
CA PHE A 12 -4.13 1.32 -5.95
C PHE A 12 -5.63 1.44 -6.21
N LEU A 13 -6.02 1.39 -7.47
CA LEU A 13 -7.43 1.52 -7.82
C LEU A 13 -8.26 0.50 -7.06
N VAL A 14 -7.74 -0.71 -6.92
CA VAL A 14 -8.46 -1.75 -6.19
C VAL A 14 -8.57 -1.35 -4.74
N LEU A 15 -7.46 -0.88 -4.20
CA LEU A 15 -7.42 -0.45 -2.81
C LEU A 15 -8.41 0.69 -2.63
N TYR A 16 -8.55 1.52 -3.66
CA TYR A 16 -9.47 2.64 -3.61
C TYR A 16 -10.90 2.14 -3.45
N ARG A 17 -11.22 1.07 -4.16
CA ARG A 17 -12.56 0.49 -4.09
C ARG A 17 -12.80 -0.07 -2.70
N TRP A 18 -11.75 -0.53 -2.05
CA TRP A 18 -11.88 -1.09 -0.72
C TRP A 18 -12.38 -0.03 0.26
N ASP A 19 -11.99 1.22 0.02
CA ASP A 19 -12.42 2.32 0.86
C ASP A 19 -13.92 2.55 0.74
N LEU A 20 -14.44 2.34 -0.47
CA LEU A 20 -15.87 2.55 -0.73
C LEU A 20 -16.66 1.26 -0.53
N ARG A 21 -16.15 0.17 -1.07
CA ARG A 21 -16.82 -1.12 -0.97
C ARG A 21 -16.28 -1.96 0.19
N GLY A 22 -14.97 -2.04 0.29
CA GLY A 22 -14.34 -2.81 1.37
C GLY A 22 -14.87 -4.24 1.39
N GLU A 23 -14.86 -4.89 0.22
CA GLU A 23 -15.35 -6.27 0.11
C GLU A 23 -14.37 -7.13 -0.68
N ASN A 24 -14.63 -8.44 -0.71
CA ASN A 24 -13.78 -9.38 -1.43
C ASN A 24 -13.07 -8.72 -2.62
N PRO A 25 -11.87 -8.26 -2.41
CA PRO A 25 -11.08 -7.58 -3.50
C PRO A 25 -10.96 -8.45 -4.75
N GLY A 26 -11.09 -9.76 -4.59
CA GLY A 26 -10.99 -10.68 -5.71
C GLY A 26 -12.12 -10.47 -6.71
N GLU A 27 -13.35 -10.38 -6.20
CA GLU A 27 -14.50 -10.17 -7.05
C GLU A 27 -14.44 -8.79 -7.69
N LEU A 28 -14.13 -7.80 -6.88
CA LEU A 28 -14.03 -6.42 -7.34
C LEU A 28 -13.03 -6.29 -8.48
N PHE A 29 -11.94 -7.03 -8.39
CA PHE A 29 -10.91 -6.98 -9.41
C PHE A 29 -11.43 -7.49 -10.74
N LYS A 30 -12.25 -8.52 -10.69
CA LYS A 30 -12.82 -9.12 -11.90
C LYS A 30 -13.59 -8.10 -12.72
N GLU A 31 -14.21 -7.14 -12.04
CA GLU A 31 -15.02 -6.12 -12.72
C GLU A 31 -14.16 -5.15 -13.54
N VAL A 32 -13.02 -4.74 -13.01
CA VAL A 32 -12.15 -3.80 -13.71
C VAL A 32 -11.41 -4.44 -14.88
N VAL A 33 -10.84 -5.62 -14.65
CA VAL A 33 -10.10 -6.29 -15.71
C VAL A 33 -10.91 -6.26 -16.99
N GLU A 34 -12.22 -6.39 -16.82
CA GLU A 34 -13.13 -6.37 -17.96
C GLU A 34 -13.03 -5.05 -18.73
N GLU A 35 -13.11 -3.95 -18.00
CA GLU A 35 -13.03 -2.63 -18.61
C GLU A 35 -11.60 -2.30 -19.03
N LYS A 36 -10.64 -2.58 -18.14
CA LYS A 36 -9.24 -2.30 -18.42
C LYS A 36 -8.59 -3.49 -19.12
N ASN A 37 -8.15 -3.26 -20.35
CA ASN A 37 -7.50 -4.31 -21.13
C ASN A 37 -6.17 -4.71 -20.51
N ILE A 38 -6.17 -4.98 -19.21
CA ILE A 38 -4.95 -5.38 -18.52
C ILE A 38 -4.08 -6.25 -19.41
N LYS A 39 -4.73 -7.01 -20.28
CA LYS A 39 -4.01 -7.90 -21.20
C LYS A 39 -3.23 -8.95 -20.43
N ASN A 40 -1.92 -8.73 -20.27
CA ASN A 40 -1.08 -9.68 -19.55
C ASN A 40 -1.81 -10.25 -18.35
N LYS A 41 -2.50 -11.36 -18.55
CA LYS A 41 -3.24 -12.00 -17.47
C LYS A 41 -2.34 -12.20 -16.26
N ASP A 42 -1.07 -12.47 -16.53
CA ASP A 42 -0.10 -12.65 -15.45
C ASP A 42 -0.15 -11.45 -14.53
N ALA A 43 -0.18 -10.28 -15.17
CA ALA A 43 -0.23 -9.02 -14.46
C ALA A 43 -1.50 -8.90 -13.63
N TYR A 44 -2.63 -9.24 -14.25
CA TYR A 44 -3.92 -9.16 -13.56
C TYR A 44 -3.91 -10.00 -12.31
N GLU A 45 -3.38 -11.22 -12.41
CA GLU A 45 -3.32 -12.10 -11.26
C GLU A 45 -2.33 -11.54 -10.27
N TYR A 46 -1.16 -11.15 -10.77
CA TYR A 46 -0.14 -10.57 -9.93
C TYR A 46 -0.70 -9.36 -9.21
N ALA A 47 -1.53 -8.61 -9.92
CA ALA A 47 -2.13 -7.41 -9.36
C ALA A 47 -3.04 -7.77 -8.20
N LYS A 48 -3.81 -8.82 -8.39
CA LYS A 48 -4.74 -9.27 -7.35
C LYS A 48 -3.98 -9.59 -6.08
N LYS A 49 -2.95 -10.41 -6.23
CA LYS A 49 -2.13 -10.78 -5.10
C LYS A 49 -1.55 -9.54 -4.44
N LEU A 50 -1.22 -8.55 -5.25
CA LEU A 50 -0.64 -7.32 -4.74
C LEU A 50 -1.59 -6.66 -3.75
N VAL A 51 -2.86 -6.62 -4.10
CA VAL A 51 -3.85 -6.01 -3.23
C VAL A 51 -3.95 -6.78 -1.92
N ASP A 52 -3.80 -8.09 -1.99
CA ASP A 52 -3.91 -8.88 -0.78
C ASP A 52 -2.82 -8.53 0.20
N THR A 53 -1.67 -8.15 -0.34
CA THR A 53 -0.55 -7.76 0.50
C THR A 53 -1.01 -6.61 1.36
N ALA A 54 -1.90 -5.83 0.78
CA ALA A 54 -2.49 -4.68 1.44
C ALA A 54 -3.55 -5.13 2.44
N VAL A 55 -4.34 -6.10 2.02
CA VAL A 55 -5.42 -6.65 2.83
C VAL A 55 -4.89 -7.60 3.89
N ARG A 56 -3.64 -8.03 3.72
CA ARG A 56 -3.03 -8.97 4.65
C ARG A 56 -3.21 -8.51 6.11
N HIS A 57 -3.60 -7.25 6.29
CA HIS A 57 -3.80 -6.71 7.65
C HIS A 57 -5.00 -5.76 7.69
N ILE A 58 -5.03 -4.81 6.76
CA ILE A 58 -6.12 -3.83 6.69
C ILE A 58 -6.01 -2.74 7.76
N GLU A 59 -6.79 -2.89 8.83
CA GLU A 59 -6.81 -1.91 9.91
C GLU A 59 -5.44 -1.73 10.52
N GLU A 60 -4.78 -2.83 10.80
CA GLU A 60 -3.46 -2.77 11.40
C GLU A 60 -2.55 -1.86 10.59
N ILE A 61 -2.69 -1.88 9.27
CA ILE A 61 -1.87 -1.03 8.45
C ILE A 61 -2.15 0.43 8.80
N ASP A 62 -3.42 0.80 8.86
CA ASP A 62 -3.77 2.15 9.22
C ASP A 62 -3.15 2.47 10.56
N SER A 63 -3.31 1.53 11.49
CA SER A 63 -2.73 1.67 12.82
C SER A 63 -1.22 1.83 12.70
N ILE A 64 -0.62 1.02 11.83
CA ILE A 64 0.82 1.05 11.61
C ILE A 64 1.20 2.44 11.11
N ILE A 65 0.35 3.02 10.29
CA ILE A 65 0.58 4.38 9.77
C ILE A 65 0.39 5.40 10.89
N GLU A 66 -0.62 5.16 11.71
CA GLU A 66 -0.96 6.07 12.79
C GLU A 66 0.15 6.19 13.82
N LYS A 67 0.84 5.10 14.07
CA LYS A 67 1.92 5.10 15.05
C LYS A 67 2.95 6.18 14.71
N HIS A 68 3.04 6.55 13.44
CA HIS A 68 3.99 7.57 13.02
C HIS A 68 3.30 8.92 12.83
N LEU A 69 2.13 8.92 12.20
CA LEU A 69 1.39 10.17 11.97
C LEU A 69 1.54 11.11 13.16
N LYS A 70 1.43 10.57 14.36
CA LYS A 70 1.56 11.37 15.57
C LYS A 70 0.55 12.52 15.56
N GLY A 71 -0.51 12.38 16.35
CA GLY A 71 -1.53 13.41 16.44
C GLY A 71 -2.15 13.70 15.07
N TRP A 72 -1.85 12.84 14.10
CA TRP A 72 -2.39 13.01 12.75
C TRP A 72 -3.11 11.74 12.29
N SER A 73 -4.02 11.89 11.34
CA SER A 73 -4.76 10.76 10.81
C SER A 73 -4.48 10.58 9.32
N ILE A 74 -4.24 9.34 8.90
CA ILE A 74 -3.97 9.07 7.50
C ILE A 74 -5.10 9.60 6.64
N ASP A 75 -6.26 9.73 7.26
CA ASP A 75 -7.43 10.24 6.56
C ASP A 75 -7.26 11.73 6.27
N ARG A 76 -6.39 12.39 7.04
CA ARG A 76 -6.17 13.83 6.86
C ARG A 76 -5.29 14.11 5.64
N LEU A 77 -5.86 13.94 4.45
CA LEU A 77 -5.12 14.20 3.20
C LEU A 77 -6.01 13.93 2.00
N GLY A 78 -5.40 13.75 0.83
CA GLY A 78 -6.15 13.47 -0.39
C GLY A 78 -6.81 12.10 -0.27
N TYR A 79 -7.76 11.82 -1.16
CA TYR A 79 -8.47 10.54 -1.13
C TYR A 79 -7.59 9.40 -1.65
N VAL A 80 -7.03 9.58 -2.84
CA VAL A 80 -6.20 8.55 -3.44
C VAL A 80 -5.10 8.11 -2.48
N GLU A 81 -4.40 9.07 -1.93
CA GLU A 81 -3.32 8.78 -1.00
C GLU A 81 -3.75 7.79 0.06
N ARG A 82 -4.93 8.02 0.64
CA ARG A 82 -5.42 7.12 1.69
C ARG A 82 -5.34 5.67 1.24
N ASN A 83 -5.89 5.39 0.07
CA ASN A 83 -5.86 4.03 -0.45
C ASN A 83 -4.46 3.65 -0.89
N ALA A 84 -3.83 4.57 -1.61
CA ALA A 84 -2.48 4.33 -2.10
C ALA A 84 -1.55 4.07 -0.93
N LEU A 85 -1.77 4.78 0.17
CA LEU A 85 -0.95 4.62 1.34
C LEU A 85 -0.94 3.17 1.74
N ARG A 86 -2.10 2.56 1.80
CA ARG A 86 -2.19 1.17 2.17
C ARG A 86 -1.41 0.31 1.19
N LEU A 87 -1.57 0.61 -0.09
CA LEU A 87 -0.89 -0.14 -1.12
C LEU A 87 0.63 -0.05 -0.98
N GLY A 88 1.13 1.12 -0.59
CA GLY A 88 2.57 1.29 -0.45
C GLY A 88 3.13 0.46 0.69
N VAL A 89 2.47 0.52 1.83
CA VAL A 89 2.91 -0.22 2.99
C VAL A 89 2.82 -1.71 2.75
N ALA A 90 1.85 -2.12 1.95
CA ALA A 90 1.70 -3.53 1.66
C ALA A 90 3.05 -4.13 1.33
N GLU A 91 3.84 -3.42 0.54
CA GLU A 91 5.16 -3.93 0.20
C GLU A 91 6.07 -3.95 1.42
N LEU A 92 6.26 -2.76 2.01
CA LEU A 92 7.12 -2.61 3.18
C LEU A 92 7.68 -3.96 3.67
N ILE A 93 6.90 -4.66 4.49
CA ILE A 93 7.36 -5.95 5.03
C ILE A 93 6.42 -7.07 4.62
N PHE A 94 5.15 -6.74 4.45
CA PHE A 94 4.15 -7.73 4.11
C PHE A 94 4.57 -8.56 2.91
N LEU A 95 5.16 -7.89 1.94
CA LEU A 95 5.62 -8.55 0.72
C LEU A 95 7.13 -8.77 0.75
N LYS A 96 7.82 -8.01 1.60
CA LYS A 96 9.27 -8.14 1.72
C LYS A 96 9.94 -7.80 0.39
N SER A 97 10.18 -6.51 0.15
CA SER A 97 10.82 -6.07 -1.09
C SER A 97 12.30 -5.83 -0.87
N LYS A 98 13.08 -6.00 -1.94
CA LYS A 98 14.54 -5.80 -1.85
C LYS A 98 14.86 -4.31 -1.92
N GLU A 99 13.92 -3.53 -2.43
CA GLU A 99 14.11 -2.08 -2.55
C GLU A 99 12.83 -1.34 -2.15
N PRO A 100 12.53 -1.32 -0.88
CA PRO A 100 11.31 -0.65 -0.34
C PRO A 100 11.24 0.84 -0.71
N GLY A 101 12.37 1.53 -0.59
CA GLY A 101 12.42 2.96 -0.89
C GLY A 101 12.04 3.22 -2.35
N ARG A 102 12.66 2.45 -3.25
CA ARG A 102 12.40 2.61 -4.68
C ARG A 102 11.00 2.10 -5.03
N VAL A 103 10.57 1.05 -4.34
CA VAL A 103 9.25 0.48 -4.60
C VAL A 103 8.17 1.53 -4.42
N PHE A 104 8.21 2.26 -3.30
CA PHE A 104 7.20 3.28 -3.04
C PHE A 104 7.15 4.27 -4.20
N ILE A 105 8.32 4.75 -4.63
CA ILE A 105 8.38 5.72 -5.71
C ILE A 105 7.51 5.29 -6.87
N ASP A 106 7.73 4.06 -7.34
CA ASP A 106 6.96 3.56 -8.45
C ASP A 106 5.49 3.66 -8.12
N ILE A 107 5.14 3.17 -6.94
CA ILE A 107 3.76 3.23 -6.49
C ILE A 107 3.33 4.68 -6.48
N VAL A 108 4.19 5.55 -5.98
CA VAL A 108 3.89 6.96 -5.92
C VAL A 108 3.85 7.56 -7.31
N ASP A 109 4.73 7.08 -8.19
CA ASP A 109 4.73 7.57 -9.56
C ASP A 109 3.38 7.29 -10.16
N LEU A 110 2.78 6.17 -9.74
CA LEU A 110 1.46 5.79 -10.23
C LEU A 110 0.45 6.87 -9.87
N VAL A 111 0.64 7.46 -8.69
CA VAL A 111 -0.26 8.50 -8.22
C VAL A 111 -0.18 9.72 -9.14
N LYS A 112 1.03 10.03 -9.60
CA LYS A 112 1.23 11.18 -10.47
C LYS A 112 0.28 11.12 -11.66
N LYS A 113 0.04 9.92 -12.14
CA LYS A 113 -0.84 9.70 -13.27
C LYS A 113 -2.30 9.96 -12.90
N TYR A 114 -2.71 9.45 -11.74
CA TYR A 114 -4.08 9.61 -11.28
C TYR A 114 -4.24 10.85 -10.40
N ALA A 115 -3.69 10.79 -9.21
CA ALA A 115 -3.79 11.91 -8.27
C ALA A 115 -2.78 13.00 -8.60
N ASP A 116 -2.71 14.01 -7.73
CA ASP A 116 -1.80 15.13 -7.93
C ASP A 116 -0.36 14.75 -7.58
N GLU A 117 0.59 15.41 -8.22
CA GLU A 117 2.01 15.14 -7.97
C GLU A 117 2.38 15.44 -6.53
N LYS A 118 1.88 16.56 -6.00
CA LYS A 118 2.18 16.96 -4.62
C LYS A 118 1.71 15.90 -3.65
N ALA A 119 0.58 15.26 -3.95
CA ALA A 119 0.04 14.22 -3.08
C ALA A 119 1.01 13.05 -3.00
N GLY A 120 1.64 12.76 -4.12
CA GLY A 120 2.60 11.65 -4.18
C GLY A 120 3.74 11.87 -3.20
N LYS A 121 4.15 13.12 -3.03
CA LYS A 121 5.24 13.43 -2.12
C LYS A 121 4.83 13.03 -0.70
N PHE A 122 3.61 13.40 -0.33
CA PHE A 122 3.10 13.07 1.00
C PHE A 122 3.01 11.56 1.16
N VAL A 123 2.53 10.90 0.10
CA VAL A 123 2.40 9.44 0.12
C VAL A 123 3.75 8.78 0.35
N ASN A 124 4.77 9.27 -0.36
CA ASN A 124 6.11 8.71 -0.24
C ASN A 124 6.67 9.00 1.15
N GLY A 125 6.62 10.26 1.57
CA GLY A 125 7.12 10.65 2.88
C GLY A 125 6.45 9.86 3.99
N VAL A 126 5.13 9.72 3.89
CA VAL A 126 4.38 8.98 4.90
C VAL A 126 4.68 7.49 4.82
N LEU A 127 5.02 7.00 3.62
CA LEU A 127 5.32 5.59 3.43
C LEU A 127 6.50 5.18 4.31
N SER A 128 7.55 5.99 4.27
CA SER A 128 8.75 5.73 5.07
C SER A 128 8.43 5.79 6.55
N ALA A 129 7.45 6.61 6.91
CA ALA A 129 7.07 6.78 8.31
C ALA A 129 6.70 5.44 8.93
N ILE A 130 6.09 4.57 8.15
CA ILE A 130 5.71 3.25 8.68
C ILE A 130 6.96 2.43 8.99
N TYR A 131 7.97 2.52 8.12
CA TYR A 131 9.20 1.78 8.33
C TYR A 131 9.79 2.10 9.70
N LYS A 132 9.79 3.38 10.07
CA LYS A 132 10.33 3.79 11.35
C LYS A 132 9.49 3.21 12.48
N ALA A 133 8.18 3.15 12.28
CA ALA A 133 7.29 2.59 13.29
C ALA A 133 7.47 1.07 13.37
N TYR A 134 7.78 0.47 12.24
CA TYR A 134 7.96 -0.98 12.16
C TYR A 134 9.13 -1.47 13.01
N ILE A 135 10.29 -0.82 12.88
CA ILE A 135 11.47 -1.23 13.63
C ILE A 135 11.16 -1.50 15.10
N THR A 136 9.94 -1.17 15.52
CA THR A 136 9.53 -1.39 16.90
C THR A 136 9.34 -2.88 17.17
N SER A 137 8.86 -3.60 16.16
CA SER A 137 8.63 -5.04 16.28
C SER A 137 9.96 -5.79 16.30
N SER A 138 10.91 -5.30 15.52
CA SER A 138 12.22 -5.92 15.44
C SER A 138 13.04 -5.60 16.69
N LYS A 139 13.82 -6.57 17.16
CA LYS A 139 14.64 -6.37 18.33
C LYS A 139 13.80 -5.82 19.48
N GLU A 140 14.17 -4.64 19.98
CA GLU A 140 13.45 -4.02 21.08
C GLU A 140 13.87 -2.56 21.25
N GLU A 141 13.02 -1.79 21.93
CA GLU A 141 13.32 -0.37 22.15
C GLU A 141 14.76 -0.18 22.61
N LYS A 142 15.27 1.04 22.45
CA LYS A 142 16.63 1.34 22.85
C LYS A 142 16.76 1.31 24.37
N PRO A 143 17.92 1.00 24.88
CA PRO A 143 18.16 0.93 26.36
C PRO A 143 18.05 2.31 27.01
N SER A 144 17.73 2.32 28.30
CA SER A 144 17.59 3.58 29.03
C SER A 144 17.62 3.33 30.54
N LEU A 145 18.21 4.26 31.26
CA LEU A 145 18.31 4.13 32.72
C LEU A 145 17.01 4.59 33.38
N LYS A 146 16.02 3.70 33.41
CA LYS A 146 14.73 4.01 34.01
C LYS A 146 14.50 3.17 35.27
N SER A 147 15.22 2.06 35.37
CA SER A 147 15.10 1.19 36.54
C SER A 147 16.32 0.29 36.68
N GLU A 148 17.02 0.42 37.81
CA GLU A 148 18.21 -0.38 38.05
C GLU A 148 17.90 -1.51 39.03
#